data_4A9G
#
_entry.id   4A9G
#
_cell.length_a   1.000
_cell.length_b   1.000
_cell.length_c   1.000
_cell.angle_alpha   90.00
_cell.angle_beta   90.00
_cell.angle_gamma   90.00
#
_symmetry.space_group_name_H-M   'P 1'
#
_entity_poly.entity_id   1
_entity_poly.type   'polypeptide(L)'
_entity_poly.pdbx_seq_one_letter_code
;SIPGQVADQAPLPSLAPMLEKVLPAVVSVRVEGTASQGQKIPEEFKKFFGDDLPDQPAQPFEGLGSGVIINASKGYVLTN
NHVINQAQKISIQLNDGREFDAKLIGSDDQSDIALLQIQNPSKLTQIAIADSDKLRVGDFAVAVGNPFGLGQTATSGIVS
ALGRSGLNLEGLENFIQTDASINRGNAGGALLNLNGELIGINTAILAPGGGSVGIGFAIPSNMARTLAQQLIDFGEIKRG
LLGIKGTEMSADIAKAFNLDVQRGAFVSEVLPGSGSAKAGVKAGDIITSLNGKPLNSFAELRSRIATTEPGTKVKLGLLR
NGKPLEVEVTLDTSTSSSASAEMITPALEGATLSDGQLKDGGKGIKIDEVVKGSPAAQAGLQKDDVIIGVNRDRVNSIAE
MRKVLAAKPAIIALQIVRGNESIYLLMRLEHHHHHH
;
_entity_poly.pdbx_strand_id   A,B,C,D,E,F,G,H,I,J,K,L,M,N,O,P,Q,R,S,T,U,V,W,Y
#
# COMPACT_ATOMS: atom_id res chain seq x y z
CA PRO A 11 -38.19 -71.52 61.29
CA LEU A 12 -35.68 -71.84 58.62
CA PRO A 13 -32.13 -71.01 58.75
CA SER A 14 -31.03 -68.11 56.67
CA LEU A 15 -30.21 -69.02 53.06
CA ALA A 16 -27.38 -71.19 54.19
CA PRO A 17 -29.09 -74.48 54.15
CA MET A 18 -30.21 -73.41 50.77
CA LEU A 19 -26.77 -72.52 49.71
CA GLU A 20 -25.00 -75.59 50.89
CA LYS A 21 -26.72 -78.01 48.54
CA VAL A 22 -26.67 -75.51 45.67
CA LEU A 23 -23.28 -74.08 46.23
CA PRO A 24 -20.88 -76.69 44.92
CA ALA A 25 -22.28 -75.56 41.67
CA VAL A 26 -19.74 -72.62 42.33
CA VAL A 27 -15.97 -71.85 42.48
CA SER A 28 -14.05 -68.68 41.76
CA VAL A 29 -12.75 -68.11 38.28
CA ARG A 30 -9.73 -65.96 37.94
CA VAL A 31 -8.75 -64.67 34.58
CA GLU A 32 -5.75 -62.70 33.52
CA GLY A 33 -6.92 -60.05 31.14
CA THR A 34 -7.33 -56.33 31.18
CA ALA A 35 -9.08 -55.92 34.52
CA GLY A 63 -11.88 -58.04 35.85
CA LEU A 64 -13.05 -61.14 37.79
CA GLY A 65 -15.80 -63.88 37.62
CA SER A 66 -17.06 -67.33 38.89
CA GLY A 67 -17.74 -70.95 37.73
CA VAL A 68 -19.07 -74.46 38.53
CA ILE A 69 -17.27 -77.72 39.14
CA ILE A 70 -19.19 -80.06 36.87
CA ASN A 71 -16.91 -83.02 37.17
CA ALA A 72 -14.43 -83.49 39.96
CA SER A 73 -12.41 -86.20 38.33
CA LYS A 74 -12.19 -84.44 35.02
CA GLY A 75 -11.88 -81.07 36.61
CA TYR A 76 -14.41 -79.57 34.25
CA VAL A 77 -15.70 -76.19 35.26
CA LEU A 78 -18.66 -74.48 33.67
CA THR A 79 -18.68 -70.76 33.31
CA ASN A 80 -20.07 -68.08 31.05
CA ASN A 81 -18.34 -67.38 27.77
CA HIS A 82 -18.27 -63.72 28.52
CA VAL A 83 -16.24 -64.56 31.55
CA ILE A 84 -13.70 -66.52 29.49
CA ASN A 85 -13.44 -64.55 26.30
CA GLN A 86 -10.89 -61.88 27.26
CA ALA A 87 -8.89 -64.35 29.36
CA GLN A 88 -5.22 -64.45 28.59
CA LYS A 89 -4.82 -66.98 31.39
CA ILE A 90 -7.24 -68.76 33.65
CA SER A 91 -6.99 -69.90 37.25
CA ILE A 92 -9.60 -71.31 39.56
CA GLN A 93 -9.74 -70.94 43.29
CA LEU A 94 -11.66 -73.11 45.67
CA ASN A 95 -13.44 -71.89 48.75
CA ASP A 96 -10.79 -73.65 50.75
CA GLY A 97 -8.23 -71.36 49.20
CA ARG A 98 -6.56 -73.93 47.00
CA GLU A 99 -6.02 -72.75 43.46
CA PHE A 100 -5.30 -74.39 40.14
CA ASP A 101 -4.69 -73.40 36.54
CA ALA A 102 -7.28 -73.98 33.87
CA LYS A 103 -7.53 -74.18 30.09
CA LEU A 104 -10.50 -73.43 27.89
CA ILE A 105 -11.93 -76.60 26.41
CA GLY A 106 -14.50 -74.83 24.31
CA SER A 107 -17.37 -72.39 24.40
CA ASP A 108 -20.53 -71.36 22.65
CA ASP A 109 -20.72 -67.62 22.27
CA GLN A 110 -24.48 -67.52 21.91
CA SER A 111 -25.26 -69.77 24.85
CA ASP A 112 -22.71 -67.88 26.91
CA ILE A 113 -21.53 -71.27 28.04
CA ALA A 114 -17.86 -72.07 28.27
CA LEU A 115 -16.16 -75.14 29.63
CA LEU A 116 -12.83 -75.03 31.38
CA GLN A 117 -10.62 -77.83 32.56
CA ILE A 118 -8.49 -77.63 35.64
CA GLN A 119 -5.05 -79.03 35.31
CA ASN A 120 -4.26 -81.60 37.91
CA PRO A 121 -7.89 -81.55 38.75
CA SER A 122 -8.79 -82.18 42.35
CA LYS A 123 -11.87 -83.59 43.90
CA LEU A 124 -13.76 -81.03 45.90
CA THR A 125 -17.26 -81.59 47.07
CA GLN A 126 -19.72 -80.85 44.37
CA ILE A 127 -23.36 -80.63 44.94
CA ALA A 128 -26.59 -81.71 43.29
CA ILE A 129 -27.90 -78.31 42.31
CA ALA A 130 -31.62 -77.95 42.12
CA ASP A 131 -33.26 -77.76 38.98
CA SER A 132 -34.21 -74.19 38.56
CA ASP A 133 -37.63 -75.73 38.63
CA LYS A 134 -37.05 -76.30 42.32
CA LEU A 135 -36.80 -72.60 43.05
CA ARG A 136 -40.06 -70.81 43.57
CA VAL A 137 -40.92 -67.92 41.31
CA GLY A 138 -40.97 -65.02 43.80
CA ASP A 139 -39.15 -67.31 46.21
CA PHE A 140 -36.32 -65.88 48.23
CA ALA A 141 -33.03 -66.42 46.57
CA VAL A 142 -29.43 -66.01 47.49
CA ALA A 143 -26.65 -65.46 45.05
CA VAL A 144 -23.15 -66.61 45.71
CA GLY A 145 -20.12 -66.04 43.61
CA ASN A 146 -17.20 -63.76 42.95
CA PRO A 147 -15.67 -61.33 42.69
CA PHE A 148 -14.09 -61.09 46.11
CA GLY A 149 -13.53 -63.82 45.79
CA LEU A 150 -11.25 -64.52 48.71
CA GLY A 151 -14.29 -66.26 50.01
CA GLN A 152 -17.51 -66.25 48.11
CA THR A 153 -19.76 -63.29 48.53
CA ALA A 154 -23.40 -63.90 49.06
CA THR A 155 -26.20 -61.55 48.43
CA SER A 156 -29.89 -61.91 48.97
CA GLY A 157 -33.01 -61.06 47.03
CA ILE A 158 -36.21 -62.53 45.74
CA VAL A 159 -36.96 -63.95 42.41
CA SER A 160 -38.39 -61.14 40.35
CA ALA A 161 -39.80 -63.19 37.57
CA LEU A 162 -39.42 -66.00 35.14
CA GLY A 163 -40.29 -65.77 31.52
CA ARG A 164 -39.98 -62.09 31.64
CA SER A 165 -40.69 -60.85 28.21
CA GLY A 166 -40.34 -57.40 26.74
CA LEU A 167 -36.97 -56.24 27.97
CA ASN A 168 -35.23 -58.25 25.33
CA LEU A 169 -31.99 -57.47 27.04
CA GLU A 170 -30.86 -60.70 25.50
CA GLY A 171 -30.37 -62.39 23.23
CA LEU A 172 -30.12 -65.47 25.37
CA GLU A 173 -33.20 -66.71 26.98
CA ASN A 174 -32.33 -68.73 30.01
CA PHE A 175 -34.16 -67.21 32.75
CA ILE A 176 -34.81 -66.56 36.33
CA GLN A 177 -34.77 -62.90 37.15
CA THR A 178 -33.55 -61.86 40.56
CA ASP A 179 -33.14 -58.72 42.60
CA ALA A 180 -30.27 -60.31 44.49
CA SER A 181 -27.19 -58.24 43.98
CA ILE A 182 -25.03 -59.29 41.14
CA ASN A 183 -21.40 -58.41 40.91
CA ARG A 184 -19.93 -58.07 37.46
CA GLY A 185 -18.22 -61.45 37.61
CA ASN A 186 -21.15 -62.73 39.64
CA ALA A 187 -22.28 -64.89 36.76
CA GLY A 188 -21.00 -68.44 36.91
CA GLY A 189 -22.06 -68.48 40.53
CA ALA A 190 -25.05 -70.09 42.18
CA LEU A 191 -28.54 -68.87 42.91
CA LEU A 192 -29.84 -70.69 45.89
CA ASN A 193 -33.41 -71.18 47.09
CA LEU A 194 -35.34 -72.66 49.96
CA ASN A 195 -34.85 -76.13 48.58
CA GLY A 196 -31.22 -75.41 48.90
CA GLU A 197 -30.51 -76.74 45.61
CA LEU A 198 -29.15 -74.45 42.96
CA ILE A 199 -32.08 -72.51 41.62
CA GLY A 200 -29.93 -71.45 38.81
CA ILE A 201 -26.61 -70.29 37.58
CA ASN A 202 -26.30 -66.56 37.44
CA THR A 203 -25.58 -65.74 33.81
CA ALA A 204 -25.94 -62.01 33.30
CA ILE A 205 -27.47 -58.71 34.29
CA LEU A 206 -28.91 -55.68 32.62
CA ALA A 207 -26.77 -52.69 31.90
CA PRO A 208 -26.30 -51.04 35.18
CA GLY A 209 -26.91 -47.77 33.62
CA GLY A 210 -25.61 -45.39 36.08
CA GLY A 211 -25.69 -47.79 38.92
CA SER A 212 -26.57 -51.10 40.41
CA VAL A 213 -29.13 -52.57 38.12
CA GLY A 214 -30.66 -54.56 40.90
CA ILE A 215 -31.66 -56.97 38.20
CA GLY A 216 -30.02 -60.17 37.16
CA PHE A 217 -30.69 -63.28 35.14
CA ALA A 218 -29.86 -66.88 35.93
CA ILE A 219 -29.90 -69.87 33.63
CA PRO A 220 -31.10 -73.31 34.35
CA SER A 221 -28.93 -76.43 34.62
CA ASN A 222 -30.64 -79.01 32.41
CA MET A 223 -29.86 -77.11 29.28
CA ALA A 224 -26.38 -76.36 30.47
CA ARG A 225 -25.61 -79.89 31.47
CA THR A 226 -26.77 -81.38 28.21
CA LEU A 227 -24.83 -78.86 26.19
CA ALA A 228 -21.82 -79.45 28.36
CA GLN A 229 -21.92 -83.16 27.77
CA GLN A 230 -22.01 -82.76 24.05
CA LEU A 231 -19.09 -80.41 24.31
CA ILE A 232 -17.07 -82.92 26.25
CA ASP A 233 -17.90 -85.92 24.15
CA PHE A 234 -18.08 -84.33 20.75
CA GLY A 235 -15.14 -82.13 21.51
CA GLU A 236 -16.82 -79.61 19.30
CA ILE A 237 -19.93 -77.50 19.01
CA LYS A 238 -22.99 -79.73 19.28
CA ARG A 239 -25.56 -77.01 18.44
CA GLY A 240 -28.75 -78.25 16.89
CA LEU A 241 -31.96 -76.91 15.49
CA LEU A 242 -35.55 -77.55 16.43
CA GLY A 243 -36.57 -77.69 12.84
CA ILE A 244 -38.99 -75.01 13.89
CA LYS A 245 -38.66 -71.67 12.19
CA GLY A 246 -40.33 -68.65 13.69
CA THR A 247 -40.30 -65.14 15.02
CA GLU A 248 -40.74 -63.49 18.38
CA MET A 249 -44.20 -62.93 19.64
CA SER A 250 -45.05 -59.29 19.14
CA ALA A 251 -46.40 -56.91 21.77
CA ASP A 252 -49.47 -56.49 19.64
CA ILE A 253 -49.83 -60.21 20.07
CA ALA A 254 -49.97 -59.82 23.80
CA LYS A 255 -52.82 -57.41 23.71
CA ALA A 256 -54.65 -59.03 20.82
CA PHE A 257 -54.68 -62.64 21.78
CA ASN A 258 -56.11 -62.25 25.19
CA LEU A 259 -54.80 -65.77 25.18
CA ASP A 260 -53.45 -67.29 28.32
CA VAL A 261 -50.07 -66.12 27.26
CA GLN A 262 -49.90 -64.18 24.08
CA ARG A 263 -46.14 -64.14 24.17
CA GLY A 264 -44.09 -67.02 22.85
CA ALA A 265 -42.32 -68.08 19.73
CA PHE A 266 -44.45 -67.74 16.67
CA VAL A 267 -43.98 -70.81 14.60
CA SER A 268 -43.29 -70.80 11.01
CA GLU A 269 -43.08 -73.62 9.33
CA VAL A 270 -42.03 -76.77 10.70
CA LEU A 271 -39.46 -78.56 8.71
CA PRO A 272 -40.73 -81.99 7.99
CA GLY A 273 -38.35 -84.31 9.80
CA SER A 274 -38.72 -82.15 12.85
CA GLY A 275 -40.28 -83.02 16.13
CA SER A 276 -42.86 -80.36 15.43
CA ALA A 277 -43.57 -81.97 12.11
CA LYS A 278 -44.04 -85.35 13.71
CA ALA A 279 -46.04 -83.84 16.52
CA GLY A 280 -48.44 -82.28 14.10
CA VAL A 281 -47.42 -78.95 15.46
CA LYS A 282 -48.29 -76.56 12.72
CA ALA A 283 -47.31 -73.14 11.63
CA GLY A 284 -49.23 -70.42 13.33
CA ASP A 285 -48.57 -72.09 16.61
CA ILE A 286 -47.41 -69.97 19.47
CA ILE A 287 -45.07 -71.83 21.72
CA THR A 288 -45.70 -70.59 25.21
CA SER A 289 -43.45 -72.99 27.06
CA LEU A 290 -40.59 -75.41 26.71
CA ASN A 291 -39.93 -77.96 29.43
CA GLY A 292 -42.59 -76.22 31.44
CA LYS A 293 -40.42 -73.17 31.74
CA PRO A 294 -42.29 -70.82 29.54
CA LEU A 295 -40.54 -69.87 26.36
CA ASN A 296 -41.06 -66.18 26.11
CA SER A 297 -39.31 -65.95 22.83
CA PHE A 298 -38.49 -67.97 19.76
CA ALA A 299 -34.93 -67.32 20.74
CA GLU A 300 -35.42 -69.13 24.01
CA LEU A 301 -37.06 -72.03 22.29
CA ARG A 302 -34.20 -72.26 19.86
CA SER A 303 -31.61 -72.29 22.60
CA ARG A 304 -33.41 -74.82 24.73
CA ILE A 305 -33.81 -77.41 22.01
CA ALA A 306 -30.41 -76.79 20.51
CA THR A 307 -28.71 -77.13 23.83
CA THR A 308 -29.68 -80.74 24.33
CA GLU A 309 -28.73 -83.61 22.08
CA PRO A 310 -31.37 -84.99 19.86
CA GLY A 311 -33.40 -87.97 20.93
CA THR A 312 -34.22 -86.06 24.06
CA LYS A 313 -37.79 -85.20 24.72
CA VAL A 314 -39.19 -81.82 25.58
CA LYS A 315 -42.67 -80.64 26.31
CA LEU A 316 -43.79 -77.67 24.37
CA GLY A 317 -46.53 -75.53 25.75
CA LEU A 318 -48.28 -74.76 22.51
CA LEU A 319 -51.17 -72.46 21.71
CA ARG A 320 -53.29 -72.90 18.63
CA ASN A 321 -56.51 -71.07 17.95
CA GLY A 322 -56.40 -69.76 21.32
CA LYS A 323 -56.53 -73.34 22.45
CA PRO A 324 -53.91 -74.77 24.66
CA LEU A 325 -51.90 -77.78 23.54
CA GLU A 326 -49.10 -79.76 25.06
CA VAL A 327 -46.86 -81.59 22.67
CA GLU A 328 -43.94 -83.88 23.23
CA VAL A 329 -41.15 -83.41 20.79
CA THR A 330 -37.98 -85.33 20.29
CA LEU A 331 -35.47 -82.68 19.55
CA ASP A 332 -33.91 -83.08 16.19
CA THR A 333 -30.77 -81.26 15.34
CA SER A 334 -29.79 -79.37 12.29
CA THR A 335 -26.18 -78.95 11.54
CA SER A 336 -25.00 -76.48 9.01
CA SER A 337 -21.67 -76.30 7.34
CA SER A 338 -20.27 -73.46 5.34
CA ALA A 339 -18.89 -74.64 2.07
CA SER A 340 -15.64 -73.37 0.78
CA ALA A 341 -13.25 -74.46 -1.87
CA GLU A 342 -10.74 -74.74 0.91
CA MET A 343 -12.82 -77.19 2.87
CA ILE A 344 -12.91 -79.76 0.08
CA THR A 345 -9.47 -78.86 -1.32
CA PRO A 346 -7.61 -77.92 1.85
CA ALA A 347 -3.96 -77.55 1.06
CA LEU A 348 -2.77 -75.92 -2.03
CA GLU A 349 -5.91 -76.19 -4.08
CA GLY A 350 -6.05 -79.14 -6.38
CA ALA A 351 -7.46 -82.60 -6.00
CA THR A 352 -10.58 -83.02 -3.94
CA LEU A 353 -10.09 -84.20 -0.42
CA SER A 354 -12.04 -86.36 2.01
CA ASP A 355 -11.52 -86.59 5.71
CA GLY A 356 -12.58 -88.51 8.76
CA GLN A 357 -14.11 -91.82 9.63
CA LEU A 358 -16.71 -89.16 9.96
CA LYS A 359 -17.58 -90.74 13.22
CA ASP A 360 -14.11 -90.34 14.56
CA GLY A 361 -11.65 -87.73 13.58
CA GLY A 362 -9.90 -88.92 10.48
CA LYS A 363 -6.23 -89.65 10.50
CA GLY A 364 -5.74 -86.82 8.09
CA ILE A 365 -6.95 -85.55 4.75
CA LYS A 366 -7.05 -88.00 1.93
CA ILE A 367 -6.73 -86.57 -1.53
CA ASP A 368 -9.38 -88.10 -3.69
CA GLU A 369 -8.03 -87.37 -7.09
CA VAL A 370 -5.96 -84.78 -8.74
CA VAL A 371 -7.95 -82.65 -11.14
CA LYS A 372 -4.34 -81.72 -11.18
CA GLY A 373 -5.08 -78.33 -12.77
CA SER A 374 -4.43 -76.19 -9.67
CA PRO A 375 -1.19 -75.39 -8.08
CA ALA A 376 -1.24 -77.98 -5.33
CA ALA A 377 -0.41 -80.42 -8.04
CA GLN A 378 2.37 -78.12 -9.18
CA ALA A 379 4.00 -78.30 -5.80
CA GLY A 380 4.35 -81.68 -5.35
CA LEU A 381 1.01 -82.98 -4.67
CA GLN A 382 -0.55 -85.96 -6.37
CA LYS A 383 -3.49 -88.18 -5.56
CA ASP A 384 -3.57 -90.84 -2.87
CA ASP A 385 -1.52 -88.73 -0.54
CA VAL A 386 -2.70 -88.55 3.01
CA ILE A 387 -2.08 -85.33 4.78
CA ILE A 388 -1.11 -86.63 8.12
CA GLY A 389 -0.43 -83.23 9.50
CA VAL A 390 0.83 -79.73 9.01
CA ASN A 391 3.39 -78.20 11.27
CA ARG A 392 3.49 -81.70 12.63
CA ASP A 393 -0.18 -81.45 13.36
CA ARG A 394 -2.08 -84.55 12.34
CA VAL A 395 -5.53 -83.53 11.22
CA ASN A 396 -8.51 -85.50 12.33
CA SER A 397 -11.58 -84.24 10.46
CA ILE A 398 -13.50 -81.57 8.43
CA ALA A 399 -15.03 -79.37 11.12
CA GLU A 400 -11.55 -79.84 12.36
CA MET A 401 -10.45 -78.86 8.90
CA ARG A 402 -12.02 -75.56 9.77
CA LYS A 403 -10.23 -75.66 13.10
CA VAL A 404 -6.80 -76.06 11.62
CA LEU A 405 -7.78 -73.32 9.21
CA ALA A 406 -8.26 -70.93 12.06
CA ALA A 407 -4.55 -70.71 12.89
CA LYS A 408 -3.21 -69.38 9.55
CA PRO A 409 0.53 -69.82 9.79
CA ALA A 410 2.98 -67.81 7.69
CA ILE A 411 4.06 -70.95 5.90
CA ILE A 412 2.27 -74.20 5.61
CA ALA A 413 4.31 -77.34 5.57
CA LEU A 414 2.25 -80.32 4.74
CA GLN A 415 3.37 -83.65 5.99
CA ILE A 416 1.78 -86.24 3.83
CA VAL A 417 2.65 -89.81 3.20
CA ARG A 418 2.74 -91.07 -0.28
CA GLY A 419 3.55 -94.68 -0.86
CA ASN A 420 5.98 -95.83 1.70
CA GLU A 421 7.15 -92.32 1.89
CA SER A 422 7.19 -89.23 4.08
CA ILE A 423 7.13 -86.07 2.08
CA TYR A 424 6.71 -82.45 2.87
CA LEU A 425 4.93 -80.08 0.57
CA LEU A 426 5.38 -76.43 1.20
CA MET A 427 3.04 -73.60 0.48
CA PRO B 11 -2.72 -35.44 -96.37
CA LEU B 12 -4.84 -35.50 -93.39
CA PRO B 13 -7.37 -32.99 -92.60
CA SER B 14 -6.96 -31.51 -89.20
CA LEU B 15 -8.71 -33.49 -86.48
CA ALA B 16 -12.07 -32.44 -87.85
CA PRO B 17 -12.84 -35.46 -89.88
CA MET B 18 -11.94 -37.24 -86.74
CA LEU B 19 -14.28 -35.11 -84.73
CA GLU B 20 -17.27 -35.36 -86.95
CA LYS B 21 -17.79 -39.09 -86.65
CA VAL B 22 -17.15 -39.13 -82.86
CA LEU B 23 -18.58 -35.79 -81.92
CA PRO B 24 -22.29 -36.53 -81.68
CA ALA B 25 -21.19 -38.45 -78.72
CA VAL B 26 -21.16 -34.75 -77.31
CA VAL B 27 -23.60 -31.91 -76.27
CA SER B 28 -23.31 -29.13 -73.72
CA VAL B 29 -24.59 -29.80 -70.26
CA ARG B 30 -25.67 -26.79 -68.32
CA VAL B 31 -26.31 -27.05 -64.66
CA GLU B 32 -27.53 -24.48 -62.24
CA GLY B 33 -25.54 -24.81 -59.08
CA THR B 34 -23.02 -22.68 -57.33
CA ALA B 35 -20.69 -21.94 -60.22
CA GLY B 63 -19.60 -24.34 -62.91
CA LEU B 64 -20.20 -25.95 -66.34
CA GLY B 65 -19.83 -29.39 -68.12
CA SER B 66 -20.69 -31.62 -71.18
CA GLY B 67 -22.63 -34.82 -72.17
CA VAL B 68 -23.58 -37.35 -74.90
CA ILE B 69 -26.85 -37.96 -76.67
CA ILE B 70 -27.21 -41.69 -76.32
CA ASN B 71 -30.72 -41.96 -77.66
CA ALA B 72 -32.36 -39.35 -79.81
CA SER B 73 -35.87 -40.60 -79.41
CA LYS B 74 -35.65 -41.01 -75.67
CA GLY B 75 -33.50 -37.96 -75.28
CA TYR B 76 -31.11 -39.78 -73.00
CA VAL B 77 -27.85 -38.00 -72.40
CA LEU B 78 -24.87 -39.63 -70.79
CA THR B 79 -22.70 -37.52 -68.54
CA ASN B 80 -20.40 -37.82 -65.55
CA ASN B 81 -21.94 -38.02 -62.12
CA HIS B 82 -19.61 -35.37 -60.86
CA VAL B 83 -21.09 -33.11 -63.46
CA ILE B 84 -24.64 -33.78 -62.24
CA ASN B 85 -24.30 -34.01 -58.50
CA GLN B 86 -24.35 -30.30 -57.55
CA ALA B 87 -27.01 -29.56 -60.16
CA GLN B 88 -29.97 -27.67 -58.86
CA LYS B 89 -31.34 -27.59 -62.40
CA ILE B 90 -30.17 -29.11 -65.66
CA SER B 91 -30.35 -27.91 -69.22
CA ILE B 92 -28.68 -29.12 -72.35
CA GLN B 93 -27.62 -27.13 -75.33
CA LEU B 94 -27.03 -28.46 -78.80
CA ASN B 95 -24.31 -27.24 -81.11
CA ASP B 96 -27.03 -25.66 -83.18
CA GLY B 97 -27.93 -23.52 -80.22
CA ARG B 98 -31.20 -25.22 -79.39
CA GLU B 99 -31.62 -25.91 -75.71
CA PHE B 100 -33.78 -28.20 -73.63
CA ASP B 101 -34.40 -28.94 -69.97
CA ALA B 102 -33.23 -32.19 -68.49
CA LYS B 103 -33.91 -34.33 -65.48
CA LEU B 104 -31.63 -36.79 -63.77
CA ILE B 105 -32.77 -40.35 -64.39
CA GLY B 106 -30.13 -41.89 -62.20
CA SER B 107 -26.42 -42.16 -61.67
CA ASP B 108 -23.71 -44.31 -60.19
CA ASP B 109 -21.33 -42.34 -58.02
CA GLN B 110 -18.48 -44.80 -58.40
CA SER B 111 -18.70 -45.17 -62.15
CA ASP B 112 -19.07 -41.42 -62.45
CA ILE B 113 -21.83 -42.20 -64.89
CA ALA B 114 -25.09 -40.33 -64.79
CA LEU B 115 -27.99 -40.46 -67.19
CA LEU B 116 -30.14 -37.47 -67.98
CA GLN B 117 -33.30 -37.27 -69.97
CA ILE B 118 -34.24 -34.32 -72.04
CA GLN B 119 -37.78 -33.13 -71.85
CA ASN B 120 -39.44 -33.08 -75.24
CA PRO B 121 -36.42 -34.76 -76.56
CA SER B 122 -35.45 -33.92 -80.10
CA LYS B 123 -33.61 -35.86 -82.67
CA LEU B 124 -30.22 -34.42 -83.41
CA THR B 125 -27.63 -36.28 -85.37
CA GLN B 126 -25.85 -38.80 -83.22
CA ILE B 127 -22.73 -40.54 -84.24
CA ALA B 128 -21.22 -43.96 -84.06
CA ILE B 129 -18.38 -43.19 -81.68
CA ALA B 130 -15.36 -45.32 -82.13
CA ASP B 131 -14.61 -47.81 -79.70
CA SER B 132 -11.80 -46.44 -77.67
CA ASP B 133 -10.08 -49.43 -79.19
CA LYS B 134 -10.09 -47.54 -82.46
CA LEU B 135 -7.96 -44.75 -81.06
CA ARG B 136 -4.27 -45.38 -81.23
CA VAL B 137 -2.23 -45.19 -78.08
CA GLY B 138 -0.07 -42.15 -78.52
CA ASP B 139 -2.28 -41.35 -81.48
CA PHE B 140 -3.17 -37.74 -81.89
CA ALA B 141 -6.37 -36.93 -80.17
CA VAL B 142 -8.70 -34.02 -80.01
CA ALA B 143 -10.98 -33.21 -77.16
CA VAL B 144 -14.24 -31.47 -77.70
CA GLY B 145 -16.63 -30.34 -75.07
CA ASN B 146 -17.62 -27.52 -72.79
CA PRO B 147 -17.41 -25.27 -71.06
CA PHE B 148 -17.78 -22.34 -73.35
CA GLY B 149 -19.85 -23.82 -74.52
CA LEU B 150 -21.79 -21.59 -76.86
CA GLY B 151 -19.98 -23.63 -79.41
CA GLN B 152 -17.90 -26.58 -78.44
CA THR B 153 -14.30 -25.92 -77.69
CA ALA B 154 -11.76 -28.25 -79.07
CA THR B 155 -8.25 -28.88 -77.87
CA SER B 156 -5.55 -31.06 -79.27
CA GLY B 157 -3.03 -33.43 -77.79
CA ILE B 158 -1.72 -36.96 -78.09
CA VAL B 159 -2.62 -40.18 -76.39
CA SER B 160 -0.34 -40.15 -73.39
CA ALA B 161 -1.04 -43.62 -72.19
CA LEU B 162 -3.47 -46.43 -71.66
CA GLY B 163 -3.40 -48.71 -68.70
CA ARG B 164 -1.54 -46.05 -66.87
CA SER B 165 -0.81 -47.53 -63.49
CA GLY B 166 0.70 -46.04 -60.35
CA LEU B 167 -0.90 -42.62 -60.19
CA ASN B 168 -3.96 -44.08 -58.62
CA LEU B 169 -5.60 -40.74 -59.03
CA GLU B 170 -8.74 -42.78 -59.18
CA GLY B 171 -10.59 -44.66 -58.06
CA LEU B 172 -12.26 -45.32 -61.36
CA GLU B 173 -10.35 -47.14 -63.93
CA ASN B 174 -11.63 -46.34 -67.36
CA PHE B 175 -8.77 -45.12 -69.24
CA ILE B 176 -7.15 -43.32 -72.05
CA GLN B 177 -4.73 -40.69 -70.85
CA THR B 178 -4.42 -37.56 -72.90
CA ASP B 179 -2.38 -34.39 -72.93
CA ALA B 180 -5.17 -32.59 -74.80
CA SER B 181 -6.42 -29.73 -72.70
CA ILE B 182 -9.25 -30.56 -70.40
CA ASN B 183 -11.52 -27.85 -69.11
CA ARG B 184 -13.16 -28.49 -65.77
CA GLY B 185 -16.50 -29.41 -67.32
CA ASN B 186 -14.62 -30.94 -70.22
CA ALA B 187 -15.64 -34.42 -69.23
CA GLY B 188 -18.77 -35.71 -70.84
CA GLY B 189 -17.26 -34.56 -74.10
CA ALA B 190 -15.62 -36.51 -76.87
CA LEU B 191 -12.06 -37.51 -77.51
CA LEU B 192 -11.59 -37.90 -81.19
CA ASN B 193 -8.86 -39.63 -83.15
CA LEU B 194 -7.73 -40.33 -86.67
CA ASN B 195 -10.44 -42.82 -87.28
CA GLY B 196 -12.77 -40.03 -86.38
CA GLU B 197 -14.76 -42.10 -84.18
CA LEU B 198 -14.98 -41.27 -80.54
CA ILE B 199 -11.84 -42.63 -79.01
CA GLY B 200 -13.31 -42.03 -75.67
CA ILE B 201 -15.43 -39.92 -73.42
CA ASN B 202 -13.45 -37.53 -71.32
CA THR B 203 -14.23 -38.50 -67.75
CA ALA B 204 -11.78 -36.73 -65.46
CA ILE B 205 -8.44 -35.08 -64.87
CA LEU B 206 -5.71 -35.01 -62.27
CA ALA B 207 -5.78 -32.32 -59.66
CA PRO B 208 -4.53 -29.29 -61.38
CA GLY B 209 -2.24 -28.61 -58.59
CA GLY B 210 -1.42 -25.09 -59.12
CA GLY B 211 -2.17 -25.13 -62.78
CA SER B 212 -3.28 -26.92 -65.86
CA VAL B 213 -2.56 -30.56 -65.24
CA GLY B 214 -2.08 -31.22 -68.90
CA ILE B 215 -3.32 -34.66 -68.03
CA GLY B 216 -6.78 -36.07 -68.57
CA PHE B 217 -8.52 -39.41 -68.57
CA ALA B 218 -11.20 -40.68 -70.91
CA ILE B 219 -13.48 -43.66 -70.51
CA PRO B 220 -14.52 -46.14 -73.09
CA SER B 221 -18.03 -46.56 -74.48
CA ASN B 222 -18.78 -50.27 -74.26
CA MET B 223 -18.80 -50.25 -70.52
CA ALA B 224 -20.75 -47.05 -70.45
CA ARG B 225 -23.28 -48.27 -72.95
CA THR B 226 -24.00 -51.46 -71.12
CA LEU B 227 -24.33 -49.72 -67.78
CA ALA B 228 -26.60 -47.18 -69.37
CA GLN B 229 -28.91 -49.80 -70.75
CA GLN B 230 -29.27 -51.46 -67.40
CA LEU B 231 -30.06 -48.11 -65.89
CA ILE B 232 -32.80 -47.36 -68.32
CA ASP B 233 -34.31 -50.81 -68.35
CA PHE B 234 -33.98 -51.63 -64.69
CA GLY B 235 -34.73 -48.10 -63.68
CA GLU B 236 -32.32 -48.67 -60.86
CA ILE B 237 -28.72 -49.48 -60.13
CA LYS B 238 -27.66 -52.58 -62.02
CA ARG B 239 -24.19 -52.91 -60.47
CA GLY B 240 -22.82 -56.42 -60.34
CA LEU B 241 -19.82 -58.27 -59.09
CA LEU B 242 -17.25 -60.41 -60.83
CA GLY B 243 -17.29 -62.93 -58.07
CA ILE B 244 -13.59 -62.30 -58.10
CA LYS B 245 -12.10 -60.87 -54.99
CA GLY B 246 -8.72 -59.31 -55.02
CA THR B 247 -6.29 -56.52 -54.35
CA GLU B 248 -4.28 -54.02 -56.36
CA MET B 249 -1.08 -55.20 -57.90
CA SER B 250 1.71 -53.76 -55.83
CA ALA B 251 4.70 -51.83 -57.08
CA ASP B 252 6.94 -54.49 -55.67
CA ILE B 253 5.07 -56.82 -57.93
CA ALA B 254 6.03 -54.79 -60.93
CA LYS B 255 9.68 -55.10 -60.18
CA ALA B 256 9.55 -58.65 -58.89
CA PHE B 257 7.52 -60.40 -61.51
CA ASN B 258 9.55 -59.37 -64.47
CA LEU B 259 6.37 -60.68 -65.98
CA ASP B 260 5.02 -59.25 -69.14
CA VAL B 261 2.97 -56.97 -67.03
CA GLN B 262 3.38 -57.28 -63.34
CA ARG B 263 0.51 -54.92 -62.72
CA GLY B 264 -3.05 -56.09 -62.64
CA ALA B 265 -5.65 -57.18 -60.19
CA PHE B 266 -4.40 -59.82 -57.83
CA VAL B 267 -7.07 -62.43 -57.49
CA SER B 268 -8.36 -63.70 -54.26
CA GLU B 269 -10.47 -66.24 -54.20
CA VAL B 270 -12.90 -66.85 -56.81
CA LEU B 271 -16.34 -67.29 -55.49
CA PRO B 272 -17.78 -70.41 -56.87
CA GLY B 273 -20.26 -70.19 -59.67
CA SER B 274 -18.41 -67.09 -60.71
CA GLY B 275 -17.07 -66.78 -64.20
CA SER B 276 -13.63 -67.16 -62.73
CA ALA B 277 -14.64 -70.28 -60.87
CA LYS B 278 -16.12 -71.84 -63.96
CA ALA B 279 -13.17 -70.69 -65.99
CA GLY B 280 -10.81 -72.40 -63.64
CA VAL B 281 -9.22 -69.09 -62.94
CA LYS B 282 -7.53 -69.55 -59.63
CA ALA B 283 -6.48 -67.39 -56.79
CA GLY B 284 -3.02 -66.03 -57.22
CA ASP B 285 -3.83 -65.08 -60.74
CA ILE B 286 -3.03 -61.61 -61.86
CA ILE B 287 -5.48 -60.18 -64.27
CA THR B 288 -3.54 -58.06 -66.70
CA SER B 289 -6.36 -57.21 -69.03
CA LEU B 290 -10.08 -57.13 -69.46
CA ASN B 291 -11.67 -56.90 -72.88
CA GLY B 292 -8.19 -56.43 -74.22
CA LYS B 293 -7.86 -53.09 -72.54
CA PRO B 294 -5.42 -53.95 -69.86
CA LEU B 295 -6.82 -53.88 -66.37
CA ASN B 296 -4.21 -52.08 -64.40
CA SER B 297 -6.06 -52.51 -61.19
CA PHE B 298 -8.51 -54.75 -59.44
CA ALA B 299 -10.65 -51.67 -59.30
CA GLU B 300 -10.74 -51.45 -63.06
CA LEU B 301 -11.61 -55.08 -63.36
CA ARG B 302 -14.42 -54.71 -60.91
CA SER B 303 -15.85 -51.72 -62.71
CA ARG B 304 -15.62 -53.30 -66.11
CA ILE B 305 -17.49 -56.45 -65.36
CA ALA B 306 -19.93 -54.79 -63.00
CA THR B 307 -20.84 -52.27 -65.64
CA THR B 308 -22.17 -54.80 -68.07
CA GLU B 309 -25.10 -57.08 -67.40
CA PRO B 310 -24.38 -60.66 -66.69
CA GLY B 311 -24.49 -63.21 -69.45
CA THR B 312 -22.05 -61.04 -71.30
CA LYS B 313 -18.69 -62.40 -72.15
CA VAL B 314 -15.42 -60.74 -71.44
CA LYS B 315 -11.86 -61.85 -72.06
CA LEU B 316 -9.52 -61.62 -69.17
CA GLY B 317 -5.85 -61.33 -69.80
CA LEU B 318 -4.66 -63.57 -67.00
CA LEU B 319 -1.19 -64.30 -65.70
CA ARG B 320 -0.43 -67.46 -63.81
CA ASN B 321 3.02 -68.59 -62.80
CA GLY B 322 4.42 -66.09 -65.02
CA LYS B 323 2.54 -67.77 -67.80
CA PRO B 324 0.06 -65.93 -69.90
CA LEU B 325 -3.54 -67.10 -70.04
CA GLU B 326 -6.62 -65.85 -71.79
CA VAL B 327 -9.91 -66.77 -70.26
CA GLU B 328 -13.45 -66.09 -71.32
CA VAL B 329 -15.76 -65.31 -68.49
CA THR B 330 -19.46 -64.77 -68.44
CA LEU B 331 -19.95 -61.94 -66.07
CA ASP B 332 -21.85 -62.89 -63.00
CA THR B 333 -23.50 -60.27 -60.93
CA SER B 334 -23.58 -59.94 -57.21
CA THR B 335 -26.30 -57.87 -55.69
CA SER B 336 -26.14 -56.87 -52.09
CA SER B 337 -28.89 -55.44 -50.02
CA SER B 338 -28.70 -53.96 -46.60
CA ALA B 339 -31.20 -55.48 -44.28
CA SER B 340 -33.20 -53.37 -41.94
CA ALA B 341 -36.21 -54.00 -39.82
CA GLU B 342 -37.83 -51.29 -41.84
CA MET B 343 -37.29 -53.05 -45.11
CA ILE B 344 -39.22 -56.16 -44.13
CA THR B 345 -41.70 -54.32 -41.86
CA PRO B 346 -42.00 -50.98 -43.66
CA ALA B 347 -44.78 -48.99 -42.14
CA LEU B 348 -45.30 -48.85 -38.49
CA GLU B 349 -43.38 -51.91 -37.46
CA GLY B 350 -45.42 -55.02 -37.07
CA ALA B 351 -46.33 -57.81 -39.42
CA THR B 352 -43.77 -58.86 -41.95
CA LEU B 353 -44.22 -57.52 -45.42
CA SER B 354 -43.54 -58.79 -48.92
CA ASP B 355 -43.36 -56.72 -52.03
CA GLY B 356 -43.09 -56.98 -55.77
CA GLN B 357 -43.74 -59.49 -58.48
CA LEU B 358 -40.04 -59.20 -57.95
CA LYS B 359 -39.81 -59.08 -61.67
CA ASP B 360 -41.94 -56.02 -61.91
CA GLY B 361 -42.49 -53.47 -59.26
CA GLY B 362 -45.15 -54.77 -56.94
CA LYS B 363 -48.46 -53.08 -56.63
CA GLY B 364 -47.61 -52.23 -53.07
CA ILE B 365 -46.53 -53.88 -49.87
CA LYS B 366 -48.30 -57.02 -48.77
CA ILE B 367 -48.48 -57.56 -45.05
CA ASP B 368 -47.73 -61.19 -44.52
CA GLU B 369 -48.87 -61.71 -41.00
CA VAL B 370 -49.33 -59.68 -37.92
CA VAL B 371 -46.95 -60.77 -35.24
CA LYS B 372 -49.19 -58.05 -34.00
CA GLY B 373 -46.84 -57.22 -31.13
CA SER B 374 -45.51 -53.92 -32.53
CA PRO B 375 -47.28 -50.69 -32.83
CA ALA B 376 -48.34 -50.95 -36.45
CA ALA B 377 -51.00 -53.26 -35.09
CA GLN B 378 -51.79 -50.70 -32.50
CA ALA B 379 -52.65 -48.26 -35.24
CA GLY B 380 -54.87 -49.94 -37.18
CA LEU B 381 -52.94 -52.33 -39.20
CA GLN B 382 -53.82 -55.99 -39.51
CA LYS B 383 -52.67 -58.69 -41.87
CA ASP B 384 -53.77 -59.04 -45.45
CA ASP B 385 -53.68 -55.35 -46.02
CA VAL B 386 -51.96 -54.15 -49.13
CA ILE B 387 -50.25 -50.85 -48.86
CA ILE B 388 -51.13 -49.37 -52.15
CA GLY B 389 -49.37 -46.16 -51.44
CA VAL B 390 -48.35 -43.49 -49.02
CA ASN B 391 -49.01 -39.86 -49.70
CA ARG B 392 -50.99 -41.32 -52.54
CA ASP B 393 -47.81 -42.92 -53.75
CA ARG B 394 -48.33 -46.51 -54.75
CA VAL B 395 -45.22 -48.46 -53.98
CA ASN B 396 -43.86 -50.90 -56.46
CA SER B 397 -40.99 -52.85 -54.92
CA ILE B 398 -38.33 -53.39 -52.15
CA ALA B 399 -35.31 -51.59 -53.57
CA GLU B 400 -38.09 -49.19 -54.20
CA MET B 401 -39.00 -49.68 -50.59
CA ARG B 402 -35.66 -48.09 -49.95
CA LYS B 403 -36.39 -45.34 -52.43
CA VAL B 404 -39.70 -44.47 -50.84
CA LEU B 405 -37.75 -44.42 -47.62
CA ALA B 406 -35.47 -41.74 -48.97
CA ALA B 407 -38.12 -39.00 -48.84
CA LYS B 408 -38.97 -39.07 -45.09
CA PRO B 409 -42.11 -37.01 -44.79
CA ALA B 410 -43.22 -35.41 -41.55
CA ILE B 411 -46.23 -37.65 -41.40
CA ILE B 412 -46.80 -40.90 -43.14
CA ALA B 413 -50.28 -41.69 -44.29
CA LEU B 414 -50.61 -45.21 -45.48
CA GLN B 415 -53.27 -45.97 -47.97
CA ILE B 416 -53.96 -49.62 -47.76
CA VAL B 417 -56.89 -51.64 -48.88
CA ARG B 418 -58.37 -54.14 -46.56
CA GLY B 419 -61.26 -56.18 -47.76
CA ASN B 420 -63.36 -54.14 -50.07
CA GLU B 421 -62.17 -51.16 -48.24
CA SER B 422 -59.95 -48.10 -48.44
CA ILE B 423 -58.35 -47.23 -45.21
CA TYR B 424 -55.73 -44.77 -44.08
CA LEU B 425 -53.25 -45.64 -41.38
CA LEU B 426 -51.34 -42.73 -39.95
CA MET B 427 -48.02 -42.72 -38.23
CA PRO C 11 95.78 21.37 29.30
CA LEU C 12 92.72 22.39 31.08
CA PRO C 13 90.52 20.39 33.13
CA SER C 14 87.23 19.52 31.63
CA LEU C 15 84.49 22.12 32.09
CA ALA C 16 84.54 21.58 35.82
CA PRO C 17 86.76 24.39 36.77
CA MET C 18 84.49 26.42 34.65
CA LEU C 19 81.49 25.03 36.29
CA GLU C 20 82.60 25.47 39.86
CA LYS C 21 82.90 29.26 39.81
CA VAL C 22 79.59 29.71 37.91
CA LEU C 23 77.65 26.85 39.34
CA PRO C 24 76.36 28.28 42.59
CA ALA C 25 74.33 30.40 40.37
CA VAL C 26 72.35 26.99 40.32
CA VAL C 27 70.08 24.87 42.62
CA SER C 28 67.27 22.45 41.89
CA VAL C 29 63.77 23.79 41.75
CA ARG C 30 61.07 21.33 42.57
CA VAL C 31 57.51 22.19 41.89
CA GLU C 32 54.39 20.26 42.56
CA GLY C 33 52.14 20.60 39.58
CA THR C 34 50.87 18.35 36.88
CA ALA C 35 54.14 16.74 35.89
CA GLY C 63 57.46 18.47 35.42
CA LEU C 64 60.76 19.74 36.93
CA GLY C 65 63.18 22.76 36.69
CA SER C 66 66.19 24.73 38.21
CA GLY C 67 67.10 28.06 39.92
CA VAL C 68 69.85 30.31 41.41
CA ILE C 69 70.58 31.32 44.96
CA ILE C 70 70.87 35.06 44.66
CA ASN C 71 71.03 35.84 48.34
CA ALA C 72 72.05 33.37 50.98
CA SER C 73 70.77 35.26 53.95
CA LYS C 74 67.46 36.12 52.39
CA GLY C 75 67.19 32.81 50.66
CA TYR C 76 66.17 34.41 47.40
CA VAL C 77 66.27 32.10 44.43
CA LEU C 78 65.92 33.33 40.89
CA THR C 79 64.22 31.15 38.35
CA ASN C 80 62.20 31.39 35.16
CA ASN C 81 58.57 32.37 35.41
CA HIS C 82 57.59 29.51 33.19
CA VAL C 83 59.13 27.24 35.77
CA ILE C 84 57.00 28.71 38.57
CA ASN C 85 53.71 29.30 36.76
CA GLN C 86 52.07 25.88 37.22
CA ALA C 87 53.54 25.34 40.67
CA GLN C 88 51.06 24.29 43.28
CA LYS C 89 53.94 24.01 45.72
CA ILE C 90 57.63 24.81 45.50
CA SER C 91 60.66 23.16 47.04
CA ILE C 92 64.35 23.74 46.45
CA GLN C 93 67.07 21.19 46.79
CA LEU C 94 70.76 21.86 47.16
CA ASN C 95 73.52 19.87 45.58
CA ASP C 96 74.34 18.57 49.02
CA GLY C 97 70.89 17.05 49.15
CA ARG C 98 69.42 19.40 51.70
CA GLU C 99 66.07 20.77 50.70
CA PHE C 100 63.76 23.57 51.73
CA ASP C 101 60.30 24.88 50.91
CA ALA C 102 59.87 28.04 48.91
CA LYS C 103 57.23 30.64 48.23
CA LEU C 104 56.85 32.80 45.16
CA ILE C 105 57.75 36.40 45.91
CA GLY C 106 56.79 37.66 42.50
CA SER C 107 57.44 37.26 38.82
CA ASP C 108 57.42 39.06 35.52
CA ASP C 109 55.78 37.00 32.83
CA GLN C 110 57.48 38.75 29.95
CA SER C 111 60.97 38.68 31.40
CA ASP C 112 60.43 35.08 32.36
CA ILE C 113 61.97 35.89 35.66
CA ALA C 114 60.49 34.81 38.94
CA LEU C 115 61.81 35.26 42.44
CA LEU C 116 61.36 32.65 45.10
CA GLN C 117 62.22 32.77 48.74
CA ILE C 118 63.31 29.80 50.75
CA GLN C 119 61.74 29.31 54.12
CA ASN C 120 64.35 29.14 56.84
CA PRO C 121 66.87 30.11 54.27
CA SER C 122 70.30 28.71 54.75
CA LYS C 123 73.68 29.83 53.59
CA LEU C 124 75.08 27.68 50.84
CA THR C 125 78.13 28.39 48.78
CA GLN C 126 76.91 30.62 45.97
CA ILE C 127 79.36 31.90 43.41
CA ALA C 128 80.43 34.94 41.46
CA ILE C 129 78.79 34.13 38.14
CA ALA C 130 80.62 35.47 35.18
CA ASP C 131 79.12 38.09 33.28
CA SER C 132 77.82 36.53 30.17
CA ASP C 133 80.34 38.87 28.68
CA LYS C 134 83.00 36.61 30.10
CA LEU C 135 81.95 33.68 27.95
CA ARG C 136 83.34 33.60 24.49
CA VAL C 137 80.97 33.40 21.60
CA GLY C 138 81.54 29.99 20.13
CA ASP C 139 83.40 29.23 23.32
CA PHE C 140 82.90 25.82 24.81
CA ALA C 141 80.09 25.87 27.28
CA VAL C 142 78.63 23.51 29.80
CA ALA C 143 75.11 23.57 31.01
CA VAL C 144 74.25 22.46 34.48
CA GLY C 145 70.81 22.11 35.92
CA ASN C 146 67.84 19.88 36.48
CA PRO C 147 65.88 17.86 36.00
CA PHE C 148 67.48 14.68 37.18
CA GLY C 149 68.26 16.85 39.92
CA LEU C 150 69.34 14.40 42.59
CA GLY C 151 72.64 15.67 41.46
CA GLN C 152 72.85 18.28 38.79
CA THR C 153 73.10 17.07 35.25
CA ALA C 154 75.76 18.54 33.08
CA THR C 155 75.81 18.73 29.36
CA SER C 156 78.35 20.13 26.99
CA GLY C 157 78.25 22.15 23.82
CA ILE C 158 79.62 25.29 22.25
CA VAL C 159 78.34 28.81 21.99
CA SER C 160 76.26 28.80 18.85
CA ALA C 161 75.76 32.50 18.64
CA LEU C 162 74.87 35.71 20.36
CA GLY C 163 72.59 38.32 18.96
CA ARG C 164 71.04 35.65 16.85
CA SER C 165 68.38 37.44 14.88
CA GLY C 166 65.67 36.15 12.57
CA LEU C 167 64.40 33.13 14.46
CA ASN C 168 62.27 35.35 16.62
CA LEU C 169 61.39 32.39 18.72
CA GLU C 170 60.94 34.93 21.43
CA GLY C 171 59.64 37.23 22.50
CA LEU C 172 62.30 37.71 25.07
CA GLU C 173 65.67 38.74 23.97
CA ASN C 174 68.26 37.77 26.47
CA PHE C 175 70.68 35.78 24.62
CA ILE C 176 73.46 33.35 24.31
CA GLN C 177 72.64 30.49 22.00
CA THR C 178 74.08 27.13 22.81
CA ASP C 179 74.10 23.61 21.42
CA ALA C 180 74.60 22.16 24.90
CA SER C 181 71.70 19.92 25.67
CA ILE C 182 68.87 21.51 27.49
CA ASN C 183 66.38 19.53 29.48
CA ARG C 184 62.92 20.94 29.77
CA GLY C 185 63.48 22.23 33.31
CA ASN C 186 67.05 23.01 32.33
CA ALA C 187 66.41 26.72 32.43
CA GLY C 188 67.24 28.34 35.74
CA GLY C 189 70.52 26.48 35.60
CA ALA C 190 73.97 27.73 34.73
CA LEU C 191 75.93 27.93 31.51
CA LEU C 192 79.57 27.71 32.30
CA ASN C 193 82.60 28.66 30.22
CA LEU C 194 86.35 28.54 30.31
CA ASN C 195 86.42 31.48 32.66
CA GLY C 196 84.39 29.33 34.91
CA GLU C 197 82.05 31.97 35.79
CA LEU C 198 78.49 31.69 34.63
CA ILE C 199 78.27 32.57 31.06
CA GLY C 200 74.63 32.80 31.52
CA ILE C 201 71.45 31.48 32.97
CA ASN C 202 69.73 29.02 30.70
CA THR C 203 66.32 30.56 30.08
CA ALA C 204 64.64 28.70 27.27
CA ILE C 205 64.85 26.58 24.16
CA LEU C 206 63.28 26.35 20.74
CA ALA C 207 60.31 24.13 20.24
CA PRO C 208 61.63 20.67 20.09
CA GLY C 209 59.99 19.97 16.81
CA GLY C 210 59.31 16.60 18.31
CA GLY C 211 62.99 16.09 18.84
CA SER C 212 65.86 17.49 20.79
CA VAL C 213 66.16 20.99 19.47
CA GLY C 214 69.85 21.05 20.16
CA ILE C 215 69.33 24.74 20.57
CA GLY C 216 68.97 26.73 23.73
CA PHE C 217 69.08 30.29 24.91
CA ALA C 218 70.64 31.72 28.04
CA ILE C 219 70.10 35.10 29.65
CA PRO C 220 72.68 37.34 31.15
CA SER C 221 72.93 38.25 34.84
CA ASN C 222 73.16 42.02 34.97
CA MET C 223 69.67 42.51 33.70
CA ALA C 224 68.35 39.79 35.91
CA ARG C 225 70.17 41.11 38.91
CA THR C 226 68.81 44.60 38.57
CA LEU C 227 65.26 43.47 37.98
CA ALA C 228 65.55 41.19 40.95
CA GLN C 229 66.61 44.02 43.20
CA GLN C 230 63.66 46.13 42.21
CA LEU C 231 61.44 43.15 42.90
CA ILE C 232 62.76 42.74 46.36
CA ASP C 233 62.82 46.39 47.25
CA PHE C 234 59.67 47.50 45.50
CA GLY C 235 57.83 44.37 46.41
CA GLU C 236 56.06 44.82 43.12
CA ILE C 237 56.69 45.05 39.42
CA LYS C 238 59.41 47.58 38.67
CA ARG C 239 59.02 47.46 34.86
CA GLY C 240 60.10 50.60 33.10
CA LEU C 241 60.30 52.02 29.64
CA LEU C 242 63.18 53.42 27.66
CA GLY C 243 61.10 56.25 26.35
CA ILE C 244 62.18 54.92 23.01
CA LYS C 245 59.46 53.73 20.69
CA GLY C 246 60.35 51.60 17.73
CA THR C 247 59.97 48.45 15.68
CA GLU C 248 62.17 45.54 14.89
CA MET C 249 64.74 45.80 12.19
CA SER C 250 63.43 44.19 9.06
CA ALA C 251 65.19 41.57 6.97
CA ASP C 252 65.13 43.96 4.07
CA ILE C 253 67.09 46.23 6.31
CA ALA C 254 69.76 43.62 6.73
CA LYS C 255 70.34 43.38 3.03
CA ALA C 256 69.81 47.04 2.29
CA PHE C 257 71.93 48.73 4.87
CA ASN C 258 75.11 46.92 4.16
CA LEU C 259 75.74 48.58 7.48
CA ASP C 260 77.92 46.95 10.06
CA VAL C 261 74.84 45.39 11.42
CA GLN C 262 71.63 46.18 9.72
CA ARG C 263 69.64 44.52 12.45
CA GLY C 264 68.64 46.31 15.60
CA ALA C 265 65.75 48.21 17.02
CA PHE C 266 64.51 50.89 14.72
CA VAL C 267 63.85 53.97 16.76
CA SER C 268 60.80 55.94 16.59
CA GLU C 269 60.50 58.73 18.32
CA VAL C 270 62.16 59.42 21.43
CA LEU C 271 59.94 60.71 24.12
CA PRO C 272 61.38 63.89 25.41
CA GLY C 273 62.33 63.15 29.01
CA SER C 274 63.98 59.98 27.84
CA GLY C 275 67.62 59.13 27.87
CA SER C 276 67.47 59.01 24.10
CA ALA C 277 66.00 62.47 24.08
CA LYS C 278 68.72 63.82 26.32
CA ALA C 279 71.34 61.90 24.41
CA GLY C 280 70.26 63.48 21.19
CA VAL C 281 69.49 60.07 19.86
CA LYS C 282 67.01 60.68 17.12
CA ALA C 283 64.35 58.78 15.38
CA GLY C 284 65.60 56.77 12.47
CA ASP C 285 68.44 55.51 14.55
CA ILE C 286 69.00 51.79 14.61
CA ILE C 287 70.13 50.50 17.95
CA THR C 288 72.64 47.76 17.25
CA SER C 289 73.69 47.11 20.80
CA LEU C 290 72.82 47.66 24.42
CA ASN C 291 75.49 47.25 27.07
CA GLY C 292 77.76 46.00 24.34
CA LYS C 293 75.65 42.92 23.90
CA PRO C 294 74.10 43.65 20.59
CA LEU C 295 70.41 44.33 20.68
CA ASN C 296 69.07 42.36 17.79
CA SER C 297 65.60 43.60 18.28
CA PHE C 298 63.62 46.47 19.70
CA ALA C 299 62.22 43.86 22.03
CA GLU C 300 65.71 43.22 23.39
CA LEU C 301 66.29 46.85 23.93
CA ARG C 302 63.01 47.27 25.70
CA SER C 303 63.71 44.40 28.05
CA ARG C 304 67.21 45.47 28.82
CA ILE C 305 66.36 49.02 29.78
CA ALA C 306 63.16 48.12 31.54
CA THR C 307 64.87 45.50 33.59
CA THR C 308 67.15 47.86 35.42
CA GLU C 309 66.17 50.81 37.57
CA PRO C 310 66.21 54.25 36.14
CA GLY C 311 69.36 55.84 37.52
CA THR C 312 71.50 53.35 35.68
CA LYS C 313 73.56 54.02 32.63
CA VAL C 314 73.62 51.87 29.56
CA LYS C 315 75.59 52.24 26.38
CA LEU C 316 73.67 51.95 23.22
CA GLY C 317 75.38 50.90 20.07
CA LEU C 318 73.61 53.25 17.72
CA LEU C 319 73.71 53.52 13.95
CA ARG C 320 72.82 56.71 12.20
CA ASN C 321 73.25 57.38 8.54
CA GLY C 322 75.25 54.34 8.32
CA LYS C 323 77.58 55.89 10.83
CA PRO C 324 78.33 54.27 14.09
CA LEU C 325 77.52 56.04 17.33
CA GLU C 326 77.83 55.14 20.96
CA VAL C 327 75.56 56.91 23.35
CA GLU C 328 75.21 56.72 27.08
CA VAL C 329 71.70 56.75 28.31
CA THR C 330 70.32 56.96 31.79
CA LEU C 331 67.41 54.61 31.59
CA ASP C 332 64.16 56.35 32.27
CA THR C 333 61.17 54.42 33.41
CA SER C 334 57.62 54.64 32.24
CA THR C 335 54.96 53.31 34.48
CA SER C 336 51.39 53.05 33.43
CA SER C 337 48.26 52.11 35.24
CA SER C 338 44.79 51.39 34.04
CA ALA C 339 42.14 53.58 35.51
CA SER C 340 38.90 52.21 36.82
CA ALA C 341 36.12 53.69 38.84
CA GLU C 342 36.95 51.06 41.40
CA MET C 343 40.52 52.17 41.71
CA ILE C 344 39.63 55.71 42.78
CA THR C 345 36.42 54.77 44.60
CA PRO C 346 37.31 51.31 45.93
CA ALA C 347 34.67 50.19 48.34
CA LEU C 348 31.07 50.75 47.72
CA GLU C 349 31.30 53.45 45.11
CA GLY C 350 31.01 56.93 46.48
CA ALA C 351 33.54 59.45 47.71
CA THR C 352 36.83 59.58 45.91
CA LEU C 353 39.66 57.79 47.61
CA SER C 354 43.35 58.41 47.97
CA ASP C 355 45.92 55.89 49.06
CA GLY C 356 49.54 55.59 50.05
CA GLN C 357 52.34 57.86 51.03
CA LEU C 358 52.81 56.86 47.46
CA LYS C 359 56.35 56.25 48.44
CA ASP C 360 55.38 53.75 51.08
CA GLY C 361 52.31 51.63 51.11
CA GLY C 362 49.58 53.71 52.63
CA LYS C 363 47.99 52.72 55.87
CA GLY C 364 44.75 52.26 54.03
CA ILE C 365 42.42 54.11 51.75
CA LYS C 366 41.41 57.57 52.77
CA ILE C 367 38.14 58.77 51.42
CA ASP C 368 38.60 62.21 50.02
CA GLU C 369 35.08 63.46 50.08
CA VAL C 370 31.64 62.10 49.75
CA VAL C 371 30.05 63.07 46.47
CA LYS C 372 27.69 61.11 48.60
CA GLY C 373 25.48 60.28 45.62
CA SER C 374 26.48 56.60 45.28
CA PRO C 375 25.59 53.77 47.50
CA ALA C 376 28.73 53.68 49.60
CA ALA C 377 27.18 56.64 51.34
CA GLN C 378 23.99 54.71 51.61
CA ALA C 379 25.80 52.12 53.65
CA GLY C 380 27.32 53.89 56.11
CA LEU C 381 30.23 55.53 54.54
CA GLN C 382 31.05 59.19 54.97
CA LYS C 383 34.14 61.27 54.30
CA ASP C 384 37.28 61.23 56.38
CA ASP C 385 37.04 57.56 57.04
CA VAL C 386 40.19 55.56 56.58
CA ILE C 387 39.76 52.08 55.36
CA ILE C 388 42.27 50.33 57.46
CA GLY C 389 41.48 46.96 56.04
CA VAL C 390 38.96 44.56 54.66
CA ASN C 391 38.64 41.06 55.95
CA ARG C 392 41.03 42.39 58.54
CA ASP C 393 43.49 43.17 55.81
CA ARG C 394 44.92 46.61 56.07
CA VAL C 395 45.56 47.99 52.64
CA ASN C 396 48.77 49.72 51.86
CA SER C 397 48.49 51.29 48.41
CA ILE C 398 46.88 51.63 44.90
CA ALA C 399 48.74 49.07 42.81
CA GLU C 400 48.05 47.23 45.97
CA MET C 401 44.49 48.36 45.57
CA ARG C 402 44.52 46.26 42.47
CA LYS C 403 46.10 43.45 44.44
CA VAL C 404 43.36 43.46 47.03
CA LEU C 405 40.92 43.56 44.18
CA ALA C 406 42.24 40.32 42.83
CA ALA C 407 40.77 38.20 45.65
CA LYS C 408 37.04 39.02 45.23
CA PRO C 409 35.39 37.70 48.37
CA ALA C 410 31.69 36.93 48.53
CA ILE C 411 31.17 39.67 51.07
CA ILE C 412 33.34 42.64 51.71
CA ALA C 413 33.60 43.91 55.21
CA LEU C 414 35.33 47.22 55.42
CA GLN C 415 37.09 48.08 58.60
CA ILE C 416 37.40 51.80 58.68
CA VAL C 417 37.98 54.19 61.48
CA ARG C 418 35.97 57.28 61.77
CA GLY C 419 36.69 59.62 64.57
CA ASN C 420 37.87 57.73 67.54
CA GLU C 421 35.87 54.90 66.29
CA SER C 422 36.05 51.48 64.69
CA ILE C 423 33.30 50.68 62.30
CA TYR C 424 32.50 47.98 59.82
CA LEU C 425 30.81 48.77 56.55
CA LEU C 426 29.47 45.81 54.73
CA MET C 427 28.88 45.29 51.08
CA PRO D 11 -55.09 85.35 4.99
CA LEU D 12 -51.72 84.54 3.80
CA PRO D 13 -50.86 83.19 0.52
CA SER D 14 -49.15 79.88 0.60
CA LEU D 15 -45.39 80.06 1.02
CA ALA D 16 -45.02 81.68 -2.38
CA PRO D 17 -44.89 85.23 -1.29
CA MET D 18 -42.29 83.95 1.04
CA LEU D 19 -40.41 82.27 -1.70
CA GLU D 20 -40.34 85.09 -4.14
CA LYS D 21 -38.26 87.45 -2.03
CA VAL D 22 -35.89 84.73 -0.80
CA LEU D 23 -35.72 82.59 -3.87
CA PRO D 24 -33.27 84.47 -6.08
CA ALA D 25 -30.90 83.25 -3.52
CA VAL D 26 -31.38 79.96 -5.63
CA VAL D 27 -30.42 78.44 -9.06
CA SER D 28 -29.80 74.89 -10.19
CA VAL D 29 -26.29 73.54 -9.99
CA ARG D 30 -25.51 70.77 -12.36
CA VAL D 31 -22.31 68.88 -12.16
CA GLU D 32 -21.00 66.03 -14.15
CA GLY D 33 -19.61 63.44 -11.82
CA THR D 34 -20.54 59.92 -10.93
CA ALA D 35 -24.27 60.38 -10.37
CA GLY D 63 -25.88 63.25 -8.55
CA LEU D 64 -27.40 66.78 -8.58
CA GLY D 65 -27.47 70.00 -6.40
CA SER D 66 -28.34 73.78 -6.18
CA GLY D 67 -26.75 77.26 -5.68
CA VAL D 68 -27.25 81.04 -5.27
CA ILE D 69 -26.47 83.90 -7.58
CA ILE D 70 -24.57 86.26 -5.37
CA ASN D 71 -23.49 88.67 -8.05
CA ALA D 72 -25.24 89.03 -11.35
CA SER D 73 -22.52 91.00 -13.07
CA LYS D 74 -19.73 88.74 -11.95
CA GLY D 75 -21.83 85.66 -12.25
CA TYR D 76 -20.73 84.38 -8.89
CA VAL D 77 -22.79 81.52 -7.53
CA LEU D 78 -22.50 80.34 -3.98
CA THR D 79 -22.98 76.72 -3.25
CA ASN D 80 -21.87 73.97 -0.89
CA ASN D 81 -18.40 72.52 -1.18
CA HIS D 82 -19.80 69.04 -0.99
CA VAL D 83 -21.83 69.88 -4.03
CA ILE D 84 -18.72 70.86 -6.00
CA ASN D 85 -16.19 68.36 -4.74
CA GLN D 86 -16.79 65.48 -7.16
CA ALA D 87 -17.68 67.72 -10.07
CA GLN D 88 -15.88 66.88 -13.26
CA LYS D 89 -17.67 69.76 -14.92
CA ILE D 90 -20.22 72.25 -13.73
CA SER D 91 -23.21 73.91 -15.32
CA ILE D 92 -25.80 76.26 -13.91
CA GLN D 93 -29.41 76.36 -14.95
CA LEU D 94 -31.76 79.24 -14.33
CA ASN D 95 -35.43 78.92 -13.55
CA ASP D 96 -36.09 80.36 -16.96
CA GLY D 97 -34.31 77.40 -18.45
CA ARG D 98 -31.23 79.20 -19.64
CA GLU D 99 -28.03 77.48 -18.69
CA PHE D 100 -24.37 78.37 -18.51
CA ASP D 101 -21.07 76.72 -17.73
CA ALA D 102 -19.30 77.42 -14.49
CA LYS D 103 -15.84 77.09 -13.03
CA LEU D 104 -14.86 76.65 -9.42
CA ILE D 105 -13.26 79.82 -8.08
CA GLY D 106 -12.44 78.34 -4.73
CA SER D 107 -13.95 76.68 -1.74
CA ASP D 108 -13.49 76.02 1.95
CA ASP D 109 -13.95 72.40 2.84
CA GLN D 110 -14.85 73.03 6.45
CA SER D 111 -17.34 75.80 5.82
CA ASP D 112 -18.86 73.73 3.05
CA ILE D 113 -18.87 76.91 1.06
CA ALA D 114 -17.74 76.98 -2.54
CA LEU D 115 -17.87 79.79 -5.03
CA LEU D 116 -18.49 79.25 -8.70
CA GLN D 117 -18.40 81.68 -11.53
CA ILE D 118 -20.56 81.50 -14.57
CA GLN D 119 -18.94 82.02 -17.90
CA ASN D 120 -20.63 84.75 -19.84
CA PRO D 121 -22.47 85.59 -16.71
CA SER D 122 -25.91 87.02 -17.22
CA LYS D 123 -28.08 89.18 -15.09
CA LEU D 124 -31.06 87.40 -13.64
CA THR D 125 -33.12 88.82 -10.86
CA GLN D 126 -31.45 88.30 -7.52
CA ILE D 127 -33.28 88.81 -4.37
CA ALA D 128 -32.57 90.30 -0.95
CA ILE D 129 -32.74 87.13 1.09
CA ALA D 130 -33.78 87.52 4.67
CA ASP D 131 -31.40 87.22 7.26
CA SER D 132 -32.01 83.90 8.85
CA ASP D 133 -32.88 86.10 11.75
CA LYS D 134 -36.01 87.07 9.87
CA LEU D 135 -37.33 83.51 9.90
CA ARG D 136 -39.25 82.51 13.01
CA VAL D 137 -37.97 79.60 15.05
CA GLY D 138 -40.86 77.08 14.66
CA ASP D 139 -42.06 79.26 11.80
CA PHE D 140 -43.36 77.58 8.69
CA ALA D 141 -40.67 77.21 6.14
CA VAL D 142 -40.44 76.20 2.55
CA ALA D 143 -37.42 74.78 0.89
CA VAL D 144 -36.73 75.30 -2.76
CA GLY D 145 -33.94 73.82 -4.76
CA ASN D 146 -32.85 70.94 -6.91
CA PRO D 147 -32.66 68.26 -7.91
CA PHE D 148 -35.59 67.85 -10.21
CA GLY D 149 -34.30 71.03 -11.28
CA LEU D 150 -36.06 71.55 -14.55
CA GLY D 151 -38.11 73.79 -12.39
CA GLN D 152 -37.25 74.14 -8.77
CA THR D 153 -38.92 71.78 -6.42
CA ALA D 154 -40.52 73.17 -3.33
CA THR D 155 -41.14 71.35 -0.11
CA SER D 156 -42.77 72.53 3.05
CA GLY D 157 -42.15 72.07 6.72
CA ILE D 158 -41.66 73.97 9.92
CA VAL D 159 -38.54 75.05 11.56
CA SER D 160 -37.61 72.37 14.00
CA ALA D 161 -35.03 74.22 15.96
CA LEU D 162 -32.11 76.57 16.03
CA GLY D 163 -29.05 76.09 18.13
CA ARG D 164 -29.81 72.43 18.15
CA SER D 165 -27.14 70.89 20.31
CA GLY D 166 -26.21 67.29 20.98
CA LEU D 167 -26.60 65.67 17.60
CA ASN D 168 -23.18 66.79 16.60
CA LEU D 169 -23.97 65.64 13.12
CA GLU D 170 -21.49 68.28 12.15
CA GLY D 171 -18.91 69.51 12.21
CA LEU D 172 -20.21 72.73 10.81
CA GLU D 173 -22.46 74.82 12.92
CA ASN D 174 -24.56 77.06 10.81
CA PHE D 175 -28.00 76.33 11.76
CA ILE D 176 -31.67 76.33 11.25
CA GLN D 177 -33.15 72.87 11.53
CA THR D 178 -36.10 72.09 9.36
CA ASP D 179 -38.57 69.27 8.73
CA ALA D 180 -39.05 70.44 5.14
CA SER D 181 -38.00 67.71 2.83
CA ILE D 182 -34.49 67.92 1.60
CA ASN D 183 -33.33 66.27 -1.55
CA ARG D 184 -29.73 65.21 -1.66
CA GLY D 185 -28.70 68.16 -3.82
CA ASN D 186 -31.23 70.27 -1.97
CA ALA D 187 -28.49 72.21 -0.24
CA GLY D 188 -27.52 75.40 -2.02
CA GLY D 189 -31.20 76.18 -2.29
CA ALA D 190 -33.29 78.55 -0.25
CA LEU D 191 -35.37 78.17 2.87
CA LEU D 192 -38.18 80.62 2.77
CA ASN D 193 -40.34 81.96 5.59
CA LEU D 194 -43.32 84.19 6.16
CA ASN D 195 -41.18 87.25 5.71
CA GLY D 196 -40.48 85.85 2.33
CA GLU D 197 -36.95 86.57 2.63
CA LEU D 198 -34.50 83.74 2.63
CA ILE D 199 -34.57 82.21 6.06
CA GLY D 200 -31.48 80.39 5.21
CA ILE D 201 -29.54 78.42 2.69
CA ASN D 202 -30.04 74.73 2.99
CA THR D 203 -26.58 73.32 3.67
CA ALA D 204 -26.94 69.74 4.80
CA ILE D 205 -28.98 66.91 6.17
CA LEU D 206 -28.51 64.08 8.61
CA ALA D 207 -27.72 60.64 7.35
CA PRO D 208 -30.85 59.26 5.96
CA GLY D 209 -30.62 56.13 7.98
CA GLY D 210 -31.77 54.46 4.82
CA GLY D 211 -34.85 56.62 4.81
CA SER D 212 -35.85 60.20 4.48
CA VAL D 213 -34.30 61.78 7.50
CA GLY D 214 -36.93 64.45 7.60
CA ILE D 215 -34.28 66.60 9.13
CA GLY D 216 -32.15 69.25 7.52
CA PHE D 217 -29.93 72.15 8.36
CA ALA D 218 -29.70 75.57 6.80
CA ILE D 219 -26.93 78.14 7.03
CA PRO D 220 -27.30 81.82 7.48
CA SER D 221 -26.26 84.46 4.93
CA ASN D 222 -24.17 86.96 6.84
CA MET D 223 -21.36 84.56 7.46
CA ALA D 224 -21.59 83.23 3.98
CA ARG D 225 -21.54 86.62 2.38
CA THR D 226 -18.55 87.79 4.34
CA LEU D 227 -16.52 84.69 3.52
CA ALA D 228 -17.55 84.98 -0.06
CA GLN D 229 -16.29 88.50 -0.34
CA GLN D 230 -12.93 87.61 1.07
CA LEU D 231 -12.73 84.73 -1.34
CA ILE D 232 -13.41 86.98 -4.28
CA ASP D 233 -11.15 89.80 -3.24
CA PHE D 234 -8.33 87.84 -1.69
CA GLY D 235 -8.56 85.24 -4.38
CA GLU D 236 -7.48 82.84 -1.71
CA ILE D 237 -8.59 81.38 1.59
CA LYS D 238 -9.40 84.17 4.04
CA ARG D 239 -9.96 81.93 7.10
CA GLY D 240 -9.25 83.56 10.42
CA LEU D 241 -9.28 82.73 14.06
CA LEU D 242 -11.06 84.25 17.00
CA GLY D 243 -8.00 84.02 19.13
CA ILE D 244 -10.28 82.15 21.46
CA LYS D 245 -9.51 78.57 22.07
CA GLY D 246 -11.89 76.22 23.72
CA THR D 247 -13.84 72.99 23.76
CA GLU D 248 -17.44 72.10 23.28
CA MET D 249 -19.80 72.40 26.14
CA SER D 250 -20.35 68.97 27.59
CA ALA D 251 -23.67 67.36 28.36
CA ASP D 252 -22.65 67.23 31.99
CA ILE D 253 -22.48 70.95 31.70
CA ALA D 254 -26.04 71.13 30.53
CA LYS D 255 -27.30 69.44 33.61
CA ALA D 256 -24.90 71.03 36.03
CA PHE D 257 -25.10 74.66 35.12
CA ASN D 258 -28.77 75.04 35.30
CA LEU D 259 -27.68 78.22 33.69
CA ASP D 260 -29.85 79.85 31.13
CA VAL D 261 -28.03 77.89 28.53
CA GLN D 262 -25.47 75.42 29.68
CA ARG D 263 -24.39 74.70 26.14
CA GLY D 264 -21.88 76.82 24.34
CA ALA D 265 -18.21 77.02 23.59
CA PHE D 266 -16.03 76.57 26.63
CA VAL D 267 -13.40 79.23 26.47
CA SER D 268 -9.82 78.48 26.94
CA GLU D 269 -7.57 80.89 26.98
CA VAL D 270 -7.93 83.97 25.13
CA LEU D 271 -4.91 84.81 23.13
CA PRO D 272 -3.89 88.29 23.85
CA GLY D 273 -4.68 91.02 21.39
CA SER D 274 -7.66 88.89 20.57
CA GLY D 275 -11.10 90.42 20.65
CA SER D 276 -11.78 88.34 23.70
CA ALA D 277 -8.60 89.53 25.31
CA LYS D 278 -9.43 93.16 24.71
CA ALA D 279 -13.01 92.53 25.71
CA GLY D 280 -11.87 91.17 29.01
CA VAL D 281 -13.54 87.93 28.13
CA LYS D 282 -11.85 85.40 30.30
CA ALA D 283 -11.16 81.75 30.18
CA GLY D 284 -13.90 79.77 31.78
CA ASP D 285 -16.45 81.74 29.94
CA ILE D 286 -19.15 79.86 28.10
CA ILE D 287 -20.09 81.49 24.87
CA THR D 288 -23.81 80.95 24.48
CA SER D 289 -24.32 83.04 21.41
CA LEU D 290 -22.64 84.75 18.50
CA ASN D 291 -24.46 87.48 16.61
CA GLY D 292 -27.50 86.64 18.66
CA LYS D 293 -27.76 83.28 17.01
CA PRO D 294 -26.75 81.08 19.84
CA LEU D 295 -23.46 79.33 19.40
CA ASN D 296 -24.15 75.84 20.53
CA SER D 297 -20.60 74.78 20.11
CA PHE D 298 -17.09 76.08 20.05
CA ALA D 299 -17.05 74.85 16.50
CA GLU D 300 -19.85 77.19 15.57
CA LEU D 301 -18.16 80.10 17.24
CA ARG D 302 -14.97 79.34 15.39
CA SER D 303 -16.71 79.23 12.06
CA ARG D 304 -18.70 82.36 12.62
CA ILE D 305 -15.75 84.55 13.53
CA ALA D 306 -13.45 83.01 10.96
CA THR D 307 -15.98 83.52 8.23
CA THR D 308 -15.96 87.26 8.35
CA GLU D 309 -12.95 89.44 7.86
CA PRO D 310 -11.43 91.05 10.86
CA GLY D 311 -12.40 94.54 11.90
CA THR D 312 -15.96 93.33 11.90
CA LYS D 313 -17.85 93.34 15.12
CA VAL D 314 -19.77 90.47 16.60
CA LYS D 315 -21.71 90.23 19.80
CA LEU D 316 -20.97 87.26 21.92
CA GLY D 317 -23.54 85.98 24.31
CA LEU D 318 -21.21 85.16 27.15
CA LEU D 319 -21.88 83.36 30.41
CA ARG D 320 -19.67 83.88 33.40
CA ASN D 321 -20.31 82.60 36.87
CA GLY D 322 -23.72 81.83 35.86
CA LYS D 323 -24.19 85.44 35.01
CA PRO D 324 -25.00 86.65 31.60
CA LEU D 325 -22.68 88.97 29.71
CA GLU D 326 -22.79 90.52 26.30
CA VAL D 327 -19.49 91.44 24.77
CA GLU D 328 -18.64 93.10 21.52
CA VAL D 329 -15.60 91.72 19.83
CA THR D 330 -13.77 92.83 16.76
CA LEU D 331 -12.87 89.62 15.12
CA ASP D 332 -9.20 89.11 14.79
CA THR D 333 -7.81 86.70 12.31
CA SER D 334 -5.15 84.11 12.74
CA THR D 335 -3.30 83.05 9.66
CA SER D 336 -0.92 80.18 9.69
CA SER D 337 1.59 79.20 7.10
CA SER D 338 3.63 76.08 6.89
CA ALA D 339 7.29 76.64 6.42
CA SER D 340 9.22 74.50 4.04
CA ALA D 341 12.63 74.71 2.51
CA GLU D 342 10.84 74.82 -0.79
CA MET D 343 8.83 77.85 0.14
CA ILE D 344 11.86 80.04 0.78
CA THR D 345 14.09 78.35 -1.84
CA PRO D 346 11.53 77.41 -4.49
CA ALA D 347 13.31 76.30 -7.59
CA LEU D 348 16.24 74.08 -7.48
CA GLU D 349 17.26 74.64 -3.91
CA GLY D 350 19.89 77.26 -3.39
CA ALA D 351 19.72 80.97 -2.73
CA THR D 352 16.92 82.21 -0.54
CA LEU D 353 14.01 83.75 -2.32
CA SER D 354 11.52 86.50 -1.61
CA ASP D 355 8.25 87.09 -3.35
CA GLY D 356 5.38 89.50 -3.62
CA GLN D 357 4.63 93.14 -3.12
CA LEU D 358 3.05 91.19 -0.35
CA LYS D 359 -0.10 93.11 -0.82
CA ASP D 360 -0.23 92.27 -4.47
CA GLY D 361 1.01 89.14 -6.06
CA GLY D 362 4.67 89.61 -6.80
CA LYS D 363 5.95 89.64 -10.32
CA GLY D 364 7.86 86.49 -9.58
CA ILE D 365 10.38 85.11 -7.15
CA LYS D 366 13.42 87.16 -6.39
CA ILE D 367 16.57 85.28 -5.46
CA ASP D 368 17.98 87.01 -2.46
CA GLU D 369 21.41 85.55 -2.47
CA VAL D 370 23.16 82.43 -3.50
CA VAL D 371 24.38 80.48 -0.54
CA LYS D 372 25.49 78.83 -3.72
CA GLY D 373 25.96 75.49 -1.95
CA SER D 374 22.89 73.70 -3.36
CA PRO D 375 22.28 72.47 -6.79
CA ALA D 376 20.24 75.39 -8.06
CA ALA D 377 23.60 77.08 -8.32
CA GLN D 378 24.91 74.08 -10.13
CA ALA D 379 22.33 74.60 -12.82
CA GLY D 380 22.68 77.86 -13.74
CA LEU D 381 21.16 79.83 -11.00
CA GLN D 382 22.84 82.83 -9.47
CA LYS D 383 21.53 85.64 -7.32
CA ASP D 384 19.53 88.66 -8.49
CA ASP D 385 17.53 86.47 -10.84
CA VAL D 386 13.87 87.04 -10.97
CA ILE D 387 11.88 83.98 -11.70
CA ILE D 388 9.26 85.45 -13.89
CA GLY D 389 7.58 82.18 -14.47
CA VAL D 390 7.81 78.48 -14.98
CA ASN D 391 6.16 76.76 -17.89
CA ARG D 392 5.63 80.33 -18.96
CA ASP D 393 3.69 80.90 -15.79
CA ARG D 394 4.67 84.08 -14.05
CA VAL D 395 4.41 83.61 -10.34
CA ASN D 396 2.79 86.23 -8.21
CA SER D 397 3.29 85.39 -4.54
CA ILE D 398 4.18 82.88 -1.72
CA ALA D 399 0.81 81.40 -0.80
CA GLU D 400 0.78 81.36 -4.53
CA MET D 401 4.17 79.74 -4.31
CA ARG D 402 2.34 76.93 -2.62
CA LYS D 403 -0.23 77.08 -5.39
CA VAL D 404 2.27 76.70 -8.21
CA LEU D 405 3.75 73.93 -6.13
CA ALA D 406 0.51 72.04 -6.31
CA ALA D 407 0.85 71.21 -10.03
CA LYS D 408 4.17 69.28 -9.96
CA PRO D 409 5.13 68.99 -13.62
CA ALA D 410 7.49 66.36 -14.99
CA ILE D 411 9.98 69.01 -15.99
CA ILE D 412 10.45 72.40 -14.46
CA ALA D 413 11.65 75.08 -16.77
CA LEU D 414 12.33 78.28 -15.00
CA GLN D 415 12.13 81.46 -16.93
CA ILE D 416 14.11 84.04 -15.10
CA VAL D 417 15.63 87.26 -16.19
CA ARG D 418 19.18 87.99 -15.36
CA GLY D 419 20.48 91.36 -16.30
CA ASN D 420 19.19 92.23 -19.70
CA GLU D 421 18.83 88.56 -20.27
CA SER D 422 16.15 85.89 -20.64
CA ILE D 423 17.39 82.60 -19.45
CA TYR D 424 15.85 79.25 -18.83
CA LEU D 425 17.01 77.00 -16.07
CA LEU D 426 15.88 73.44 -16.18
CA MET D 427 15.40 70.98 -13.40
CA PRO E 11 -37.76 -69.53 63.50
CA LEU E 12 -36.14 -66.38 64.53
CA PRO E 13 -37.29 -62.96 64.52
CA SER E 14 -35.96 -60.74 61.81
CA LEU E 15 -32.68 -59.01 62.67
CA ALA E 16 -34.27 -57.20 65.54
CA PRO E 17 -33.26 -59.47 68.32
CA MET E 18 -29.90 -59.20 66.74
CA LEU E 19 -30.04 -55.47 66.62
CA GLU E 20 -31.20 -54.90 70.14
CA LYS E 21 -28.17 -56.32 71.89
CA VAL E 22 -25.66 -54.69 69.45
CA LEU E 23 -27.45 -51.48 68.68
CA PRO E 24 -26.62 -49.27 71.64
CA ALA E 25 -23.24 -49.40 70.09
CA VAL E 26 -25.05 -46.74 67.85
CA VAL E 27 -26.34 -43.08 68.03
CA SER E 28 -26.72 -40.39 65.39
CA VAL E 29 -23.85 -38.04 64.81
CA ARG E 30 -24.73 -34.71 63.38
CA VAL E 31 -22.09 -32.39 62.17
CA GLU E 32 -22.28 -28.91 60.84
CA GLY E 33 -20.07 -28.70 57.82
CA THR E 34 -20.57 -28.28 54.15
CA ALA E 35 -23.20 -30.95 53.56
CA GLY E 63 -23.33 -34.38 55.09
CA LEU E 64 -24.39 -36.73 57.95
CA GLY E 65 -22.99 -39.74 59.98
CA SER E 66 -23.33 -42.04 63.09
CA GLY E 67 -21.50 -43.01 66.36
CA VAL E 68 -21.38 -45.22 69.52
CA ILE E 69 -21.94 -44.40 73.17
CA ILE E 70 -18.90 -45.94 74.78
CA ASN E 71 -19.44 -44.53 78.22
CA ALA E 72 -22.71 -43.19 79.52
CA SER E 73 -21.32 -41.33 82.48
CA LYS E 74 -18.52 -39.72 80.56
CA GLY E 75 -20.63 -39.28 77.49
CA TYR E 76 -17.90 -40.59 75.24
CA VAL E 77 -18.99 -41.42 71.74
CA LEU E 78 -16.85 -43.26 69.25
CA THR E 79 -17.08 -42.42 65.62
CA ASN E 80 -14.98 -42.48 62.47
CA ASN E 81 -12.44 -39.73 61.98
CA HIS E 82 -13.70 -39.12 58.50
CA VAL E 83 -17.04 -38.36 60.03
CA ILE E 84 -15.56 -35.72 62.36
CA ASN E 85 -12.94 -34.19 60.08
CA GLN E 86 -15.01 -31.51 58.32
CA ALA E 87 -17.15 -30.84 61.38
CA GLN E 88 -17.56 -27.19 62.21
CA LYS E 89 -19.90 -28.20 65.02
CA ILE E 90 -21.00 -31.52 66.41
CA SER E 91 -24.26 -32.71 67.90
CA ILE E 92 -25.47 -36.15 68.90
CA GLN E 93 -29.00 -37.41 68.64
CA LEU E 94 -30.37 -40.36 70.54
CA ASN E 95 -32.94 -42.73 69.16
CA ASP E 96 -35.35 -41.35 71.69
CA GLY E 97 -34.95 -38.00 70.01
CA ARG E 98 -32.95 -36.32 72.73
CA GLU E 99 -29.97 -34.42 71.42
CA PHE E 100 -26.78 -33.02 72.88
CA ASP E 101 -23.77 -31.04 71.76
CA ALA E 102 -20.41 -32.72 71.46
CA LYS E 103 -16.77 -31.76 71.30
CA LEU E 104 -13.99 -33.69 69.68
CA ILE E 105 -11.65 -35.11 72.28
CA GLY E 106 -9.21 -36.45 69.75
CA SER E 107 -8.85 -38.71 66.79
CA ASP E 108 -6.42 -40.85 64.85
CA ASP E 109 -6.52 -40.17 61.16
CA GLN E 110 -5.13 -43.53 60.15
CA SER E 111 -7.34 -45.63 62.39
CA ASP E 112 -10.30 -43.56 61.32
CA ILE E 113 -11.25 -43.48 64.94
CA ALA E 114 -12.36 -40.32 66.66
CA LEU E 115 -13.69 -39.82 70.14
CA LEU E 116 -16.32 -37.27 70.98
CA GLN E 117 -17.66 -36.19 74.31
CA ILE E 118 -21.21 -35.11 74.88
CA GLN E 119 -21.68 -32.10 77.02
CA ASN E 120 -23.98 -32.74 79.93
CA PRO E 121 -23.70 -36.36 79.09
CA SER E 122 -26.73 -38.45 79.84
CA LYS E 123 -27.16 -42.10 80.51
CA LEU E 124 -28.86 -43.99 77.74
CA THR E 125 -28.90 -47.74 77.52
CA GLN E 126 -25.62 -49.11 76.34
CA ILE E 127 -25.06 -52.32 74.60
CA ALA E 128 -22.79 -55.30 75.08
CA ILE E 129 -21.71 -55.40 71.45
CA ALA E 130 -20.64 -58.73 70.19
CA ASP E 131 -17.22 -59.19 69.37
CA SER E 132 -17.04 -59.19 65.64
CA ASP E 133 -15.93 -62.72 66.34
CA LYS E 134 -19.51 -63.50 67.25
CA LEU E 135 -20.82 -62.68 63.82
CA ARG E 136 -20.57 -65.47 61.35
CA VAL E 137 -18.78 -64.96 58.08
CA GLY E 138 -21.45 -65.02 55.44
CA ASP E 139 -23.87 -64.74 58.33
CA PHE E 140 -26.85 -62.50 57.82
CA ALA E 141 -26.11 -59.04 58.99
CA VAL E 142 -28.08 -55.91 59.53
CA ALA E 143 -26.66 -52.45 59.48
CA VAL E 144 -28.12 -49.70 61.54
CA GLY E 145 -27.09 -46.10 61.49
CA ASN E 146 -27.62 -42.71 59.96
CA PRO E 147 -28.19 -40.71 58.01
CA PHE E 148 -31.90 -40.21 58.31
CA GLY E 149 -31.38 -40.23 61.07
CA LEU E 150 -34.49 -39.05 62.82
CA GLY E 151 -34.81 -42.71 63.58
CA GLN E 152 -32.08 -45.12 62.74
CA THR E 153 -32.24 -46.68 59.33
CA ALA E 154 -31.68 -50.37 59.06
CA THR E 155 -30.50 -52.27 56.03
CA SER E 156 -29.94 -55.95 55.57
CA GLY E 157 -27.35 -58.05 53.84
CA ILE E 158 -24.98 -60.93 54.41
CA VAL E 159 -21.38 -61.12 55.46
CA SER E 160 -19.50 -60.96 52.18
CA ALA E 161 -16.19 -61.92 53.65
CA LEU E 162 -13.56 -61.36 56.22
CA GLY E 163 -9.91 -60.93 55.58
CA ARG E 164 -10.58 -60.16 52.05
CA SER E 165 -7.37 -59.24 50.35
CA GLY E 166 -6.59 -57.75 47.01
CA LEU E 167 -8.87 -54.77 46.77
CA ASN E 168 -6.59 -52.76 48.95
CA LEU E 169 -9.27 -50.15 49.09
CA GLU E 170 -7.67 -49.26 52.37
CA GLY E 171 -5.42 -48.39 53.92
CA LEU E 172 -7.04 -49.49 57.13
CA GLU E 173 -7.53 -53.11 57.76
CA ASN E 174 -10.31 -53.64 60.16
CA PHE E 175 -12.62 -55.88 58.46
CA ILE E 176 -15.89 -57.52 57.94
CA GLN E 177 -17.24 -57.00 54.49
CA THR E 178 -20.96 -56.70 54.01
CA ASP E 179 -23.46 -56.34 51.21
CA ALA E 180 -25.86 -54.59 53.57
CA SER E 181 -26.56 -51.12 52.31
CA ILE E 182 -24.24 -48.47 53.57
CA ASN E 183 -25.31 -44.87 53.58
CA ARG E 184 -22.50 -42.37 53.35
CA GLY E 185 -22.66 -41.47 57.04
CA ASN E 186 -23.52 -45.09 57.72
CA ALA E 187 -20.20 -45.76 59.38
CA GLY E 188 -20.16 -45.27 63.11
CA GLY E 189 -23.27 -47.41 63.17
CA ALA E 190 -23.72 -51.02 64.14
CA LEU E 191 -23.59 -54.23 62.17
CA LEU E 192 -25.79 -56.73 63.87
CA ASN E 193 -25.82 -60.52 63.56
CA LEU E 194 -27.82 -63.49 64.73
CA ASN E 195 -26.07 -63.35 68.04
CA GLY E 196 -27.54 -59.94 68.32
CA GLU E 197 -24.43 -58.51 69.52
CA LEU E 198 -22.60 -55.96 67.46
CA ILE E 199 -20.83 -57.86 64.76
CA GLY E 200 -18.91 -54.77 64.03
CA ILE E 201 -18.93 -51.07 63.60
CA ASN E 202 -19.41 -49.97 60.05
CA THR E 203 -16.30 -48.00 59.16
CA ALA E 204 -16.24 -47.42 55.42
CA ILE E 205 -17.20 -48.50 51.93
CA LEU E 206 -15.63 -48.64 48.52
CA ALA E 207 -16.04 -45.75 46.18
CA PRO E 208 -19.45 -46.09 44.84
CA GLY E 209 -18.67 -46.47 41.11
CA GLY E 210 -21.28 -43.81 40.57
CA GLY E 211 -23.70 -46.21 42.01
CA SER E 212 -24.33 -47.96 45.24
CA VAL E 213 -21.22 -49.98 45.81
CA GLY E 214 -23.13 -52.62 47.66
CA ILE E 215 -19.92 -53.21 49.51
CA GLY E 216 -19.01 -52.02 52.97
CA PHE E 217 -16.44 -52.68 55.66
CA ALA E 218 -16.90 -52.88 59.39
CA ILE E 219 -14.29 -52.71 62.13
CA PRO E 220 -14.11 -54.79 65.23
CA SER E 221 -14.51 -53.48 68.78
CA ASN E 222 -11.58 -54.83 70.75
CA MET E 223 -9.12 -52.78 68.82
CA ALA E 224 -11.36 -49.77 69.00
CA ARG E 225 -11.94 -50.12 72.69
CA THR E 226 -8.26 -50.31 73.47
CA LEU E 227 -7.33 -47.28 71.47
CA ALA E 228 -10.23 -45.44 72.91
CA GLN E 229 -9.10 -46.09 76.43
CA GLN E 230 -5.61 -44.89 75.73
CA LEU E 231 -7.08 -41.81 74.16
CA ILE E 232 -9.08 -40.96 77.22
CA ASP E 233 -6.36 -41.80 79.68
CA PHE E 234 -3.40 -40.45 77.80
CA GLY E 235 -5.32 -37.53 76.47
CA GLU E 236 -3.19 -37.87 73.40
CA ILE E 237 -2.27 -40.30 70.67
CA LYS E 238 -1.27 -43.65 72.12
CA ARG E 239 -0.12 -45.15 68.78
CA GLY E 240 2.44 -47.90 69.15
CA LEU E 241 4.52 -50.17 67.01
CA LEU E 242 4.75 -53.93 66.85
CA GLY E 243 8.46 -53.74 66.45
CA ILE E 244 7.78 -55.82 63.39
CA LYS E 245 8.73 -54.34 60.07
CA GLY E 246 7.41 -55.84 56.90
CA THR E 247 5.56 -55.55 53.63
CA GLU E 248 2.29 -56.71 52.13
CA MET E 249 2.00 -60.26 51.00
CA SER E 250 2.16 -60.19 47.24
CA ALA E 251 -0.27 -61.84 44.84
CA ASP E 252 2.56 -63.93 43.54
CA ILE E 253 2.83 -65.19 47.07
CA ALA E 254 -0.75 -66.32 47.02
CA LYS E 255 -0.21 -68.45 43.98
CA ALA E 256 3.27 -69.61 44.95
CA PHE E 257 2.91 -70.64 48.54
CA ASN E 258 0.05 -72.97 48.10
CA LEU E 259 0.19 -72.41 51.82
CA ASP E 260 -2.93 -72.41 53.85
CA VAL E 261 -3.07 -68.72 53.36
CA GLN E 262 -0.38 -67.20 51.28
CA ARG E 263 -1.52 -63.71 52.12
CA GLY E 264 -0.43 -61.93 55.27
CA ALA E 265 2.15 -59.49 56.43
CA PHE E 266 5.61 -60.49 55.36
CA VAL E 267 7.91 -59.92 58.28
CA SER E 268 11.08 -58.15 58.10
CA GLU E 269 13.08 -57.94 60.75
CA VAL E 270 11.94 -57.99 64.15
CA LEU E 271 13.35 -55.27 66.23
CA PRO E 272 14.82 -56.71 69.30
CA GLY E 273 12.92 -56.45 72.54
CA SER E 274 9.86 -56.64 70.37
CA GLY E 275 7.23 -59.21 71.08
CA SER E 276 8.31 -60.82 67.86
CA ALA E 277 11.91 -60.85 68.98
CA LYS E 278 11.05 -62.38 72.31
CA ALA E 279 8.70 -64.80 70.64
CA GLY E 280 11.43 -65.99 68.39
CA VAL E 281 9.36 -65.05 65.44
CA LYS E 282 11.79 -64.49 62.67
CA ALA E 283 12.06 -62.49 59.56
CA GLY E 284 10.52 -64.21 56.66
CA ASP E 285 7.52 -65.16 58.64
CA ILE E 286 4.17 -64.49 57.11
CA ILE E 287 1.63 -63.34 59.63
CA THR E 288 -1.66 -64.84 58.56
CA SER E 289 -3.70 -63.77 61.52
CA LEU E 290 -3.81 -61.57 64.54
CA ASN E 291 -6.20 -62.20 67.37
CA GLY E 292 -7.58 -65.00 65.25
CA LYS E 293 -8.97 -62.53 62.78
CA PRO E 294 -6.71 -63.11 59.89
CA LEU E 295 -4.36 -60.28 59.13
CA ASN E 296 -4.50 -59.99 55.43
CA SER E 297 -1.96 -57.27 55.32
CA PHE E 298 1.02 -55.93 57.18
CA ALA E 299 -1.05 -52.80 57.46
CA GLU E 300 -3.72 -54.64 59.38
CA LEU E 301 -1.18 -56.17 61.69
CA ARG E 302 0.32 -52.79 62.35
CA SER E 303 -3.04 -51.29 63.16
CA ARG E 304 -4.09 -54.09 65.42
CA ILE E 305 -1.00 -54.07 67.59
CA ALA E 306 -0.67 -50.31 67.65
CA THR E 307 -4.26 -49.93 68.63
CA THR E 308 -3.94 -51.62 71.97
CA GLU E 309 -1.65 -50.55 74.74
CA PRO E 310 1.43 -52.54 75.34
CA GLY E 311 1.48 -55.29 77.90
CA THR E 312 -1.52 -56.71 76.14
CA LYS E 313 -1.20 -60.07 74.53
CA VAL E 314 -2.24 -61.02 71.07
CA LYS E 315 -1.99 -64.25 69.16
CA LEU E 316 -0.30 -64.11 65.82
CA GLY E 317 -1.18 -66.69 63.26
CA LEU E 318 2.27 -67.17 61.85
CA LEU E 319 3.45 -69.15 58.86
CA ARG E 320 6.99 -70.25 58.57
CA ASN E 321 8.38 -72.70 56.09
CA GLY E 322 4.96 -73.41 55.05
CA LYS E 323 4.43 -74.56 58.59
CA PRO E 324 1.80 -73.07 60.75
CA LEU E 325 2.75 -71.44 64.02
CA GLU E 326 0.90 -69.61 66.71
CA VAL E 327 2.81 -67.13 68.76
CA GLU E 328 1.77 -65.06 71.71
CA VAL E 329 3.16 -61.58 71.64
CA THR E 330 3.03 -58.86 74.21
CA LEU E 331 2.57 -55.80 72.14
CA ASP E 332 5.35 -53.37 72.61
CA THR E 333 4.94 -49.81 71.59
CA SER E 334 7.21 -47.58 69.63
CA THR E 335 6.85 -43.88 69.98
CA SER E 336 8.65 -41.56 67.67
CA SER E 337 8.97 -37.84 67.82
CA SER E 338 10.48 -35.40 65.44
CA ALA E 339 13.23 -33.31 66.87
CA SER E 340 13.16 -29.62 66.35
CA ALA E 341 15.13 -26.72 67.68
CA GLU E 342 11.90 -25.31 68.96
CA MET E 343 10.99 -28.48 70.76
CA ILE E 344 14.02 -28.32 73.06
CA THR E 345 14.27 -24.51 73.08
CA PRO E 346 10.60 -23.52 72.89
CA ALA E 347 10.23 -19.85 73.54
CA LEU E 348 12.58 -17.37 72.11
CA GLU E 349 15.44 -19.66 71.29
CA GLY E 350 18.10 -19.85 73.93
CA ALA E 351 18.68 -22.13 76.87
CA THR E 352 17.67 -25.74 76.55
CA LEU E 353 14.36 -26.69 78.03
CA SER E 354 12.97 -29.74 79.75
CA ASP E 355 9.35 -30.47 80.33
CA GLY E 356 7.07 -32.86 82.11
CA GLN E 357 7.18 -35.23 84.99
CA LEU E 358 7.14 -37.16 81.77
CA LYS E 359 4.57 -39.35 83.31
CA ASP E 360 2.35 -36.43 84.06
CA GLY E 361 2.10 -33.30 82.07
CA GLY E 362 4.75 -31.00 83.39
CA LYS E 363 3.78 -27.83 85.11
CA GLY E 364 5.49 -25.94 82.36
CA ILE E 365 8.80 -25.72 80.56
CA LYS E 366 11.90 -25.61 82.67
CA ILE E 367 14.84 -23.74 81.19
CA ASP E 368 17.83 -25.94 81.80
CA GLU E 369 20.63 -23.55 81.15
CA VAL E 370 21.21 -20.46 79.17
CA VAL E 371 23.67 -21.02 76.37
CA LYS E 372 22.57 -17.45 76.53
CA GLY E 373 23.77 -16.77 72.98
CA SER E 374 20.32 -16.58 71.34
CA PRO E 375 17.79 -13.90 71.65
CA ALA E 376 15.60 -15.46 74.30
CA ALA E 377 18.31 -14.49 76.70
CA GLN E 378 18.28 -11.02 75.22
CA ALA E 379 14.64 -10.62 76.10
CA GLY E 380 14.63 -11.30 79.47
CA LEU E 381 15.11 -14.92 79.76
CA GLN E 382 17.60 -16.56 82.05
CA LYS E 383 17.97 -20.07 83.37
CA ASP E 384 15.87 -21.64 86.12
CA ASP E 385 12.77 -19.94 84.85
CA VAL E 386 9.70 -22.07 84.54
CA ILE E 387 7.37 -21.22 81.77
CA ILE E 388 4.11 -21.66 83.51
CA GLY E 389 2.11 -20.64 80.52
CA VAL E 390 1.73 -18.49 77.47
CA ASN E 391 -1.37 -16.44 76.85
CA ARG E 392 -2.16 -17.63 80.33
CA ASP E 393 -1.92 -21.19 79.15
CA ARG E 394 0.08 -23.36 81.49
CA VAL E 395 1.99 -25.91 79.47
CA ASN E 396 2.07 -29.46 80.63
CA SER E 397 4.45 -31.47 78.43
CA ILE E 398 6.52 -31.83 75.18
CA ALA E 399 4.12 -33.63 72.87
CA GLU E 400 2.01 -30.95 74.36
CA MET E 401 4.81 -28.60 73.47
CA ARG E 402 4.02 -29.48 69.90
CA LYS E 403 0.38 -28.99 70.80
CA VAL E 404 0.80 -25.45 72.01
CA LEU E 405 2.95 -24.87 68.96
CA ALA E 406 0.02 -25.63 66.73
CA ALA E 407 -1.80 -22.40 67.64
CA LYS E 408 0.78 -19.80 66.48
CA PRO E 409 -0.43 -16.55 68.02
CA ALA E 410 0.53 -13.13 66.69
CA ILE E 411 2.34 -12.29 69.90
CA ILE E 412 3.64 -14.67 72.46
CA ALA E 413 3.63 -13.59 76.03
CA LEU E 414 5.48 -16.00 78.21
CA GLN E 415 4.44 -16.19 81.81
CA ILE E 416 7.31 -17.64 83.69
CA VAL E 417 8.23 -17.47 87.30
CA ARG E 418 11.68 -16.74 88.33
CA GLY E 419 12.46 -16.80 91.99
CA ASN E 420 9.52 -15.56 93.92
CA GLU E 421 8.64 -13.58 90.89
CA SER E 422 6.03 -13.50 88.14
CA ILE E 423 7.46 -12.17 84.98
CA TYR E 424 6.28 -11.88 81.43
CA LEU E 425 8.61 -12.18 78.49
CA LEU E 426 7.33 -11.03 75.18
CA MET E 427 8.33 -12.13 71.76
CA PRO F 11 -1.00 -32.88 -96.90
CA LEU F 12 -0.30 -29.43 -95.79
CA PRO F 13 2.69 -28.04 -94.32
CA SER F 14 2.48 -27.36 -90.68
CA LEU F 15 1.04 -23.97 -89.77
CA ALA F 16 3.97 -22.20 -91.41
CA PRO F 17 2.39 -21.51 -94.71
CA MET F 18 -0.35 -20.11 -92.62
CA LEU F 19 2.02 -18.02 -90.63
CA GLU F 20 3.88 -16.51 -93.51
CA LYS F 21 0.92 -14.64 -95.01
CA VAL F 22 -0.37 -13.47 -91.64
CA LEU F 23 2.81 -12.97 -89.76
CA PRO F 24 3.97 -9.56 -90.98
CA ALA F 25 1.04 -8.45 -89.02
CA VAL F 26 3.62 -9.11 -86.11
CA VAL F 27 6.83 -7.58 -84.59
CA SER F 28 8.24 -7.55 -81.08
CA VAL F 29 7.35 -4.71 -78.80
CA ARG F 30 9.77 -3.99 -76.06
CA VAL F 31 8.83 -1.68 -73.30
CA GLU F 32 10.83 -0.47 -70.39
CA GLY F 33 8.65 -0.58 -67.34
CA THR F 34 8.50 -2.59 -64.18
CA ALA F 35 8.92 -6.06 -65.63
CA GLY F 63 7.20 -7.36 -68.71
CA LEU F 64 7.16 -7.87 -72.52
CA GLY F 65 4.67 -7.82 -75.52
CA SER F 66 4.18 -7.72 -79.37
CA GLY F 67 2.79 -5.52 -82.22
CA VAL F 68 2.02 -5.11 -85.96
CA ILE F 69 3.64 -3.04 -88.66
CA ILE F 70 0.67 -1.30 -90.18
CA ASN F 71 2.58 1.09 -92.36
CA ALA F 72 6.15 0.58 -93.42
CA SER F 73 6.79 4.09 -94.62
CA LYS F 74 5.25 5.74 -91.62
CA GLY F 75 6.53 3.12 -89.27
CA TYR F 76 3.19 2.77 -87.56
CA VAL F 77 2.90 -0.23 -85.29
CA LEU F 78 -0.38 -1.32 -83.84
CA THR F 79 -0.43 -2.89 -80.41
CA ASN F 80 -2.68 -3.31 -77.40
CA ASN F 81 -3.08 -0.39 -75.06
CA HIS F 82 -2.43 -2.62 -72.11
CA VAL F 83 0.93 -3.36 -73.65
CA ILE F 84 1.82 0.34 -73.89
CA ASN F 85 0.30 1.67 -70.67
CA GLN F 86 3.18 0.98 -68.26
CA ALA F 87 5.83 1.80 -70.84
CA GLN F 88 8.53 4.14 -69.67
CA LYS F 89 10.22 3.66 -73.02
CA ILE F 90 9.34 1.70 -76.12
CA SER F 91 11.46 -0.20 -78.59
CA ILE F 92 10.50 -2.48 -81.46
CA GLN F 93 12.48 -5.40 -82.71
CA LEU F 94 12.11 -7.09 -86.05
CA ASN F 95 12.40 -10.80 -86.70
CA ASP F 96 15.66 -10.04 -88.43
CA GLY F 97 17.00 -8.66 -85.18
CA ARG F 98 17.00 -5.02 -86.18
CA GLU F 99 15.55 -2.78 -83.52
CA PHE F 100 14.15 0.72 -83.41
CA ASP F 101 12.87 3.27 -80.92
CA ALA F 102 9.18 4.01 -80.80
CA LYS F 103 6.89 6.68 -79.42
CA LEU F 104 3.25 6.38 -78.48
CA ILE F 105 1.10 8.18 -81.02
CA GLY F 106 -2.10 7.61 -79.11
CA SER F 107 -4.34 4.90 -77.78
CA ASP F 108 -7.88 4.04 -76.82
CA ASP F 109 -8.09 2.43 -73.42
CA GLN F 110 -11.41 0.74 -74.05
CA SER F 111 -10.49 -0.59 -77.46
CA ASP F 112 -7.17 -1.76 -76.08
CA ILE F 113 -5.70 -0.36 -79.23
CA ALA F 114 -2.61 1.76 -79.21
CA LEU F 115 -0.58 3.10 -82.08
CA LEU F 116 3.16 3.50 -81.97
CA GLN F 117 5.47 5.11 -84.44
CA ILE F 118 8.96 3.91 -85.07
CA GLN F 119 11.68 6.48 -85.28
CA ASN F 120 13.57 6.26 -88.52
CA PRO F 121 10.98 3.85 -89.67
CA SER F 122 12.21 1.18 -92.01
CA LYS F 123 10.47 -0.91 -94.56
CA LEU F 124 10.14 -4.54 -93.60
CA THR F 125 7.84 -6.90 -95.37
CA GLN F 126 4.30 -6.46 -94.24
CA ILE F 127 1.75 -8.99 -95.03
CA ALA F 128 -1.89 -9.06 -96.13
CA ILE F 129 -3.43 -10.38 -92.95
CA ALA F 130 -6.49 -12.44 -93.40
CA ASP F 131 -9.64 -11.15 -92.36
CA SER F 132 -10.52 -12.97 -89.23
CA ASP F 133 -13.38 -14.05 -91.41
CA LYS F 134 -10.91 -16.19 -93.28
CA LEU F 135 -10.11 -18.28 -90.23
CA ARG F 136 -12.41 -21.18 -89.63
CA VAL F 137 -14.15 -21.45 -86.31
CA GLY F 138 -12.62 -24.45 -84.66
CA ASP F 139 -10.02 -24.26 -87.38
CA PHE F 140 -6.47 -24.98 -86.38
CA ALA F 141 -4.72 -21.84 -85.42
CA VAL F 142 -1.22 -20.84 -84.58
CA ALA F 143 -0.24 -17.92 -82.48
CA VAL F 144 2.98 -16.08 -83.00
CA GLY F 145 4.33 -13.27 -80.92
CA ASN F 146 6.43 -12.35 -77.94
CA PRO F 147 7.68 -12.57 -75.39
CA PHE F 148 10.96 -14.23 -76.06
CA GLY F 149 11.06 -12.60 -78.32
CA LEU F 150 14.52 -12.75 -79.75
CA GLY F 151 12.75 -14.80 -82.35
CA GLN F 152 9.03 -15.06 -82.26
CA THR F 153 7.50 -17.93 -80.43
CA ALA F 154 4.75 -19.87 -82.02
CA THR F 155 2.14 -21.93 -80.30
CA SER F 156 -0.59 -24.07 -81.68
CA GLY F 157 -4.21 -24.68 -80.83
CA ILE F 158 -7.61 -24.65 -82.40
CA VAL F 159 -10.34 -22.06 -82.64
CA SER F 160 -12.34 -22.54 -79.48
CA ALA F 161 -15.19 -20.33 -80.46
CA LEU F 162 -16.36 -17.05 -81.83
CA GLY F 163 -19.14 -14.99 -80.39
CA ARG F 164 -18.42 -16.56 -77.08
CA SER F 165 -20.99 -15.08 -74.77
CA GLY F 166 -21.45 -15.39 -71.03
CA LEU F 167 -17.90 -15.17 -69.75
CA ASN F 168 -18.02 -11.44 -69.95
CA LEU F 169 -14.35 -11.42 -69.20
CA GLU F 170 -14.41 -8.23 -71.19
CA GLY F 171 -15.35 -5.56 -71.58
CA LEU F 172 -14.09 -5.51 -75.12
CA GLU F 173 -15.78 -7.64 -77.62
CA ASN F 174 -13.48 -8.42 -80.45
CA PHE F 175 -13.37 -12.04 -80.68
CA ILE F 176 -11.92 -15.27 -81.74
CA GLN F 177 -11.28 -17.60 -78.86
CA THR F 178 -8.31 -19.89 -79.05
CA ASP F 179 -6.67 -22.62 -77.01
CA ALA F 180 -3.29 -21.79 -78.53
CA SER F 181 -1.00 -20.79 -75.76
CA ILE F 182 -0.89 -17.13 -75.02
CA ASN F 183 2.11 -15.57 -73.39
CA ARG F 184 1.42 -12.51 -71.29
CA GLY F 185 2.78 -10.17 -73.95
CA ASN F 186 1.40 -12.51 -76.57
CA ALA F 187 -1.23 -10.00 -77.57
CA GLY F 188 -0.23 -7.78 -80.45
CA GLY F 189 0.92 -10.89 -82.24
CA ALA F 190 -0.77 -12.82 -85.00
CA LEU F 191 -3.16 -15.73 -85.04
CA LEU F 192 -2.62 -17.69 -88.15
CA ASN F 193 -4.89 -20.21 -89.86
CA LEU F 194 -5.01 -22.58 -92.78
CA ASN F 195 -5.53 -19.71 -95.05
CA GLY F 196 -2.19 -18.24 -94.11
CA GLU F 197 -3.60 -14.89 -93.58
CA LEU F 198 -3.97 -13.53 -90.06
CA ILE F 199 -7.01 -14.95 -88.49
CA GLY F 200 -6.71 -12.27 -85.95
CA ILE F 201 -4.60 -10.22 -83.65
CA ASN F 202 -4.24 -11.75 -80.24
CA THR F 203 -5.66 -9.15 -77.87
CA ALA F 204 -6.07 -10.70 -74.44
CA ILE F 205 -6.63 -13.73 -72.28
CA LEU F 206 -8.65 -14.76 -69.27
CA ALA F 207 -7.19 -14.43 -65.83
CA PRO F 208 -4.76 -17.21 -65.44
CA GLY F 209 -6.33 -18.44 -62.26
CA GLY F 210 -2.77 -18.91 -61.21
CA GLY F 211 -2.25 -21.23 -64.12
CA SER F 212 -2.14 -21.16 -67.85
CA VAL F 213 -5.63 -20.18 -68.81
CA GLY F 214 -5.41 -22.07 -72.06
CA ILE F 215 -7.87 -19.48 -73.27
CA GLY F 216 -7.15 -16.43 -75.36
CA PHE F 217 -9.03 -13.88 -77.42
CA ALA F 218 -8.05 -12.34 -80.71
CA ILE F 219 -9.45 -9.27 -82.37
CA PRO F 220 -10.23 -8.73 -85.97
CA SER F 221 -8.42 -6.36 -88.33
CA ASN F 222 -11.16 -4.38 -90.05
CA MET F 223 -12.20 -2.64 -86.90
CA ALA F 224 -8.64 -2.10 -85.90
CA ARG F 225 -7.65 -0.74 -89.27
CA THR F 226 -10.43 1.76 -89.40
CA LEU F 227 -9.85 3.01 -85.91
CA ALA F 228 -6.17 3.23 -86.63
CA GLN F 229 -6.73 5.40 -89.64
CA GLN F 230 -8.88 7.81 -87.71
CA LEU F 231 -6.15 7.98 -85.11
CA ILE F 232 -3.56 8.76 -87.73
CA ASP F 233 -5.60 11.31 -89.57
CA PHE F 234 -7.43 12.91 -86.73
CA GLY F 235 -4.47 12.76 -84.45
CA GLU F 236 -6.97 12.30 -81.69
CA ILE F 237 -9.66 9.98 -80.45
CA LYS F 238 -12.14 9.30 -83.23
CA ARG F 239 -14.63 7.31 -81.12
CA GLY F 240 -18.19 7.44 -82.30
CA LEU F 241 -21.59 6.15 -81.32
CA LEU F 242 -24.06 4.02 -83.20
CA GLY F 243 -26.92 6.12 -82.00
CA ILE F 244 -28.23 2.82 -80.74
CA LYS F 245 -28.77 2.54 -77.07
CA GLY F 246 -29.21 -0.80 -75.44
CA THR F 247 -28.27 -3.41 -72.90
CA GLU F 248 -26.67 -6.82 -72.91
CA MET F 249 -28.78 -9.74 -73.86
CA SER F 250 -29.61 -11.57 -70.67
CA ALA F 251 -29.17 -15.25 -70.01
CA ASP F 252 -32.88 -15.44 -69.48
CA ILE F 253 -33.13 -14.26 -73.04
CA ALA F 254 -31.07 -17.14 -74.27
CA LYS F 255 -33.40 -19.64 -72.76
CA ALA F 256 -36.59 -17.76 -73.46
CA PHE F 257 -36.17 -16.76 -77.05
CA ASN F 258 -35.58 -20.11 -78.49
CA LEU F 259 -34.51 -17.74 -81.20
CA ASP F 260 -31.75 -18.58 -83.55
CA VAL F 261 -29.48 -16.66 -81.29
CA GLN F 262 -31.03 -15.25 -78.20
CA ARG F 263 -27.90 -13.34 -77.31
CA GLY F 264 -27.10 -10.00 -78.79
CA ALA F 265 -27.43 -6.37 -77.97
CA PHE F 266 -30.91 -5.45 -76.93
CA VAL F 267 -31.80 -2.22 -78.57
CA SER F 268 -33.15 0.73 -76.81
CA GLU F 269 -34.15 3.36 -78.54
CA VAL F 270 -32.68 4.36 -81.68
CA LEU F 271 -31.76 7.94 -81.70
CA PRO F 272 -33.09 9.62 -84.72
CA GLY F 273 -30.82 10.30 -87.63
CA SER F 274 -28.96 7.23 -86.52
CA GLY F 275 -28.32 4.46 -88.96
CA SER F 276 -30.77 2.45 -86.92
CA ALA F 277 -33.37 5.17 -87.17
CA LYS F 278 -32.98 5.46 -90.92
CA ALA F 279 -32.90 1.71 -91.23
CA GLY F 280 -36.18 1.47 -89.46
CA VAL F 281 -34.63 -0.77 -86.94
CA LYS F 282 -36.64 -0.30 -83.86
CA ALA F 283 -36.31 -0.72 -80.19
CA GLY F 284 -36.80 -4.24 -79.00
CA ASP F 285 -34.61 -5.50 -81.73
CA ILE F 286 -31.83 -7.82 -80.77
CA ILE F 287 -28.70 -7.36 -82.76
CA THR F 288 -27.23 -10.80 -83.25
CA SER F 289 -24.45 -9.85 -85.58
CA LEU F 290 -22.41 -7.02 -86.90
CA ASN F 291 -20.42 -7.36 -90.08
CA GLY F 292 -21.43 -10.98 -90.06
CA LYS F 293 -19.37 -11.63 -87.00
CA PRO F 294 -22.04 -12.09 -84.45
CA LEU F 295 -22.27 -9.36 -81.86
CA ASN F 296 -22.84 -11.24 -78.71
CA SER F 297 -23.13 -8.10 -76.69
CA PHE F 298 -24.24 -4.51 -76.91
CA ALA F 299 -20.70 -3.74 -75.94
CA GLU F 300 -19.36 -5.44 -79.02
CA LEU F 301 -21.82 -3.65 -81.21
CA ARG F 302 -20.80 -0.37 -79.66
CA SER F 303 -17.13 -1.01 -80.24
CA ARG F 304 -17.54 -2.18 -83.78
CA ILE F 305 -19.54 0.81 -84.92
CA ALA F 306 -17.48 3.29 -82.98
CA THR F 307 -14.26 1.89 -84.29
CA THR F 308 -14.90 2.87 -87.88
CA GLU F 309 -15.54 6.31 -89.30
CA PRO F 310 -19.08 7.24 -89.98
CA GLY F 311 -19.78 7.02 -93.71
CA THR F 312 -18.92 3.32 -93.61
CA LYS F 313 -21.61 0.70 -93.86
CA VAL F 314 -22.08 -2.29 -91.66
CA LYS F 315 -24.53 -5.14 -91.78
CA LEU F 316 -26.44 -5.78 -88.66
CA GLY F 317 -27.79 -9.20 -88.03
CA LEU F 318 -31.05 -8.17 -86.45
CA LEU F 319 -33.75 -10.22 -84.77
CA ARG F 320 -37.26 -8.92 -84.49
CA ASN F 321 -40.21 -10.89 -83.29
CA GLY F 322 -38.21 -13.91 -83.55
CA LYS F 323 -37.77 -13.10 -87.20
CA PRO F 324 -34.43 -12.59 -88.74
CA LEU F 325 -33.57 -9.30 -90.40
CA GLU F 326 -30.50 -7.92 -92.10
CA VAL F 327 -30.04 -4.19 -92.02
CA GLU F 328 -27.43 -1.99 -93.59
CA VAL F 329 -26.49 0.87 -91.43
CA THR F 330 -24.26 3.75 -92.14
CA LEU F 331 -22.48 4.26 -88.88
CA ASP F 332 -23.18 7.61 -87.30
CA THR F 333 -20.80 9.04 -84.81
CA SER F 334 -21.60 10.73 -81.58
CA THR F 335 -18.99 12.90 -80.04
CA SER F 336 -19.35 14.47 -76.68
CA SER F 337 -17.37 17.12 -74.94
CA SER F 338 -17.49 18.33 -71.41
CA ALA F 339 -17.99 22.00 -70.88
CA SER F 340 -15.81 23.90 -68.51
CA ALA F 341 -15.29 27.56 -67.81
CA GLU F 342 -11.65 26.88 -68.53
CA MET F 343 -12.41 25.44 -71.92
CA ILE F 344 -14.09 28.61 -73.20
CA THR F 345 -11.94 30.95 -71.08
CA PRO F 346 -8.59 29.18 -71.09
CA ALA F 347 -5.92 31.46 -69.76
CA LEU F 348 -6.50 33.66 -66.86
CA GLU F 349 -10.24 33.76 -66.86
CA GLY F 350 -11.74 36.63 -68.72
CA ALA F 351 -12.91 37.14 -72.27
CA THR F 352 -14.43 34.20 -74.06
CA LEU F 353 -12.16 32.31 -76.37
CA SER F 354 -12.59 30.56 -79.68
CA ASP F 355 -10.19 28.05 -81.12
CA GLY F 356 -9.52 26.15 -84.29
CA GLN F 357 -10.49 26.29 -87.90
CA LEU F 358 -12.36 23.54 -86.18
CA LYS F 359 -11.50 21.41 -89.11
CA ASP F 360 -7.85 22.09 -88.64
CA GLY F 361 -6.11 22.73 -85.38
CA GLY F 362 -6.35 26.41 -84.78
CA LYS F 363 -3.28 28.55 -84.73
CA GLY F 364 -4.02 29.29 -81.12
CA ILE F 365 -6.78 30.64 -78.94
CA LYS F 366 -8.59 33.71 -80.12
CA ILE F 367 -10.04 35.86 -77.41
CA ASP F 368 -13.51 36.79 -78.52
CA GLU F 369 -14.26 39.66 -76.26
CA VAL F 370 -13.24 40.87 -72.90
CA VAL F 371 -16.08 40.73 -70.43
CA LYS F 372 -13.04 42.20 -68.88
CA GLY F 373 -14.37 41.56 -65.37
CA SER F 374 -12.05 38.67 -64.50
CA PRO F 375 -8.42 38.75 -63.77
CA ALA F 376 -7.09 37.83 -67.18
CA ALA F 377 -7.90 41.42 -68.05
CA GLN F 378 -6.13 42.50 -64.96
CA ALA F 379 -2.95 40.95 -66.26
CA GLY F 380 -2.62 42.26 -69.40
CA LEU F 381 -5.09 40.51 -71.52
CA GLN F 382 -7.44 42.30 -73.85
CA LYS F 383 -9.57 41.12 -76.73
CA ASP F 384 -8.30 40.32 -80.18
CA ASP F 385 -5.23 38.68 -78.75
CA VAL F 386 -4.27 35.34 -80.17
CA ILE F 387 -2.69 32.95 -77.77
CA ILE F 388 -0.10 31.57 -80.05
CA GLY F 389 1.34 29.36 -77.38
CA VAL F 390 2.26 28.91 -73.79
CA ASN F 391 5.64 27.75 -72.67
CA ARG F 392 6.41 28.32 -76.31
CA ASP F 393 3.73 25.81 -77.18
CA ARG F 394 1.47 26.98 -79.94
CA VAL F 395 -2.01 25.63 -79.36
CA ASN F 396 -4.01 24.19 -82.17
CA SER F 397 -7.55 23.50 -80.95
CA ILE F 398 -10.11 22.83 -78.15
CA ALA F 399 -9.88 19.09 -77.59
CA GLU F 400 -6.30 20.13 -77.74
CA MET F 401 -7.23 22.81 -75.29
CA ARG F 402 -7.93 19.96 -72.93
CA LYS F 403 -4.65 18.41 -73.96
CA VAL F 404 -2.58 21.44 -73.06
CA LEU F 405 -4.61 21.58 -69.89
CA ALA F 406 -3.32 18.20 -68.91
CA ALA F 407 0.21 19.45 -68.16
CA LYS F 408 -0.54 22.05 -65.44
CA PRO F 409 2.77 23.90 -65.13
CA ALA F 410 3.83 25.91 -62.09
CA ILE F 411 3.82 29.11 -64.08
CA ILE F 412 1.92 29.86 -67.21
CA ALA F 413 3.52 32.21 -69.64
CA LEU F 414 1.22 33.02 -72.45
CA GLN F 415 2.67 34.10 -75.72
CA ILE F 416 0.04 36.08 -77.49
CA VAL F 417 0.26 38.43 -80.37
CA ARG F 418 -1.62 41.62 -80.19
CA GLY F 419 -1.46 43.94 -83.11
CA ASN F 420 1.97 43.77 -84.57
CA GLU F 421 3.18 42.85 -81.16
CA SER F 422 4.59 39.89 -79.31
CA ILE F 423 3.69 39.89 -75.71
CA TYR F 424 3.88 37.57 -72.79
CA LEU F 425 1.19 37.42 -70.15
CA LEU F 426 2.10 35.67 -66.99
CA MET F 427 -0.11 33.79 -64.62
CA PRO G 11 96.76 18.71 28.39
CA LEU G 12 94.57 15.74 28.13
CA PRO G 13 94.26 13.68 25.10
CA SER G 14 90.73 13.45 23.94
CA LEU G 15 88.81 10.55 25.43
CA ALA G 16 90.92 8.08 23.51
CA PRO G 17 93.37 7.24 26.17
CA MET G 18 90.30 6.73 28.21
CA LEU G 19 88.79 4.48 25.66
CA GLU G 20 91.73 2.31 24.98
CA LYS G 21 92.04 0.79 28.40
CA VAL G 22 88.19 0.48 28.77
CA LEU G 23 87.30 -0.45 25.29
CA PRO G 24 88.06 -4.13 24.97
CA ALA G 25 85.17 -4.40 27.29
CA VAL G 26 83.38 -3.89 23.81
CA VAL G 27 82.71 -5.76 20.50
CA SER G 28 79.85 -5.59 17.99
CA VAL G 29 76.88 -7.82 18.51
CA ARG G 30 75.02 -8.73 15.39
CA VAL G 31 71.68 -10.39 15.64
CA GLU G 32 69.37 -11.59 12.96
CA GLY G 33 65.89 -10.65 13.93
CA THR G 34 63.29 -8.30 12.66
CA ALA G 35 65.41 -5.15 12.34
CA GLY G 63 68.01 -3.94 14.78
CA LEU G 64 71.64 -3.97 16.05
CA GLY G 65 73.62 -3.93 19.39
CA SER G 66 77.03 -4.40 21.20
CA GLY G 67 78.84 -6.69 23.74
CA VAL G 68 81.99 -7.42 25.82
CA ILE G 69 84.64 -10.09 25.47
CA ILE G 70 84.79 -11.42 28.99
CA ASN G 71 86.99 -14.40 28.30
CA ALA G 72 89.16 -14.71 25.25
CA SER G 73 89.84 -18.39 25.53
CA LYS G 74 86.26 -19.29 26.25
CA GLY G 75 84.95 -16.74 23.84
CA TYR G 76 82.38 -15.52 26.33
CA VAL G 77 80.73 -12.26 25.43
CA LEU G 78 78.62 -10.29 27.86
CA THR G 79 75.65 -8.37 26.52
CA ASN G 80 72.24 -7.13 27.51
CA ASN G 81 69.35 -9.57 27.47
CA HIS G 82 67.27 -7.14 25.55
CA VAL G 83 69.90 -7.27 22.90
CA ILE G 84 69.67 -11.05 22.60
CA ASN G 85 66.03 -11.85 23.17
CA GLN G 86 64.69 -11.23 19.62
CA ALA G 87 67.78 -12.85 18.09
CA GLN G 88 67.11 -15.52 15.54
CA LYS G 89 70.84 -15.83 15.01
CA ILE G 90 73.85 -14.16 16.59
CA SER G 91 77.15 -13.02 15.18
CA ILE G 92 79.98 -11.06 16.75
CA GLN G 93 82.25 -8.69 14.92
CA LEU G 94 85.56 -7.45 16.17
CA ASN G 95 87.00 -4.02 15.60
CA ASP G 96 89.50 -5.61 13.31
CA GLY G 97 86.64 -6.78 11.16
CA ARG G 98 86.86 -10.45 11.95
CA GLU G 99 83.49 -12.01 12.69
CA PHE G 100 82.30 -15.11 14.46
CA ASP G 101 79.10 -16.99 15.15
CA ALA G 102 77.70 -16.96 18.66
CA LYS G 103 75.23 -18.97 20.68
CA LEU G 104 73.31 -17.85 23.70
CA ILE G 105 74.61 -19.52 26.82
CA GLY G 106 71.96 -18.08 29.07
CA SER G 107 70.55 -14.85 30.33
CA ASP G 108 68.67 -13.24 33.17
CA ASP G 109 65.76 -11.15 32.03
CA GLN G 110 65.69 -8.94 35.09
CA SER G 111 69.39 -8.23 35.19
CA ASP G 112 69.33 -7.60 31.48
CA ILE G 113 72.46 -9.64 31.35
CA ALA G 114 73.00 -12.34 28.81
CA LEU G 115 76.06 -14.38 28.03
CA LEU G 116 77.03 -15.49 24.57
CA GLN G 117 79.74 -17.82 23.48
CA ILE G 118 81.63 -17.41 20.26
CA GLN G 119 82.16 -20.51 18.26
CA ASN G 120 85.79 -21.09 17.51
CA PRO G 121 86.55 -18.39 19.96
CA SER G 122 89.57 -16.28 19.19
CA LYS G 123 91.84 -14.28 21.40
CA LEU G 124 91.54 -10.56 20.90
CA THR G 125 92.95 -8.04 23.29
CA GLN G 126 90.90 -7.74 26.42
CA ILE G 127 90.69 -4.77 28.61
CA ALA G 128 91.03 -4.14 32.32
CA ILE G 129 87.85 -2.08 32.55
CA ALA G 130 87.67 0.40 35.31
CA ASP G 131 85.46 -0.20 38.01
CA SER G 132 82.63 2.19 37.48
CA ASP G 133 84.01 3.51 40.72
CA LYS G 134 86.92 4.85 38.74
CA LEU G 135 84.69 7.12 36.71
CA ARG G 136 83.94 10.44 38.28
CA VAL G 137 80.36 11.48 38.69
CA GLY G 138 79.88 14.35 36.33
CA ASP G 139 83.18 13.30 34.86
CA PHE G 140 83.46 13.47 31.13
CA ALA G 141 82.54 10.19 29.60
CA VAL G 142 82.71 8.64 26.20
CA ALA G 143 80.48 5.92 24.97
CA VAL G 144 81.62 3.44 22.40
CA GLY G 145 79.57 0.74 20.81
CA ASN G 146 77.34 -0.15 17.94
CA PRO G 147 75.38 0.11 15.87
CA PHE G 148 77.40 1.21 12.90
CA GLY G 149 79.13 -0.90 13.72
CA LEU G 150 81.63 -1.44 10.97
CA GLY G 151 83.88 0.42 13.32
CA GLN G 152 82.70 1.41 16.72
CA THR G 153 80.97 4.72 17.08
CA ALA G 154 82.07 6.98 19.84
CA THR G 155 79.99 9.66 21.41
CA SER G 156 80.81 12.06 24.17
CA GLY G 157 79.02 13.45 27.16
CA ILE G 158 79.34 13.93 30.87
CA VAL G 159 78.25 11.89 33.83
CA SER G 160 74.76 13.14 34.55
CA ALA G 161 74.30 11.40 37.82
CA LEU G 162 74.70 8.29 39.86
CA GLY G 163 72.12 7.01 42.21
CA ARG G 164 69.53 8.84 40.23
CA SER G 165 66.30 8.36 42.07
CA GLY G 166 62.66 9.03 41.26
CA LEU G 167 62.75 8.45 37.50
CA ASN G 168 62.13 4.81 38.17
CA LEU G 169 62.56 4.14 34.50
CA GLU G 170 63.73 0.77 35.67
CA GLY G 171 63.30 -1.73 37.04
CA LEU G 172 66.97 -2.50 37.07
CA GLU G 173 69.19 -0.44 39.19
CA ASN G 174 72.69 -0.51 37.83
CA PHE G 175 73.62 2.99 37.40
CA ILE G 176 75.67 5.70 35.92
CA GLN G 177 73.61 8.19 34.00
CA THR G 178 75.14 9.85 31.02
CA ASP G 179 74.35 12.51 28.43
CA ALA G 180 76.60 10.80 25.92
CA SER G 181 74.62 9.76 22.91
CA ILE G 182 73.23 6.28 23.09
CA ASN G 183 72.27 4.44 19.96
CA ARG G 184 69.58 1.85 20.38
CA GLY G 185 72.01 -1.06 20.29
CA ASN G 186 74.49 1.14 22.13
CA ALA G 187 74.16 -0.90 25.28
CA GLY G 188 76.68 -3.67 25.65
CA GLY G 189 79.28 -1.09 24.77
CA ALA G 190 81.74 0.73 26.96
CA LEU G 191 81.55 4.01 28.82
CA LEU G 192 84.99 5.39 29.20
CA ASN G 193 86.37 8.05 31.53
CA LEU G 194 89.52 9.93 32.27
CA ASN G 195 90.99 6.92 33.98
CA GLY G 196 90.54 5.22 30.70
CA GLU G 197 89.18 2.26 32.29
CA LEU G 198 85.63 1.23 31.55
CA ILE G 199 83.49 3.39 33.75
CA GLY G 200 80.61 1.26 32.92
CA ILE G 201 78.72 -0.88 30.48
CA ASN G 202 75.97 0.99 28.75
CA THR G 203 72.86 -0.95 29.67
CA ALA G 204 69.82 1.10 28.65
CA ILE G 205 68.20 4.44 27.99
CA LEU G 206 65.00 6.28 28.74
CA ALA G 207 62.20 6.23 26.25
CA PRO G 208 63.32 8.25 23.36
CA GLY G 209 59.75 8.94 22.61
CA GLY G 210 60.02 12.16 20.97
CA GLY G 211 63.56 11.86 19.89
CA SER G 212 67.01 11.45 21.21
CA VAL G 213 66.55 10.99 24.91
CA GLY G 214 69.98 12.33 25.60
CA ILE G 215 69.88 10.15 28.64
CA GLY G 216 71.40 6.76 29.17
CA PHE G 217 72.26 4.37 31.96
CA ALA G 218 75.34 2.24 32.40
CA ILE G 219 75.89 -0.74 34.66
CA PRO G 220 78.92 -1.55 36.69
CA SER G 221 81.25 -4.50 36.16
CA ASN G 222 81.63 -6.18 39.53
CA MET G 223 78.04 -7.23 39.69
CA ALA G 224 78.10 -8.30 36.10
CA ARG G 225 81.30 -10.23 36.53
CA THR G 226 80.05 -12.19 39.46
CA LEU G 227 76.74 -13.05 37.87
CA ALA G 228 78.56 -14.06 34.75
CA GLN G 229 80.83 -16.40 36.63
CA GLN G 230 77.95 -18.15 38.28
CA LEU G 231 76.22 -18.45 34.95
CA ILE G 232 79.17 -20.17 33.38
CA ASP G 233 80.00 -22.37 36.30
CA PHE G 234 76.49 -23.20 37.34
CA GLY G 235 75.32 -23.38 33.79
CA GLU G 236 72.04 -22.08 35.09
CA ILE G 237 70.51 -19.13 36.83
CA LYS G 238 72.39 -18.41 40.05
CA ARG G 239 70.07 -15.65 41.33
CA GLY G 240 70.00 -15.22 45.07
CA LEU G 241 68.27 -13.20 47.74
CA LEU G 242 69.65 -10.88 50.37
CA GLY G 243 67.29 -12.20 52.93
CA ILE G 244 66.34 -8.58 53.31
CA LYS G 245 62.78 -7.72 52.55
CA GLY G 246 61.81 -4.16 51.92
CA THR G 247 60.21 -1.48 49.82
CA GLU G 248 61.43 1.54 47.93
CA MET G 249 62.15 4.68 49.81
CA SER G 250 59.27 7.03 49.20
CA ALA G 251 59.47 10.65 48.09
CA ASP G 252 57.92 11.67 51.37
CA ILE G 253 60.92 10.00 52.89
CA ALA G 254 63.25 12.27 51.04
CA LYS G 255 61.59 15.34 52.38
CA ALA G 256 60.93 14.01 55.84
CA PHE G 257 64.21 12.50 56.84
CA ASN G 258 66.38 15.45 56.25
CA LEU G 259 68.79 12.58 56.51
CA ASP G 260 71.97 12.53 54.54
CA VAL G 261 70.14 10.56 51.96
CA GLN G 262 66.54 9.87 52.60
CA ARG G 263 66.32 7.56 49.63
CA GLY G 264 67.30 3.94 49.82
CA ALA G 265 65.76 0.57 50.37
CA PHE G 266 63.43 0.45 53.32
CA VAL G 267 64.18 -2.70 55.21
CA SER G 268 61.56 -5.05 56.31
CA GLU G 269 62.33 -7.69 58.13
CA VAL G 270 65.53 -9.38 58.00
CA LEU G 271 65.15 -13.04 57.54
CA PRO G 272 67.24 -14.78 60.05
CA GLY G 273 70.51 -16.31 59.02
CA SER G 274 70.59 -13.51 56.53
CA GLY G 275 73.62 -11.30 56.35
CA SER G 276 71.40 -8.58 57.67
CA ALA G 277 70.28 -10.74 60.53
CA LYS G 278 73.81 -11.64 61.50
CA ALA G 279 74.89 -8.07 61.01
CA GLY G 280 72.28 -6.93 63.44
CA VAL G 281 70.83 -4.74 60.83
CA LYS G 282 67.26 -4.28 61.78
CA ALA G 283 63.99 -3.55 60.18
CA GLY G 284 63.43 0.12 59.77
CA ASP G 285 66.87 0.48 58.35
CA ILE G 286 67.26 2.49 55.19
CA ILE G 287 70.01 1.15 53.01
CA THR G 288 71.57 4.13 51.33
CA SER G 289 74.42 2.32 49.64
CA LEU G 290 75.70 -1.05 48.55
CA ASN G 291 79.38 -1.47 47.76
CA GLY G 292 79.70 2.25 48.19
CA LYS G 293 77.60 2.87 45.13
CA PRO G 294 74.51 4.21 46.69
CA LEU G 295 71.51 1.97 46.46
CA ASN G 296 68.74 4.26 45.53
CA SER G 297 66.17 1.57 45.68
CA PHE G 298 65.42 -1.73 47.30
CA ALA G 299 65.39 -3.02 43.77
CA GLU G 300 69.00 -2.04 43.31
CA LEU G 301 69.99 -3.61 46.58
CA ARG G 302 68.21 -6.78 45.57
CA SER G 303 69.98 -6.94 42.25
CA ARG G 304 73.40 -6.20 43.67
CA ILE G 305 73.33 -8.90 46.30
CA ALA G 306 71.61 -11.43 44.10
CA THR G 307 74.07 -10.91 41.33
CA THR G 308 77.06 -12.13 43.24
CA GLU G 309 77.41 -15.56 44.74
CA PRO G 310 77.02 -15.95 48.41
CA GLY G 311 80.03 -15.93 50.66
CA THR G 312 80.96 -12.65 49.09
CA LYS G 313 81.05 -9.58 51.23
CA VAL G 314 79.35 -6.31 50.54
CA LYS G 315 79.26 -3.10 52.50
CA LEU G 316 75.88 -1.63 53.07
CA GLY G 317 75.53 2.03 53.69
CA LEU G 318 72.86 1.86 56.33
CA LEU G 319 70.88 4.60 58.02
CA ARG G 320 69.21 4.03 61.35
CA ASN G 321 67.60 6.72 63.44
CA GLY G 322 69.07 9.19 61.24
CA LYS G 323 72.41 7.76 62.23
CA PRO G 324 74.80 6.50 59.66
CA LEU G 325 76.01 2.94 59.84
CA GLU G 326 78.15 0.74 57.70
CA VAL G 327 77.65 -2.96 57.86
CA GLU G 328 79.47 -5.78 56.20
CA VAL G 329 77.23 -8.53 54.99
CA THR G 330 78.02 -11.88 53.53
CA LEU G 331 75.44 -12.25 50.86
CA ASP G 332 73.23 -15.21 51.39
CA THR G 333 71.20 -16.60 48.58
CA SER G 334 67.62 -17.66 48.44
CA THR G 335 66.46 -19.96 45.74
CA SER G 336 62.89 -20.64 44.90
CA SER G 337 61.61 -23.66 43.11
CA SER G 338 58.12 -24.27 41.93
CA ALA G 339 56.83 -27.62 42.95
CA SER G 340 54.89 -29.74 40.58
CA ALA G 341 53.84 -33.32 40.55
CA GLU G 342 55.82 -33.55 37.36
CA MET G 343 59.01 -32.43 38.98
CA ILE G 344 59.02 -35.24 41.51
CA THR G 345 57.32 -37.80 39.22
CA PRO G 346 58.67 -36.74 35.82
CA ALA G 347 57.74 -39.31 33.24
CA LEU G 348 54.41 -40.90 33.18
CA GLU G 349 53.32 -40.17 36.71
CA GLY G 350 54.00 -42.90 39.19
CA ALA G 351 56.88 -43.66 41.49
CA THR G 352 58.70 -40.79 43.09
CA LEU G 353 61.84 -39.78 41.41
CA SER G 354 65.19 -38.39 42.51
CA ASP G 355 67.77 -36.73 40.36
CA GLY G 356 71.30 -35.45 40.49
CA GLN G 357 74.40 -35.88 42.52
CA LEU G 358 72.78 -32.60 43.36
CA LYS G 359 76.13 -31.01 43.13
CA ASP G 360 76.63 -32.37 39.67
CA GLY G 361 73.99 -32.99 37.12
CA GLY G 362 72.68 -36.46 37.74
CA LYS G 363 73.12 -39.11 35.16
CA GLY G 364 69.39 -39.27 34.89
CA ILE G 365 66.17 -39.71 36.79
CA LYS G 366 66.17 -42.39 39.46
CA ILE G 367 62.78 -43.79 40.28
CA ASP G 368 62.63 -44.16 44.02
CA GLU G 369 59.67 -46.40 44.47
CA VAL G 370 56.64 -47.31 42.56
CA VAL G 371 53.52 -46.23 44.43
CA LYS G 372 52.57 -48.04 41.31
CA GLY G 373 49.06 -46.59 41.31
CA SER G 374 49.54 -44.17 38.40
CA PRO G 375 49.87 -44.97 34.80
CA ALA G 376 53.64 -44.79 34.51
CA ALA G 377 53.61 -48.12 36.22
CA GLN G 378 51.02 -49.31 33.75
CA ALA G 379 53.33 -48.55 30.86
CA GLY G 380 56.09 -50.38 31.75
CA LEU G 381 57.69 -48.56 34.48
CA GLN G 382 58.82 -50.11 37.73
CA LYS G 383 61.14 -48.94 40.46
CA ASP G 384 64.91 -48.89 40.26
CA ASP G 385 64.86 -47.79 36.69
CA VAL G 386 67.09 -44.93 35.76
CA ILE G 387 65.89 -42.70 33.06
CA ILE G 388 69.06 -42.14 31.22
CA GLY G 389 67.43 -39.98 28.67
CA VAL G 390 64.45 -39.16 26.54
CA ASN G 391 64.76 -38.70 22.82
CA ARG G 392 68.26 -39.93 23.47
CA ASP G 393 68.77 -37.04 25.82
CA ARG G 394 70.32 -38.07 29.06
CA VAL G 395 69.03 -35.89 31.83
CA ASN G 396 71.34 -34.41 34.38
CA SER G 397 69.27 -32.85 37.15
CA ILE G 398 66.00 -31.30 38.50
CA ALA G 399 66.25 -27.66 37.52
CA GLU G 400 67.30 -29.42 34.39
CA MET G 401 64.21 -31.51 34.85
CA ARG G 402 62.36 -28.29 34.29
CA LYS G 403 64.67 -27.61 31.38
CA VAL G 404 63.87 -30.83 29.58
CA LEU G 405 60.25 -30.08 30.30
CA ALA G 406 60.48 -26.92 28.33
CA ALA G 407 60.72 -28.75 24.97
CA LYS G 408 57.42 -30.71 25.05
CA PRO G 409 57.78 -33.22 22.24
CA ALA G 410 54.82 -34.89 20.57
CA ILE G 411 55.95 -38.26 21.82
CA ILE G 412 58.00 -39.02 24.87
CA ALA G 413 60.26 -41.99 24.57
CA LEU G 414 62.01 -42.76 27.78
CA GLN G 415 65.27 -44.58 27.65
CA ILE G 416 65.74 -46.20 30.97
CA VAL G 417 67.98 -48.96 32.08
CA ARG G 418 66.54 -51.62 34.25
CA GLY G 419 68.86 -54.30 35.46
CA ASN G 420 71.25 -55.13 32.74
CA GLU G 421 68.70 -53.89 30.31
CA SER G 422 67.92 -51.10 27.97
CA ILE G 423 64.30 -50.45 27.42
CA TYR G 424 62.15 -47.70 26.13
CA LEU G 425 58.92 -46.59 27.74
CA LEU G 426 56.61 -44.61 25.57
CA MET G 427 54.13 -41.98 26.54
CA PRO H 11 -57.45 83.35 4.46
CA LEU H 12 -58.45 80.14 2.96
CA PRO H 13 -59.46 77.06 4.56
CA SER H 14 -56.94 74.31 4.56
CA LEU H 15 -56.93 72.17 1.45
CA ALA H 16 -60.43 70.94 2.17
CA PRO H 17 -62.30 73.30 0.00
CA MET H 18 -59.84 72.19 -2.57
CA LEU H 19 -60.51 68.58 -1.90
CA GLU H 20 -64.23 68.70 -1.94
CA LYS H 21 -64.62 69.74 -5.55
CA VAL H 22 -61.88 67.35 -6.79
CA LEU H 23 -62.37 64.48 -4.43
CA PRO H 24 -65.26 62.59 -5.97
CA ALA H 25 -62.73 61.84 -8.55
CA VAL H 26 -61.72 59.29 -5.72
CA VAL H 27 -62.95 55.99 -4.08
CA SER H 28 -61.09 53.12 -2.47
CA VAL H 29 -60.12 50.20 -4.62
CA ARG H 30 -59.71 46.91 -2.88
CA VAL H 31 -58.19 44.01 -4.65
CA GLU H 32 -57.59 40.56 -3.48
CA GLY H 33 -54.14 39.49 -4.44
CA THR H 34 -50.94 38.73 -2.64
CA ALA H 35 -50.75 41.74 -0.36
CA GLY H 63 -51.55 45.31 -1.28
CA LEU H 64 -54.14 48.12 -1.63
CA GLY H 65 -55.02 51.08 -4.00
CA SER H 66 -57.61 53.77 -5.09
CA GLY H 67 -59.90 54.81 -8.03
CA VAL H 68 -62.41 57.33 -9.47
CA ILE H 69 -66.12 57.10 -10.10
CA ILE H 70 -66.38 58.26 -13.67
CA ASN H 71 -70.01 57.40 -14.17
CA ALA H 72 -72.46 56.92 -11.37
CA SER H 73 -75.15 55.22 -13.37
CA LYS H 74 -72.80 52.87 -15.13
CA GLY H 75 -70.67 52.43 -12.08
CA TYR H 76 -67.49 52.88 -14.03
CA VAL H 77 -64.41 53.45 -11.92
CA LEU H 78 -61.11 54.55 -13.38
CA THR H 79 -57.94 53.25 -11.83
CA ASN H 80 -54.34 52.52 -12.69
CA ASN H 81 -53.61 49.30 -14.51
CA HIS H 82 -50.87 48.50 -12.09
CA VAL H 83 -53.48 48.61 -9.38
CA ILE H 84 -55.68 46.06 -11.14
CA ASN H 85 -53.19 43.74 -12.74
CA GLN H 86 -52.44 41.41 -9.83
CA ALA H 87 -56.04 41.47 -8.60
CA GLN H 88 -57.70 38.12 -8.23
CA LYS H 89 -60.86 39.90 -7.08
CA ILE H 90 -61.84 43.53 -6.86
CA SER H 91 -64.08 45.49 -4.55
CA ILE H 92 -64.65 49.21 -4.16
CA GLN H 93 -65.51 51.04 -1.04
CA LEU H 94 -67.05 54.46 -0.81
CA ASN H 95 -66.17 57.11 1.72
CA ASP H 96 -69.52 56.46 3.32
CA GLY H 97 -68.39 52.93 3.96
CA ARG H 98 -70.62 51.21 1.45
CA GLU H 99 -68.81 48.65 -0.65
CA PHE H 100 -69.45 46.90 -3.93
CA ASP H 101 -67.80 44.27 -6.08
CA ALA H 102 -66.19 45.21 -9.36
CA LYS H 103 -65.12 43.59 -12.60
CA LEU H 104 -62.35 44.71 -14.89
CA ILE H 105 -63.79 46.06 -18.13
CA GLY H 106 -60.45 46.54 -19.78
CA SER H 107 -57.15 48.30 -19.41
CA ASP H 108 -54.20 49.66 -21.30
CA ASP H 109 -50.92 48.54 -19.86
CA GLN H 110 -48.92 51.42 -21.25
CA SER H 111 -51.31 54.14 -20.20
CA ASP H 112 -51.61 52.54 -16.80
CA ILE H 113 -55.29 53.13 -17.18
CA ALA H 114 -57.82 50.52 -16.26
CA LEU H 115 -61.58 50.70 -16.17
CA LEU H 116 -63.62 48.81 -13.66
CA GLN H 117 -67.34 48.41 -13.37
CA ILE H 118 -69.19 48.19 -10.13
CA GLN H 119 -71.83 45.53 -9.82
CA ASN H 120 -75.16 47.03 -8.93
CA PRO H 121 -73.63 50.39 -9.35
CA SER H 122 -74.92 53.09 -7.08
CA LYS H 123 -74.99 56.81 -7.44
CA LEU H 124 -72.62 58.63 -5.16
CA THR H 125 -71.76 62.24 -5.59
CA GLN H 126 -69.15 62.74 -8.24
CA ILE H 127 -67.28 65.92 -8.78
CA ALA H 128 -66.08 68.05 -11.60
CA ILE H 129 -62.36 67.54 -11.17
CA ALA H 130 -60.27 70.42 -12.25
CA ASP H 131 -58.31 70.14 -15.22
CA SER H 132 -54.80 69.62 -14.12
CA ASP H 133 -54.43 72.91 -15.90
CA LYS H 134 -56.25 74.47 -12.98
CA LEU H 135 -53.59 73.47 -10.49
CA ARG H 136 -50.69 75.82 -10.24
CA VAL H 137 -47.20 74.53 -10.77
CA GLY H 138 -45.58 74.74 -7.40
CA ASP H 139 -49.06 75.33 -6.06
CA PHE H 140 -49.95 73.67 -2.80
CA ALA H 141 -51.47 70.33 -3.42
CA VAL H 142 -53.17 67.71 -1.36
CA ALA H 143 -53.33 64.08 -2.17
CA VAL H 144 -56.21 61.94 -1.12
CA GLY H 145 -56.56 58.24 -1.58
CA ASN H 146 -55.92 54.86 -0.10
CA PRO H 147 -54.62 52.78 1.36
CA PHE H 148 -56.15 52.98 4.78
CA GLY H 149 -58.54 53.33 3.40
CA LEU H 150 -61.41 52.97 5.78
CA GLY H 151 -61.52 56.70 5.36
CA GLN H 152 -59.40 58.38 2.79
CA THR H 153 -56.00 59.54 3.87
CA ALA H 154 -54.90 62.94 2.85
CA THR H 155 -51.41 64.26 2.62
CA SER H 156 -50.07 67.61 1.72
CA GLY H 157 -47.26 68.92 -0.39
CA ILE H 158 -46.51 71.32 -3.19
CA VAL H 159 -46.27 70.96 -6.90
CA SER H 160 -42.67 70.01 -7.50
CA ALA H 161 -42.78 70.41 -11.23
CA LEU H 162 -44.50 69.70 -14.46
CA GLY H 163 -42.79 68.53 -17.57
CA ARG H 164 -39.98 67.20 -15.55
CA SER H 165 -37.58 65.64 -17.94
CA GLY H 166 -34.45 63.60 -17.37
CA LEU H 167 -35.66 61.21 -14.69
CA ASN H 168 -37.15 59.01 -17.28
CA LEU H 169 -38.70 57.07 -14.47
CA GLU H 170 -41.40 56.34 -16.97
CA GLY H 171 -42.31 55.28 -19.49
CA LEU H 172 -45.60 57.08 -19.23
CA GLU H 173 -45.61 60.75 -19.48
CA ASN H 174 -48.62 62.18 -17.78
CA PHE H 175 -47.35 64.56 -15.35
CA ILE H 176 -47.61 66.71 -12.33
CA GLN H 177 -44.86 66.03 -9.85
CA THR H 178 -45.66 66.42 -6.22
CA ASP H 179 -43.92 66.12 -2.86
CA ALA H 180 -47.21 65.22 -1.17
CA SER H 181 -46.82 61.81 0.31
CA ILE H 182 -47.86 58.96 -1.85
CA ASN H 183 -48.84 55.64 -0.38
CA ARG H 184 -48.23 52.64 -2.57
CA GLY H 185 -51.89 52.32 -3.57
CA ASN H 186 -52.11 56.07 -3.49
CA ALA H 187 -52.48 56.32 -7.22
CA GLY H 188 -56.04 56.32 -8.47
CA GLY H 189 -56.69 59.00 -5.87
CA ALA H 190 -57.02 62.73 -6.31
CA LEU H 191 -54.55 65.57 -6.18
CA LEU H 192 -56.35 68.65 -5.08
CA ASN H 193 -55.33 72.27 -5.36
CA LEU H 194 -56.45 75.74 -4.48
CA ASN H 195 -59.16 75.78 -7.07
CA GLY H 196 -60.41 72.68 -5.40
CA GLU H 197 -60.84 70.84 -8.48
CA LEU H 198 -58.81 67.80 -9.10
CA ILE H 199 -55.38 68.91 -10.14
CA GLY H 200 -54.69 65.44 -11.22
CA ILE H 201 -55.05 61.78 -10.61
CA ASN H 202 -52.10 60.33 -8.77
CA THR H 203 -50.65 57.73 -11.11
CA ALA H 204 -47.27 56.64 -9.80
CA ILE H 205 -44.14 57.33 -7.82
CA LEU H 206 -40.43 56.79 -8.12
CA ALA H 207 -38.79 53.80 -6.57
CA PRO H 208 -38.66 54.39 -2.92
CA GLY H 209 -34.98 53.71 -2.73
CA GLY H 210 -35.89 51.88 0.42
CA GLY H 211 -37.40 55.02 1.81
CA SER H 212 -40.24 57.36 1.19
CA VAL H 213 -39.50 58.76 -2.21
CA GLY H 214 -41.21 62.00 -1.42
CA ILE H 215 -41.87 62.20 -5.09
CA GLY H 216 -44.98 61.30 -6.99
CA PHE H 217 -46.54 61.81 -10.39
CA ALA H 218 -50.13 62.60 -11.26
CA ILE H 219 -51.83 62.36 -14.59
CA PRO H 220 -54.31 64.69 -16.11
CA SER H 221 -57.98 63.99 -16.75
CA ASN H 222 -58.67 65.02 -20.31
CA MET H 223 -56.50 62.31 -21.70
CA ALA H 224 -57.90 59.82 -19.27
CA ARG H 225 -61.46 60.79 -19.98
CA THR H 226 -61.13 60.44 -23.69
CA LEU H 227 -59.40 57.09 -23.50
CA ALA H 228 -62.01 55.93 -21.07
CA GLN H 229 -64.83 56.81 -23.41
CA GLN H 230 -63.22 54.92 -26.23
CA LEU H 231 -62.90 51.95 -23.93
CA ILE H 232 -66.51 52.00 -22.96
CA ASP H 233 -67.87 52.60 -26.39
CA PHE H 234 -65.47 50.54 -28.40
CA GLY H 235 -65.32 47.84 -25.80
CA GLU H 236 -61.76 47.34 -26.89
CA ILE H 237 -58.45 49.15 -27.13
CA LYS H 238 -58.87 52.44 -28.92
CA ARG H 239 -55.14 53.29 -29.06
CA GLY H 240 -54.13 55.49 -31.95
CA LEU H 241 -51.06 57.02 -33.47
CA LEU H 242 -50.17 60.60 -34.09
CA GLY H 243 -48.64 59.73 -37.42
CA ILE H 244 -45.60 61.45 -36.08
CA LYS H 245 -42.53 59.37 -35.55
CA GLY H 246 -39.69 60.55 -33.47
CA THR H 247 -37.25 60.06 -30.65
CA GLU H 248 -36.63 61.55 -27.23
CA MET H 249 -34.94 64.87 -27.07
CA SER H 250 -31.44 64.19 -25.88
CA ALA H 251 -29.60 65.91 -23.05
CA ASP H 252 -27.11 67.17 -25.59
CA ILE H 253 -30.06 68.91 -27.14
CA ALA H 254 -30.81 70.57 -23.89
CA LYS H 255 -27.48 72.26 -23.70
CA ALA H 256 -27.01 72.78 -27.40
CA PHE H 257 -30.26 74.35 -28.41
CA ASN H 258 -30.25 77.12 -25.91
CA LEU H 259 -33.77 77.10 -27.24
CA ASP H 260 -36.68 78.03 -25.07
CA VAL H 261 -37.00 74.43 -24.23
CA GLN H 262 -34.52 72.11 -25.74
CA ARG H 263 -36.42 69.10 -24.56
CA GLY H 264 -39.34 67.64 -26.42
CA ALA H 265 -40.10 64.95 -28.90
CA PHE H 266 -37.86 65.10 -31.91
CA VAL H 267 -39.96 64.54 -34.96
CA SER H 268 -39.22 62.07 -37.60
CA GLU H 269 -41.05 62.02 -40.36
CA VAL H 270 -44.56 62.88 -40.44
CA LEU H 271 -46.68 60.33 -42.13
CA PRO H 272 -48.66 62.01 -44.78
CA GLY H 273 -52.26 61.66 -43.70
CA SER H 274 -51.26 62.81 -40.27
CA GLY H 275 -52.22 65.98 -38.52
CA SER H 276 -48.58 66.95 -38.60
CA ALA H 277 -48.53 66.36 -42.31
CA LYS H 278 -51.56 68.55 -42.82
CA ALA H 279 -50.23 71.12 -40.40
CA GLY H 280 -47.04 71.40 -42.34
CA VAL H 281 -45.21 70.25 -39.30
CA LYS H 282 -41.93 69.00 -40.61
CA ALA H 283 -39.37 66.53 -39.54
CA GLY H 284 -36.72 68.13 -37.40
CA ASP H 285 -39.39 69.76 -35.36
CA ILE H 286 -39.10 69.53 -31.64
CA ILE H 287 -42.47 69.31 -29.99
CA THR H 288 -42.20 71.19 -26.74
CA SER H 289 -45.81 70.97 -25.72
CA LEU H 290 -49.07 69.21 -26.29
CA ASN H 291 -52.31 70.80 -25.13
CA GLY H 292 -50.20 73.45 -23.49
CA LYS H 293 -48.83 70.95 -21.05
CA PRO H 294 -45.35 70.63 -22.29
CA LEU H 295 -44.46 67.33 -23.83
CA ASN H 296 -41.11 66.54 -22.40
CA SER H 297 -40.76 63.41 -24.42
CA PHE H 298 -41.89 61.82 -27.62
CA ALA H 299 -43.39 59.21 -25.38
CA GLU H 300 -45.63 61.79 -23.78
CA LEU H 301 -46.69 63.13 -27.12
CA ARG H 302 -47.52 59.67 -28.30
CA SER H 303 -49.61 58.93 -25.27
CA ARG H 304 -51.48 62.19 -25.36
CA ILE H 305 -52.51 61.91 -28.98
CA ALA H 306 -53.25 58.21 -28.83
CA THR H 307 -55.36 58.56 -25.76
CA THR H 308 -57.97 60.71 -27.40
CA GLU H 309 -60.11 59.68 -30.33
CA PRO H 310 -59.29 61.13 -33.64
CA GLY H 311 -61.11 64.17 -34.89
CA THR H 312 -60.09 65.87 -31.71
CA LYS H 313 -57.87 68.85 -31.85
CA VAL H 314 -54.70 69.38 -29.92
CA LYS H 315 -52.25 72.25 -29.91
CA LEU H 316 -48.66 71.35 -30.28
CA GLY H 317 -45.99 73.60 -28.98
CA LEU H 318 -43.54 73.22 -31.80
CA LEU H 319 -39.98 74.45 -32.19
CA ARG H 320 -38.42 74.87 -35.58
CA ASN H 321 -35.14 76.57 -36.25
CA GLY H 322 -35.14 77.74 -32.82
CA LYS H 323 -38.34 79.49 -33.71
CA PRO H 324 -41.46 78.89 -31.78
CA LEU H 325 -44.54 77.60 -33.55
CA GLU H 326 -47.98 76.62 -32.41
CA VAL H 327 -49.85 74.17 -34.57
CA GLU H 328 -53.31 72.73 -34.33
CA VAL H 329 -53.52 69.08 -35.16
CA THR H 330 -56.49 66.86 -35.55
CA LEU H 331 -55.34 63.65 -34.08
CA ASP H 332 -55.31 60.83 -36.51
CA THR H 333 -55.22 57.30 -35.34
CA SER H 334 -53.19 54.42 -36.55
CA THR H 335 -54.44 50.96 -35.87
CA SER H 336 -52.39 47.93 -36.58
CA SER H 337 -53.32 44.31 -36.61
CA SER H 338 -51.28 41.23 -37.11
CA ALA H 339 -52.37 39.05 -39.94
CA SER H 340 -52.58 35.35 -39.49
CA ALA H 341 -54.00 32.54 -41.51
CA GLU H 342 -56.21 31.89 -38.53
CA MET H 343 -57.66 35.35 -38.55
CA ILE H 344 -58.99 35.05 -42.10
CA THR H 345 -59.71 31.30 -41.90
CA PRO H 346 -60.68 30.95 -38.23
CA ALA H 347 -62.09 27.53 -37.61
CA LEU H 348 -60.59 24.51 -39.09
CA GLU H 349 -58.65 26.12 -41.88
CA GLY H 350 -60.40 26.21 -45.19
CA ALA H 351 -62.59 28.75 -46.88
CA THR H 352 -61.87 32.39 -46.28
CA LEU H 353 -63.96 34.10 -43.69
CA SER H 354 -65.34 37.59 -43.23
CA ASP H 355 -66.65 39.02 -40.02
CA GLY H 356 -68.47 42.02 -38.69
CA GLN H 357 -70.70 44.81 -39.84
CA LEU H 358 -67.26 46.13 -39.20
CA LYS H 359 -68.80 49.00 -37.41
CA ASP H 360 -70.73 46.69 -35.17
CA GLY H 361 -69.62 43.32 -34.01
CA GLY H 362 -70.66 40.84 -36.62
CA LYS H 363 -73.18 38.19 -35.83
CA GLY H 364 -70.51 35.62 -36.43
CA ILE H 365 -68.02 34.57 -39.03
CA LYS H 366 -69.22 34.19 -42.56
CA ILE H 367 -67.34 31.71 -44.67
CA ASP H 368 -66.75 33.34 -47.99
CA GLU H 369 -65.91 30.39 -50.11
CA VAL H 370 -64.45 27.00 -49.73
CA VAL H 371 -61.07 26.70 -51.36
CA LYS H 372 -62.17 23.45 -49.89
CA GLY H 373 -58.62 22.06 -49.91
CA SER H 374 -58.00 22.27 -46.15
CA PRO H 375 -59.43 20.17 -43.46
CA ALA H 376 -62.22 22.44 -42.34
CA ALA H 377 -63.95 21.33 -45.47
CA GLN H 378 -63.21 17.76 -44.51
CA ALA H 379 -65.09 18.16 -41.27
CA GLY H 380 -68.13 19.29 -42.38
CA LEU H 381 -67.63 22.76 -43.40
CA GLN H 382 -68.83 24.20 -46.66
CA LYS H 383 -69.31 27.77 -47.79
CA ASP H 384 -72.15 30.07 -46.82
CA ASP H 385 -72.09 28.80 -43.30
CA VAL H 386 -72.24 31.38 -40.58
CA ILE H 387 -70.42 30.56 -37.48
CA ILE H 388 -72.79 31.87 -34.97
CA GLY H 389 -70.72 30.79 -32.06
CA VAL H 390 -68.37 28.31 -30.50
CA ASN H 391 -68.93 26.87 -27.08
CA ARG H 392 -72.25 28.61 -27.57
CA ASP H 393 -70.39 31.86 -27.88
CA ARG H 394 -71.57 33.84 -30.81
CA VAL H 395 -68.70 35.78 -32.26
CA ASN H 396 -69.06 39.41 -33.09
CA SER H 397 -65.97 40.52 -34.99
CA ILE H 398 -62.27 40.16 -36.04
CA ALA H 399 -60.36 41.88 -33.24
CA GLU H 400 -62.85 39.84 -31.38
CA MET H 401 -61.79 36.93 -33.48
CA ARG H 402 -58.47 37.39 -31.83
CA LYS H 403 -60.25 37.65 -28.49
CA VAL H 404 -62.02 34.37 -28.97
CA LEU H 405 -58.69 32.96 -29.99
CA ALA H 406 -57.21 33.84 -26.66
CA ALA H 407 -59.15 31.15 -24.76
CA LYS H 408 -57.91 28.02 -26.60
CA PRO H 409 -60.27 25.30 -25.43
CA ALA H 410 -59.45 21.60 -25.60
CA ILE H 411 -62.16 21.04 -28.14
CA ILE H 412 -63.75 23.55 -30.40
CA ALA H 413 -67.37 23.06 -31.23
CA LEU H 414 -68.54 25.35 -33.96
CA GLN H 415 -72.17 26.25 -34.06
CA ILE H 416 -72.89 27.29 -37.59
CA VAL H 417 -76.10 27.62 -39.45
CA ARG H 418 -76.29 26.35 -42.93
CA GLY H 419 -79.48 26.76 -44.82
CA ASN H 420 -82.37 26.38 -42.46
CA GLU H 421 -80.13 24.21 -40.44
CA SER H 422 -78.18 24.23 -37.21
CA ILE H 423 -75.11 22.09 -37.18
CA TYR H 424 -72.11 21.68 -34.97
CA LEU H 425 -68.67 21.21 -36.48
CA LEU H 426 -66.13 19.69 -34.17
CA MET H 427 -62.42 20.26 -34.17
CA PRO I 11 -40.43 -69.62 62.02
CA LEU I 12 -42.04 -67.37 59.59
CA PRO I 13 -42.48 -67.86 55.99
CA SER I 14 -40.62 -65.41 53.88
CA LEU I 15 -42.51 -62.23 53.14
CA ALA I 16 -45.08 -64.11 51.08
CA PRO I 17 -47.66 -64.52 53.74
CA MET I 18 -47.19 -60.85 54.16
CA LEU I 19 -47.61 -60.20 50.53
CA GLU I 20 -50.70 -62.22 50.01
CA LYS I 21 -52.96 -60.18 52.24
CA VAL I 22 -51.43 -56.85 51.04
CA LEU I 23 -50.90 -57.59 47.46
CA PRO I 24 -54.28 -57.19 45.84
CA ALA I 25 -53.68 -53.64 46.67
CA VAL I 26 -51.45 -54.07 43.45
CA VAL I 27 -51.79 -54.53 39.61
CA SER I 28 -49.56 -53.50 36.74
CA VAL I 29 -50.19 -50.20 35.09
CA ARG I 30 -49.10 -49.86 31.55
CA VAL I 31 -48.99 -46.51 29.94
CA GLU I 32 -48.16 -45.54 26.43
CA GLY I 33 -45.94 -42.51 26.52
CA THR I 34 -42.36 -41.78 25.73
CA ALA I 35 -40.72 -44.64 27.57
CA GLY I 63 -41.62 -45.94 31.00
CA LEU I 64 -43.71 -48.28 33.22
CA GLY I 65 -45.56 -48.25 36.64
CA SER I 66 -48.08 -50.00 39.01
CA GLY I 67 -51.56 -49.51 40.65
CA VAL I 68 -54.25 -50.86 43.04
CA ILE I 69 -57.65 -52.30 42.36
CA ILE I 70 -59.82 -50.33 44.73
CA ASN I 71 -63.15 -51.58 43.50
CA ALA I 72 -63.62 -54.73 41.52
CA SER I 73 -67.11 -53.97 40.30
CA LYS I 74 -66.32 -50.43 39.28
CA GLY I 75 -62.89 -51.33 38.09
CA TYR I 76 -61.34 -48.39 39.85
CA VAL I 77 -57.57 -48.51 40.12
CA LEU I 78 -55.60 -46.13 42.27
CA THR I 79 -52.19 -45.05 41.12
CA ASN I 80 -49.75 -42.17 41.45
CA ASN I 81 -50.43 -39.07 39.41
CA HIS I 82 -46.87 -39.04 38.24
CA VAL I 83 -47.49 -42.45 36.78
CA ILE I 84 -50.51 -41.22 34.79
CA ASN I 85 -49.30 -37.77 33.77
CA GLN I 86 -47.43 -38.59 30.55
CA ALA I 87 -49.83 -41.35 29.58
CA GLN I 88 -51.07 -41.18 26.04
CA LYS I 89 -52.96 -44.40 26.67
CA ILE I 90 -53.36 -46.65 29.65
CA SER I 91 -53.72 -50.36 30.10
CA ILE I 92 -53.77 -52.51 33.19
CA GLN I 93 -52.42 -56.00 33.51
CA LEU I 94 -53.40 -58.46 36.18
CA ASN I 95 -51.09 -60.98 37.75
CA ASP I 96 -52.99 -63.65 35.89
CA GLY I 97 -51.97 -62.01 32.66
CA ARG I 98 -55.34 -60.63 31.68
CA GLU I 99 -55.19 -57.05 30.52
CA PHE I 100 -57.69 -54.26 30.17
CA ASP I 101 -57.95 -50.73 28.86
CA ALA I 102 -58.17 -47.88 31.36
CA LYS I 103 -59.21 -44.25 31.34
CA LEU I 104 -58.16 -41.56 33.76
CA ILE I 105 -61.06 -40.55 35.91
CA GLY I 106 -59.21 -37.79 37.69
CA SER I 107 -56.13 -36.96 39.69
CA ASP I 108 -54.73 -34.60 42.25
CA ASP I 109 -51.30 -33.42 41.26
CA GLN I 110 -50.22 -32.52 44.76
CA SER I 111 -51.44 -35.70 46.42
CA ASP I 112 -49.89 -37.68 43.61
CA ILE I 113 -53.01 -39.71 43.51
CA ALA I 114 -54.81 -40.57 40.34
CA LEU I 115 -57.81 -42.76 39.81
CA LEU I 116 -58.23 -44.89 36.74
CA GLN I 117 -61.18 -46.91 35.62
CA ILE I 118 -60.87 -50.17 33.79
CA GLN I 119 -63.09 -50.60 30.81
CA ASN I 120 -65.19 -53.71 31.11
CA PRO I 121 -63.97 -54.03 34.62
CA SER I 122 -63.52 -57.51 35.94
CA LYS I 123 -63.51 -58.88 39.42
CA LEU I 124 -60.16 -60.08 40.60
CA THR I 125 -59.32 -60.86 44.17
CA GLN I 126 -58.87 -57.70 46.18
CA ILE I 127 -57.28 -57.67 49.54
CA ALA I 128 -57.72 -55.94 52.83
CA ILE I 129 -54.43 -53.98 52.89
CA ALA I 130 -53.12 -53.22 56.29
CA ASP I 131 -53.25 -49.90 57.50
CA SER I 132 -49.75 -48.64 57.32
CA ASP I 133 -50.22 -48.57 61.04
CA LYS I 134 -50.01 -52.34 60.98
CA LEU I 135 -46.49 -52.15 59.57
CA ARG I 136 -43.78 -51.90 62.19
CA VAL I 137 -41.29 -49.12 61.89
CA GLY I 138 -38.05 -50.80 61.08
CA ASP I 139 -40.11 -53.89 60.46
CA PHE I 140 -39.12 -56.00 57.52
CA ALA I 141 -40.94 -54.95 54.44
CA VAL I 142 -41.33 -56.24 50.96
CA ALA I 143 -42.19 -54.19 47.97
CA VAL I 144 -44.12 -55.60 45.09
CA GLY I 145 -44.92 -53.87 41.86
CA ASN I 146 -43.78 -53.17 38.34
CA PRO I 147 -42.03 -52.67 36.12
CA PHE I 148 -40.98 -56.08 34.93
CA GLY I 149 -44.52 -56.52 35.29
CA LEU I 150 -45.11 -59.71 33.40
CA GLY I 151 -45.20 -61.00 36.89
CA GLN I 152 -44.79 -58.65 39.77
CA THR I 153 -41.31 -58.12 41.03
CA ALA I 154 -40.71 -58.21 44.70
CA THR I 155 -37.88 -56.67 46.61
CA SER I 156 -37.05 -56.80 50.26
CA GLY I 157 -35.88 -54.28 52.79
CA ILE I 158 -36.50 -52.80 56.19
CA VAL I 159 -38.64 -49.93 57.35
CA SER I 160 -36.08 -47.17 57.44
CA ALA I 161 -38.20 -44.61 59.15
CA LEU I 162 -41.53 -42.94 59.53
CA GLY I 163 -42.02 -39.27 60.08
CA ARG I 164 -38.70 -38.77 58.40
CA SER I 165 -38.10 -35.03 58.61
CA GLY I 166 -35.44 -32.82 57.13
CA LEU I 167 -34.96 -34.26 53.69
CA ASN I 168 -37.94 -32.37 52.44
CA LEU I 169 -37.51 -34.31 49.28
CA GLU I 170 -41.18 -34.05 49.04
CA GLY I 171 -43.87 -31.61 49.04
CA LEU I 172 -46.04 -34.59 49.73
CA GLU I 173 -45.90 -36.01 53.18
CA ASN I 174 -47.30 -39.48 53.23
CA PHE I 175 -44.74 -41.61 54.68
CA ILE I 176 -43.04 -44.82 55.41
CA GLN I 177 -39.44 -44.87 54.33
CA THR I 178 -38.02 -48.13 53.08
CA ASP I 179 -34.71 -49.53 51.90
CA ALA I 180 -36.55 -52.08 49.79
CA SER I 181 -35.62 -51.64 46.18
CA ILE I 182 -37.85 -49.30 44.28
CA ASN I 183 -38.10 -49.49 40.52
CA ARG I 184 -39.03 -46.30 38.79
CA GLY I 185 -42.62 -47.40 38.17
CA ASN I 186 -42.50 -49.19 41.50
CA ALA I 187 -44.90 -46.77 43.07
CA GLY I 188 -48.52 -47.76 42.91
CA GLY I 189 -47.40 -51.13 44.20
CA ALA I 190 -47.67 -52.59 47.66
CA LEU I 191 -45.36 -52.57 50.64
CA LEU I 192 -45.95 -55.65 52.65
CA ASN I 193 -45.23 -56.39 56.33
CA LEU I 194 -45.11 -59.28 58.73
CA ASN I 195 -48.71 -58.58 59.20
CA GLY I 196 -49.41 -59.50 55.60
CA GLU I 197 -51.56 -56.56 55.23
CA LEU I 198 -50.37 -53.78 52.95
CA ILE I 199 -48.17 -51.53 55.01
CA GLY I 200 -48.30 -48.92 52.45
CA ILE I 201 -48.54 -47.97 48.86
CA ASN I 202 -45.18 -47.12 47.40
CA THR I 203 -45.49 -43.53 46.22
CA ALA I 204 -42.05 -42.20 45.39
CA ILE I 205 -38.31 -42.27 45.84
CA LEU I 206 -35.43 -39.87 46.25
CA ALA I 207 -33.50 -38.84 43.20
CA PRO I 208 -31.31 -41.73 42.46
CA GLY I 209 -28.47 -39.44 41.97
CA GLY I 210 -26.05 -41.51 40.15
CA GLY I 211 -27.57 -44.76 41.19
CA SER I 212 -30.03 -46.75 43.15
CA VAL I 213 -31.22 -44.47 45.87
CA GLY I 214 -31.97 -47.35 48.15
CA ILE I 215 -34.57 -45.06 49.61
CA GLY I 216 -38.27 -45.04 48.93
CA PHE I 217 -41.43 -43.59 50.40
CA ALA I 218 -44.83 -45.19 50.73
CA ILE I 219 -48.19 -43.61 51.48
CA PRO I 220 -50.86 -44.82 53.76
CA SER I 221 -54.29 -46.05 52.67
CA ASN I 222 -56.75 -44.19 54.88
CA MET I 223 -55.98 -40.86 53.36
CA ALA I 224 -55.91 -42.34 49.92
CA ARG I 225 -59.17 -44.14 50.32
CA THR I 226 -61.01 -41.13 51.61
CA LEU I 227 -59.78 -38.89 48.85
CA ALA I 228 -60.56 -41.58 46.34
CA GLN I 229 -64.13 -41.80 47.49
CA GLN I 230 -64.62 -38.09 47.19
CA LEU I 231 -63.18 -38.25 43.72
CA ILE I 232 -65.59 -40.94 42.68
CA ASP I 233 -68.62 -39.41 44.30
CA PHE I 234 -67.92 -35.79 43.61
CA GLY I 235 -66.46 -36.55 40.25
CA GLU I 236 -64.16 -33.65 40.87
CA ILE I 237 -61.49 -32.39 43.21
CA LYS I 238 -62.65 -32.67 46.80
CA ARG I 239 -59.63 -30.92 48.37
CA GLY I 240 -60.28 -29.19 51.66
CA LEU I 241 -58.50 -27.10 54.24
CA LEU I 242 -57.93 -27.64 57.94
CA GLY I 243 -58.59 -24.04 58.67
CA ILE I 244 -55.20 -24.20 60.29
CA LYS I 245 -52.56 -21.92 58.91
CA GLY I 246 -48.95 -22.51 59.72
CA THR I 247 -45.38 -23.10 58.70
CA GLU I 248 -42.96 -25.99 58.81
CA MET I 249 -41.15 -26.68 61.99
CA SER I 250 -37.65 -25.35 61.75
CA ALA I 251 -34.44 -27.25 62.42
CA ASP I 252 -33.69 -24.70 65.07
CA ILE I 253 -36.91 -25.81 66.66
CA ALA I 254 -35.70 -29.35 66.82
CA LYS I 255 -32.68 -28.33 68.76
CA ALA I 256 -34.37 -25.69 70.87
CA PHE I 257 -37.49 -27.39 72.04
CA ASN I 258 -35.91 -30.41 73.53
CA LEU I 259 -39.56 -31.30 73.31
CA ASP I 260 -40.63 -34.83 72.69
CA VAL I 261 -40.70 -33.99 69.05
CA GLN I 262 -39.71 -30.53 68.12
CA ARG I 263 -40.71 -31.08 64.53
CA GLY I 264 -44.26 -30.64 63.36
CA ALA I 265 -46.49 -28.05 61.80
CA PHE I 266 -46.23 -24.66 63.45
CA VAL I 267 -49.74 -23.42 63.91
CA SER I 268 -50.76 -20.01 63.06
CA GLU I 269 -53.84 -18.97 63.66
CA VAL I 270 -56.74 -21.07 63.55
CA LEU I 271 -59.51 -19.77 61.48
CA PRO I 272 -62.61 -19.75 63.50
CA GLY I 273 -65.17 -22.45 62.99
CA SER I 274 -62.26 -24.66 62.14
CA GLY I 275 -61.74 -27.88 63.99
CA SER I 276 -58.78 -26.27 65.65
CA ALA I 277 -60.84 -23.29 66.65
CA LYS I 278 -63.53 -25.47 68.15
CA ALA I 279 -60.92 -27.66 69.76
CA GLY I 280 -59.36 -24.71 71.44
CA VAL I 281 -56.18 -25.47 69.64
CA LYS I 282 -54.25 -22.25 69.67
CA ALA I 283 -51.70 -20.55 67.56
CA GLY I 284 -48.28 -21.48 68.74
CA ASP I 285 -49.20 -25.08 68.77
CA ILE I 286 -46.88 -27.59 67.20
CA ILE I 287 -48.77 -30.40 65.60
CA THR I 288 -46.59 -33.44 66.09
CA SER I 289 -48.98 -36.00 64.78
CA LEU I 290 -52.13 -36.55 62.79
CA ASN I 291 -54.02 -39.80 63.11
CA GLY I 292 -51.18 -41.03 65.27
CA LYS I 293 -48.84 -40.99 62.34
CA PRO I 294 -46.68 -38.11 63.24
CA LEU I 295 -47.05 -35.08 61.04
CA ASN I 296 -43.54 -33.99 60.42
CA SER I 297 -44.58 -30.99 58.50
CA PHE I 298 -47.39 -28.53 58.10
CA ALA I 299 -47.51 -29.83 54.58
CA GLU I 300 -48.29 -33.31 55.80
CA LEU I 301 -50.96 -32.05 58.12
CA ARG I 302 -52.55 -30.12 55.29
CA SER I 303 -52.58 -33.12 53.04
CA ARG I 304 -53.98 -35.42 55.65
CA ILE I 305 -56.98 -33.36 56.62
CA ALA I 306 -57.64 -32.16 53.10
CA THR I 307 -57.60 -35.68 51.80
CA THR I 308 -60.59 -36.83 53.78
CA GLU I 309 -64.01 -35.29 53.59
CA PRO I 310 -65.18 -33.08 56.37
CA GLY I 311 -67.20 -34.43 59.25
CA THR I 312 -64.41 -36.90 59.65
CA LYS I 313 -62.53 -37.01 62.89
CA VAL I 314 -58.80 -36.91 63.23
CA LYS I 315 -56.54 -36.99 66.25
CA LEU I 316 -53.94 -34.30 66.35
CA GLY I 317 -50.86 -34.89 68.38
CA LEU I 318 -50.43 -31.38 69.63
CA LEU I 319 -47.64 -29.80 71.64
CA ARG I 320 -48.21 -26.65 73.60
CA ASN I 321 -45.78 -25.21 76.09
CA GLY I 322 -43.80 -28.24 75.79
CA LYS I 323 -46.86 -30.00 77.07
CA PRO I 324 -48.34 -32.83 75.13
CA LEU I 325 -51.96 -32.61 74.06
CA GLU I 326 -54.26 -34.72 71.99
CA VAL I 327 -57.15 -33.07 70.30
CA GLU I 328 -59.96 -34.46 68.23
CA VAL I 329 -60.83 -32.35 65.27
CA THR I 330 -63.61 -32.67 62.79
CA LEU I 331 -61.96 -31.76 59.57
CA ASP I 332 -63.39 -28.67 58.00
CA THR I 333 -62.99 -28.04 54.35
CA SER I 334 -62.13 -24.87 52.60
CA THR I 335 -63.05 -24.61 48.99
CA SER I 336 -62.00 -21.71 46.88
CA SER I 337 -62.81 -20.79 43.36
CA SER I 338 -61.22 -18.21 41.18
CA ALA I 339 -63.59 -15.75 39.66
CA SER I 340 -63.38 -14.77 36.05
CA ALA I 341 -65.68 -12.86 33.81
CA GLU I 342 -65.90 -16.00 31.75
CA MET I 343 -67.09 -18.08 34.65
CA ILE I 344 -70.18 -15.96 35.29
CA THR I 345 -70.73 -15.00 31.64
CA PRO I 346 -69.50 -18.12 29.83
CA ALA I 347 -70.43 -17.91 26.20
CA LEU I 348 -70.06 -14.75 24.33
CA GLU I 349 -69.94 -12.32 27.18
CA GLY I 350 -73.22 -10.77 28.10
CA ALA I 351 -75.93 -11.65 30.56
CA THR I 352 -74.89 -13.24 33.80
CA LEU I 353 -75.20 -16.96 33.97
CA SER I 354 -76.05 -19.44 36.68
CA ASP I 355 -75.33 -23.10 36.57
CA GLY I 356 -76.11 -26.25 38.46
CA GLN I 357 -78.57 -27.54 40.93
CA LEU I 358 -75.32 -26.81 42.65
CA LYS I 359 -75.83 -30.07 44.35
CA ASP I 360 -76.07 -31.86 41.04
CA GLY I 361 -74.45 -30.87 37.83
CA GLY I 362 -76.79 -28.44 36.19
CA LYS I 363 -78.46 -29.31 32.97
CA GLY I 364 -76.63 -26.42 31.39
CA ILE I 365 -75.99 -22.75 31.88
CA LYS I 366 -78.96 -20.55 32.48
CA ILE I 367 -78.63 -16.97 31.43
CA ASP I 368 -79.89 -14.86 34.27
CA GLU I 369 -80.47 -11.61 32.53
CA VAL I 370 -79.08 -9.77 29.64
CA VAL I 371 -77.17 -6.67 30.66
CA LYS I 372 -77.36 -7.00 26.94
CA GLY I 373 -74.44 -4.59 26.44
CA SER I 374 -71.85 -7.19 25.38
CA PRO I 375 -71.62 -9.06 22.20
CA ALA I 376 -73.27 -12.29 23.28
CA ALA I 377 -76.46 -10.35 23.07
CA GLN I 378 -75.42 -9.18 19.64
CA ALA I 379 -75.19 -12.73 18.43
CA GLY I 380 -78.29 -13.99 19.17
CA LEU I 381 -78.35 -14.41 22.81
CA GLN I 382 -81.10 -13.20 25.07
CA LYS I 383 -82.13 -14.02 28.62
CA ASP I 384 -83.85 -17.20 29.73
CA ASP I 385 -81.92 -19.29 27.31
CA VAL I 386 -80.40 -22.41 28.65
CA ILE I 387 -77.18 -23.53 27.17
CA ILE I 388 -77.77 -27.18 26.94
CA GLY I 389 -74.45 -27.81 25.37
CA VAL I 390 -71.76 -26.76 23.01
CA ASN I 391 -70.44 -29.01 20.30
CA ARG I 392 -73.38 -31.08 21.43
CA ASP I 393 -71.88 -31.19 24.89
CA ARG I 394 -74.43 -30.57 27.57
CA VAL I 395 -72.82 -28.74 30.45
CA ASN I 396 -73.52 -29.72 33.98
CA SER I 397 -71.97 -27.14 36.33
CA ILE I 398 -69.51 -24.29 37.16
CA ALA I 399 -66.34 -26.10 38.16
CA GLU I 400 -67.43 -27.96 35.12
CA MET I 401 -67.72 -24.62 33.44
CA ARG I 402 -64.00 -24.44 33.96
CA LYS I 403 -63.75 -27.96 32.61
CA VAL I 404 -65.50 -27.20 29.36
CA LEU I 405 -63.28 -24.14 29.18
CA ALA I 406 -60.24 -26.36 29.10
CA ALA I 407 -60.95 -27.73 25.59
CA LYS I 408 -60.88 -24.44 23.58
CA PRO I 409 -62.34 -25.37 20.21
CA ALA I 410 -61.75 -23.33 17.07
CA ILE I 411 -65.42 -22.46 16.86
CA ILE I 412 -67.96 -22.56 19.59
CA ALA I 413 -71.47 -23.50 18.66
CA LEU I 414 -73.82 -23.07 21.52
CA GLN I 415 -76.91 -25.14 21.57
CA ILE I 416 -79.39 -23.43 23.75
CA VAL I 417 -83.09 -23.78 24.01
CA ARG I 418 -85.21 -20.73 23.98
CA GLY I 419 -88.90 -21.14 24.39
CA ASN I 420 -89.97 -24.24 22.65
CA GLU I 421 -87.03 -23.84 20.44
CA SER I 422 -83.60 -25.23 19.58
CA ILE I 423 -81.23 -22.55 18.48
CA TYR I 424 -77.56 -22.42 17.68
CA LEU I 425 -75.46 -19.42 18.57
CA LEU I 426 -72.06 -19.27 17.02
CA MET I 427 -68.95 -17.60 18.28
CA PRO J 11 0.43 -35.38 -96.19
CA LEU J 12 2.63 -36.17 -93.36
CA PRO J 13 2.01 -38.61 -90.69
CA SER J 14 1.58 -37.17 -87.30
CA LEU J 15 4.82 -36.69 -85.38
CA ALA J 16 5.24 -40.44 -85.11
CA PRO J 17 7.51 -40.96 -88.00
CA MET J 18 9.44 -38.21 -86.42
CA LEU J 19 9.44 -39.92 -83.10
CA GLU J 20 10.45 -43.32 -84.25
CA LYS J 21 13.89 -42.41 -85.51
CA VAL J 22 14.67 -40.08 -82.55
CA LEU J 23 12.90 -41.93 -79.82
CA PRO J 24 15.41 -44.60 -78.89
CA ALA J 25 17.30 -41.71 -77.60
CA VAL J 26 14.66 -42.24 -74.72
CA VAL J 27 13.87 -44.70 -71.83
CA SER J 28 12.22 -44.22 -68.44
CA VAL J 29 14.39 -43.38 -65.51
CA ARG J 30 13.05 -44.35 -62.14
CA VAL J 31 14.66 -43.10 -59.03
CA GLU J 32 13.92 -43.81 -55.44
CA GLY J 33 14.04 -40.56 -53.57
CA THR J 34 11.56 -38.37 -51.84
CA ALA J 35 8.94 -38.17 -54.55
CA GLY J 63 9.52 -37.74 -58.24
CA LEU J 64 10.21 -39.30 -61.68
CA GLY J 65 12.30 -38.66 -64.89
CA SER J 66 13.69 -40.02 -68.27
CA GLY J 67 16.96 -41.01 -70.04
CA VAL J 68 18.69 -42.25 -73.24
CA ILE J 69 20.31 -45.53 -74.10
CA ILE J 70 23.65 -44.40 -75.44
CA ASN J 71 25.22 -47.80 -75.69
CA ALA J 72 23.30 -51.04 -75.76
CA SER J 73 26.19 -53.32 -75.01
CA LYS J 74 27.51 -51.22 -72.18
CA GLY J 75 24.08 -50.30 -70.99
CA TYR J 76 25.02 -46.66 -70.65
CA VAL J 77 22.09 -44.32 -70.22
CA LEU J 78 22.43 -40.59 -70.42
CA THR J 79 20.23 -38.44 -68.26
CA ASN J 80 20.15 -35.05 -66.55
CA ASN J 81 22.14 -34.65 -63.38
CA HIS J 82 19.18 -33.06 -61.70
CA VAL J 83 17.32 -36.25 -62.38
CA ILE J 84 19.99 -38.35 -60.64
CA ASN J 85 20.94 -36.03 -57.79
CA GLN J 86 18.38 -37.05 -55.15
CA ALA J 87 18.38 -40.68 -56.23
CA GLN J 88 18.65 -43.17 -53.43
CA LYS J 89 18.29 -45.94 -55.97
CA ILE J 90 17.97 -46.00 -59.72
CA SER J 91 16.04 -48.22 -62.06
CA ILE J 92 15.37 -47.98 -65.76
CA GLN J 93 12.30 -49.14 -67.57
CA LEU J 94 12.06 -49.88 -71.26
CA ASN J 95 9.04 -49.17 -73.40
CA ASP J 96 8.55 -52.90 -73.55
CA GLY J 97 8.07 -52.91 -69.82
CA ARG J 98 11.30 -54.64 -68.92
CA GLU J 99 13.17 -52.97 -66.12
CA PHE J 100 16.73 -53.04 -64.87
CA ASP J 101 18.72 -51.54 -62.03
CA ALA J 102 21.22 -48.81 -62.69
CA LYS J 103 24.22 -47.25 -60.99
CA LEU J 104 25.51 -43.73 -61.38
CA ILE J 105 28.80 -43.75 -63.25
CA GLY J 106 29.35 -40.05 -62.90
CA SER J 107 27.84 -36.67 -63.57
CA ASP J 108 28.68 -33.05 -64.20
CA ASP J 109 26.54 -30.77 -62.12
CA GLN J 110 26.94 -27.78 -64.37
CA SER J 111 26.29 -29.58 -67.62
CA ASP J 112 23.35 -31.31 -66.02
CA ILE J 113 24.63 -34.43 -67.64
CA ALA J 114 24.78 -37.70 -65.77
CA LEU J 115 25.69 -41.14 -66.99
CA LEU J 116 24.11 -44.27 -65.64
CA GLN J 117 24.89 -47.85 -66.39
CA ILE J 118 22.37 -50.61 -66.36
CA GLN J 119 23.32 -53.79 -64.66
CA ASN J 120 22.91 -56.79 -66.88
CA PRO J 121 22.59 -54.37 -69.71
CA SER J 122 20.33 -55.50 -72.50
CA LYS J 123 20.23 -54.58 -76.11
CA LEU J 124 17.15 -52.64 -77.06
CA THR J 125 16.82 -50.79 -80.31
CA GLN J 126 18.58 -47.48 -80.21
CA ILE J 127 18.20 -44.83 -82.78
CA ALA J 128 20.25 -42.35 -84.73
CA ILE J 129 19.04 -39.15 -83.07
CA ALA J 130 19.07 -36.12 -85.29
CA ASP J 131 21.41 -33.56 -84.64
CA SER J 132 19.45 -30.76 -83.13
CA ASP J 133 20.62 -29.08 -86.29
CA LYS J 134 18.15 -31.25 -88.16
CA LEU J 135 15.23 -29.77 -86.25
CA ARG J 136 13.82 -26.60 -87.75
CA VAL J 137 13.56 -23.54 -85.58
CA GLY J 138 9.86 -22.99 -85.16
CA ASP J 139 9.46 -26.45 -86.62
CA PHE J 140 6.82 -28.66 -85.12
CA ALA J 141 8.25 -30.70 -82.35
CA VAL J 142 7.09 -33.54 -80.21
CA ALA J 143 8.39 -34.37 -76.81
CA VAL J 144 8.42 -37.88 -75.47
CA GLY J 145 9.45 -38.98 -72.06
CA ASN J 146 8.30 -39.67 -68.55
CA PRO J 147 6.85 -39.44 -66.12
CA PHE J 148 4.00 -41.84 -66.58
CA GLY J 149 5.96 -43.50 -67.66
CA LEU J 150 4.39 -46.90 -67.87
CA GLY J 151 4.42 -46.04 -71.55
CA GLN J 152 6.03 -42.87 -72.73
CA THR J 153 3.94 -39.77 -72.87
CA ALA J 154 4.15 -37.59 -75.89
CA THR J 155 3.30 -33.96 -76.16
CA SER J 156 3.32 -31.62 -79.08
CA GLY J 157 4.40 -28.06 -79.67
CA ILE J 158 6.56 -25.95 -81.92
CA VAL J 159 10.12 -24.77 -81.72
CA SER J 160 9.82 -21.51 -79.82
CA ALA J 161 13.32 -20.36 -80.36
CA LEU J 162 16.98 -21.14 -80.45
CA GLY J 163 19.64 -18.93 -79.02
CA ARG J 164 17.06 -17.41 -76.78
CA SER J 165 18.90 -14.77 -74.81
CA GLY J 166 17.82 -12.59 -71.93
CA LEU J 167 15.86 -15.01 -69.79
CA ASN J 168 19.03 -16.32 -68.31
CA LEU J 169 17.10 -18.93 -66.46
CA GLU J 170 20.23 -20.93 -66.85
CA GLY J 171 23.01 -21.25 -66.20
CA LEU J 172 23.42 -23.88 -68.84
CA GLU J 173 23.18 -22.91 -72.40
CA ASN J 174 22.25 -25.83 -74.51
CA PHE J 175 19.25 -24.82 -76.28
CA ILE J 176 16.17 -25.40 -78.27
CA GLN J 177 13.17 -23.74 -76.72
CA THR J 178 9.86 -25.50 -77.11
CA ASP J 179 6.23 -24.98 -76.21
CA ALA J 180 5.63 -28.73 -76.14
CA SER J 181 4.55 -29.67 -72.68
CA ILE J 182 7.28 -30.69 -70.34
CA ASN J 183 6.58 -32.90 -67.39
CA ARG J 184 8.85 -32.43 -64.42
CA GLY J 185 10.86 -35.58 -65.18
CA ASN J 186 10.34 -34.86 -68.86
CA ALA J 187 13.97 -34.06 -69.37
CA GLY J 188 16.13 -36.93 -70.45
CA GLY J 189 13.49 -37.62 -73.06
CA ALA J 190 13.52 -36.87 -76.74
CA LEU J 191 12.33 -33.93 -78.77
CA LEU J 192 11.38 -35.10 -82.19
CA ASN J 193 10.91 -33.18 -85.43
CA LEU J 194 9.88 -33.72 -89.00
CA ASN J 195 13.18 -35.33 -89.81
CA GLY J 196 12.25 -37.79 -87.17
CA GLU J 197 15.56 -37.72 -85.67
CA LEU J 198 15.96 -36.33 -82.20
CA ILE J 199 15.96 -32.66 -82.48
CA GLY J 200 17.18 -32.59 -78.98
CA ILE J 201 17.17 -33.98 -75.51
CA ASN J 202 14.82 -32.19 -73.20
CA THR J 203 17.02 -30.84 -70.42
CA ALA J 204 15.02 -28.36 -68.41
CA ILE J 205 12.13 -25.99 -68.00
CA LEU J 206 11.45 -22.55 -66.62
CA ALA J 207 10.04 -22.22 -63.16
CA PRO J 208 6.43 -23.05 -63.45
CA GLY J 209 5.37 -19.85 -61.80
CA GLY J 210 2.81 -22.01 -60.13
CA GLY J 211 1.50 -23.09 -63.49
CA SER J 212 2.57 -24.95 -66.55
CA VAL J 213 5.36 -22.84 -67.90
CA GLY J 214 4.64 -23.92 -71.41
CA ILE J 215 8.30 -23.42 -71.99
CA GLY J 216 11.08 -25.94 -72.09
CA PHE J 217 14.67 -26.23 -73.15
CA ALA J 218 16.38 -29.05 -74.99
CA ILE J 219 20.07 -29.80 -75.33
CA PRO J 220 21.86 -30.95 -78.40
CA SER J 221 23.57 -34.33 -78.77
CA ASN J 222 27.02 -33.53 -80.12
CA MET J 223 28.17 -31.92 -76.98
CA ALA J 224 26.48 -34.52 -74.87
CA ARG J 225 28.03 -37.33 -76.83
CA THR J 226 31.51 -35.93 -76.55
CA LEU J 227 31.26 -35.32 -72.82
CA ALA J 228 29.82 -38.74 -72.39
CA GLN J 229 32.69 -40.39 -74.13
CA GLN J 230 35.21 -38.59 -72.01
CA LEU J 231 33.31 -39.61 -68.93
CA ILE J 232 33.35 -43.23 -69.94
CA ASP J 233 36.94 -43.37 -71.01
CA PHE J 234 38.42 -40.97 -68.52
CA GLY J 235 36.25 -42.31 -65.76
CA GLU J 236 36.29 -38.83 -64.36
CA ILE J 237 35.38 -35.27 -65.17
CA LYS J 238 36.86 -34.31 -68.52
CA ARG J 239 35.86 -30.62 -68.28
CA GLY J 240 38.05 -28.30 -70.26
CA LEU J 241 38.47 -24.63 -70.92
CA LEU J 242 38.37 -22.69 -74.11
CA GLY J 243 41.23 -20.52 -72.98
CA ILE J 244 38.88 -17.70 -73.71
CA LYS J 245 37.87 -15.53 -70.85
CA GLY J 246 34.91 -13.26 -71.10
CA THR J 247 31.60 -11.97 -69.87
CA GLU J 248 27.99 -12.08 -70.97
CA MET J 249 26.93 -9.77 -73.70
CA SER J 250 24.97 -7.01 -72.06
CA ALA J 251 21.52 -5.81 -73.05
CA ASP J 252 23.03 -2.44 -73.73
CA ILE J 253 25.20 -4.00 -76.35
CA ALA J 254 22.18 -5.47 -78.03
CA LYS J 255 20.77 -2.05 -78.61
CA ALA J 256 24.10 -0.38 -79.19
CA PHE J 257 25.76 -2.70 -81.63
CA ASN J 258 23.07 -2.72 -84.20
CA LEU J 259 25.28 -5.61 -85.16
CA ASP J 260 23.85 -8.67 -86.75
CA VAL J 261 23.63 -10.13 -83.32
CA GLN J 262 24.75 -7.97 -80.52
CA ARG J 263 24.48 -10.77 -78.02
CA GLY J 264 27.22 -13.30 -77.54
CA ALA J 265 30.16 -13.94 -75.30
CA PHE J 266 32.34 -10.89 -74.82
CA VAL J 267 35.89 -12.04 -75.11
CA SER J 268 38.52 -11.17 -72.66
CA GLU J 269 41.66 -12.08 -73.13
CA VAL J 270 42.63 -15.00 -75.02
CA LEU J 271 45.06 -17.12 -73.18
CA PRO J 272 47.98 -17.75 -75.39
CA GLY J 273 48.01 -21.49 -76.04
CA SER J 274 44.33 -21.36 -76.75
CA GLY J 275 42.54 -21.92 -79.99
CA SER J 276 41.50 -18.31 -79.93
CA ALA J 277 45.08 -17.28 -79.50
CA LYS J 278 46.14 -19.44 -82.41
CA ALA J 279 43.20 -18.26 -84.44
CA GLY J 280 44.10 -14.67 -83.92
CA VAL J 281 40.82 -14.19 -82.19
CA LYS J 282 41.29 -11.08 -80.16
CA ALA J 283 39.88 -9.65 -77.04
CA GLY J 284 36.95 -7.46 -77.79
CA ASP J 285 35.52 -10.14 -79.95
CA ILE J 286 31.90 -11.03 -79.53
CA ILE J 287 31.29 -14.69 -80.16
CA THR J 288 27.88 -14.94 -81.73
CA SER J 289 27.91 -18.62 -82.51
CA LEU J 290 29.61 -21.87 -81.79
CA ASN J 291 29.19 -24.85 -84.08
CA GLY J 292 26.72 -22.76 -85.98
CA LYS J 293 24.32 -22.84 -83.10
CA PRO J 294 24.59 -19.33 -81.91
CA LEU J 295 26.21 -18.89 -78.54
CA ASN J 296 24.07 -16.35 -76.88
CA SER J 297 26.22 -16.28 -73.80
CA PHE J 298 29.79 -16.72 -72.69
CA ALA J 299 28.39 -19.45 -70.53
CA GLU J 300 27.15 -21.35 -73.53
CA LEU J 301 30.46 -20.95 -75.26
CA ARG J 302 32.26 -22.26 -72.23
CA SER J 303 30.02 -25.28 -71.99
CA ARG J 304 30.24 -26.17 -75.64
CA ILE J 305 34.02 -26.07 -75.80
CA ALA J 306 34.51 -27.75 -72.47
CA THR J 307 32.09 -30.45 -73.38
CA THR J 308 34.19 -31.93 -76.11
CA GLU J 309 37.68 -33.23 -75.80
CA PRO J 310 40.45 -31.13 -77.14
CA GLY J 311 41.79 -31.64 -80.62
CA THR J 312 38.24 -31.30 -81.81
CA LYS J 313 37.45 -28.40 -83.99
CA VAL J 314 34.61 -25.99 -83.65
CA LYS J 315 33.52 -23.00 -85.66
CA LEU J 316 33.09 -19.77 -83.81
CA GLY J 317 30.79 -17.19 -85.22
CA LEU J 318 32.83 -14.17 -84.27
CA LEU J 319 32.08 -10.47 -84.53
CA ARG J 320 34.83 -7.88 -84.64
CA ASN J 321 34.18 -4.16 -85.28
CA GLY J 322 30.88 -5.01 -86.45
CA LYS J 323 32.45 -7.27 -89.00
CA PRO J 324 31.54 -10.87 -89.16
CA LEU J 325 34.25 -13.48 -88.84
CA GLU J 326 34.28 -17.24 -88.78
CA VAL J 327 37.13 -18.89 -87.03
CA GLU J 328 38.01 -22.50 -86.60
CA VAL J 329 39.37 -23.35 -83.22
CA THR J 330 40.80 -26.54 -81.91
CA LEU J 331 39.44 -26.73 -78.44
CA ASP J 332 42.11 -26.58 -75.83
CA THR J 333 41.38 -27.83 -72.41
CA SER J 334 42.29 -26.28 -69.15
CA THR J 335 42.47 -28.49 -66.15
CA SER J 336 42.69 -26.78 -62.83
CA SER J 337 43.40 -28.34 -59.54
CA SER J 338 42.95 -26.95 -56.12
CA ALA J 339 46.09 -27.29 -54.14
CA SER J 340 46.04 -28.52 -50.62
CA ALA J 341 48.69 -29.77 -48.29
CA GLU J 342 46.65 -32.94 -48.19
CA MET J 343 46.80 -33.49 -51.89
CA ILE J 344 50.60 -33.65 -51.99
CA THR J 345 50.91 -35.15 -48.47
CA PRO J 346 47.81 -37.33 -48.32
CA ALA J 347 48.01 -39.49 -45.27
CA LEU J 348 49.27 -38.23 -42.02
CA GLU J 349 51.17 -35.21 -43.23
CA GLY J 350 54.82 -35.79 -43.83
CA ALA J 351 56.82 -36.75 -46.86
CA THR J 352 55.65 -35.51 -50.20
CA LEU J 353 53.66 -37.95 -52.27
CA SER J 354 53.29 -38.59 -55.96
CA ASP J 355 50.60 -40.63 -57.58
CA GLY J 356 49.64 -42.18 -60.86
CA GLN J 357 51.25 -43.38 -64.02
CA LEU J 358 49.56 -40.09 -64.61
CA LYS J 359 48.11 -41.52 -67.72
CA ASP J 360 46.68 -44.43 -65.83
CA GLY J 361 45.47 -44.42 -62.30
CA GLY J 362 48.44 -45.10 -60.12
CA LYS J 363 48.65 -48.20 -58.07
CA GLY J 364 48.62 -46.01 -55.01
CA ILE J 365 50.43 -43.08 -53.52
CA LYS J 366 54.16 -43.23 -53.44
CA ILE J 367 55.88 -41.24 -50.76
CA ASP J 368 58.65 -39.27 -52.34
CA GLU J 369 60.71 -38.34 -49.36
CA VAL J 370 60.25 -37.94 -45.71
CA VAL J 371 60.81 -34.37 -44.67
CA LYS J 372 60.07 -36.51 -41.70
CA GLY J 373 59.16 -33.49 -39.57
CA SER J 374 55.39 -34.08 -39.47
CA PRO J 375 53.53 -36.71 -37.65
CA ALA J 376 53.03 -39.16 -40.49
CA ALA J 377 56.64 -39.99 -39.94
CA GLN J 378 55.92 -40.34 -36.25
CA ALA J 379 53.38 -43.04 -36.95
CA GLY J 380 55.16 -45.33 -38.82
CA LEU J 381 55.63 -43.73 -42.10
CA GLN J 382 58.90 -43.54 -43.93
CA LYS J 383 59.80 -42.89 -47.54
CA ASP J 384 59.49 -45.36 -50.36
CA ASP J 385 56.28 -46.73 -49.04
CA VAL J 386 53.43 -47.11 -51.43
CA ILE J 387 50.01 -46.60 -50.08
CA ILE J 388 48.20 -49.35 -51.81
CA GLY J 389 44.95 -48.52 -50.19
CA VAL J 390 43.04 -47.33 -47.19
CA ASN J 391 40.15 -49.21 -45.76
CA ARG J 392 41.31 -51.79 -48.25
CA ASP J 393 40.81 -49.31 -51.02
CA ARG J 394 43.72 -49.16 -53.43
CA VAL J 395 44.07 -45.65 -54.68
CA ASN J 396 44.72 -44.99 -58.31
CA SER J 397 45.52 -41.29 -58.77
CA ILE J 398 45.46 -37.62 -57.57
CA ALA J 399 42.09 -36.40 -58.78
CA GLU J 400 41.23 -39.71 -57.32
CA MET J 401 43.13 -38.59 -54.29
CA ARG J 402 40.48 -35.96 -53.99
CA LYS J 403 37.86 -38.62 -54.53
CA VAL J 404 39.14 -40.78 -51.72
CA LEU J 405 39.21 -37.62 -49.68
CA ALA J 406 35.52 -37.18 -50.14
CA ALA J 407 34.60 -40.04 -47.78
CA LYS J 408 36.32 -38.84 -44.56
CA PRO J 409 36.21 -41.89 -42.31
CA ALA J 410 36.52 -41.75 -38.53
CA ILE J 411 39.70 -43.76 -38.64
CA ILE J 412 42.09 -44.09 -41.50
CA ALA J 413 43.98 -47.29 -41.85
CA LEU J 414 46.67 -47.02 -44.45
CA GLN J 415 47.74 -50.15 -46.19
CA ILE J 416 51.18 -49.53 -47.53
CA VAL J 417 53.87 -51.88 -48.58
CA ARG J 418 57.34 -51.20 -47.58
CA GLY J 419 60.01 -53.51 -48.79
CA ASN J 420 58.65 -56.94 -49.16
CA GLU J 421 56.24 -56.04 -46.50
CA SER J 422 52.59 -55.25 -45.81
CA ILE J 423 52.00 -52.78 -43.08
CA TYR J 424 49.15 -50.76 -41.74
CA LEU J 425 49.58 -47.22 -40.51
CA LEU J 426 46.78 -45.92 -38.38
CA MET J 427 45.60 -42.37 -38.09
CA PRO K 11 97.12 20.95 26.37
CA LEU K 12 95.00 21.59 23.46
CA PRO K 13 92.79 24.47 22.94
CA SER K 14 89.22 23.62 22.33
CA LEU K 15 88.40 22.82 18.72
CA ALA K 16 89.01 26.41 17.72
CA PRO K 17 92.51 26.06 16.55
CA MET K 18 91.14 23.20 14.59
CA LEU K 19 88.44 25.35 13.22
CA GLU K 20 90.53 28.28 12.23
CA LYS K 21 92.59 26.53 9.61
CA VAL K 22 89.64 24.55 8.17
CA LEU K 23 86.91 27.08 8.62
CA PRO K 24 87.40 29.33 5.63
CA ALA K 25 86.25 26.35 3.79
CA VAL K 26 82.83 27.79 5.15
CA VAL K 27 80.36 30.75 4.65
CA SER K 28 76.61 31.05 5.01
CA VAL K 29 74.48 30.27 2.03
CA ARG K 30 71.14 31.95 1.97
CA VAL K 31 68.54 30.89 -0.47
CA GLU K 32 65.11 32.24 -1.06
CA GLY K 33 62.76 29.37 -1.54
CA THR K 34 59.89 28.00 0.44
CA ALA K 35 61.50 27.83 3.86
CA GLY K 63 65.02 26.73 4.66
CA LEU K 64 68.74 27.62 5.10
CA GLY K 65 72.25 26.14 4.37
CA SER K 66 76.11 26.73 4.10
CA GLY K 67 79.00 26.83 1.56
CA VAL K 68 82.76 27.21 0.92
CA ILE K 69 84.76 29.97 -0.73
CA ILE K 70 86.85 28.03 -3.18
CA ASN K 71 88.29 31.00 -4.99
CA ALA K 72 88.39 34.48 -3.56
CA SER K 73 89.10 36.28 -6.78
CA LYS K 74 86.51 34.40 -8.75
CA GLY K 75 84.10 34.33 -5.88
CA TYR K 76 83.35 30.67 -6.41
CA VAL K 77 81.49 29.04 -3.56
CA LEU K 78 81.10 25.29 -3.25
CA THR K 79 77.92 23.94 -1.76
CA ASN K 80 75.65 20.91 -1.87
CA ASN K 81 73.27 20.61 -4.79
CA HIS K 82 70.42 19.89 -2.46
CA VAL K 83 71.09 23.22 -0.87
CA ILE K 84 70.79 25.04 -4.21
CA ASN K 85 68.01 23.05 -5.87
CA GLN K 86 64.95 24.89 -4.55
CA ALA K 87 66.69 28.27 -4.60
CA GLN K 88 64.66 31.04 -6.14
CA LYS K 89 67.48 33.41 -5.30
CA ILE K 90 70.81 33.00 -3.60
CA SER K 91 72.84 35.17 -1.31
CA ILE K 92 75.92 34.49 0.72
CA GLN K 93 76.83 35.98 4.01
CA LEU K 94 80.31 36.16 5.41
CA ASN K 95 81.19 35.75 9.06
CA ASP K 96 81.89 39.45 9.11
CA GLY K 97 78.29 40.10 8.22
CA ARG K 98 78.87 41.32 4.70
CA GLU K 99 76.52 39.76 2.23
CA PHE K 100 76.55 39.30 -1.53
CA ASP K 101 74.29 37.86 -4.20
CA ALA K 102 75.21 34.67 -5.97
CA LYS K 103 74.29 32.81 -9.14
CA LEU K 104 74.32 29.09 -9.77
CA ILE K 105 77.18 28.26 -12.10
CA GLY K 106 76.33 24.59 -12.30
CA SER K 107 75.83 21.49 -10.25
CA ASP K 108 75.83 17.72 -10.36
CA ASP K 109 72.76 16.21 -8.80
CA GLN K 110 74.36 12.89 -8.01
CA SER K 111 77.51 14.28 -6.46
CA ASP K 112 75.43 16.76 -4.53
CA ILE K 113 77.96 19.32 -5.53
CA ALA K 114 76.97 22.72 -6.80
CA LEU K 115 79.10 25.71 -7.59
CA LEU K 116 77.96 29.25 -7.03
CA GLN K 117 79.56 32.49 -8.04
CA ILE K 118 79.31 35.62 -6.02
CA GLN K 119 78.70 38.85 -7.81
CA ASN K 120 81.42 41.39 -7.04
CA PRO K 121 83.18 38.60 -5.33
CA SER K 122 85.42 40.08 -2.65
CA LYS K 123 88.38 38.47 -1.03
CA LEU K 124 87.87 37.04 2.40
CA THR K 125 90.41 34.88 4.06
CA GLN K 126 90.18 31.35 2.86
CA ILE K 127 91.95 28.44 4.35
CA ALA K 128 93.89 25.37 3.44
CA ILE K 129 91.35 22.73 4.42
CA ALA K 130 92.82 19.49 5.59
CA ASP K 131 92.45 16.62 3.53
CA SER K 132 89.87 14.51 5.19
CA ASP K 133 92.78 12.17 5.43
CA LYS K 134 94.18 14.50 8.06
CA LEU K 135 91.25 13.93 10.39
CA ARG K 136 91.52 10.89 12.56
CA VAL K 137 88.81 8.29 12.46
CA GLY K 138 87.13 8.55 15.81
CA ASP K 139 89.05 11.77 16.21
CA PHE K 140 87.21 14.60 17.85
CA ALA K 141 85.53 16.73 15.29
CA VAL K 142 83.72 20.00 15.24
CA ALA K 143 81.16 21.03 12.74
CA VAL K 144 80.64 24.61 11.78
CA GLY K 145 78.02 25.97 9.50
CA ASN K 146 74.53 27.36 9.24
CA PRO K 147 71.78 27.76 9.74
CA PHE K 148 71.66 30.55 12.24
CA GLY K 149 73.65 31.72 10.63
CA LEU K 150 74.15 35.29 11.75
CA GLY K 151 77.32 33.84 13.10
CA GLN K 152 78.31 30.29 12.38
CA THR K 153 77.11 27.65 14.76
CA ALA K 154 79.58 25.14 16.02
CA THR K 155 78.82 21.71 17.29
CA SER K 156 81.09 19.04 18.63
CA GLY K 157 81.31 15.32 18.27
CA ILE K 158 83.57 12.44 17.42
CA VAL K 159 84.35 10.68 14.19
CA SER K 160 81.90 7.83 14.22
CA ALA K 161 83.18 5.95 11.26
CA LEU K 162 84.69 6.02 7.84
CA GLY K 163 83.75 3.61 5.16
CA ARG K 164 80.62 2.79 6.98
CA SER K 165 78.82 0.20 5.00
CA GLY K 166 75.33 -1.28 5.16
CA LEU K 167 73.25 1.76 6.11
CA ASN K 168 73.15 2.66 2.44
CA LEU K 169 71.49 5.91 3.25
CA GLU K 170 73.04 7.10 0.05
CA GLY K 171 73.44 7.01 -2.79
CA LEU K 172 76.54 9.13 -2.60
CA GLU K 173 79.56 7.70 -1.02
CA ASN K 174 81.71 10.47 0.28
CA PHE K 175 82.30 9.71 3.78
CA ILE K 176 83.25 10.59 7.24
CA GLN K 177 80.51 9.86 9.72
CA THR K 178 80.16 12.13 12.70
CA ASP K 179 78.07 12.40 15.84
CA ALA K 180 78.55 16.18 15.82
CA SER K 181 75.18 17.76 15.49
CA ILE K 182 74.11 18.59 12.01
CA ASN K 183 71.53 21.25 11.31
CA ARG K 184 69.46 20.81 8.19
CA GLY K 185 71.44 23.36 6.20
CA ASN K 186 74.52 22.26 8.07
CA ALA K 187 76.04 20.69 5.00
CA GLY K 188 78.30 22.96 3.00
CA GLY K 189 79.98 23.75 6.28
CA ALA K 190 83.25 22.48 7.65
CA LEU K 191 84.18 19.56 9.84
CA LEU K 192 87.25 20.43 11.76
CA ASN K 193 89.75 18.18 13.52
CA LEU K 194 92.79 18.40 15.71
CA ASN K 195 94.93 19.22 12.73
CA GLY K 196 92.67 22.14 12.33
CA GLU K 197 92.35 21.69 8.74
CA LEU K 198 88.99 20.71 7.35
CA ILE K 199 88.44 17.12 7.99
CA GLY K 200 85.67 17.33 5.54
CA ILE K 201 82.73 19.20 4.26
CA ASN K 202 79.46 18.18 5.80
CA THR K 203 77.35 16.81 2.98
CA ALA K 204 74.29 15.16 4.49
CA ILE K 205 72.63 13.32 7.34
CA LEU K 206 70.31 10.39 7.85
CA ALA K 207 66.60 10.87 8.13
CA PRO K 208 65.90 12.28 11.47
CA GLY K 209 63.40 9.62 12.35
CA GLY K 210 61.49 12.49 13.80
CA GLY K 211 64.40 13.26 16.04
CA SER K 212 67.94 14.43 15.86
CA VAL K 213 69.68 11.68 13.99
CA GLY K 214 72.92 12.35 15.75
CA ILE K 215 74.46 11.06 12.58
CA GLY K 216 75.98 12.99 9.74
CA PHE K 217 78.21 12.44 6.74
CA ALA K 218 80.99 14.60 5.38
CA ILE K 219 82.67 14.52 1.99
CA PRO K 220 86.30 14.87 1.26
CA SER K 221 87.90 17.77 -0.63
CA ASN K 222 90.10 16.18 -3.26
CA MET K 223 87.20 14.76 -5.14
CA ALA K 224 85.24 17.96 -4.74
CA ARG K 225 88.17 20.06 -5.80
CA THR K 226 88.79 18.12 -8.97
CA LEU K 227 85.16 18.12 -9.98
CA ALA K 228 84.93 21.78 -9.23
CA GLN K 229 87.83 22.59 -11.47
CA GLN K 230 86.32 20.70 -14.36
CA LEU K 231 83.09 22.53 -13.76
CA ILE K 232 84.80 25.87 -13.93
CA ASP K 233 86.95 25.21 -16.95
CA PHE K 234 84.62 22.96 -18.88
CA GLY K 235 81.69 25.11 -17.99
CA GLU K 236 79.69 21.93 -18.13
CA ILE K 237 79.44 18.57 -16.49
CA LYS K 238 82.76 16.76 -16.57
CA ARG K 239 81.45 13.43 -15.22
CA GLY K 240 83.42 10.41 -16.28
CA LEU K 241 83.39 6.69 -15.83
CA LEU K 242 85.85 4.22 -14.45
CA GLY K 243 85.23 1.79 -17.23
CA ILE K 244 84.62 -0.58 -14.38
CA LYS K 245 81.20 -2.04 -14.04
CA GLY K 246 80.11 -3.68 -10.90
CA THR K 247 77.71 -4.17 -8.05
CA GLU K 248 77.70 -3.51 -4.32
CA MET K 249 79.39 -6.02 -2.09
CA SER K 250 76.65 -7.97 -0.42
CA ALA K 251 76.28 -8.62 3.27
CA ASP K 252 76.71 -12.28 2.52
CA ILE K 253 80.05 -11.23 1.15
CA ALA K 254 81.07 -9.78 4.43
CA LYS K 255 80.47 -12.96 6.30
CA ALA K 256 81.68 -15.30 3.62
CA PHE K 257 84.94 -13.75 2.59
CA ASN K 258 86.47 -13.52 5.98
CA LEU K 259 88.67 -11.34 3.85
CA ASP K 260 90.32 -8.33 5.29
CA VAL K 261 87.38 -6.35 4.12
CA GLN K 262 84.65 -8.25 2.44
CA ARG K 263 82.84 -5.09 1.48
CA GLY K 264 83.75 -3.12 -1.59
CA ALA K 265 82.69 -2.74 -5.16
CA PHE K 266 82.37 -6.03 -6.91
CA VAL K 267 83.85 -5.68 -10.33
CA SER K 268 82.17 -6.69 -13.46
CA GLU K 269 83.79 -6.55 -16.34
CA VAL K 270 86.34 -4.09 -17.04
CA LEU K 271 85.87 -2.30 -20.26
CA PRO K 272 88.98 -2.63 -22.27
CA GLY K 273 90.36 0.89 -22.59
CA SER K 274 89.86 1.37 -18.89
CA GLY K 275 92.45 1.78 -16.23
CA SER K 276 91.29 -1.48 -14.78
CA ALA K 277 91.78 -3.11 -18.13
CA LYS K 278 95.29 -1.75 -18.42
CA ALA K 279 96.00 -2.57 -14.82
CA GLY K 280 95.05 -6.15 -15.37
CA VAL K 281 92.35 -5.69 -12.82
CA LYS K 282 89.90 -8.37 -13.66
CA ALA K 283 86.31 -9.17 -13.06
CA GLY K 284 85.67 -10.76 -9.74
CA ASP K 285 87.82 -8.41 -7.93
CA ILE K 286 86.50 -6.49 -5.03
CA ILE K 287 87.72 -2.97 -4.68
CA THR K 288 88.16 -2.28 -1.01
CA SER K 289 89.63 1.16 -1.29
CA LEU K 290 90.14 4.08 -3.57
CA ASN K 291 92.81 6.66 -2.85
CA GLY K 292 93.32 4.96 0.47
CA LYS K 293 89.92 5.83 1.76
CA PRO K 294 88.16 2.60 1.51
CA LEU K 295 85.49 2.33 -1.12
CA ASN K 296 82.68 0.64 0.68
CA SER K 297 80.55 0.52 -2.39
CA PHE K 298 80.76 0.40 -6.12
CA ALA K 299 78.85 3.64 -5.96
CA GLU K 300 81.64 5.27 -4.05
CA LEU K 301 84.20 4.03 -6.48
CA ARG K 302 82.25 5.37 -9.38
CA SER K 303 81.89 8.77 -7.78
CA ARG K 304 85.50 9.02 -6.83
CA ILE K 305 86.99 8.34 -10.20
CA ALA K 306 84.28 10.16 -12.11
CA THR K 307 84.83 13.23 -10.03
CA THR K 308 88.38 13.81 -11.11
CA GLU K 309 89.45 14.37 -14.66
CA PRO K 310 91.13 11.58 -16.47
CA GLY K 311 94.87 11.27 -16.64
CA THR K 312 94.71 11.42 -12.89
CA LYS K 313 95.98 8.47 -11.02
CA VAL K 314 94.30 6.79 -8.12
CA LYS K 315 95.21 3.78 -6.06
CA LEU K 316 92.67 1.04 -5.83
CA GLY K 317 92.74 -1.24 -2.86
CA LEU K 318 91.87 -4.42 -4.67
CA LEU K 319 91.11 -7.89 -3.40
CA ARG K 320 91.56 -10.95 -5.55
CA ASN K 321 91.14 -14.52 -4.26
CA GLY K 322 91.39 -13.28 -0.89
CA LYS K 323 94.71 -11.74 -1.74
CA PRO K 324 95.34 -8.09 -1.40
CA LEU K 325 96.37 -6.06 -4.40
CA GLU K 326 97.20 -2.42 -4.92
CA VAL K 327 96.70 -1.14 -8.40
CA GLU K 328 97.32 2.25 -9.86
CA VAL K 329 94.79 3.33 -12.39
CA THR K 330 94.68 6.32 -14.63
CA LEU K 331 91.09 7.32 -14.51
CA ASP K 332 89.45 7.03 -17.86
CA THR K 333 86.34 8.94 -18.54
CA SER K 334 83.22 7.78 -20.26
CA THR K 335 81.01 10.40 -21.71
CA SER K 336 77.62 9.42 -22.94
CA SER K 337 75.00 11.50 -24.54
CA SER K 338 71.44 10.76 -25.30
CA ALA K 339 70.83 10.71 -28.99
CA SER K 340 67.81 12.54 -30.20
CA ALA K 341 66.62 13.48 -33.60
CA GLU K 342 66.55 16.96 -32.21
CA MET K 343 70.16 16.95 -31.23
CA ILE K 344 71.43 16.31 -34.76
CA THR K 345 68.59 18.20 -36.49
CA PRO K 346 67.86 20.92 -33.92
CA ALA K 347 65.48 23.42 -35.41
CA LEU K 348 62.58 22.37 -37.49
CA GLU K 349 63.70 18.90 -38.37
CA GLY K 350 65.44 18.60 -41.68
CA ALA K 351 69.06 18.72 -42.71
CA THR K 352 71.63 17.33 -40.35
CA LEU K 353 73.45 19.81 -38.21
CA SER K 354 76.94 20.10 -36.79
CA ASP K 355 78.03 22.38 -34.03
CA GLY K 356 81.09 23.59 -32.24
CA GLN K 357 84.76 24.08 -32.82
CA LEU K 358 84.24 21.18 -30.52
CA LYS K 359 86.96 22.56 -28.40
CA ASP K 360 85.26 25.88 -28.12
CA GLY K 361 81.59 26.48 -28.18
CA GLY K 362 80.61 26.80 -31.80
CA LYS K 363 79.31 30.02 -33.19
CA GLY K 364 76.03 28.31 -33.84
CA ILE K 365 74.59 25.30 -35.59
CA LYS K 366 75.77 24.58 -39.08
CA ILE K 367 73.30 22.78 -41.26
CA ASP K 368 75.19 20.08 -43.06
CA GLU K 369 72.84 19.24 -45.82
CA VAL K 370 69.18 19.31 -46.46
CA VAL K 371 67.73 15.84 -46.78
CA LYS K 372 65.14 18.47 -47.37
CA GLY K 373 62.29 16.01 -46.76
CA SER K 374 61.22 17.36 -43.35
CA PRO K 375 59.45 20.51 -42.60
CA ALA K 376 62.42 22.65 -41.62
CA ALA K 377 63.11 22.78 -45.30
CA GLN K 378 59.50 23.75 -45.87
CA ALA K 379 59.90 26.78 -43.66
CA GLY K 380 62.57 28.33 -45.14
CA LEU K 381 65.53 26.38 -44.24
CA GLN K 382 68.17 25.26 -46.68
CA LYS K 383 71.68 23.98 -46.20
CA ASP K 384 74.71 26.08 -45.45
CA ASP K 385 72.75 28.21 -43.07
CA VAL K 386 74.31 28.88 -39.72
CA ILE K 387 71.95 29.26 -36.88
CA ILE K 388 73.59 31.99 -35.01
CA GLY K 389 70.95 32.19 -32.40
CA VAL K 390 67.37 31.80 -31.39
CA ASN K 391 65.56 34.43 -29.42
CA ARG K 392 68.70 36.34 -30.22
CA ASP K 393 70.70 33.73 -28.41
CA ARG K 394 73.72 32.58 -30.32
CA VAL K 395 74.33 28.93 -29.65
CA ASN K 396 77.77 27.66 -28.98
CA SER K 397 77.76 23.86 -28.92
CA ILE K 398 75.90 20.45 -28.78
CA ALA K 399 75.79 19.71 -25.07
CA GLU K 400 74.86 23.30 -25.23
CA MET K 401 72.33 22.31 -27.82
CA ARG K 402 70.72 20.38 -25.03
CA LYS K 403 71.08 23.43 -22.86
CA VAL K 404 69.19 25.70 -25.18
CA LEU K 405 66.66 22.91 -25.50
CA ALA K 406 65.97 23.13 -21.81
CA ALA K 407 64.18 26.50 -22.10
CA LYS K 408 61.33 25.49 -24.48
CA PRO K 409 59.85 28.80 -25.61
CA ALA K 410 56.34 29.13 -27.01
CA ILE K 411 57.70 30.27 -30.33
CA ILE K 412 61.09 29.60 -31.75
CA ALA K 413 62.57 32.23 -33.96
CA LEU K 414 65.74 31.07 -35.56
CA GLN K 415 68.23 33.66 -36.56
CA ILE K 416 70.35 32.15 -39.23
CA VAL K 417 72.66 33.74 -41.70
CA ARG K 418 72.55 32.58 -45.23
CA GLY K 419 74.96 34.12 -47.63
CA ASN K 420 75.37 37.74 -46.83
CA GLU K 421 71.94 37.57 -45.38
CA SER K 422 70.18 37.56 -42.04
CA ILE K 423 66.91 35.79 -41.94
CA TYR K 424 64.59 34.52 -39.30
CA LEU K 425 62.91 31.14 -39.59
CA LEU K 426 59.90 30.70 -37.42
CA MET K 427 58.60 27.55 -35.87
CA PRO L 11 -56.68 84.00 7.27
CA LEU L 12 -55.46 81.60 9.81
CA PRO L 13 -52.18 81.72 11.45
CA SER L 14 -50.09 78.70 10.83
CA LEU L 15 -50.60 75.86 13.28
CA ALA L 16 -49.16 77.95 16.10
CA PRO L 17 -52.38 79.23 17.53
CA MET L 18 -53.31 75.64 17.44
CA LEU L 19 -50.16 74.60 19.19
CA GLU L 20 -50.24 77.11 21.95
CA LYS L 21 -53.43 75.95 23.59
CA VAL L 22 -52.57 72.19 23.22
CA LEU L 23 -48.85 72.32 23.64
CA PRO L 24 -48.37 72.43 27.39
CA ALA L 25 -49.65 68.96 27.12
CA VAL L 26 -45.88 68.54 26.06
CA VAL L 27 -42.34 68.55 27.63
CA SER L 28 -39.14 66.73 26.71
CA VAL L 29 -38.47 63.40 28.31
CA ARG L 30 -34.87 62.43 28.58
CA VAL L 31 -33.91 58.96 29.53
CA GLU L 32 -30.56 57.42 30.02
CA GLY L 33 -30.50 54.02 28.46
CA THR L 34 -28.85 52.46 25.49
CA ALA L 35 -29.49 55.17 22.92
CA GLY L 63 -32.73 57.03 22.40
CA LEU L 64 -35.00 60.00 23.25
CA GLY L 65 -38.77 60.81 23.79
CA SER L 66 -41.43 63.32 25.12
CA GLY L 67 -44.16 63.76 27.82
CA VAL L 68 -46.96 65.92 29.31
CA ILE L 69 -47.17 67.87 32.51
CA ILE L 70 -50.44 66.73 33.97
CA ASN L 71 -50.12 68.40 37.32
CA ALA L 72 -47.85 71.33 37.94
CA SER L 73 -47.88 71.17 41.70
CA LYS L 74 -47.40 67.45 41.84
CA GLY L 75 -45.02 67.46 38.95
CA TYR L 76 -46.71 64.51 37.33
CA VAL L 77 -45.72 63.92 33.74
CA LEU L 78 -47.55 61.50 31.51
CA THR L 79 -45.62 59.61 28.90
CA ASN L 80 -45.67 56.35 26.97
CA ASN L 81 -44.50 53.23 28.73
CA HIS L 82 -42.32 52.33 25.83
CA VAL L 83 -40.57 55.60 26.40
CA ILE L 84 -39.83 54.77 30.04
CA ASN L 85 -39.19 51.06 29.99
CA GLN L 86 -35.47 51.05 29.06
CA ALA L 87 -34.78 54.10 31.21
CA GLN L 88 -31.95 53.70 33.63
CA LYS L 89 -32.43 57.34 34.59
CA ILE L 90 -35.05 59.92 33.73
CA SER L 91 -34.85 63.66 33.29
CA ILE L 92 -37.37 66.16 32.00
CA GLN L 93 -36.58 69.32 30.15
CA LEU L 94 -38.90 72.27 29.76
CA ASN L 95 -39.17 74.44 26.69
CA ASP L 96 -37.52 77.16 28.69
CA GLY L 97 -34.48 74.95 29.08
CA ARG L 98 -34.92 74.17 32.74
CA GLU L 99 -34.41 70.54 33.52
CA PHE L 100 -35.37 68.28 36.39
CA ASP L 101 -34.95 64.68 37.45
CA ALA L 102 -37.88 62.33 37.42
CA LYS L 103 -38.83 58.99 38.89
CA LEU L 104 -41.25 56.46 37.51
CA ILE L 105 -44.41 56.35 39.60
CA GLY L 106 -45.94 53.51 37.66
CA SER L 107 -46.95 52.34 34.23
CA ASP L 108 -49.31 50.08 32.36
CA ASP L 109 -47.51 48.16 29.68
CA GLN L 110 -50.60 47.48 27.63
CA SER L 111 -51.95 51.01 27.69
CA ASP L 112 -48.47 52.30 26.94
CA ILE L 113 -49.12 54.83 29.63
CA ALA L 114 -46.55 55.67 32.25
CA LEU L 115 -46.54 58.33 34.91
CA LEU L 116 -43.44 60.15 36.04
CA GLN L 117 -42.95 62.52 38.88
CA ILE L 118 -40.53 65.38 38.75
CA GLN L 119 -38.48 66.03 41.82
CA ASN L 120 -38.85 69.62 42.96
CA PRO L 121 -41.67 69.83 40.52
CA SER L 122 -42.05 73.48 39.46
CA LYS L 123 -45.01 75.11 37.92
CA LEU L 124 -44.83 75.73 34.22
CA THR L 125 -47.82 76.77 32.23
CA GLN L 126 -50.19 73.90 31.57
CA ILE L 127 -52.55 73.56 28.76
CA ALA L 128 -56.24 72.84 28.38
CA ILE L 129 -55.74 70.19 25.71
CA ALA L 130 -58.57 69.67 23.35
CA ASP L 131 -60.37 66.63 23.54
CA SER L 132 -59.29 64.63 20.59
CA ASP L 133 -62.91 65.10 19.72
CA LYS L 134 -62.11 68.70 18.99
CA LEU L 135 -59.71 67.83 16.21
CA ARG L 136 -61.32 67.27 12.87
CA VAL L 137 -60.79 64.02 11.08
CA GLY L 138 -58.71 64.90 8.08
CA ASP L 139 -58.19 68.23 9.80
CA PHE L 140 -54.75 69.71 9.55
CA ALA L 141 -52.66 68.67 12.46
CA VAL L 142 -49.30 69.56 13.83
CA ALA L 143 -47.18 67.36 15.95
CA VAL L 144 -44.81 68.73 18.50
CA GLY L 145 -42.41 66.80 20.61
CA ASN L 146 -38.92 65.46 20.86
CA PRO L 147 -36.43 64.31 20.10
CA PHE L 148 -34.23 67.28 19.48
CA GLY L 149 -35.43 68.32 21.79
CA LEU L 150 -33.45 71.35 22.83
CA GLY L 151 -36.51 73.11 21.57
CA GLN L 152 -39.48 71.12 20.50
CA THR L 153 -39.72 70.07 16.92
CA ALA L 154 -42.89 70.64 15.05
CA THR L 155 -44.10 68.72 12.05
CA SER L 156 -47.21 69.13 10.01
CA GLY L 157 -49.67 66.79 8.37
CA ILE L 158 -53.35 66.03 8.16
CA VAL L 159 -55.60 63.69 10.05
CA SER L 160 -55.36 60.51 8.04
CA ALA L 161 -58.15 58.75 9.79
CA LEU L 162 -59.79 57.73 12.99
CA GLY L 163 -61.09 54.31 13.74
CA ARG L 164 -58.66 52.96 11.26
CA SER L 165 -59.29 49.25 11.22
CA GLY L 166 -57.44 46.42 9.50
CA LEU L 167 -53.82 47.33 10.06
CA ASN L 168 -53.93 45.89 13.50
CA LEU L 169 -50.52 47.32 14.13
CA GLU L 170 -51.62 47.35 17.72
CA GLY L 171 -52.55 46.06 20.09
CA LEU L 172 -53.58 49.32 21.63
CA GLU L 173 -56.49 51.08 20.19
CA ASN L 174 -56.35 54.72 20.97
CA PHE L 175 -56.52 56.45 17.79
CA ILE L 176 -56.06 59.37 15.55
CA GLN L 177 -53.99 58.53 12.52
CA THR L 178 -51.75 61.26 11.20
CA ASP L 179 -49.36 61.82 8.32
CA ALA L 180 -47.48 64.42 10.35
CA SER L 181 -43.97 63.22 10.80
CA ILE L 182 -43.29 61.27 13.91
CA ASN L 183 -39.84 61.02 15.37
CA ARG L 184 -39.10 57.87 17.30
CA GLY L 185 -39.45 59.58 20.67
CA ASN L 186 -42.17 61.72 19.16
CA ALA L 187 -44.86 60.05 21.20
CA GLY L 188 -45.64 61.73 24.49
CA GLY L 189 -45.87 64.94 22.51
CA ALA L 190 -48.90 66.86 21.35
CA LEU L 191 -50.96 66.74 18.20
CA LEU L 192 -52.44 70.11 17.65
CA ASN L 193 -55.36 71.18 15.47
CA LEU L 194 -57.26 74.21 14.39
CA ASN L 195 -59.01 74.59 17.69
CA GLY L 196 -55.55 74.71 19.10
CA GLU L 197 -56.31 72.38 21.76
CA LEU L 198 -54.51 69.09 21.94
CA ILE L 199 -56.07 66.86 19.35
CA GLY L 200 -54.25 64.04 20.89
CA ILE L 201 -51.13 62.67 22.40
CA ASN L 202 -48.89 60.99 19.91
CA THR L 203 -48.50 57.43 21.14
CA ALA L 204 -46.90 55.35 18.43
CA ILE L 205 -46.20 54.73 14.78
CA LEU L 206 -46.09 51.87 12.33
CA ALA L 207 -42.87 50.04 11.76
CA PRO L 208 -40.84 52.20 9.55
CA GLY L 209 -40.35 49.53 6.97
CA GLY L 210 -36.86 50.87 6.82
CA GLY L 211 -38.21 54.27 5.90
CA SER L 212 -40.28 57.00 7.37
CA VAL L 213 -43.65 55.41 7.85
CA GLY L 214 -45.42 58.68 7.34
CA ILE L 215 -48.00 57.14 9.60
CA GLY L 216 -48.54 57.80 13.27
CA PHE L 217 -51.16 57.21 15.92
CA ALA L 218 -52.29 59.51 18.70
CA ILE L 219 -54.21 58.71 21.85
CA PRO L 220 -57.01 60.70 23.34
CA SER L 221 -56.85 62.41 26.73
CA ASN L 222 -60.00 61.38 28.56
CA MET L 223 -58.94 57.80 28.81
CA ALA L 224 -55.44 58.78 29.72
CA ARG L 225 -56.62 61.25 32.29
CA THR L 226 -58.84 58.79 34.06
CA LEU L 227 -56.24 56.07 34.14
CA ALA L 228 -53.73 58.55 35.40
CA GLN L 229 -55.93 59.60 38.26
CA GLN L 230 -56.45 56.08 39.42
CA LEU L 231 -52.73 55.46 39.19
CA ILE L 232 -52.06 58.46 41.37
CA ASP L 233 -54.75 57.75 43.90
CA PHE L 234 -54.56 54.00 43.96
CA GLY L 235 -50.82 54.04 43.72
CA GLU L 236 -51.21 50.84 41.81
CA ILE L 237 -52.69 49.42 38.64
CA LYS L 238 -56.38 50.27 38.46
CA ARG L 239 -57.15 48.23 35.30
CA GLY L 240 -60.71 47.04 35.02
CA LEU L 241 -62.90 44.97 32.76
CA LEU L 242 -66.06 45.83 30.90
CA GLY L 243 -67.58 42.52 31.78
CA ILE L 244 -68.03 42.19 28.06
CA LYS L 245 -66.30 39.31 26.34
CA GLY L 246 -65.87 39.32 22.63
CA THR L 247 -63.68 39.08 19.57
CA GLU L 248 -62.57 41.43 16.88
CA MET L 249 -64.87 42.12 14.04
CA SER L 250 -63.70 40.13 11.08
CA ALA L 251 -63.09 41.40 7.57
CA ASP L 252 -65.81 39.12 6.33
CA ILE L 253 -68.00 41.05 8.70
CA ALA L 254 -67.22 44.26 6.95
CA LYS L 255 -68.30 42.90 3.63
CA ALA L 256 -71.25 40.92 4.90
CA PHE L 257 -72.99 43.33 7.18
CA ASN L 258 -73.37 46.13 4.77
CA LEU L 259 -74.14 47.70 8.10
CA ASP L 260 -73.24 51.26 8.80
CA VAL L 261 -70.02 50.01 10.24
CA GLN L 262 -69.45 46.34 10.10
CA ARG L 263 -66.30 46.65 12.17
CA GLY L 264 -66.40 46.75 15.92
CA ALA L 265 -66.09 44.48 18.88
CA PHE L 266 -68.14 41.33 18.57
CA VAL L 267 -69.88 40.86 21.86
CA SER L 268 -69.96 37.65 23.60
CA GLU L 269 -71.59 37.26 26.44
CA VAL L 270 -72.08 39.87 28.85
CA LEU L 271 -71.22 38.92 32.33
CA PRO L 272 -74.07 39.70 34.56
CA GLY L 273 -73.90 42.77 36.72
CA SER L 274 -71.85 44.24 33.95
CA GLY L 275 -72.86 47.49 32.39
CA SER L 276 -73.78 45.56 29.31
CA ALA L 277 -75.87 43.18 31.33
CA LYS L 278 -77.74 45.99 33.02
CA ALA L 279 -78.03 47.82 29.75
CA GLY L 280 -79.63 44.87 28.13
CA VAL L 281 -76.79 44.79 25.71
CA LYS L 282 -76.81 41.28 24.41
CA ALA L 283 -74.39 38.88 22.90
CA GLY L 284 -74.25 39.24 19.22
CA ASP L 285 -74.08 42.89 19.28
CA ILE L 286 -71.33 44.76 17.52
CA ILE L 287 -69.93 47.66 19.40
CA THR L 288 -69.17 50.26 16.77
CA SER L 289 -68.25 53.07 19.08
CA LEU L 290 -67.25 53.97 22.60
CA ASN L 291 -67.56 57.54 23.80
CA GLY L 292 -68.49 58.45 20.26
CA LYS L 293 -65.04 57.60 19.07
CA PRO L 294 -65.72 54.48 17.16
CA LEU L 295 -64.31 51.34 18.66
CA ASN L 296 -62.84 49.53 15.75
CA SER L 297 -61.91 46.57 17.81
CA PHE L 298 -62.83 44.68 20.92
CA ALA L 299 -59.36 45.55 22.05
CA GLU L 300 -60.14 49.24 21.86
CA LEU L 301 -63.35 48.77 23.75
CA ARG L 302 -61.52 46.87 26.43
CA SER L 303 -58.91 49.55 26.83
CA ARG L 304 -61.37 52.40 26.91
CA ILE L 305 -63.56 50.96 29.63
CA ALA L 306 -60.68 49.58 31.64
CA THR L 307 -58.88 52.87 31.57
CA THR L 308 -61.47 54.78 33.50
CA GLU L 309 -62.62 53.89 36.96
CA PRO L 310 -65.96 52.31 37.40
CA GLY L 311 -69.03 54.36 38.13
CA THR L 312 -68.15 56.37 35.08
CA LYS L 313 -70.51 56.40 32.18
CA VAL L 314 -69.66 55.66 28.60
CA LYS L 315 -71.83 55.60 25.53
CA LEU L 316 -71.51 52.58 23.38
CA GLY L 317 -72.38 52.79 19.76
CA LEU L 318 -74.04 49.44 19.45
CA LEU L 319 -75.33 47.63 16.41
CA ARG L 320 -77.89 44.89 16.74
CA ASN L 321 -79.61 43.23 13.75
CA GLY L 322 -78.34 45.87 11.64
CA LYS L 323 -80.09 48.38 13.78
CA PRO L 324 -78.26 51.13 15.48
CA LEU L 325 -78.44 51.46 19.24
CA GLU L 326 -76.85 53.69 21.78
CA VAL L 327 -76.41 52.41 25.27
CA GLU L 328 -75.14 54.07 28.37
CA VAL L 329 -73.00 51.85 30.49
CA THR L 330 -71.49 52.38 33.85
CA LEU L 331 -68.15 50.78 33.52
CA ASP L 332 -67.69 47.90 35.83
CA THR L 333 -64.25 46.74 36.76
CA SER L 334 -62.88 43.27 36.99
CA THR L 335 -59.77 42.65 38.93
CA SER L 336 -57.86 39.44 38.80
CA SER L 337 -55.16 38.19 41.08
CA SER L 338 -53.17 35.05 40.94
CA ALA L 339 -53.26 33.04 44.10
CA SER L 340 -50.11 31.55 45.45
CA ALA L 341 -49.23 29.89 48.68
CA GLU L 342 -46.79 32.69 49.15
CA MET L 343 -49.43 35.35 48.90
CA ILE L 344 -51.44 34.05 51.88
CA THR L 345 -48.36 32.65 53.64
CA PRO L 346 -45.72 35.23 52.79
CA ALA L 347 -42.67 34.71 54.90
CA LEU L 348 -41.39 31.33 55.66
CA GLU L 349 -44.43 29.27 54.94
CA GLY L 350 -46.63 28.60 57.91
CA ALA L 351 -49.60 30.33 59.44
CA THR L 352 -51.97 32.07 57.12
CA LEU L 353 -51.54 35.78 56.82
CA SER L 354 -53.86 38.70 56.33
CA ASP L 355 -52.85 42.12 55.20
CA GLY L 356 -54.22 45.59 54.76
CA GLN L 357 -57.09 47.64 56.01
CA LEU L 358 -57.80 46.49 52.50
CA LYS L 359 -58.84 49.98 51.74
CA ASP L 360 -55.59 51.35 53.02
CA GLY L 361 -52.26 49.67 52.80
CA GLY L 362 -51.92 47.55 55.87
CA LYS L 363 -49.27 48.27 58.40
CA GLY L 364 -47.78 44.90 57.64
CA ILE L 365 -48.73 41.27 57.43
CA LYS L 366 -50.64 39.84 60.31
CA ILE L 367 -50.27 36.16 60.88
CA ASP L 368 -53.68 34.68 61.35
CA GLU L 369 -52.85 31.43 62.97
CA VAL L 370 -50.05 29.00 62.95
CA VAL L 371 -51.01 25.74 61.31
CA LYS L 372 -47.53 25.61 62.67
CA GLY L 373 -46.63 22.62 60.49
CA SER L 374 -44.37 24.47 58.04
CA PRO L 375 -40.97 25.84 58.66
CA ALA L 376 -41.89 29.44 59.37
CA ALA L 377 -42.89 28.07 62.76
CA GLN L 378 -39.59 26.32 62.80
CA ALA L 379 -37.85 29.64 62.67
CA GLY L 380 -39.28 31.47 65.14
CA LEU L 381 -42.59 32.48 63.87
CA GLN L 382 -45.77 32.16 65.87
CA LYS L 383 -49.25 33.59 65.51
CA ASP L 384 -50.22 37.16 66.27
CA ASP L 385 -46.96 38.48 65.00
CA VAL L 386 -47.16 41.45 62.71
CA ILE L 387 -44.58 41.64 60.05
CA ILE L 388 -43.86 45.27 60.12
CA GLY L 389 -41.24 45.04 57.48
CA VAL L 390 -38.44 43.14 55.87
CA ASN L 391 -35.08 44.68 55.21
CA ARG L 392 -36.55 47.47 57.25
CA ASP L 393 -39.38 47.83 54.79
CA ARG L 394 -42.79 47.96 56.32
CA VAL L 395 -45.29 46.25 54.09
CA ASN L 396 -48.60 47.83 53.39
CA SER L 397 -50.80 45.35 51.53
CA ILE L 398 -51.31 42.19 49.37
CA ALA L 399 -50.92 43.49 45.83
CA GLU L 400 -48.06 45.11 47.58
CA MET L 401 -47.26 41.70 48.90
CA ARG L 402 -46.60 40.79 45.32
CA LYS L 403 -44.69 44.03 45.05
CA VAL L 404 -42.27 43.24 47.85
CA LEU L 405 -42.00 39.77 46.35
CA ALA L 406 -40.59 41.26 43.19
CA ALA L 407 -37.26 42.20 44.82
CA LYS L 408 -36.06 38.71 45.90
CA PRO L 409 -33.22 39.46 48.31
CA ALA L 410 -30.43 37.05 49.15
CA ILE L 411 -31.61 36.87 52.70
CA ILE L 412 -34.93 37.82 54.15
CA ALA L 413 -34.90 39.40 57.54
CA LEU L 414 -38.35 39.80 58.87
CA GLN L 415 -38.97 42.44 61.43
CA ILE L 416 -42.08 41.54 63.27
CA VAL L 417 -43.39 42.69 66.56
CA ARG L 418 -44.56 40.13 68.98
CA GLY L 419 -46.00 41.30 72.23
CA ASN L 420 -44.13 44.32 73.38
CA GLU L 421 -41.24 43.05 71.43
CA SER L 422 -39.12 43.62 68.34
CA ILE L 423 -37.89 40.42 66.85
CA TYR L 424 -36.04 39.42 63.72
CA LEU L 425 -36.84 36.19 61.92
CA LEU L 426 -34.38 35.21 59.30
CA MET L 427 -34.86 33.09 56.24
CA PRO M 11 40.76 71.81 -60.99
CA LEU M 12 41.63 70.35 -57.68
CA PRO M 13 43.74 67.47 -56.90
CA SER M 14 42.04 64.77 -54.97
CA LEU M 15 42.24 65.19 -51.21
CA ALA M 16 45.96 64.50 -51.30
CA PRO M 17 47.18 68.01 -51.31
CA MET M 18 44.87 68.37 -48.42
CA LEU M 19 46.33 65.40 -46.70
CA GLU M 20 49.93 66.25 -47.10
CA LYS M 21 49.90 69.41 -45.04
CA VAL M 22 47.66 67.95 -42.29
CA LEU M 23 48.85 64.39 -42.30
CA PRO M 24 51.99 64.55 -40.20
CA ALA M 25 49.52 65.15 -37.51
CA VAL M 26 49.25 61.24 -37.95
CA VAL M 27 51.24 57.99 -37.25
CA SER M 28 50.15 54.45 -36.44
CA VAL M 29 49.62 53.50 -32.85
CA ARG M 30 50.18 49.87 -32.06
CA VAL M 31 49.04 48.52 -28.77
CA GLU M 32 49.26 45.06 -27.38
CA GLY M 33 46.07 44.26 -25.59
CA THR M 34 43.20 41.93 -26.19
CA ALA M 35 42.58 42.63 -29.86
CA GLY M 63 42.55 46.01 -31.53
CA LEU M 64 44.46 48.85 -33.25
CA GLY M 65 44.54 52.74 -33.42
CA SER M 66 46.47 55.92 -34.53
CA GLY M 67 48.28 59.04 -33.16
CA VAL M 68 50.11 62.34 -33.89
CA ILE M 69 53.75 63.29 -33.63
CA ILE M 70 53.53 66.50 -31.68
CA ASN M 71 57.22 66.90 -31.01
CA ALA M 72 59.88 65.26 -33.10
CA SER M 73 62.76 65.81 -30.76
CA LYS M 74 60.87 64.70 -27.69
CA GLY M 75 59.06 62.00 -29.56
CA TYR M 76 55.74 62.97 -28.05
CA VAL M 77 52.75 61.42 -29.73
CA LEU M 78 49.23 62.55 -29.01
CA THR M 79 46.49 60.02 -29.14
CA ASN M 80 43.11 59.23 -27.62
CA ASN M 81 42.94 57.90 -24.10
CA HIS M 82 40.58 55.20 -25.18
CA VAL M 83 43.25 54.07 -27.58
CA ILE M 84 45.80 53.71 -24.78
CA ASN M 85 43.65 52.45 -21.93
CA GLN M 86 43.79 48.70 -22.66
CA ALA M 87 47.39 48.85 -23.82
CA GLN M 88 49.65 46.25 -22.31
CA LYS M 89 52.43 47.54 -24.53
CA ILE M 90 52.68 50.38 -27.01
CA SER M 91 54.49 50.64 -30.32
CA ILE M 92 54.36 53.32 -32.96
CA GLN M 93 54.96 52.88 -36.63
CA LEU M 94 55.73 55.53 -39.17
CA ASN M 95 54.46 55.69 -42.70
CA ASP M 96 57.94 54.82 -43.83
CA GLY M 97 57.67 51.58 -41.94
CA ARG M 98 60.04 52.42 -39.11
CA GLU M 99 58.70 51.46 -35.72
CA PHE M 100 59.52 52.43 -32.16
CA ASP M 101 58.36 51.55 -28.68
CA ALA M 102 56.38 54.03 -26.64
CA LYS M 103 55.43 54.65 -23.04
CA LEU M 104 52.40 56.44 -21.69
CA ILE M 105 53.38 59.80 -20.24
CA GLY M 106 49.92 60.59 -19.01
CA SER M 107 46.35 60.96 -20.08
CA ASP M 108 43.06 62.60 -19.20
CA ASP M 109 40.18 60.18 -19.27
CA GLN M 110 37.55 62.83 -19.84
CA SER M 111 39.34 64.67 -22.60
CA ASP M 112 40.17 61.36 -24.22
CA ILE M 113 43.61 62.77 -24.67
CA ALA M 114 46.70 60.77 -23.89
CA LEU M 115 50.34 61.54 -24.49
CA LEU M 116 52.89 58.95 -25.44
CA GLN M 117 56.61 59.22 -25.73
CA ILE M 118 58.64 57.28 -28.21
CA GLN M 119 61.82 55.79 -26.96
CA ASN M 120 64.78 56.79 -29.04
CA PRO M 121 62.55 59.33 -30.62
CA SER M 122 63.34 60.14 -34.20
CA LYS M 123 62.62 63.12 -36.31
CA LEU M 124 60.05 62.52 -39.00
CA THR M 125 58.43 65.32 -40.85
CA GLN M 126 55.61 66.85 -38.90
CA ILE M 127 53.13 69.20 -40.35
CA ALA M 128 51.35 72.39 -39.53
CA ILE M 129 47.81 70.98 -39.10
CA ALA M 130 45.11 73.40 -39.88
CA ASP M 131 43.12 74.65 -37.24
CA SER M 132 39.83 72.91 -37.44
CA ASP M 133 38.70 76.42 -38.15
CA LYS M 134 40.34 76.09 -41.54
CA LEU M 135 38.11 73.20 -42.56
CA ARG M 136 34.76 74.21 -43.94
CA VAL M 137 31.58 72.90 -42.45
CA GLY M 138 30.16 70.57 -45.03
CA ASP M 139 33.52 70.85 -46.74
CA PHE M 140 34.90 67.70 -48.25
CA ALA M 141 37.05 65.90 -45.79
CA VAL M 142 39.38 62.98 -45.86
CA ALA M 143 40.27 60.85 -42.93
CA VAL M 144 43.58 59.14 -42.65
CA GLY M 145 44.67 56.78 -39.97
CA ASN M 146 44.84 53.19 -38.89
CA PRO M 147 44.15 50.44 -38.55
CA PHE M 148 45.66 48.77 -41.54
CA GLY M 149 47.94 50.30 -40.79
CA LEU M 150 50.84 49.03 -42.78
CA GLY M 151 50.22 52.15 -44.76
CA GLN M 152 47.65 54.65 -43.69
CA THR M 153 44.17 54.12 -44.93
CA ALA M 154 42.29 57.07 -46.23
CA THR M 155 38.58 57.49 -46.48
CA SER M 156 36.54 60.30 -47.88
CA GLY M 157 33.40 62.09 -46.82
CA ILE M 158 32.03 65.52 -46.15
CA VAL M 159 31.69 67.61 -43.05
CA SER M 160 28.35 66.59 -41.62
CA ALA M 161 28.18 69.37 -39.12
CA LEU M 162 29.78 71.21 -36.27
CA GLY M 163 28.21 71.93 -32.96
CA ARG M 164 25.71 69.22 -33.44
CA SER M 165 23.64 69.05 -30.38
CA GLY M 166 21.10 66.51 -29.21
CA LEU M 167 22.96 63.29 -29.88
CA ASN M 168 24.71 63.59 -26.61
CA LEU M 169 26.77 60.64 -27.65
CA GLU M 170 29.38 62.25 -25.49
CA GLY M 171 30.35 63.32 -23.03
CA LEU M 172 33.21 65.11 -24.66
CA GLU M 173 32.45 68.02 -26.82
CA ASN M 174 35.17 68.54 -29.32
CA PHE M 175 33.56 68.53 -32.58
CA ILE M 176 33.52 68.23 -36.27
CA GLN M 177 31.19 65.55 -37.48
CA THR M 178 32.06 63.67 -40.61
CA ASP M 179 30.62 60.98 -42.84
CA ALA M 180 34.10 59.86 -43.82
CA SER M 181 34.60 56.28 -42.84
CA ILE M 182 36.01 55.78 -39.40
CA ASN M 183 37.79 52.59 -38.51
CA ARG M 184 37.69 51.63 -34.87
CA GLY M 185 41.25 52.76 -34.23
CA ASN M 186 40.68 55.55 -36.72
CA ALA M 187 40.77 58.14 -33.99
CA GLY M 188 44.17 59.68 -33.42
CA GLY M 189 44.38 60.14 -37.17
CA ALA M 190 43.92 63.23 -39.26
CA LEU M 191 40.90 64.78 -40.92
CA LEU M 192 42.06 66.70 -43.91
CA ASN M 193 40.32 69.43 -45.87
CA LEU M 194 40.76 71.57 -48.94
CA ASN M 195 43.19 73.77 -47.08
CA GLY M 196 45.19 70.67 -46.62
CA GLU M 197 45.82 71.34 -43.11
CA LEU M 198 44.38 69.17 -40.40
CA ILE M 199 40.75 69.92 -40.14
CA GLY M 200 40.82 67.96 -37.00
CA ILE M 201 41.90 64.91 -35.17
CA ASN M 202 39.45 62.08 -35.38
CA THR M 203 38.48 61.36 -31.80
CA ALA M 204 35.46 59.09 -31.76
CA ILE M 205 32.41 57.63 -33.44
CA LEU M 206 28.80 56.84 -32.60
CA ALA M 207 27.95 53.32 -31.67
CA PRO M 208 28.20 51.35 -34.80
CA GLY M 209 25.69 49.00 -33.35
CA GLY M 210 24.23 47.71 -36.40
CA GLY M 211 27.10 48.40 -38.66
CA SER M 212 29.15 51.21 -40.02
CA VAL M 213 27.85 54.24 -38.22
CA GLY M 214 28.93 56.43 -41.04
CA ILE M 215 29.28 59.04 -38.35
CA GLY M 216 32.42 60.27 -36.70
CA PHE M 217 33.64 63.12 -34.53
CA ALA M 218 36.92 64.99 -34.70
CA ILE M 219 38.51 67.27 -32.14
CA PRO M 220 40.29 70.50 -32.74
CA SER M 221 44.01 71.07 -32.11
CA ASN M 222 44.10 74.28 -30.10
CA MET M 223 42.58 72.73 -27.04
CA ALA M 224 44.58 69.60 -27.50
CA ARG M 225 47.82 71.49 -27.89
CA THR M 226 47.29 73.54 -24.79
CA LEU M 227 46.41 70.55 -22.66
CA ALA M 228 49.34 68.68 -24.08
CA GLN M 229 51.73 71.42 -23.10
CA GLN M 230 50.48 71.49 -19.56
CA LEU M 231 50.84 67.75 -19.40
CA ILE M 232 54.42 67.89 -20.55
CA ASP M 233 55.41 70.81 -18.39
CA PHE M 234 53.45 70.02 -15.28
CA GLY M 235 54.01 66.33 -15.65
CA GLU M 236 50.57 65.96 -14.18
CA ILE M 237 46.96 66.75 -14.88
CA LYS M 238 46.52 70.46 -15.52
CA ARG M 239 42.70 70.48 -15.60
CA GLY M 240 41.07 73.73 -14.65
CA LEU M 241 37.63 75.18 -14.20
CA LEU M 242 35.94 78.14 -15.78
CA GLY M 243 34.42 79.20 -12.54
CA ILE M 244 31.19 78.99 -14.47
CA LYS M 245 28.56 76.63 -13.10
CA GLY M 246 25.75 75.57 -15.34
CA THR M 247 23.68 72.94 -17.07
CA GLU M 248 23.01 71.76 -20.59
CA MET M 249 20.70 73.77 -22.72
CA SER M 250 17.47 71.82 -22.88
CA ALA M 251 15.52 70.91 -25.99
CA ASP M 252 12.67 72.99 -24.68
CA ILE M 253 15.16 75.81 -24.83
CA ALA M 254 15.68 75.25 -28.48
CA LYS M 255 12.04 75.61 -29.27
CA ALA M 256 11.31 78.34 -26.77
CA PHE M 257 14.10 80.76 -27.33
CA ASN M 258 13.65 81.23 -30.99
CA LEU M 259 17.02 82.79 -30.28
CA ASP M 260 19.76 82.59 -32.80
CA VAL M 261 20.96 79.49 -31.10
CA GLN M 262 18.88 78.26 -28.27
CA ARG M 263 21.39 75.61 -27.39
CA GLY M 264 24.45 76.28 -25.30
CA ALA M 265 25.61 76.06 -21.73
CA PHE M 266 23.14 77.57 -19.34
CA VAL M 267 25.06 79.58 -16.83
CA SER M 268 24.59 79.38 -13.23
CA GLU M 269 26.29 81.40 -11.25
CA VAL M 270 29.56 82.73 -11.91
CA LEU M 271 31.91 82.29 -9.13
CA PRO M 272 33.59 85.47 -8.32
CA GLY M 273 37.08 86.15 -9.56
CA SER M 274 36.14 83.99 -12.48
CA GLY M 275 36.53 85.26 -15.98
CA SER M 276 32.77 85.33 -16.15
CA ALA M 277 32.56 87.30 -12.96
CA LYS M 278 35.04 89.86 -14.13
CA ALA M 279 33.42 89.93 -17.53
CA GLY M 280 30.12 90.76 -16.00
CA VAL M 281 28.74 87.62 -17.50
CA LYS M 282 25.70 86.88 -15.44
CA ALA M 283 23.83 83.83 -14.53
CA GLY M 284 21.05 83.15 -16.92
CA ASP M 285 23.37 83.61 -19.78
CA ILE M 286 23.48 80.98 -22.45
CA ILE M 287 26.92 80.44 -23.87
CA THR M 288 26.47 79.72 -27.53
CA SER M 289 30.10 79.61 -28.49
CA LEU M 290 33.63 79.35 -27.20
CA ASN M 291 36.53 80.43 -29.39
CA GLY M 292 34.03 80.89 -32.17
CA LYS M 293 33.45 77.16 -32.26
CA PRO M 294 29.95 77.09 -30.91
CA LEU M 295 29.66 75.45 -27.54
CA ASN M 296 26.67 73.25 -27.83
CA SER M 297 26.83 72.19 -24.26
CA PHE M 298 28.05 73.26 -20.87
CA ALA M 299 30.21 70.18 -21.09
CA GLU M 300 31.95 71.52 -24.15
CA LEU M 301 32.48 74.85 -22.50
CA ARG M 302 33.96 73.21 -19.46
CA SER M 303 36.33 71.14 -21.54
CA ARG M 304 37.46 74.01 -23.69
CA ILE M 305 38.34 76.32 -20.85
CA ALA M 306 39.83 73.59 -18.71
CA THR M 307 42.02 72.37 -21.53
CA THR M 308 44.01 75.55 -21.78
CA GLU M 309 46.12 77.02 -19.03
CA PRO M 310 44.80 80.03 -17.30
CA GLY M 311 45.82 83.48 -18.42
CA THR M 312 44.69 82.49 -21.86
CA LYS M 313 41.87 84.38 -23.45
CA VAL M 314 38.77 82.91 -24.96
CA LYS M 315 35.85 84.54 -26.62
CA LEU M 316 32.52 83.39 -25.42
CA GLY M 317 29.54 83.71 -27.65
CA LEU M 318 27.04 84.70 -25.02
CA LEU M 319 23.30 85.19 -25.24
CA ARG M 320 21.44 87.31 -22.78
CA ASN M 321 17.75 88.26 -23.05
CA GLY M 322 17.81 87.09 -26.47
CA LYS M 323 20.54 89.54 -27.18
CA PRO M 324 23.86 88.49 -28.48
CA LEU M 325 27.02 89.28 -26.55
CA GLU M 326 30.67 88.57 -27.05
CA VAL M 327 32.80 88.45 -23.98
CA GLU M 328 36.49 87.94 -23.54
CA VAL M 329 37.40 85.82 -20.61
CA THR M 330 40.73 84.96 -19.16
CA LEU M 331 40.37 81.37 -18.22
CA ASP M 332 40.71 80.80 -14.54
CA THR M 333 41.47 77.40 -13.25
CA SER M 334 40.15 75.64 -10.27
CA THR M 335 42.14 72.85 -8.83
CA SER M 336 40.65 70.64 -6.21
CA SER M 337 42.01 67.69 -4.37
CA SER M 338 40.43 65.10 -2.21
CA ALA M 339 41.62 65.22 1.33
CA SER M 340 42.45 62.07 3.15
CA ALA M 341 44.20 61.29 6.35
CA GLU M 342 46.81 59.56 4.29
CA MET M 343 47.54 62.63 2.22
CA ILE M 344 48.62 64.71 5.21
CA THR M 345 49.95 61.74 7.22
CA PRO M 346 51.35 59.51 4.48
CA ALA M 347 53.34 56.75 6.04
CA LEU M 348 52.20 55.03 9.13
CA GLU M 349 49.79 57.60 10.41
CA GLY M 350 51.18 60.01 12.92
CA ALA M 351 52.75 63.42 12.64
CA THR M 352 51.47 65.71 9.95
CA LEU M 353 53.49 65.85 6.82
CA SER M 354 54.36 68.58 4.36
CA ASP M 355 55.66 68.02 0.88
CA GLY M 356 57.07 69.88 -2.04
CA GLN M 357 58.56 73.22 -2.81
CA LEU M 358 55.00 73.15 -3.97
CA LYS M 359 56.19 74.66 -7.15
CA ASP M 360 58.74 71.94 -7.64
CA GLY M 361 58.37 68.37 -6.58
CA GLY M 362 59.57 68.15 -3.03
CA LYS M 363 62.57 66.13 -2.12
CA GLY M 364 60.35 63.92 -0.05
CA ILE M 365 57.84 64.13 2.74
CA LYS M 366 58.74 66.28 5.69
CA ILE M 367 57.14 65.28 8.95
CA ASP M 368 55.97 68.45 10.57
CA GLU M 369 55.34 67.32 14.06
CA VAL M 370 54.65 64.15 15.84
CA VAL M 371 51.23 64.25 17.44
CA LYS M 372 52.89 61.05 18.27
CA GLY M 373 49.61 59.38 19.18
CA SER M 374 49.34 57.10 16.13
CA PRO M 375 51.34 54.12 15.25
CA ALA M 376 53.86 55.74 12.92
CA ALA M 377 55.44 56.96 16.14
CA GLN M 378 55.23 53.47 17.45
CA ALA M 379 57.44 52.31 14.62
CA GLY M 380 60.13 54.40 14.73
CA LEU M 381 59.01 57.61 13.31
CA GLN M 382 59.64 60.94 14.96
CA LYS M 383 59.42 64.51 13.75
CA ASP M 384 61.95 66.19 11.50
CA ASP M 385 62.43 63.07 9.47
CA VAL M 386 62.37 63.45 5.74
CA ILE M 387 60.99 60.57 3.82
CA ILE M 388 63.35 60.54 0.97
CA GLY M 389 61.77 57.54 -0.59
CA VAL M 390 60.02 54.25 -0.24
CA ASN M 391 61.20 51.16 -2.03
CA ARG M 392 64.08 53.46 -2.83
CA ASP M 393 61.62 55.80 -4.47
CA ARG M 394 62.25 59.40 -3.58
CA VAL M 395 58.94 61.21 -3.41
CA ASN M 396 58.58 64.61 -4.91
CA SER M 397 55.18 66.04 -4.04
CA ILE M 398 51.53 65.63 -2.78
CA ALA M 399 49.58 64.98 -5.96
CA GLU M 400 52.57 62.78 -6.33
CA MET M 401 51.82 61.51 -2.88
CA ARG M 402 48.64 60.23 -4.41
CA LYS M 403 50.73 58.85 -7.23
CA VAL M 404 52.94 56.88 -4.91
CA LEU M 405 49.80 55.67 -3.21
CA ALA M 406 48.54 54.17 -6.39
CA ALA M 407 51.09 51.31 -6.34
CA LYS M 408 50.28 49.77 -2.91
CA PRO M 409 53.11 47.37 -2.26
CA ALA M 410 52.88 44.42 0.11
CA ILE M 411 55.41 45.99 2.42
CA ILE M 412 56.31 49.61 2.74
CA ALA M 413 59.86 50.40 3.62
CA LEU M 414 60.34 54.04 4.30
CA GLN M 415 63.75 55.47 3.76
CA ILE M 416 63.96 58.58 5.82
CA VAL M 417 66.91 60.54 6.98
CA ARG M 418 66.98 61.71 10.51
CA GLY M 419 69.90 63.71 11.65
CA ASN M 420 72.97 62.50 9.92
CA GLU M 421 71.30 59.18 9.74
CA SER M 422 69.77 56.85 7.19
CA ILE M 423 67.00 54.81 8.57
CA TYR M 424 64.36 52.44 7.38
CA LEU M 425 60.91 52.38 8.91
CA LEU M 426 58.84 49.41 7.99
CA MET M 427 55.12 49.08 7.80
CA PRO N 11 0.92 37.45 96.10
CA LEU N 12 -0.20 38.95 92.97
CA PRO N 13 -3.33 38.44 91.19
CA SER N 14 -3.12 36.74 87.87
CA LEU N 15 -2.45 39.10 84.94
CA ALA N 16 -5.69 40.88 85.52
CA PRO N 17 -4.46 43.76 87.54
CA MET N 18 -1.92 44.02 84.83
CA LEU N 19 -4.52 43.89 82.17
CA GLU N 20 -6.88 46.43 83.58
CA LYS N 21 -4.56 49.41 83.41
CA VAL N 22 -3.25 48.51 79.92
CA LEU N 23 -6.34 47.00 78.42
CA PRO N 24 -8.25 50.08 77.30
CA ALA N 25 -5.47 50.33 74.88
CA VAL N 26 -7.72 47.54 73.20
CA VAL N 27 -11.11 47.09 71.36
CA SER N 28 -12.28 44.65 68.70
CA VAL N 29 -11.78 45.57 65.09
CA ARG N 30 -14.15 43.98 62.68
CA VAL N 31 -13.61 44.26 59.00
CA GLU N 32 -15.54 42.86 56.17
CA GLY N 33 -13.17 41.37 53.66
CA THR N 34 -12.45 37.92 52.42
CA ALA N 35 -12.23 36.10 55.73
CA GLY N 63 -10.51 37.36 58.83
CA LEU N 64 -10.62 39.35 62.11
CA GLY N 65 -8.38 41.74 64.22
CA SER N 66 -8.16 44.29 67.14
CA GLY N 67 -7.43 48.00 67.90
CA VAL N 68 -6.95 50.77 70.51
CA ILE N 69 -9.16 53.66 71.51
CA ILE N 70 -6.70 56.52 71.39
CA ASN N 71 -9.20 59.30 71.82
CA ALA N 72 -12.65 58.79 73.21
CA SER N 73 -14.10 62.07 72.09
CA LYS N 74 -12.68 61.83 68.63
CA GLY N 75 -13.30 58.14 68.41
CA TYR N 76 -9.86 57.51 67.03
CA VAL N 77 -8.78 53.90 67.07
CA LEU N 78 -5.23 52.81 66.45
CA THR N 79 -4.68 49.53 64.64
CA ASN N 80 -2.21 47.80 62.35
CA ASN N 81 -2.27 48.65 58.68
CA HIS N 82 -2.27 45.00 57.79
CA VAL N 83 -5.49 44.71 59.72
CA ILE N 84 -7.13 47.51 57.70
CA ASN N 85 -5.69 46.83 54.26
CA GLN N 86 -8.20 44.33 52.88
CA ALA N 87 -11.16 45.82 54.71
CA GLN N 88 -14.17 46.44 52.56
CA LYS N 89 -15.93 47.84 55.59
CA ILE N 90 -14.94 48.31 59.18
CA SER N 91 -16.78 48.09 62.46
CA ILE N 92 -15.56 48.29 66.01
CA GLN N 93 -16.96 46.40 68.94
CA LEU N 94 -16.50 47.34 72.55
CA ASN N 95 -16.10 44.90 75.38
CA ASP N 96 -19.55 45.93 76.48
CA GLY N 97 -20.93 44.65 73.22
CA ARG N 98 -21.77 48.01 71.73
CA GLU N 99 -20.62 48.35 68.15
CA PHE N 100 -19.96 51.23 65.81
CA ASP N 101 -18.93 51.78 62.22
CA ALA N 102 -15.49 53.07 61.42
CA LYS N 103 -13.71 54.69 58.54
CA LEU N 104 -10.04 54.67 57.74
CA ILE N 105 -8.50 58.04 58.41
CA GLY N 106 -5.09 57.07 57.15
CA SER N 107 -2.29 54.62 57.52
CA ASP N 108 1.41 54.10 56.97
CA ASP N 109 2.16 50.85 55.25
CA GLN N 110 5.70 50.58 56.56
CA SER N 111 4.91 51.42 60.14
CA ASP N 112 1.96 49.08 60.00
CA ILE N 113 0.04 51.76 61.77
CA ALA N 114 -3.42 52.76 60.68
CA LEU N 115 -5.85 55.12 62.29
CA LEU N 116 -9.58 54.63 62.20
CA GLN N 117 -12.35 56.90 63.34
CA ILE N 118 -15.58 55.68 64.79
CA GLN N 119 -18.68 57.34 63.58
CA ASN N 120 -20.73 58.74 66.40
CA PRO N 121 -17.82 58.05 68.61
CA SER N 122 -18.63 57.22 72.19
CA LYS N 123 -16.65 57.54 75.33
CA LEU N 124 -15.51 54.28 76.80
CA THR N 125 -12.94 54.04 79.50
CA GLN N 126 -9.48 54.21 78.10
CA ILE N 127 -6.33 53.55 79.98
CA ALA N 128 -2.87 54.89 80.52
CA ILE N 129 -0.90 52.17 78.78
CA ALA N 130 2.49 51.53 80.18
CA ASP N 131 5.33 52.43 78.25
CA SER N 132 6.77 49.27 76.91
CA ASP N 133 9.65 50.38 79.02
CA LYS N 134 7.50 49.48 81.99
CA LEU N 135 7.33 45.80 81.13
CA ARG N 136 10.27 43.71 82.11
CA VAL N 137 12.18 41.77 79.54
CA GLY N 138 11.40 38.16 80.27
CA ASP N 139 8.68 39.48 82.51
CA PHE N 140 5.41 37.64 82.40
CA ALA N 141 3.11 39.09 79.85
CA VAL N 142 -0.47 38.65 78.89
CA ALA N 143 -1.93 39.36 75.52
CA VAL N 144 -5.48 40.45 75.04
CA GLY N 145 -7.25 41.00 71.80
CA ASN N 146 -9.35 39.46 69.11
CA PRO N 147 -10.38 37.50 67.30
CA PHE N 148 -13.28 35.96 69.13
CA GLY N 149 -13.87 38.59 69.89
CA LEU N 150 -17.31 38.64 71.47
CA GLY N 151 -15.27 39.14 74.55
CA GLN N 152 -11.56 39.64 74.40
CA THR N 153 -9.40 36.59 74.55
CA ALA N 154 -6.40 36.59 76.76
CA THR N 155 -3.31 34.50 76.45
CA SER N 156 -0.31 34.27 78.68
CA GLY N 157 3.39 34.03 78.11
CA ILE N 158 6.72 35.54 78.95
CA VAL N 159 8.81 38.24 77.38
CA SER N 160 11.06 36.34 75.02
CA ALA N 161 13.34 39.22 74.26
CA LEU N 162 13.73 42.76 73.14
CA GLY N 163 16.05 43.95 70.48
CA ARG N 164 16.06 40.55 68.99
CA SER N 165 18.27 40.69 66.00
CA GLY N 166 18.92 38.13 63.31
CA LEU N 167 15.48 36.87 62.41
CA ASN N 168 14.84 39.89 60.31
CA LEU N 169 11.28 38.78 59.99
CA GLU N 170 10.62 42.44 59.50
CA GLY N 171 10.96 44.91 58.11
CA LEU N 172 9.53 46.91 60.94
CA GLU N 173 11.47 47.15 64.08
CA ASN N 174 9.17 47.84 66.95
CA PHE N 175 9.85 45.24 69.40
CA ILE N 176 9.02 43.17 72.35
CA GLN N 177 9.02 39.49 71.57
CA THR N 178 6.60 37.30 73.41
CA ASP N 179 5.66 33.64 73.73
CA ALA N 180 2.10 34.58 74.56
CA SER N 181 -0.28 33.15 72.05
CA ILE N 182 -1.09 35.43 69.20
CA ASN N 183 -4.17 35.00 67.12
CA ARG N 184 -3.98 36.20 63.55
CA GLY N 185 -5.96 39.36 64.29
CA ASN N 186 -4.30 39.47 67.68
CA ALA N 187 -2.28 42.51 66.71
CA GLY N 188 -3.89 45.79 67.66
CA GLY N 189 -4.47 44.30 71.09
CA ALA N 190 -2.60 44.88 74.30
CA LEU N 191 0.35 43.16 75.91
CA LEU N 192 0.06 43.53 79.61
CA ASN N 193 2.70 43.19 82.28
CA LEU N 194 3.09 43.21 86.02
CA ASN N 195 2.91 46.97 86.06
CA GLY N 196 -0.44 46.54 84.49
CA GLU N 197 0.12 49.09 81.98
CA LEU N 198 0.44 48.17 78.33
CA ILE N 199 3.80 46.72 77.84
CA GLY N 200 3.06 47.02 74.22
CA ILE N 201 0.70 46.74 71.35
CA ASN N 202 0.87 43.42 69.61
CA THR N 203 1.90 44.24 66.06
CA ALA N 204 2.81 41.02 64.32
CA ILE N 205 3.93 37.43 64.39
CA LEU N 206 6.36 35.20 62.56
CA ALA N 207 5.08 33.02 59.79
CA PRO N 208 3.32 30.18 61.41
CA GLY N 209 5.31 27.61 59.56
CA GLY N 210 2.00 25.83 59.34
CA GLY N 211 1.77 25.82 63.09
CA SER N 212 1.43 28.19 65.96
CA VAL N 213 4.63 30.14 65.84
CA GLY N 214 4.55 30.74 69.54
CA ILE N 215 6.37 33.91 68.66
CA GLY N 216 5.01 37.40 68.45
CA PHE N 217 6.16 40.97 68.36
CA ALA N 218 4.73 44.01 70.06
CA ILE N 219 5.26 47.68 69.28
CA PRO N 220 5.81 50.42 71.78
CA SER N 221 3.44 53.35 72.31
CA ASN N 222 5.63 56.45 72.25
CA MET N 223 6.46 56.02 68.63
CA ALA N 224 2.90 55.12 67.80
CA ARG N 225 1.51 58.04 69.72
CA THR N 226 3.74 60.52 67.97
CA LEU N 227 2.95 59.27 64.51
CA ALA N 228 -0.68 59.13 65.39
CA GLN N 229 -0.70 62.74 66.46
CA GLN N 230 0.97 63.84 63.27
CA LEU N 231 -1.54 61.84 61.30
CA ILE N 232 -4.44 63.47 63.05
CA ASP N 233 -3.11 66.99 62.91
CA PHE N 234 -1.44 66.83 59.56
CA GLY N 235 -4.18 64.72 58.13
CA GLU N 236 -1.49 63.20 56.00
CA ILE N 237 1.70 61.21 56.22
CA LYS N 238 4.14 62.92 58.56
CA ARG N 239 7.07 60.56 57.85
CA GLY N 240 10.50 62.04 58.38
CA LEU N 241 14.10 61.07 58.07
CA LEU N 242 16.95 61.04 60.55
CA GLY N 243 19.36 62.44 58.05
CA ILE N 244 21.38 59.38 58.92
CA LYS N 245 22.15 57.00 56.11
CA GLY N 246 23.32 53.52 56.92
CA THR N 247 23.01 49.77 56.67
CA GLU N 248 22.18 46.96 59.02
CA MET N 249 24.78 45.63 61.34
CA SER N 250 26.10 42.42 59.91
CA ALA N 251 26.44 39.13 61.72
CA ASP N 252 30.14 39.31 61.07
CA ILE N 253 30.02 42.49 63.05
CA ALA N 254 28.51 40.73 66.01
CA LYS N 255 31.35 38.33 66.22
CA ALA N 256 34.06 40.78 65.27
CA PHE N 257 33.32 43.73 67.47
CA ASN N 258 33.33 41.96 70.73
CA LEU N 259 31.68 45.27 71.47
CA ASP N 260 29.03 45.54 74.07
CA VAL N 261 26.55 45.15 71.31
CA GLN N 262 27.92 44.63 67.89
CA ARG N 263 24.50 44.90 66.34
CA GLY N 264 22.96 48.21 65.47
CA ALA N 265 22.57 50.51 62.53
CA PHE N 266 25.82 51.21 60.81
CA VAL N 267 25.98 54.86 60.02
CA SER N 268 26.92 56.27 56.80
CA GLU N 269 27.21 59.54 56.40
CA VAL N 270 25.35 61.98 58.25
CA LEU N 271 23.66 64.58 56.21
CA PRO N 272 24.74 67.90 57.48
CA GLY N 273 21.59 69.54 58.84
CA SER N 274 20.88 66.33 60.66
CA GLY N 275 20.81 65.76 64.36
CA SER N 276 23.69 63.38 63.85
CA ALA N 277 25.58 66.08 62.06
CA LYS N 278 24.97 68.55 64.85
CA ALA N 279 25.74 65.93 67.44
CA GLY N 280 29.06 65.23 65.86
CA VAL N 281 27.97 61.70 65.29
CA LYS N 282 30.20 60.43 62.57
CA ALA N 283 30.06 57.86 59.89
CA GLY N 284 31.30 54.54 61.11
CA ASP N 285 29.19 54.87 64.16
CA ILE N 286 27.05 51.99 65.19
CA ILE N 287 23.82 53.00 66.79
CA THR N 288 23.06 50.43 69.43
CA SER N 289 20.02 52.08 70.89
CA LEU N 290 17.35 54.68 70.35
CA ASN N 291 15.35 55.99 73.28
CA GLY N 292 17.07 53.39 75.39
CA LYS N 293 15.32 50.63 73.56
CA PRO N 294 18.15 49.21 71.61
CA LEU N 295 17.98 49.73 67.90
CA ASN N 296 18.92 46.41 66.51
CA SER N 297 18.80 47.62 62.98
CA PHE N 298 19.14 50.71 60.88
CA ALA N 299 15.57 50.02 59.93
CA GLU N 300 14.45 50.37 63.50
CA LEU N 301 16.38 53.57 63.90
CA ARG N 302 14.79 54.96 60.78
CA SER N 303 11.33 54.08 61.97
CA ARG N 304 11.80 55.46 65.44
CA ILE N 305 13.04 58.86 64.36
CA ALA N 306 10.65 59.16 61.44
CA THR N 307 7.75 58.28 63.64
CA THR N 308 7.96 61.30 65.85
CA GLU N 309 7.78 64.91 64.77
CA PRO N 310 10.96 66.81 64.48
CA GLY N 311 12.07 69.04 67.31
CA THR N 312 11.70 66.04 69.53
CA LYS N 313 14.74 64.69 71.23
CA VAL N 314 15.93 61.14 71.22
CA LYS N 315 18.92 59.55 72.84
CA LEU N 316 21.01 57.40 70.63
CA GLY N 317 23.10 54.70 72.11
CA LEU N 318 26.13 55.12 69.90
CA LEU N 319 29.27 53.06 69.60
CA ARG N 320 32.47 54.48 68.19
CA ASN N 321 35.82 52.79 68.25
CA GLY N 322 34.43 50.32 70.52
CA LYS N 323 33.72 53.18 72.85
CA PRO N 324 30.26 53.82 74.07
CA LEU N 325 28.66 57.18 73.41
CA GLU N 326 25.32 58.69 74.24
CA VAL N 327 24.12 61.41 71.97
CA GLU N 328 21.07 63.58 72.10
CA VAL N 329 19.59 64.27 68.74
CA THR N 330 16.75 66.48 67.73
CA LEU N 331 15.06 64.52 65.05
CA ASP N 332 15.15 66.23 61.74
CA THR N 333 12.66 65.30 59.14
CA SER N 334 13.21 64.72 55.48
CA THR N 335 10.22 65.25 53.27
CA SER N 336 10.40 64.16 49.71
CA SER N 337 7.85 64.08 47.00
CA SER N 338 7.69 62.34 43.72
CA ALA N 339 7.79 64.76 40.87
CA SER N 340 5.38 64.37 38.07
CA ALA N 341 4.36 66.62 35.27
CA GLU N 342 0.88 66.00 36.53
CA MET N 343 1.65 67.26 39.98
CA ILE N 344 2.66 70.73 38.81
CA THR N 345 0.27 70.81 35.83
CA PRO N 346 -2.67 68.78 37.16
CA ALA N 347 -5.57 69.08 34.80
CA LEU N 348 -5.12 68.93 31.15
CA GLU N 349 -1.44 69.72 30.94
CA GLY N 350 -0.63 73.32 30.37
CA ALA N 351 0.13 76.21 32.67
CA THR N 352 1.96 75.51 35.87
CA LEU N 353 -0.15 75.23 38.95
CA SER N 354 0.34 76.00 42.59
CA ASP N 355 -1.80 74.83 45.43
CA GLY N 356 -2.39 75.35 49.08
CA GLN N 357 -2.07 78.02 51.69
CA LEU N 358 0.60 75.42 52.16
CA LYS N 359 -0.24 75.60 55.77
CA ASP N 360 -3.84 74.81 55.14
CA GLY N 361 -5.26 72.84 52.31
CA GLY N 362 -5.63 75.24 49.45
CA LYS N 363 -9.01 76.12 48.16
CA GLY N 364 -8.05 74.54 44.89
CA ILE N 365 -5.37 74.61 42.25
CA LYS N 366 -4.32 77.97 40.98
CA ILE N 367 -2.97 78.17 37.48
CA ASP N 368 0.18 80.16 37.62
CA GLU N 369 0.69 80.90 33.98
CA VAL N 370 -0.30 79.44 30.74
CA VAL N 371 2.76 78.30 28.82
CA LYS N 372 -0.31 77.78 26.78
CA GLY N 373 1.41 75.27 24.48
CA SER N 374 -0.32 72.14 25.84
CA PRO N 375 -3.83 71.07 25.37
CA ALA N 376 -5.27 72.29 28.64
CA ALA N 377 -5.07 75.69 27.10
CA GLN N 378 -6.80 74.32 24.04
CA ALA N 379 -9.77 73.25 26.11
CA GLY N 380 -10.60 76.20 27.62
CA LEU N 381 -8.08 76.75 30.20
CA GLN N 382 -6.28 80.04 30.73
CA LYS N 383 -4.26 81.38 33.60
CA ASP N 384 -5.67 82.84 36.78
CA ASP N 385 -8.27 80.16 36.94
CA VAL N 386 -8.75 78.43 40.23
CA ILE N 387 -9.74 74.85 40.05
CA ILE N 388 -12.18 74.72 42.84
CA GLY N 389 -13.01 71.13 42.32
CA VAL N 390 -13.50 68.26 39.98
CA ASN N 391 -16.60 66.15 40.06
CA ARG N 392 -17.68 68.79 42.52
CA ASP N 393 -14.67 67.93 44.59
CA ARG N 394 -12.89 71.01 45.80
CA VAL N 395 -9.20 70.29 46.05
CA ASN N 396 -7.23 71.43 49.02
CA SER N 397 -3.50 70.85 48.37
CA ILE N 398 -0.71 69.04 46.43
CA ALA N 399 -0.11 65.92 48.46
CA GLU N 400 -3.83 66.06 48.17
CA MET N 401 -3.26 66.62 44.48
CA ARG N 402 -1.81 63.17 44.59
CA LYS N 403 -4.84 62.02 46.56
CA VAL N 404 -7.34 63.24 44.03
CA LEU N 405 -5.17 61.64 41.38
CA ALA N 406 -5.72 58.28 42.99
CA ALA N 407 -9.37 58.03 41.90
CA LYS N 408 -8.97 58.39 38.09
CA PRO N 409 -12.49 58.86 36.81
CA ALA N 410 -13.54 58.15 33.23
CA ILE N 411 -14.19 61.80 32.58
CA ILE N 412 -12.77 64.73 34.40
CA ALA N 413 -14.90 67.78 34.73
CA LEU N 414 -13.01 70.67 36.16
CA GLN N 415 -14.94 73.28 38.00
CA ILE N 416 -12.86 76.38 37.90
CA VAL N 417 -13.76 79.94 38.52
CA ARG N 418 -12.45 82.61 36.27
CA GLY N 419 -13.36 86.15 36.94
CA ASN N 420 -16.78 86.27 38.44
CA GLU N 421 -17.49 83.22 36.45
CA SER N 422 -18.02 79.53 36.98
CA ILE N 423 -17.08 77.29 34.18
CA TYR N 424 -16.48 73.65 33.55
CA LEU N 425 -13.52 72.39 31.58
CA LEU N 426 -13.86 68.87 30.39
CA MET N 427 -11.22 66.32 29.67
CA PRO O 11 -96.64 -22.78 -27.49
CA LEU O 12 -94.12 -24.54 -25.43
CA PRO O 13 -93.45 -23.99 -21.88
CA SER O 14 -89.98 -22.80 -21.15
CA LEU O 15 -87.49 -25.62 -20.54
CA ALA O 16 -89.23 -26.61 -17.39
CA PRO O 17 -91.33 -29.37 -18.71
CA MET O 18 -88.13 -30.56 -20.20
CA LEU O 19 -86.35 -30.24 -16.96
CA GLU O 20 -88.82 -32.04 -14.82
CA LYS O 21 -88.59 -35.40 -16.51
CA VAL O 22 -84.78 -35.28 -16.84
CA LEU O 23 -83.97 -33.44 -13.66
CA PRO O 24 -84.02 -36.21 -11.08
CA ALA O 25 -80.99 -37.31 -12.87
CA VAL O 26 -79.57 -34.37 -10.66
CA VAL O 27 -78.70 -33.56 -6.97
CA SER O 28 -76.07 -31.32 -5.40
CA VAL O 29 -72.71 -32.79 -4.58
CA ARG O 30 -70.87 -31.14 -1.78
CA VAL O 31 -67.28 -31.97 -1.20
CA GLU O 32 -64.95 -30.76 1.45
CA GLY O 33 -61.61 -30.06 -0.13
CA THR O 34 -59.60 -27.02 -0.93
CA ALA O 35 -62.26 -24.85 -2.51
CA GLY O 63 -64.91 -25.95 -4.95
CA LEU O 64 -68.39 -27.42 -5.61
CA GLY O 65 -70.18 -29.87 -8.04
CA SER O 66 -73.35 -32.00 -8.81
CA GLY O 67 -74.57 -35.64 -9.21
CA VAL O 68 -77.44 -38.06 -10.04
CA ILE O 69 -79.52 -40.32 -7.86
CA ILE O 70 -79.29 -43.56 -9.74
CA ASN O 71 -80.85 -45.76 -7.10
CA ALA O 72 -83.13 -44.43 -4.41
CA SER O 73 -83.09 -47.48 -2.21
CA LYS O 74 -79.36 -47.96 -2.38
CA GLY O 75 -78.70 -44.27 -2.37
CA TYR O 76 -76.27 -44.52 -5.24
CA VAL O 77 -75.30 -41.21 -6.77
CA LEU O 78 -73.41 -40.96 -10.01
CA THR O 79 -71.01 -38.11 -10.50
CA ASN O 80 -67.83 -37.22 -12.35
CA ASN O 81 -64.56 -38.54 -11.01
CA HIS O 82 -63.03 -35.13 -11.24
CA VAL O 83 -65.71 -33.95 -8.88
CA ILE O 84 -64.82 -36.62 -6.29
CA ASN O 85 -61.05 -36.71 -6.63
CA GLN O 86 -60.06 -33.94 -4.20
CA ALA O 87 -62.89 -34.71 -1.80
CA GLN O 88 -61.83 -34.96 1.79
CA LYS O 89 -65.47 -35.49 2.71
CA ILE O 90 -68.64 -35.69 0.69
CA SER O 91 -72.19 -34.59 1.32
CA ILE O 92 -75.22 -34.60 -0.93
CA GLN O 93 -78.02 -32.09 -0.85
CA LEU O 94 -81.43 -32.58 -2.33
CA ASN O 95 -83.35 -29.78 -3.91
CA ASP O 96 -85.78 -30.04 -1.04
CA GLY O 97 -82.89 -29.03 1.19
CA ARG O 98 -82.36 -32.32 2.94
CA GLU O 99 -78.76 -33.37 3.05
CA PHE O 100 -76.87 -36.59 3.65
CA ASP O 101 -73.31 -37.76 3.91
CA ALA O 102 -71.80 -39.89 1.18
CA LYS O 103 -68.89 -42.24 0.67
CA LEU O 104 -67.04 -42.99 -2.53
CA ILE O 105 -67.87 -46.49 -3.71
CA GLY O 106 -65.48 -46.37 -6.62
CA SER O 107 -64.60 -44.50 -9.75
CA ASP O 108 -62.92 -44.79 -13.11
CA ASP O 109 -60.48 -42.00 -13.77
CA GLN O 110 -60.67 -42.21 -17.52
CA SER O 111 -64.43 -42.43 -17.79
CA ASP O 112 -64.68 -39.59 -15.33
CA ILE O 113 -67.37 -41.62 -13.67
CA ALA O 114 -67.55 -42.03 -9.94
CA LEU O 115 -70.20 -43.65 -7.82
CA LEU O 116 -71.14 -42.41 -4.39
CA GLN O 117 -73.39 -43.93 -1.80
CA ILE O 118 -75.52 -41.92 0.54
CA GLN O 119 -75.61 -43.06 4.09
CA ASN O 120 -79.11 -43.60 5.33
CA PRO O 121 -80.20 -43.25 1.78
CA SER O 122 -83.63 -41.78 1.24
CA LYS O 123 -86.06 -42.13 -1.54
CA LEU O 124 -86.47 -38.95 -3.51
CA THR O 125 -88.20 -38.85 -6.82
CA GLN O 126 -85.92 -39.98 -9.58
CA ILE O 127 -86.67 -39.57 -13.18
CA ALA O 128 -86.43 -41.47 -16.41
CA ILE O 129 -83.75 -39.40 -18.09
CA ALA O 130 -83.98 -39.36 -21.80
CA ASP O 131 -81.51 -41.06 -23.73
CA SER O 132 -79.24 -38.44 -25.10
CA ASP O 133 -80.63 -39.77 -28.32
CA LYS O 134 -83.88 -38.08 -27.43
CA LEU O 135 -82.26 -34.66 -27.42
CA ARG O 136 -82.04 -33.02 -30.82
CA VAL O 137 -78.73 -31.84 -32.14
CA GLY O 138 -78.95 -28.10 -32.15
CA ASP O 139 -82.06 -28.56 -30.08
CA PHE O 140 -82.60 -26.12 -27.27
CA ALA O 141 -81.10 -27.42 -24.12
CA VAL O 142 -81.14 -26.39 -20.52
CA ALA O 143 -78.51 -27.28 -18.01
CA VAL O 144 -79.26 -27.71 -14.37
CA GLY O 145 -76.82 -28.34 -11.62
CA ASN O 146 -74.61 -26.78 -9.02
CA PRO O 147 -72.84 -24.93 -7.74
CA PHE O 148 -75.18 -22.57 -6.01
CA GLY O 149 -76.43 -24.97 -5.13
CA LEU O 150 -78.92 -24.05 -2.48
CA GLY O 151 -81.37 -24.57 -5.26
CA GLN O 152 -80.21 -25.80 -8.58
CA THR O 153 -79.21 -23.24 -11.10
CA ALA O 154 -80.39 -23.55 -14.63
CA THR O 155 -78.87 -22.14 -17.74
CA SER O 156 -80.05 -22.24 -21.29
CA GLY O 157 -78.39 -22.77 -24.62
CA ILE O 158 -78.64 -24.89 -27.71
CA VAL O 159 -77.01 -28.10 -28.79
CA SER O 160 -73.82 -26.95 -30.44
CA ALA O 161 -72.93 -30.28 -31.91
CA LEU O 162 -72.47 -33.97 -31.42
CA GLY O 163 -69.55 -35.96 -32.64
CA ARG O 164 -67.49 -32.83 -32.45
CA SER O 165 -64.10 -33.86 -33.72
CA GLY O 166 -60.77 -32.02 -33.96
CA LEU O 167 -60.96 -30.26 -30.63
CA ASN O 168 -59.47 -33.23 -28.90
CA LEU O 169 -60.07 -31.38 -25.74
CA GLU O 170 -60.69 -34.67 -24.25
CA GLY O 171 -59.41 -38.04 -23.87
CA LEU O 172 -62.96 -38.86 -22.98
CA GLU O 173 -65.38 -39.00 -25.79
CA ASN O 174 -68.91 -38.90 -24.52
CA PHE O 175 -70.54 -36.15 -26.25
CA ILE O 176 -73.16 -33.57 -26.68
CA GLN O 177 -71.73 -30.11 -27.02
CA THR O 178 -73.71 -27.25 -25.62
CA ASP O 179 -73.51 -23.48 -25.36
CA ALA O 180 -75.57 -23.54 -22.18
CA SER O 181 -73.57 -22.07 -19.35
CA ILE O 182 -71.52 -24.52 -17.43
CA ASN O 183 -70.41 -23.77 -13.91
CA ARG O 184 -67.24 -25.45 -12.78
CA GLY O 185 -69.09 -28.02 -10.69
CA ASN O 186 -71.83 -27.99 -13.30
CA ALA O 187 -70.92 -31.48 -14.43
CA GLY O 188 -72.91 -34.22 -12.75
CA GLY O 189 -76.00 -32.19 -13.51
CA ALA O 190 -78.62 -32.66 -16.16
CA LEU O 191 -78.96 -31.38 -19.70
CA LEU O 192 -82.60 -31.13 -20.51
CA ASN O 193 -84.29 -30.94 -23.92
CA LEU O 194 -87.72 -30.52 -25.45
CA ASN O 195 -88.42 -34.06 -24.71
CA GLY O 196 -88.09 -33.41 -21.00
CA GLU O 197 -85.97 -36.33 -20.55
CA LEU O 198 -82.30 -35.92 -19.72
CA ILE O 199 -80.46 -35.15 -22.92
CA GLY O 200 -77.32 -35.92 -21.15
CA ILE O 201 -75.26 -35.52 -18.07
CA ASN O 202 -72.94 -32.58 -18.18
CA THR O 203 -69.46 -34.03 -17.81
CA ALA O 204 -66.94 -31.33 -18.65
CA ILE O 205 -66.02 -28.12 -20.41
CA LEU O 206 -63.19 -26.61 -22.39
CA ALA O 207 -60.55 -24.66 -20.59
CA PRO O 208 -62.04 -21.33 -19.90
CA GLY O 209 -59.22 -19.48 -21.53
CA GLY O 210 -59.62 -17.14 -18.61
CA GLY O 211 -63.20 -16.54 -19.58
CA SER O 212 -66.44 -18.36 -19.85
CA VAL O 213 -65.80 -21.00 -22.40
CA GLY O 214 -69.39 -21.00 -23.47
CA ILE O 215 -68.75 -24.56 -24.42
CA GLY O 216 -69.56 -27.70 -22.53
CA PHE O 217 -69.78 -31.42 -23.10
CA ALA O 218 -72.35 -33.87 -21.80
CA ILE O 219 -72.20 -37.64 -21.63
CA PRO O 220 -74.94 -40.06 -22.44
CA SER O 221 -76.64 -42.35 -19.93
CA ASN O 222 -76.55 -45.79 -21.51
CA MET O 223 -72.84 -46.03 -21.22
CA ALA O 224 -72.89 -44.58 -17.76
CA ARG O 225 -75.60 -46.86 -16.51
CA THR O 226 -73.91 -49.96 -17.78
CA LEU O 227 -70.60 -49.13 -16.17
CA ALA O 228 -72.39 -48.14 -13.04
CA GLN O 229 -74.08 -51.49 -12.81
CA GLN O 230 -70.84 -53.33 -13.25
CA LEU O 231 -69.28 -51.15 -10.60
CA ILE O 232 -71.92 -51.91 -8.05
CA ASP O 233 -72.21 -55.58 -8.84
CA PHE O 234 -68.55 -56.25 -9.36
CA GLY O 235 -67.55 -53.87 -6.66
CA GLU O 236 -64.49 -53.19 -8.74
CA ILE O 237 -63.44 -51.86 -12.11
CA LYS O 238 -65.27 -53.66 -14.85
CA ARG O 239 -63.37 -52.01 -17.74
CA GLY O 240 -63.20 -54.06 -20.90
CA LEU O 241 -61.75 -53.93 -24.34
CA LEU O 242 -63.33 -54.15 -27.75
CA GLY O 243 -60.59 -56.34 -29.05
CA ILE O 244 -60.28 -53.66 -31.68
CA LYS O 245 -56.97 -51.88 -31.88
CA GLY O 246 -56.68 -48.65 -33.74
CA THR O 247 -55.81 -44.99 -33.94
CA GLU O 248 -57.58 -41.67 -34.31
CA MET O 249 -58.83 -40.70 -37.70
CA SER O 250 -56.48 -38.02 -38.92
CA ALA O 251 -57.42 -34.67 -40.36
CA ASP O 252 -55.90 -35.59 -43.65
CA ILE O 253 -58.35 -38.44 -43.66
CA ALA O 254 -61.20 -36.01 -43.39
CA LYS O 255 -60.14 -34.20 -46.47
CA ALA O 256 -58.96 -37.26 -48.35
CA PHE O 257 -61.82 -39.66 -47.93
CA ASN O 258 -64.54 -37.46 -49.22
CA LEU O 259 -66.23 -40.25 -47.37
CA ASP O 260 -69.54 -39.63 -45.73
CA VAL O 261 -67.60 -39.13 -42.55
CA GLN O 262 -63.91 -39.39 -42.84
CA ARG O 263 -63.45 -39.16 -39.10
CA GLY O 264 -63.73 -42.19 -36.89
CA ALA O 265 -61.59 -44.79 -35.25
CA PHE O 266 -59.14 -46.32 -37.62
CA VAL O 267 -59.12 -50.04 -37.04
CA SER O 268 -56.11 -52.06 -36.67
CA GLU O 269 -56.29 -55.32 -36.27
CA VAL O 270 -59.09 -57.09 -34.90
CA LEU O 271 -58.10 -59.51 -32.28
CA PRO O 272 -59.67 -62.78 -32.95
CA GLY O 273 -62.69 -63.82 -30.95
CA SER O 274 -63.49 -60.17 -30.70
CA GLY O 275 -66.82 -58.88 -31.84
CA SER O 276 -65.05 -57.30 -34.77
CA ALA O 277 -63.37 -60.55 -35.63
CA LYS O 278 -66.63 -62.46 -35.60
CA ALA O 279 -68.33 -59.64 -37.40
CA GLY O 280 -65.83 -59.84 -40.17
CA VAL O 281 -64.86 -56.30 -39.45
CA LYS O 282 -61.45 -55.93 -40.95
CA ALA O 283 -58.46 -53.81 -40.32
CA GLY O 284 -58.54 -50.66 -42.36
CA ASP O 285 -62.10 -50.10 -41.32
CA ILE O 286 -63.10 -46.67 -40.15
CA ILE O 287 -65.67 -46.81 -37.40
CA THR O 288 -67.86 -43.78 -37.89
CA SER O 289 -70.43 -44.55 -35.26
CA LEU O 290 -71.14 -46.62 -32.21
CA ASN O 291 -74.71 -47.20 -31.12
CA GLY O 292 -75.71 -44.58 -33.62
CA LYS O 293 -73.88 -41.88 -31.77
CA PRO O 294 -71.07 -41.31 -34.15
CA LEU O 295 -67.71 -42.27 -32.76
CA ASN O 296 -65.48 -39.53 -33.83
CA SER O 297 -62.46 -41.11 -32.26
CA PHE O 298 -61.03 -44.50 -31.51
CA ALA O 299 -60.97 -43.26 -27.95
CA GLU O 300 -64.72 -42.79 -28.08
CA LEU O 301 -65.18 -46.27 -29.41
CA ARG O 302 -62.97 -47.78 -26.78
CA SER O 303 -64.85 -46.05 -24.01
CA ARG O 304 -68.26 -46.98 -25.29
CA ILE O 305 -67.55 -50.66 -25.63
CA ALA O 306 -65.51 -50.89 -22.44
CA THR O 307 -68.21 -49.17 -20.52
CA THR O 308 -70.81 -51.85 -20.94
CA GLU O 309 -70.54 -55.48 -19.97
CA PRO O 310 -69.68 -58.01 -22.59
CA GLY O 311 -72.93 -59.72 -23.51
CA THR O 312 -74.29 -56.49 -24.87
CA LYS O 313 -74.62 -55.68 -28.50
CA VAL O 314 -73.73 -52.44 -30.12
CA LYS O 315 -74.05 -51.27 -33.69
CA LEU O 316 -70.95 -49.98 -35.31
CA GLY O 317 -71.23 -47.54 -38.11
CA LEU O 318 -68.39 -48.88 -40.20
CA LEU O 319 -66.81 -47.59 -43.38
CA ARG O 320 -64.85 -49.82 -45.69
CA ASN O 321 -63.64 -48.83 -49.11
CA GLY O 322 -65.64 -45.80 -48.85
CA LYS O 323 -68.57 -48.15 -48.53
CA PRO O 324 -70.85 -47.88 -45.60
CA LEU O 325 -71.38 -50.89 -43.37
CA GLU O 326 -73.38 -51.53 -40.25
CA VAL O 327 -72.16 -54.28 -38.00
CA GLU O 328 -73.55 -55.68 -34.82
CA VAL O 329 -70.92 -56.58 -32.32
CA THR O 330 -71.18 -58.29 -29.01
CA LEU O 331 -68.71 -56.38 -26.94
CA ASP O 332 -65.95 -58.56 -25.62
CA THR O 333 -63.94 -57.53 -22.65
CA SER O 334 -60.26 -57.72 -22.10
CA THR O 335 -58.99 -57.62 -18.61
CA SER O 336 -55.37 -57.39 -17.74
CA SER O 337 -53.51 -57.56 -14.50
CA SER O 338 -50.02 -56.55 -13.65
CA ALA O 339 -47.96 -59.27 -12.12
CA SER O 340 -45.87 -58.75 -9.06
CA ALA O 341 -43.99 -61.10 -6.83
CA GLU O 342 -46.07 -59.51 -4.13
CA MET O 343 -49.32 -60.38 -5.79
CA ILE O 344 -48.66 -64.13 -5.79
CA THR O 345 -46.58 -64.03 -2.59
CA PRO O 346 -48.37 -61.36 -0.58
CA ALA O 347 -47.13 -61.43 2.96
CA LEU O 348 -43.57 -61.91 3.78
CA GLU O 349 -42.34 -63.49 0.61
CA GLY O 350 -42.41 -67.23 0.56
CA ALA O 351 -44.96 -69.81 -0.46
CA THR O 352 -47.14 -69.05 -3.42
CA LEU O 353 -50.57 -67.89 -2.56
CA SER O 354 -53.99 -68.21 -4.10
CA ASP O 355 -56.97 -66.08 -3.36
CA GLY O 356 -60.67 -65.94 -3.99
CA GLN O 357 -63.42 -68.25 -5.03
CA LEU O 358 -62.37 -66.13 -7.96
CA LYS O 359 -65.99 -65.55 -8.57
CA ASP O 360 -66.50 -64.33 -5.06
CA GLY O 361 -64.02 -62.50 -2.93
CA GLY O 362 -61.99 -65.10 -1.19
CA LYS O 363 -62.08 -65.42 2.53
CA GLY O 364 -58.41 -64.60 2.56
CA ILE O 365 -55.14 -65.64 1.02
CA LYS O 366 -54.37 -69.30 1.04
CA ILE O 367 -50.75 -70.20 0.85
CA ASP O 368 -50.25 -72.86 -1.74
CA GLU O 369 -46.97 -74.27 -0.71
CA VAL O 370 -43.89 -73.16 1.03
CA VAL O 371 -40.97 -72.99 -1.31
CA LYS O 372 -39.94 -72.15 2.18
CA GLY O 373 -36.74 -70.45 0.99
CA SER O 374 -37.85 -66.85 1.64
CA PRO O 375 -38.29 -65.13 4.89
CA ALA O 376 -42.02 -65.57 5.29
CA ALA O 377 -41.11 -69.09 6.29
CA GLN O 378 -38.56 -67.65 8.61
CA ALA O 379 -41.29 -65.88 10.49
CA GLY O 380 -43.57 -68.32 11.17
CA LEU O 381 -45.33 -68.99 7.98
CA GLN O 382 -45.94 -72.46 6.67
CA LYS O 383 -48.25 -73.81 4.00
CA ASP O 384 -51.96 -74.34 4.37
CA ASP O 385 -52.36 -71.23 6.39
CA VAL O 386 -55.13 -68.92 5.40
CA ILE O 387 -54.52 -65.27 5.87
CA ILE O 388 -57.84 -64.22 7.17
CA GLY O 389 -56.81 -60.66 7.54
CA VAL O 390 -54.19 -58.13 8.41
CA ASN O 391 -54.78 -55.43 10.95
CA ARG O 392 -57.93 -57.40 11.49
CA ASP O 393 -58.78 -56.91 7.87
CA ARG O 394 -60.04 -60.05 6.22
CA VAL O 395 -58.95 -60.07 2.60
CA ASN O 396 -61.31 -61.17 -0.08
CA SER O 397 -59.45 -61.39 -3.40
CA ILE O 398 -56.44 -60.61 -5.67
CA ALA O 399 -57.47 -57.33 -7.26
CA GLU O 400 -58.35 -56.79 -3.68
CA MET O 401 -54.87 -58.00 -2.90
CA ARG O 402 -53.78 -54.91 -4.75
CA LYS O 403 -56.31 -52.92 -2.78
CA VAL O 404 -54.94 -54.01 0.55
CA LEU O 405 -51.48 -53.30 -0.73
CA ALA O 406 -52.38 -49.69 -1.30
CA ALA O 407 -52.48 -48.87 2.44
CA LYS O 408 -48.89 -49.83 3.43
CA PRO O 409 -48.92 -49.85 7.22
CA ALA O 410 -45.84 -49.43 9.39
CA ILE O 411 -46.10 -52.97 10.61
CA ILE O 412 -48.03 -55.80 9.13
CA ALA O 413 -49.67 -58.22 11.48
CA LEU O 414 -51.01 -61.18 9.65
CA GLN O 415 -53.92 -63.00 11.15
CA ILE O 416 -53.84 -66.45 9.73
CA VAL O 417 -55.48 -69.59 10.86
CA ARG O 418 -53.49 -72.73 10.85
CA GLY O 419 -55.10 -75.91 11.97
CA ASN O 420 -57.65 -75.14 14.57
CA GLU O 421 -55.54 -72.25 15.48
CA SER O 422 -55.32 -68.47 15.39
CA ILE O 423 -51.89 -67.10 14.94
CA TYR O 424 -50.35 -63.78 14.17
CA LEU O 425 -47.32 -63.43 11.96
CA LEU O 426 -45.55 -60.13 12.16
CA MET O 427 -43.53 -58.37 9.56
CA PRO P 11 54.72 -85.78 -7.66
CA LEU P 12 52.36 -84.25 -9.99
CA PRO P 13 52.94 -81.49 -12.32
CA SER P 14 51.08 -78.33 -11.63
CA LEU P 15 47.57 -78.22 -13.11
CA ALA P 16 48.95 -78.35 -16.59
CA PRO P 17 48.63 -82.01 -17.21
CA MET P 18 45.18 -81.52 -15.93
CA LEU P 19 44.60 -78.64 -18.23
CA GLU P 20 45.88 -80.24 -21.38
CA LYS P 21 43.29 -82.98 -21.62
CA VAL P 22 40.36 -80.69 -20.62
CA LEU P 23 41.43 -77.45 -22.17
CA PRO P 24 40.45 -77.83 -25.81
CA ALA P 25 37.05 -77.63 -24.33
CA VAL P 26 38.16 -73.86 -24.41
CA VAL P 27 38.70 -70.98 -26.95
CA SER P 28 38.33 -67.22 -26.67
CA VAL P 29 35.00 -65.67 -27.48
CA ARG P 30 35.12 -62.12 -28.66
CA VAL P 31 31.97 -60.13 -28.93
CA GLU P 32 31.41 -56.63 -30.11
CA GLY P 33 28.95 -55.01 -27.79
CA THR P 34 29.00 -52.37 -25.14
CA ALA P 35 32.14 -53.40 -23.27
CA GLY P 63 33.10 -56.89 -22.28
CA LEU P 64 34.71 -60.26 -23.14
CA GLY P 65 34.14 -64.07 -22.64
CA SER P 66 35.15 -67.69 -23.63
CA GLY P 67 33.81 -70.85 -25.38
CA VAL P 68 34.39 -74.51 -26.41
CA ILE P 69 34.99 -76.08 -29.77
CA ILE P 70 32.50 -78.89 -29.82
CA ASN P 71 32.97 -79.89 -33.41
CA ALA P 72 36.03 -79.07 -35.44
CA SER P 73 34.57 -79.82 -38.83
CA LYS P 74 31.36 -77.94 -38.21
CA GLY P 75 33.10 -75.25 -36.26
CA TYR P 76 30.51 -75.36 -33.52
CA VAL P 77 31.49 -73.53 -30.38
CA LEU P 78 29.53 -73.83 -27.17
CA THR P 79 29.32 -70.84 -24.88
CA ASN P 80 27.03 -69.27 -22.31
CA ASN P 81 23.96 -67.44 -23.52
CA HIS P 82 24.81 -64.54 -21.30
CA VAL P 83 28.05 -64.28 -23.19
CA ILE P 84 26.25 -64.06 -26.55
CA ASN P 85 23.22 -61.99 -25.59
CA GLN P 86 24.60 -58.46 -26.06
CA ALA P 87 26.79 -59.45 -28.99
CA GLN P 88 26.55 -57.15 -31.94
CA LYS P 89 29.19 -59.27 -33.65
CA ILE P 90 31.14 -62.32 -32.62
CA SER P 91 34.66 -63.49 -33.26
CA ILE P 92 36.56 -66.47 -31.92
CA GLN P 93 40.25 -66.57 -31.24
CA LEU P 94 42.33 -69.69 -30.87
CA ASN P 95 45.21 -70.10 -28.49
CA ASP P 96 47.45 -70.05 -31.51
CA GLY P 97 46.26 -66.56 -32.25
CA ARG P 98 44.20 -67.34 -35.31
CA GLU P 99 40.79 -65.76 -35.29
CA PHE P 100 37.53 -66.38 -37.10
CA ASP P 101 34.10 -64.82 -37.27
CA ALA P 102 31.13 -66.57 -35.76
CA LYS P 103 27.37 -66.46 -35.99
CA LEU P 104 24.88 -67.47 -33.36
CA ILE P 105 23.16 -70.69 -34.28
CA GLY P 106 20.80 -70.60 -31.36
CA SER P 107 20.64 -70.49 -27.62
CA ASP P 108 18.53 -71.36 -24.61
CA ASP P 109 18.19 -68.45 -22.24
CA GLN P 110 17.39 -70.59 -19.23
CA SER P 111 20.15 -73.11 -19.73
CA ASP P 112 22.56 -70.29 -20.44
CA ILE P 113 23.74 -72.38 -23.32
CA ALA P 114 24.37 -70.88 -26.73
CA LEU P 115 25.82 -72.44 -29.84
CA LEU P 116 27.98 -70.51 -32.25
CA GLN P 117 29.31 -71.54 -35.60
CA ILE P 118 32.66 -70.43 -36.93
CA GLN P 119 32.74 -69.34 -40.50
CA ASN P 120 35.35 -71.20 -42.47
CA PRO P 121 35.70 -73.45 -39.51
CA SER P 122 39.14 -74.86 -38.91
CA LYS P 123 40.24 -77.99 -37.22
CA LEU P 124 42.08 -77.31 -34.01
CA THR P 125 42.87 -79.92 -31.45
CA GLN P 126 39.79 -80.98 -29.55
CA ILE P 127 39.72 -82.28 -26.07
CA ALA P 128 38.18 -85.30 -24.36
CA ILE P 129 36.75 -83.29 -21.48
CA ALA P 130 36.30 -85.15 -18.29
CA ASP P 131 33.00 -85.70 -17.08
CA SER P 132 32.53 -83.36 -14.22
CA ASP P 133 32.17 -86.65 -12.45
CA LYS P 134 35.88 -87.09 -12.91
CA LEU P 135 36.74 -84.06 -10.84
CA ARG P 136 36.81 -84.61 -7.14
CA VAL P 137 34.71 -82.49 -4.85
CA GLY P 138 37.15 -80.33 -2.99
CA ASP P 139 39.68 -81.48 -5.54
CA PHE P 140 42.13 -78.92 -6.76
CA ALA P 141 40.85 -77.22 -9.81
CA VAL P 142 42.21 -74.85 -12.35
CA ALA P 143 40.16 -72.52 -14.43
CA VAL P 144 41.23 -71.42 -17.84
CA GLY P 145 39.50 -68.96 -20.06
CA ASN P 146 39.26 -65.35 -21.05
CA PRO P 147 39.25 -62.49 -20.87
CA PHE P 148 42.84 -61.60 -21.53
CA GLY P 149 42.46 -63.44 -23.70
CA LEU P 150 45.44 -62.88 -25.86
CA GLY P 151 46.54 -66.14 -24.30
CA GLN P 152 44.29 -67.95 -21.92
CA THR P 153 44.50 -67.00 -18.31
CA ALA P 154 44.57 -69.70 -15.76
CA THR P 155 43.64 -69.48 -12.14
CA SER P 156 43.74 -71.98 -9.39
CA GLY P 157 41.45 -72.97 -6.56
CA ILE P 158 39.74 -75.94 -5.02
CA VAL P 159 36.33 -77.45 -5.46
CA SER P 160 34.21 -75.62 -2.91
CA ALA P 161 31.20 -77.82 -3.21
CA LEU P 162 28.76 -79.61 -5.40
CA GLY P 163 25.07 -79.57 -4.88
CA ARG P 164 25.37 -76.42 -2.89
CA SER P 165 21.90 -75.59 -1.79
CA GLY P 166 20.35 -72.50 -0.22
CA LEU P 167 22.29 -69.73 -1.94
CA ASN P 168 19.86 -70.01 -4.84
CA LEU P 169 21.92 -67.59 -6.84
CA GLU P 170 20.36 -69.34 -9.78
CA GLY P 171 18.13 -70.16 -11.37
CA LEU P 172 20.18 -72.65 -13.27
CA GLU P 173 21.36 -75.64 -11.46
CA ASN P 174 24.41 -77.07 -13.08
CA PHE P 175 26.98 -77.18 -10.53
CA ILE P 176 30.46 -77.42 -9.31
CA GLN P 177 31.41 -74.55 -7.07
CA THR P 178 34.95 -73.35 -7.12
CA ASP P 179 37.13 -70.78 -5.41
CA ALA P 180 39.35 -70.51 -8.49
CA SER P 181 39.16 -66.97 -9.69
CA ILE P 182 36.57 -66.26 -12.29
CA ASN P 183 36.90 -63.37 -14.65
CA ARG P 184 33.65 -61.90 -15.88
CA GLY P 185 33.91 -63.58 -19.28
CA ASN P 186 35.52 -66.54 -17.56
CA ALA P 187 32.50 -68.69 -18.21
CA GLY P 188 32.69 -70.75 -21.37
CA GLY P 189 36.16 -71.77 -20.27
CA ALA P 190 37.32 -74.99 -18.72
CA LEU P 191 37.70 -76.15 -15.15
CA LEU P 192 40.45 -78.66 -15.00
CA ASN P 193 41.19 -81.28 -12.37
CA LEU P 194 43.77 -83.86 -11.49
CA ASN P 195 42.36 -86.22 -14.07
CA GLY P 196 43.10 -83.52 -16.53
CA GLU P 197 39.90 -83.78 -18.21
CA LEU P 198 37.44 -80.95 -17.94
CA ILE P 199 35.88 -81.04 -14.59
CA GLY P 200 33.39 -78.66 -15.94
CA ILE P 201 32.59 -75.63 -17.98
CA ASN P 202 32.62 -72.47 -15.97
CA THR P 203 29.14 -71.02 -16.37
CA ALA P 204 28.64 -68.26 -13.84
CA ILE P 205 29.56 -66.57 -10.59
CA LEU P 206 27.87 -64.87 -7.66
CA ALA P 207 27.42 -61.16 -7.70
CA PRO P 208 30.72 -59.76 -6.79
CA GLY P 209 29.35 -57.67 -4.00
CA GLY P 210 31.66 -55.02 -5.30
CA GLY P 211 34.57 -57.35 -4.85
CA SER P 212 35.96 -60.55 -6.20
CA VAL P 213 33.34 -63.06 -5.25
CA GLY P 214 35.86 -65.82 -4.99
CA ILE P 215 32.97 -68.03 -5.89
CA GLY P 216 32.09 -69.55 -9.22
CA PHE P 217 29.89 -72.25 -10.69
CA ALA P 218 30.69 -74.70 -13.45
CA ILE P 219 28.32 -76.82 -15.47
CA PRO P 220 28.75 -80.39 -16.50
CA SER P 221 29.20 -81.59 -20.09
CA ASN P 222 26.74 -84.45 -20.50
CA MET P 223 23.78 -82.17 -20.16
CA ALA P 224 25.39 -79.59 -22.38
CA ARG P 225 26.35 -82.07 -25.03
CA THR P 226 22.91 -83.54 -25.26
CA LEU P 227 21.20 -80.19 -25.61
CA ALA P 228 23.80 -79.13 -28.07
CA GLN P 229 23.10 -82.11 -30.25
CA GLN P 230 19.40 -81.43 -30.27
CA LEU P 231 20.11 -77.84 -31.11
CA ILE P 232 22.15 -78.69 -34.13
CA ASP P 233 19.96 -81.52 -35.29
CA PHE P 234 16.61 -79.94 -34.66
CA GLY P 235 17.81 -76.49 -35.52
CA GLU P 236 15.51 -75.24 -32.83
CA ILE P 237 14.85 -75.51 -29.13
CA LYS P 238 14.63 -79.12 -28.04
CA ARG P 239 13.50 -78.41 -24.43
CA GLY P 240 11.58 -81.18 -22.79
CA LEU P 241 9.81 -81.90 -19.55
CA LEU P 242 10.27 -84.66 -17.03
CA GLY P 243 6.57 -85.00 -16.56
CA ILE P 244 7.40 -84.48 -12.94
CA LYS P 245 5.96 -81.47 -11.25
CA GLY P 246 7.29 -80.24 -8.01
CA THR P 247 8.67 -77.54 -5.80
CA GLU P 248 11.98 -76.68 -4.18
CA MET P 249 12.87 -78.54 -1.06
CA SER P 250 12.41 -76.08 1.76
CA ALA P 251 14.90 -75.25 4.50
CA ASP P 252 12.42 -76.56 7.01
CA ILE P 253 12.75 -79.78 5.11
CA ALA P 254 16.43 -79.88 5.75
CA LYS P 255 15.98 -79.60 9.46
CA ALA P 256 12.93 -81.80 9.67
CA PHE P 257 13.80 -84.77 7.56
CA ASN P 258 17.00 -85.65 9.26
CA LEU P 259 17.07 -87.66 6.08
CA ASP P 260 20.28 -88.36 4.28
CA VAL P 261 19.66 -85.25 2.34
CA GLN P 262 16.57 -83.33 3.06
CA ARG P 263 17.15 -81.10 0.09
CA GLY P 264 15.95 -82.03 -3.35
CA ALA P 265 13.03 -81.53 -5.65
CA PHE P 266 9.75 -82.23 -3.96
CA VAL P 267 7.62 -84.19 -6.35
CA SER P 268 4.15 -83.29 -7.26
CA GLU P 269 2.38 -85.36 -9.15
CA VAL P 270 3.82 -87.40 -11.77
CA LEU P 271 2.10 -87.00 -15.03
CA PRO P 272 1.22 -90.34 -16.35
CA GLY P 273 3.28 -91.86 -19.09
CA SER P 274 6.13 -89.96 -17.56
CA GLY P 275 9.28 -91.74 -16.59
CA SER P 276 8.28 -91.15 -13.01
CA ALA P 277 4.87 -92.59 -13.64
CA LYS P 278 6.26 -95.70 -15.23
CA ALA P 279 8.91 -95.93 -12.56
CA GLY P 280 6.32 -95.91 -9.88
CA VAL P 281 7.86 -92.77 -8.54
CA LYS P 282 5.14 -91.22 -6.48
CA ALA P 283 4.22 -87.80 -5.41
CA GLY P 284 5.79 -86.95 -2.14
CA ASP P 285 9.10 -88.22 -3.04
CA ILE P 286 12.11 -86.02 -2.83
CA ILE P 287 14.59 -86.34 -5.60
CA THR P 288 18.01 -86.04 -4.07
CA SER P 289 20.03 -86.75 -7.14
CA LEU P 290 19.97 -86.97 -10.90
CA ASN P 291 22.67 -88.86 -12.73
CA GLY P 292 24.39 -89.27 -9.41
CA LYS P 293 25.05 -85.58 -9.23
CA PRO P 294 22.70 -84.59 -6.53
CA LEU P 295 19.79 -82.48 -7.62
CA ASN P 296 19.57 -79.84 -4.99
CA SER P 297 16.51 -78.32 -6.49
CA PHE P 298 13.52 -79.14 -8.61
CA ALA P 299 14.99 -76.59 -10.95
CA GLU P 300 18.11 -78.73 -11.31
CA LEU P 301 16.07 -81.76 -12.02
CA ARG P 302 14.01 -79.96 -14.59
CA SER P 303 17.04 -78.70 -16.43
CA ARG P 304 18.85 -82.00 -16.37
CA ILE P 305 16.03 -84.02 -17.83
CA ALA P 306 15.00 -81.36 -20.30
CA THR P 307 18.54 -80.98 -21.51
CA THR P 308 18.75 -84.45 -22.98
CA GLU P 309 16.53 -85.88 -25.62
CA PRO P 310 14.00 -88.39 -24.55
CA GLY P 311 14.73 -92.07 -24.70
CA THR P 312 17.79 -91.36 -22.63
CA LYS P 313 18.05 -92.89 -19.22
CA VAL P 314 18.80 -91.09 -16.02
CA LYS P 315 19.11 -92.35 -12.49
CA LEU P 316 17.19 -90.45 -9.92
CA GLY P 317 18.31 -90.52 -6.36
CA LEU P 318 14.90 -90.68 -4.78
CA LEU P 319 13.87 -90.47 -1.14
CA ARG P 320 10.51 -91.74 0.00
CA ASN P 321 9.49 -92.24 3.59
CA GLY P 322 12.89 -91.44 4.60
CA LYS P 323 13.94 -94.45 2.64
CA PRO P 324 16.37 -94.21 -0.16
CA LEU P 325 15.39 -95.31 -3.64
CA GLU P 326 17.11 -95.33 -6.95
CA VAL P 327 14.99 -95.24 -10.03
CA GLU P 328 15.83 -95.37 -13.68
CA VAL P 329 13.79 -93.02 -15.78
CA THR P 330 13.60 -92.67 -19.49
CA LEU P 331 13.24 -89.00 -19.93
CA ASP P 332 10.04 -87.96 -21.54
CA THR P 333 9.73 -84.65 -23.21
CA SER P 334 6.89 -82.23 -23.06
CA THR P 335 6.60 -79.70 -25.79
CA SER P 336 4.11 -76.93 -25.58
CA SER P 337 3.12 -74.36 -28.08
CA SER P 338 1.04 -71.29 -27.62
CA ALA P 339 -1.94 -71.15 -29.87
CA SER P 340 -2.62 -68.02 -31.79
CA ALA P 341 -5.02 -67.12 -34.52
CA GLU P 342 -2.04 -66.09 -36.53
CA MET P 343 -0.28 -69.37 -36.05
CA ILE P 344 -3.03 -71.35 -37.78
CA THR P 345 -4.06 -68.53 -40.15
CA PRO P 346 -0.70 -66.85 -40.78
CA ALA P 347 -1.02 -64.37 -43.57
CA LEU P 348 -3.96 -62.14 -43.86
CA GLU P 349 -6.37 -64.06 -41.70
CA GLY P 350 -8.67 -66.37 -43.53
CA ALA P 351 -8.43 -70.02 -44.43
CA THR P 352 -6.77 -72.27 -41.93
CA LEU P 353 -3.29 -73.29 -42.76
CA SER P 354 -1.06 -76.25 -42.13
CA ASP P 355 2.66 -76.39 -42.39
CA GLY P 356 5.51 -78.82 -42.41
CA GLN P 357 6.17 -82.43 -43.13
CA LEU P 358 6.12 -81.85 -39.43
CA LYS P 359 9.18 -83.94 -39.25
CA ASP P 360 10.91 -81.77 -41.79
CA GLY P 361 10.41 -78.10 -42.28
CA GLY P 362 7.54 -77.68 -44.65
CA LYS P 363 8.03 -76.13 -48.01
CA GLY P 364 5.71 -73.36 -46.95
CA ILE P 365 2.28 -72.82 -45.53
CA LYS P 366 -0.56 -74.62 -47.18
CA ILE P 367 -3.99 -73.05 -46.96
CA ASP P 368 -6.37 -75.75 -45.90
CA GLU P 369 -9.58 -74.07 -46.79
CA VAL P 370 -10.83 -70.58 -46.95
CA VAL P 371 -13.91 -70.10 -45.06
CA LYS P 372 -13.57 -66.98 -46.94
CA GLY P 373 -14.70 -64.86 -44.13
CA SER P 374 -11.62 -62.89 -43.40
CA PRO P 375 -9.80 -60.38 -45.40
CA ALA P 376 -7.06 -62.68 -46.62
CA ALA P 377 -9.67 -63.96 -48.98
CA GLN P 378 -10.43 -60.37 -49.90
CA ALA P 379 -6.89 -59.84 -51.05
CA GLY P 380 -6.44 -62.40 -53.29
CA LEU P 381 -6.15 -65.46 -51.29
CA GLN P 382 -8.02 -68.65 -51.98
CA LYS P 383 -7.54 -72.22 -50.85
CA ASP P 384 -4.93 -74.61 -52.14
CA ASP P 385 -2.36 -71.90 -52.31
CA VAL P 386 1.02 -72.65 -50.87
CA ILE P 387 2.86 -69.79 -49.37
CA ILE P 388 6.30 -70.52 -50.57
CA GLY P 389 7.74 -67.49 -48.95
CA VAL P 390 7.36 -63.92 -47.91
CA ASN P 391 9.93 -61.30 -48.77
CA ARG P 392 11.33 -64.11 -50.83
CA ASP P 393 11.67 -66.20 -47.73
CA ARG P 394 10.27 -69.66 -48.12
CA VAL P 395 8.86 -70.85 -44.84
CA ASN P 396 9.59 -74.27 -43.55
CA SER P 397 7.38 -74.91 -40.52
CA ILE P 398 5.15 -73.73 -37.60
CA ALA P 399 7.65 -73.08 -34.82
CA GLU P 400 9.29 -71.47 -37.74
CA MET P 401 6.01 -69.77 -38.35
CA ARG P 402 6.69 -68.09 -35.07
CA LYS P 403 10.21 -67.42 -36.30
CA VAL P 404 9.11 -65.57 -39.38
CA LEU P 405 6.62 -63.76 -37.20
CA ALA P 406 9.44 -62.32 -35.19
CA ALA P 407 10.65 -59.98 -37.95
CA LYS P 408 7.43 -57.96 -38.57
CA PRO P 409 8.10 -56.09 -41.80
CA ALA P 410 6.33 -52.90 -42.81
CA ILE P 411 4.75 -54.67 -45.73
CA ILE P 412 4.23 -58.34 -46.19
CA ALA P 413 4.39 -59.69 -49.67
CA LEU P 414 3.37 -63.25 -49.86
CA GLN P 415 4.70 -65.38 -52.62
CA ILE P 416 2.31 -68.21 -53.07
CA VAL P 417 1.84 -70.56 -55.93
CA ARG P 418 -1.61 -71.33 -57.07
CA GLY P 419 -2.10 -73.72 -59.90
CA ASN P 420 0.79 -73.36 -62.25
CA GLU P 421 0.94 -69.81 -61.15
CA SER P 422 3.21 -67.53 -59.16
CA ILE P 423 1.34 -64.84 -57.40
CA TYR P 424 2.05 -62.16 -54.88
CA LEU P 425 -0.45 -61.26 -52.19
CA LEU P 426 0.08 -57.92 -50.51
CA MET P 427 -0.72 -57.12 -46.93
CA PRO Q 11 37.70 71.56 -62.31
CA LEU Q 12 34.63 72.01 -60.36
CA PRO Q 13 33.98 72.73 -56.90
CA SER Q 14 33.00 69.83 -54.79
CA LEU Q 15 29.31 68.98 -54.87
CA ALA Q 16 28.45 72.31 -53.31
CA PRO Q 17 27.62 74.18 -56.42
CA MET Q 18 25.48 71.21 -57.11
CA LEU Q 19 23.83 71.40 -53.76
CA GLU Q 20 23.11 75.07 -53.78
CA LYS Q 21 20.60 75.04 -56.62
CA VAL Q 22 18.93 71.77 -55.57
CA LEU Q 23 19.10 72.16 -51.84
CA PRO Q 24 16.17 74.42 -51.07
CA ALA Q 25 14.27 71.43 -52.07
CA VAL Q 26 15.31 70.47 -48.40
CA VAL Q 27 14.53 71.40 -44.73
CA SER Q 28 14.59 69.41 -41.52
CA VAL Q 29 11.50 67.55 -40.46
CA ARG Q 30 11.15 66.96 -36.78
CA VAL Q 31 8.50 64.67 -35.50
CA GLU Q 32 7.65 63.73 -32.01
CA GLY Q 33 7.05 60.03 -31.90
CA THR Q 34 8.79 57.15 -30.29
CA ALA Q 35 12.31 57.84 -31.46
CA GLY Q 63 13.35 58.98 -34.88
CA LEU Q 64 14.01 61.91 -37.29
CA GLY Q 65 13.58 62.87 -41.03
CA SER Q 66 13.67 65.67 -43.73
CA GLY Q 67 11.39 67.60 -46.18
CA VAL Q 68 11.08 70.24 -48.96
CA ILE Q 69 9.59 73.69 -48.97
CA ILE Q 70 7.37 73.62 -52.01
CA ASN Q 71 5.67 76.92 -51.42
CA ALA Q 72 7.11 79.64 -49.28
CA SER Q 73 3.96 81.68 -48.98
CA LYS Q 74 1.77 78.73 -48.20
CA GLY Q 75 4.41 77.08 -46.12
CA TYR Q 76 3.82 73.74 -47.79
CA VAL Q 77 6.50 71.17 -47.13
CA LEU Q 78 6.68 67.91 -49.00
CA THR Q 79 7.96 64.84 -47.24
CA ASN Q 80 7.62 61.08 -47.26
CA ASN Q 81 4.52 59.55 -45.75
CA HIS Q 82 6.59 57.14 -43.78
CA VAL Q 83 8.25 60.10 -42.19
CA ILE Q 84 4.91 61.56 -41.06
CA ASN Q 85 3.02 58.40 -40.15
CA GLN Q 86 4.17 57.92 -36.55
CA ALA Q 87 4.33 61.63 -35.81
CA GLN Q 88 2.56 62.75 -32.68
CA LYS Q 89 3.66 66.28 -33.43
CA ILE Q 90 5.53 67.90 -36.28
CA SER Q 91 8.07 70.68 -36.37
CA ILE Q 92 10.23 71.99 -39.19
CA GLN Q 93 13.65 73.50 -38.81
CA LEU Q 94 15.39 75.66 -41.36
CA ASN Q 95 19.07 75.61 -42.08
CA ASP Q 96 19.24 79.00 -40.45
CA GLY Q 97 18.02 77.44 -37.24
CA ARG Q 98 14.56 78.95 -37.29
CA GLU Q 99 11.87 76.47 -36.45
CA PHE Q 100 8.12 76.27 -36.97
CA ASP Q 101 5.33 73.88 -36.14
CA ALA Q 102 3.58 71.97 -38.88
CA LYS Q 103 0.34 70.13 -39.45
CA LEU Q 104 -0.28 67.23 -41.78
CA ILE Q 105 -2.37 68.40 -44.72
CA GLY Q 106 -2.72 64.96 -46.22
CA SER Q 107 -0.72 62.09 -47.55
CA ASP Q 108 -0.83 59.14 -49.92
CA ASP Q 109 0.40 55.97 -48.31
CA GLN Q 110 1.32 54.30 -51.56
CA SER Q 111 3.14 57.23 -53.09
CA ASP Q 112 4.91 57.80 -49.80
CA ILE Q 113 4.13 61.43 -50.36
CA ALA Q 114 2.85 63.58 -47.53
CA LEU Q 115 2.23 67.29 -47.45
CA LEU Q 116 2.74 69.39 -44.36
CA GLN Q 117 1.90 73.00 -43.78
CA ILE Q 118 3.94 75.26 -41.60
CA GLN Q 119 2.08 77.45 -39.19
CA ASN Q 120 2.97 81.06 -39.67
CA PRO Q 121 4.78 80.07 -42.77
CA SER Q 122 7.87 82.05 -43.57
CA LYS Q 123 9.62 82.72 -46.79
CA LEU Q 124 12.99 81.08 -47.07
CA THR Q 125 14.91 80.71 -50.26
CA GLN Q 126 13.50 77.96 -52.42
CA ILE Q 127 15.34 76.50 -55.30
CA ALA Q 128 14.58 75.28 -58.76
CA ILE Q 129 15.41 71.61 -58.28
CA ALA Q 130 16.62 69.84 -61.34
CA ASP Q 131 14.52 67.44 -62.90
CA SER Q 132 15.90 64.10 -61.99
CA ASP Q 133 16.41 64.00 -65.70
CA LYS Q 134 19.16 66.55 -65.20
CA LEU Q 135 21.19 64.13 -63.09
CA ARG Q 136 23.43 61.78 -64.99
CA VAL Q 137 22.89 58.08 -64.54
CA GLY Q 138 26.21 57.08 -62.91
CA ASP Q 139 26.82 60.77 -62.25
CA PHE Q 140 28.24 61.77 -58.92
CA ALA Q 141 25.55 62.64 -56.49
CA VAL Q 142 25.38 64.18 -53.10
CA ALA Q 143 22.66 63.64 -50.60
CA VAL Q 144 21.68 66.24 -48.11
CA GLY Q 145 19.16 65.90 -45.36
CA ASN Q 146 18.61 64.90 -41.76
CA PRO Q 147 18.95 63.48 -39.25
CA PHE Q 148 21.41 65.73 -37.46
CA GLY Q 149 19.88 67.86 -38.38
CA LEU Q 150 21.26 70.87 -36.58
CA GLY Q 151 22.76 71.59 -39.90
CA GLN Q 152 22.11 69.34 -42.82
CA THR Q 153 24.38 66.41 -43.31
CA ALA Q 154 25.81 65.78 -46.69
CA THR Q 155 26.98 62.49 -48.00
CA SER Q 156 28.47 61.62 -51.33
CA GLY Q 157 28.11 58.80 -53.77
CA ILE Q 158 27.45 57.89 -57.35
CA VAL Q 159 24.23 57.13 -59.02
CA SER Q 160 24.01 53.40 -59.07
CA ALA Q 161 21.14 52.87 -61.40
CA LEU Q 162 17.88 54.06 -62.79
CA GLY Q 163 15.07 51.77 -63.72
CA ARG Q 164 16.55 49.09 -61.61
CA SER Q 165 14.38 46.06 -61.94
CA GLY Q 166 14.14 42.79 -60.07
CA LEU Q 167 14.96 43.86 -56.51
CA ASN Q 168 11.33 44.80 -56.11
CA LEU Q 169 12.08 46.31 -52.78
CA GLU Q 170 9.08 48.45 -53.51
CA GLY Q 171 6.28 48.79 -54.07
CA LEU Q 172 6.78 52.33 -55.22
CA GLU Q 173 8.62 52.92 -58.36
CA ASN Q 174 10.14 56.33 -58.38
CA PHE Q 175 13.69 55.85 -58.98
CA ILE Q 176 17.25 56.89 -58.95
CA GLN Q 177 19.44 54.49 -57.04
CA THR Q 178 22.39 55.91 -55.20
CA ASP Q 179 25.31 54.68 -53.13
CA ALA Q 180 25.38 57.98 -51.27
CA SER Q 181 24.86 57.37 -47.61
CA ILE Q 182 21.31 57.54 -46.51
CA ASN Q 183 20.35 58.11 -42.92
CA ARG Q 184 17.07 56.69 -41.78
CA GLY Q 185 15.31 60.06 -41.92
CA ASN Q 186 17.43 60.91 -44.93
CA ALA Q 187 14.49 60.74 -47.28
CA GLY Q 188 12.71 64.02 -47.83
CA GLY Q 189 16.13 65.48 -48.48
CA ALA Q 190 17.82 66.39 -51.74
CA LEU Q 191 20.02 64.43 -54.08
CA LEU Q 192 22.24 66.84 -55.88
CA ASN Q 193 24.27 66.44 -59.07
CA LEU Q 194 26.71 68.29 -61.25
CA ASN Q 195 23.94 70.41 -62.66
CA GLY Q 196 23.35 71.43 -59.13
CA GLU Q 197 19.76 71.08 -59.40
CA LEU Q 198 17.93 68.44 -57.43
CA ILE Q 199 18.52 65.21 -59.15
CA GLY Q 200 15.94 63.77 -56.93
CA ILE Q 201 14.25 63.60 -53.59
CA ASN Q 202 15.57 60.79 -51.47
CA THR Q 203 12.57 58.60 -50.77
CA ALA Q 204 13.73 55.32 -49.30
CA ILE Q 205 16.37 52.68 -48.86
CA LEU Q 206 16.62 48.94 -48.80
CA ALA Q 207 16.52 47.09 -45.56
CA PRO Q 208 19.81 47.61 -43.94
CA GLY Q 209 20.34 43.94 -43.40
CA GLY Q 210 21.67 44.99 -40.05
CA GLY Q 211 24.20 47.19 -41.73
CA SER Q 212 24.39 50.27 -43.84
CA VAL Q 213 22.64 49.26 -47.01
CA GLY Q 214 24.75 51.56 -49.05
CA ILE Q 215 21.76 51.68 -51.31
CA GLY Q 216 19.04 54.25 -51.58
CA PHE Q 217 16.29 55.37 -53.89
CA ALA Q 218 15.25 58.86 -54.85
CA ILE Q 219 12.04 60.01 -56.49
CA PRO Q 220 11.65 62.56 -59.20
CA SER Q 221 9.94 65.94 -58.80
CA ASN Q 222 7.53 66.10 -61.71
CA MET Q 223 5.37 63.37 -60.33
CA ALA Q 224 5.62 64.75 -56.86
CA ARG Q 225 4.79 68.27 -57.85
CA THR Q 226 1.72 67.30 -59.78
CA LEU Q 227 0.41 65.13 -56.98
CA ALA Q 228 1.11 67.86 -54.53
CA GLN Q 229 -0.89 70.38 -56.48
CA GLN Q 230 -3.87 68.09 -56.65
CA LEU Q 231 -3.61 67.48 -52.95
CA ILE Q 232 -3.65 71.14 -52.14
CA ASP Q 233 -6.35 72.16 -54.53
CA PHE Q 234 -8.53 69.10 -54.23
CA GLY Q 235 -7.96 68.87 -50.53
CA GLU Q 236 -8.22 65.16 -50.95
CA ILE Q 237 -6.65 62.21 -52.69
CA LYS Q 238 -6.37 62.95 -56.38
CA ARG Q 239 -5.24 59.44 -57.42
CA GLY Q 240 -6.12 58.51 -60.95
CA LEU Q 241 -5.72 55.56 -63.20
CA LEU Q 242 -4.17 55.21 -66.58
CA GLY Q 243 -6.99 53.08 -67.80
CA ILE Q 244 -4.38 50.50 -68.53
CA LYS Q 245 -4.54 47.26 -66.64
CA GLY Q 246 -1.55 45.05 -66.56
CA THR Q 247 1.00 43.00 -64.70
CA GLU Q 248 4.71 43.13 -63.93
CA MET Q 249 7.05 42.04 -66.61
CA SER Q 250 8.38 38.67 -65.54
CA ALA Q 251 12.00 37.58 -65.40
CA ASP Q 252 11.25 34.99 -68.02
CA ILE Q 253 10.29 37.95 -70.13
CA ALA Q 254 13.71 39.46 -69.74
CA LYS Q 255 15.45 36.40 -71.01
CA ALA Q 256 12.88 35.52 -73.65
CA PHE Q 257 12.27 38.80 -75.35
CA ASN Q 258 15.82 39.63 -76.15
CA LEU Q 259 13.98 42.85 -76.74
CA ASP Q 260 15.66 46.13 -76.09
CA VAL Q 261 14.21 46.00 -72.65
CA GLN Q 262 12.19 42.99 -71.82
CA ARG Q 263 11.08 44.48 -68.54
CA GLY Q 264 8.19 46.86 -68.28
CA ALA Q 265 4.53 46.82 -67.50
CA PHE Q 266 2.66 44.21 -69.42
CA VAL Q 267 -0.51 45.74 -70.70
CA SER Q 268 -3.81 44.23 -70.36
CA GLU Q 269 -6.45 45.66 -71.75
CA VAL Q 270 -6.85 49.19 -72.27
CA LEU Q 271 -10.07 50.53 -71.03
CA PRO Q 272 -11.68 52.47 -73.73
CA GLY Q 273 -11.54 56.22 -73.64
CA SER Q 274 -8.22 55.77 -71.94
CA GLY Q 275 -5.16 57.40 -73.31
CA SER Q 276 -3.97 53.97 -74.32
CA ALA Q 277 -7.24 53.28 -76.06
CA LYS Q 278 -7.12 56.52 -77.97
CA ALA Q 279 -3.46 56.00 -78.69
CA GLY Q 280 -4.15 52.65 -80.20
CA VAL Q 281 -1.96 51.11 -77.59
CA LYS Q 282 -3.02 47.52 -77.48
CA ALA Q 283 -2.99 44.79 -74.96
CA GLY Q 284 0.15 42.74 -75.12
CA ASP Q 285 2.19 45.86 -75.26
CA ILE Q 286 5.06 46.15 -72.86
CA ILE Q 287 5.56 49.64 -71.54
CA THR Q 288 9.29 50.15 -71.23
CA SER Q 289 9.25 53.80 -70.31
CA LEU Q 290 7.12 56.63 -69.04
CA ASN Q 291 8.25 60.21 -69.50
CA GLY Q 292 11.50 58.84 -70.80
CA LYS Q 293 12.34 57.46 -67.43
CA PRO Q 294 11.91 53.82 -68.06
CA LEU Q 295 9.01 52.19 -66.32
CA ASN Q 296 10.42 49.02 -64.98
CA SER Q 297 7.12 47.89 -63.61
CA PHE Q 298 3.43 48.25 -64.15
CA ALA Q 299 3.47 49.60 -60.64
CA GLU Q 300 5.73 52.42 -61.68
CA LEU Q 301 3.59 53.17 -64.67
CA ARG Q 302 0.51 53.29 -62.54
CA SER Q 303 2.11 55.64 -60.05
CA ARG Q 304 3.47 57.93 -62.72
CA ILE Q 305 0.21 58.48 -64.50
CA ALA Q 306 -1.88 58.53 -61.35
CA THR Q 307 0.36 61.13 -59.80
CA THR Q 308 -0.42 63.81 -62.29
CA GLU Q 309 -3.82 65.22 -63.05
CA PRO Q 310 -5.46 64.22 -66.23
CA GLY Q 311 -5.11 66.31 -69.33
CA THR Q 312 -1.40 66.05 -68.89
CA LYS Q 313 0.62 64.35 -71.54
CA VAL Q 314 3.11 61.59 -71.02
CA LYS Q 315 5.26 59.67 -73.45
CA LEU Q 316 5.16 55.96 -73.11
CA GLY Q 317 8.04 53.93 -74.33
CA LEU Q 318 6.07 51.04 -75.73
CA LEU Q 319 7.19 47.72 -77.16
CA ARG Q 320 5.03 45.75 -79.50
CA ASN Q 321 6.07 42.68 -81.39
CA GLY Q 322 9.52 43.39 -80.44
CA LYS Q 323 9.09 46.69 -82.21
CA PRO Q 324 9.67 49.92 -80.45
CA LEU Q 325 6.86 52.44 -80.24
CA GLU Q 326 6.53 55.88 -78.74
CA VAL Q 327 3.06 56.96 -77.81
CA GLU Q 328 1.72 60.16 -76.38
CA VAL Q 329 -1.03 59.67 -73.90
CA THR Q 330 -3.21 62.16 -72.12
CA LEU Q 331 -3.53 60.68 -68.71
CA ASP Q 332 -7.05 59.86 -67.80
CA THR Q 333 -8.08 59.41 -64.24
CA SER Q 334 -10.14 56.70 -62.73
CA THR Q 335 -11.72 57.16 -59.40
CA SER Q 336 -13.12 54.18 -57.64
CA SER Q 337 -15.20 54.14 -54.56
CA SER Q 338 -16.49 51.36 -52.47
CA ALA Q 339 -20.22 51.33 -52.25
CA SER Q 340 -21.85 50.87 -48.91
CA ALA Q 341 -25.33 51.26 -47.61
CA GLU Q 342 -23.87 53.85 -45.31
CA MET Q 343 -22.50 55.93 -48.12
CA ILE Q 344 -25.86 56.49 -49.76
CA THR Q 345 -27.89 56.41 -46.52
CA PRO Q 346 -25.41 57.95 -44.07
CA ALA Q 347 -27.15 58.69 -40.84
CA LEU Q 348 -29.55 56.34 -39.31
CA GLU Q 349 -30.36 54.27 -42.35
CA GLY Q 350 -33.44 55.35 -44.21
CA ALA Q 351 -33.99 57.74 -47.09
CA THR Q 352 -31.38 57.87 -49.78
CA LEU Q 353 -28.97 60.73 -49.55
CA SER Q 354 -27.17 62.90 -52.06
CA ASP Q 355 -24.26 65.13 -51.31
CA GLY Q 356 -22.09 67.77 -52.87
CA GLN Q 357 -22.21 70.25 -55.66
CA LEU Q 358 -20.04 67.37 -56.67
CA LYS Q 359 -17.56 69.87 -57.86
CA ASP Q 360 -17.60 71.69 -54.58
CA GLY Q 361 -18.01 70.09 -51.22
CA GLY Q 362 -21.70 69.99 -50.55
CA LYS Q 363 -23.18 71.97 -47.75
CA GLY Q 364 -24.22 68.73 -46.17
CA ILE Q 365 -26.15 65.60 -46.93
CA LYS Q 366 -29.48 65.96 -48.63
CA ILE Q 367 -32.04 63.29 -47.94
CA ASP Q 368 -33.60 62.51 -51.22
CA GLU Q 369 -36.60 60.55 -50.10
CA VAL Q 370 -37.71 58.60 -47.17
CA VAL Q 371 -38.27 55.00 -48.11
CA LYS Q 372 -39.15 55.61 -44.54
CA GLY Q 373 -38.93 51.90 -43.68
CA SER Q 374 -35.66 52.06 -41.71
CA PRO Q 375 -35.07 53.48 -38.35
CA ALA Q 376 -33.70 56.84 -39.37
CA ALA Q 377 -37.25 57.69 -40.16
CA GLN Q 378 -38.26 56.40 -36.77
CA ALA Q 379 -35.97 58.88 -35.09
CA GLY Q 380 -37.02 61.89 -36.38
CA LEU Q 381 -35.83 61.82 -39.85
CA GLN Q 382 -37.90 62.79 -42.83
CA LYS Q 383 -37.10 63.78 -46.38
CA ASP Q 384 -35.90 67.20 -47.49
CA ASP Q 385 -33.75 67.55 -44.45
CA VAL Q 386 -30.20 68.63 -44.96
CA ILE Q 387 -27.67 67.30 -42.60
CA ILE Q 388 -25.62 70.36 -42.07
CA GLY Q 389 -23.32 68.66 -39.69
CA VAL Q 390 -22.80 66.18 -36.94
CA ASN Q 391 -20.96 66.99 -33.78
CA ARG Q 392 -21.29 70.47 -35.17
CA ASP Q 393 -19.37 69.33 -38.19
CA ARG Q 394 -20.91 70.48 -41.43
CA VAL Q 395 -20.20 67.89 -44.04
CA ASN Q 396 -19.19 68.84 -47.51
CA SER Q 397 -19.27 65.75 -49.71
CA ILE Q 398 -19.27 61.92 -50.25
CA ALA Q 399 -15.60 61.04 -50.23
CA GLU Q 400 -15.89 63.33 -47.32
CA MET Q 401 -18.79 61.24 -46.20
CA ARG Q 402 -16.31 58.47 -45.93
CA LYS Q 403 -13.93 60.74 -44.07
CA VAL Q 404 -16.56 61.77 -41.56
CA LEU Q 405 -17.22 58.08 -41.18
CA ALA Q 406 -13.66 57.45 -40.18
CA ALA Q 407 -14.09 59.03 -36.73
CA LYS Q 408 -16.96 56.88 -35.33
CA PRO Q 409 -18.09 58.76 -32.25
CA ALA Q 410 -19.93 57.14 -29.35
CA ILE Q 411 -23.02 59.17 -30.05
CA ILE Q 412 -24.01 60.73 -33.31
CA ALA Q 413 -25.92 63.94 -33.10
CA LEU Q 414 -27.14 65.05 -36.44
CA GLN Q 415 -27.75 68.69 -36.98
CA ILE Q 416 -30.14 68.97 -39.83
CA VAL Q 417 -32.29 71.80 -40.95
CA ARG Q 418 -35.82 71.14 -41.90
CA GLY Q 419 -37.94 73.95 -43.09
CA ASN Q 420 -36.98 77.05 -41.29
CA GLU Q 421 -35.85 74.91 -38.51
CA SER Q 422 -32.84 73.55 -36.68
CA ILE Q 423 -33.22 70.09 -35.31
CA TYR Q 424 -31.01 67.47 -33.77
CA LEU Q 425 -31.47 63.81 -34.52
CA LEU Q 426 -29.71 61.46 -32.19
CA MET Q 427 -28.45 58.01 -32.87
CA PRO R 11 2.98 35.38 96.86
CA LEU R 12 5.48 33.84 94.61
CA PRO R 13 7.45 35.65 92.10
CA SER R 14 6.97 34.48 88.60
CA LEU R 15 9.27 31.66 87.59
CA ALA R 16 12.28 33.96 87.79
CA PRO R 17 13.42 33.03 91.20
CA MET R 18 13.17 29.56 89.87
CA LEU R 19 15.18 30.41 86.85
CA GLU R 20 17.98 32.17 88.56
CA LYS R 21 19.30 29.21 90.50
CA VAL R 22 18.88 26.75 87.58
CA LEU R 23 19.66 29.00 84.69
CA PRO R 24 23.44 29.01 84.66
CA ALA R 25 22.95 25.51 83.61
CA VAL R 26 22.26 27.43 80.23
CA VAL R 27 24.11 29.42 77.46
CA SER R 28 23.42 29.85 73.78
CA VAL R 29 24.99 27.43 71.39
CA ARG R 30 25.55 28.72 67.92
CA VAL R 31 26.49 26.39 65.16
CA GLU R 32 27.21 27.08 61.59
CA GLY R 33 25.59 24.44 59.46
CA THR R 34 22.81 24.50 56.99
CA ALA R 35 20.20 26.41 58.99
CA GLY R 63 19.46 26.07 62.66
CA LEU R 64 20.16 27.09 66.30
CA GLY R 65 20.39 25.50 69.85
CA SER R 66 21.53 25.89 73.53
CA GLY R 67 23.97 24.44 76.15
CA VAL R 68 25.27 24.44 79.78
CA ILE R 69 28.49 25.63 81.26
CA ILE R 70 29.60 22.69 83.32
CA ASN R 71 33.01 24.01 84.23
CA ALA R 72 33.95 27.65 84.12
CA SER R 73 37.68 27.15 84.31
CA LYS R 74 37.76 24.43 81.71
CA GLY R 75 35.09 26.06 79.64
CA TYR R 76 33.22 22.82 79.21
CA VAL R 77 29.72 23.20 77.85
CA LEU R 78 27.26 20.35 77.78
CA THR R 79 24.76 20.15 74.97
CA ASN R 80 22.76 17.64 72.99
CA ASN R 81 24.54 15.65 70.33
CA HIS R 82 21.83 16.42 67.85
CA VAL R 83 22.66 20.05 68.37
CA ILE R 84 26.35 19.48 67.53
CA ASN R 85 26.08 16.87 64.79
CA GLN R 86 25.71 19.07 61.71
CA ALA R 87 27.94 21.81 63.11
CA GLN R 88 30.51 23.08 60.70
CA LYS R 89 31.63 25.55 63.33
CA ILE R 90 30.59 26.17 66.90
CA SER R 91 30.27 29.36 68.91
CA ILE R 92 28.83 30.01 72.34
CA GLN R 93 27.14 33.18 73.45
CA LEU R 94 26.66 34.25 77.00
CA ASN R 95 23.61 36.11 78.22
CA ASP R 96 25.84 39.13 78.66
CA GLY R 97 26.47 39.05 74.94
CA ARG R 98 30.06 37.91 75.07
CA GLU R 99 30.81 35.13 72.66
CA PHE R 100 33.51 32.52 72.26
CA ASP R 101 34.43 29.79 69.83
CA ALA R 102 34.05 26.18 70.79
CA LYS R 103 35.37 22.82 69.72
CA LEU R 104 33.66 19.47 70.04
CA ILE R 105 35.44 17.41 72.64
CA GLY R 106 33.29 14.35 72.11
CA SER R 107 29.75 13.10 72.14
CA ASP R 108 27.58 10.03 72.52
CA ASP R 109 25.01 9.70 69.78
CA GLN R 110 22.63 7.57 71.79
CA SER R 111 22.72 9.62 74.96
CA ASP R 112 22.34 12.74 72.88
CA ILE R 113 25.05 14.19 75.02
CA ALA R 114 27.92 16.16 73.57
CA LEU R 115 30.63 18.09 75.31
CA LEU R 116 32.11 21.26 73.90
CA GLN R 117 35.03 23.27 75.11
CA ILE R 118 35.22 27.00 74.82
CA GLN R 119 38.47 28.39 73.64
CA ASN R 120 39.87 30.96 76.00
CA PRO R 121 37.27 29.84 78.42
CA SER R 122 35.90 32.52 80.68
CA LYS R 123 34.35 32.33 84.06
CA LEU R 124 30.69 33.22 84.07
CA THR R 125 28.44 32.52 86.96
CA GLN R 126 27.28 28.95 86.95
CA ILE R 127 24.55 27.63 89.10
CA ALA R 128 23.73 24.66 91.25
CA ILE R 129 21.06 23.09 89.05
CA ALA R 130 18.42 21.26 90.95
CA ASP R 131 18.31 17.71 90.69
CA SER R 132 15.41 16.93 88.50
CA ASP R 133 14.25 15.25 91.64
CA LYS R 134 13.69 18.70 93.07
CA LEU R 135 11.11 19.57 90.43
CA ARG R 136 7.61 18.51 91.24
CA VAL R 137 5.77 16.32 88.81
CA GLY R 138 3.01 18.49 87.46
CA ASP R 139 4.88 21.34 89.08
CA PHE R 140 4.98 24.58 87.16
CA ALA R 141 8.01 24.69 85.00
CA VAL R 142 9.75 27.25 82.90
CA ALA R 143 12.00 26.54 80.02
CA VAL R 144 14.81 28.83 79.06
CA GLY R 145 17.05 28.49 76.09
CA ASN R 146 17.61 29.40 72.49
CA PRO R 147 17.00 30.03 69.75
CA PHE R 148 16.23 33.71 69.74
CA GLY R 149 19.23 33.63 71.69
CA LEU R 150 20.20 37.26 71.72
CA GLY R 151 18.69 36.98 75.11
CA GLN R 152 17.36 33.72 76.36
CA THR R 153 13.76 33.00 75.59
CA ALA R 154 11.62 31.71 78.36
CA THR R 155 8.43 29.76 78.07
CA SER R 156 6.12 28.44 80.73
CA GLY R 157 4.21 25.27 81.27
CA ILE R 158 3.63 22.51 83.78
CA VAL R 159 5.19 19.17 84.35
CA SER R 160 3.15 16.86 82.19
CA ALA R 161 4.60 13.63 83.39
CA LEU R 162 7.59 11.63 84.45
CA GLY R 163 8.14 8.04 83.54
CA ARG R 164 5.86 8.56 80.63
CA SER R 165 5.64 5.24 78.89
CA GLY R 166 4.01 4.15 75.65
CA LEU R 167 4.99 6.96 73.31
CA ASN R 168 8.28 5.38 72.69
CA LEU R 169 9.19 8.53 70.91
CA GLU R 170 12.68 7.68 71.99
CA GLY R 171 14.94 5.90 72.08
CA LEU R 172 16.49 7.82 74.90
CA GLU R 173 14.87 7.63 78.24
CA ASN R 174 15.78 10.64 80.29
CA PHE R 175 12.61 12.11 81.34
CA ILE R 176 10.57 14.98 82.54
CA GLN R 177 7.70 15.71 80.20
CA THR R 178 6.64 19.31 79.90
CA ASP R 179 4.05 21.40 78.10
CA ALA R 180 6.32 24.43 78.21
CA SER R 181 7.08 25.55 74.70
CA ILE R 182 10.12 24.01 73.19
CA ASN R 183 11.91 25.70 70.34
CA ARG R 184 13.83 23.46 67.99
CA GLY R 185 17.19 24.37 69.50
CA ASN R 186 15.48 24.62 72.85
CA ALA R 187 17.21 21.55 74.18
CA GLY R 188 20.46 22.20 75.97
CA GLY R 189 18.58 24.83 77.93
CA ALA R 190 17.21 24.68 81.43
CA LEU R 191 13.87 23.68 82.81
CA LEU R 192 13.27 25.55 85.99
CA ASN R 193 10.84 24.91 88.82
CA LEU R 194 9.67 26.40 92.08
CA ASN R 195 12.83 25.31 93.81
CA GLY R 196 14.58 27.38 91.27
CA GLU R 197 17.12 24.87 90.58
CA LEU R 198 17.18 23.18 87.23
CA ILE R 199 14.54 20.62 87.20
CA GLY R 200 16.11 19.35 84.09
CA ILE R 201 17.91 19.93 80.85
CA ASN R 202 15.59 20.11 77.90
CA THR R 203 16.75 17.30 75.66
CA ALA R 204 14.14 16.80 72.93
CA ILE R 205 10.55 16.96 71.80
CA LEU R 206 8.11 14.88 69.83
CA ALA R 207 7.72 15.34 66.15
CA PRO R 208 5.77 18.43 65.66
CA GLY R 209 3.19 16.72 63.55
CA GLY R 210 3.42 19.85 61.49
CA GLY R 211 2.48 21.89 64.50
CA SER R 212 3.79 22.81 67.89
CA VAL R 213 3.90 19.53 69.70
CA GLY R 214 3.34 21.19 73.00
CA ILE R 215 5.30 18.31 74.40
CA GLY R 216 8.92 18.21 75.37
CA PHE R 217 11.28 16.01 77.33
CA ALA R 218 14.03 17.01 79.71
CA ILE R 219 16.92 14.95 81.00
CA PRO R 220 18.24 14.85 84.50
CA SER R 221 21.68 16.04 85.58
CA ASN R 222 23.18 13.21 87.62
CA MET R 223 23.38 10.93 84.67
CA ALA R 224 24.66 13.70 82.45
CA ARG R 225 27.20 14.77 85.00
CA THR R 226 28.63 11.31 85.40
CA LEU R 227 28.94 10.70 81.68
CA ALA R 228 30.47 14.08 81.27
CA GLN R 229 33.20 13.33 83.75
CA GLN R 230 34.07 10.08 82.11
CA LEU R 231 34.23 11.89 78.81
CA ILE R 232 36.61 14.47 80.14
CA ASP R 233 38.75 12.08 82.09
CA PHE R 234 38.75 9.18 79.68
CA GLY R 235 38.89 11.38 76.64
CA GLU R 236 36.78 8.76 74.98
CA ILE R 237 33.45 7.04 75.21
CA LYS R 238 32.97 5.59 78.67
CA ARG R 239 29.71 3.77 77.91
CA GLY R 240 29.07 0.74 80.02
CA LEU R 241 26.57 -2.01 80.40
CA LEU R 242 24.50 -3.11 83.34
CA GLY R 243 25.14 -6.71 82.57
CA ILE R 244 21.40 -6.96 82.55
CA LYS R 245 19.75 -7.95 79.35
CA GLY R 246 16.12 -7.44 78.77
CA THR R 247 13.25 -6.13 76.73
CA GLU R 248 10.65 -3.42 77.03
CA MET R 249 7.71 -4.03 79.26
CA SER R 250 4.80 -4.69 76.96
CA ALA R 251 1.40 -3.06 77.07
CA ASP R 252 -0.10 -6.45 77.79
CA ILE R 253 2.11 -6.34 80.83
CA ALA R 254 0.51 -3.19 82.06
CA LYS R 255 -2.92 -4.68 81.92
CA ALA R 256 -1.98 -8.13 83.13
CA PHE R 257 0.21 -7.43 86.07
CA ASN R 258 -2.11 -5.17 87.92
CA LEU R 259 1.14 -4.73 89.71
CA ASP R 260 2.02 -1.39 91.13
CA VAL R 261 3.71 -0.52 87.91
CA GLN R 262 3.51 -3.10 85.22
CA ARG R 263 5.84 -1.14 83.00
CA GLY R 264 9.58 -1.39 83.33
CA ALA R 265 12.49 -3.24 81.84
CA PHE R 266 11.88 -6.93 81.68
CA VAL R 267 15.05 -8.65 82.74
CA SER R 268 16.74 -11.33 80.83
CA GLU R 269 19.37 -12.88 82.09
CA VAL R 270 21.70 -11.34 84.39
CA LEU R 271 25.19 -11.80 83.28
CA PRO R 272 27.23 -13.07 86.10
CA GLY R 273 29.49 -10.72 87.96
CA SER R 274 26.95 -8.11 87.10
CA GLY R 275 25.44 -5.98 89.81
CA SER R 276 22.22 -7.79 89.17
CA ALA R 277 23.95 -11.13 89.50
CA LYS R 278 25.57 -10.12 92.75
CA ALA R 279 22.34 -8.61 93.92
CA GLY R 280 20.51 -11.80 93.33
CA VAL R 281 18.33 -9.98 90.90
CA LYS R 282 16.89 -12.69 88.74
CA ALA R 283 15.61 -12.96 85.27
CA GLY R 284 11.94 -12.30 85.12
CA ASP R 285 12.32 -9.28 87.24
CA ILE R 286 10.73 -6.11 86.05
CA ILE R 287 12.73 -3.05 86.91
CA THR R 288 10.27 -0.30 87.68
CA SER R 289 12.72 2.32 88.78
CA LEU R 290 16.32 3.34 88.73
CA ASN R 291 17.66 5.85 91.23
CA GLY R 292 14.09 6.48 92.23
CA LYS R 293 13.16 7.89 88.90
CA PRO R 294 11.11 5.14 87.50
CA LEU R 295 12.62 3.31 84.58
CA ASN R 296 9.79 2.99 82.16
CA SER R 297 11.86 1.03 79.75
CA PHE R 298 14.79 -1.30 79.51
CA ALA R 299 16.29 1.38 77.34
CA GLU R 300 16.12 3.88 80.16
CA LEU R 301 17.69 1.44 82.55
CA ARG R 302 20.48 0.79 80.12
CA SER R 303 21.16 4.45 79.63
CA ARG R 304 21.13 5.29 83.29
CA ILE R 305 23.56 2.57 84.31
CA ALA R 306 25.82 3.06 81.33
CA THR R 307 25.96 6.74 81.91
CA THR R 308 27.75 6.55 85.21
CA GLU R 309 31.09 4.96 85.83
CA PRO R 310 31.17 1.63 87.46
CA GLY R 311 31.66 1.39 91.18
CA THR R 312 28.76 3.75 91.53
CA LYS R 313 25.68 2.56 93.30
CA VAL R 314 22.18 2.83 92.01
CA LYS R 315 18.90 1.69 93.49
CA LEU R 316 16.74 -0.39 91.29
CA GLY R 317 13.07 -0.48 91.92
CA LEU R 318 12.54 -4.13 91.19
CA LEU R 319 9.36 -6.14 90.88
CA ARG R 320 9.34 -9.86 91.42
CA ASN R 321 6.28 -12.04 91.63
CA GLY R 322 4.26 -9.02 91.98
CA LYS R 323 6.31 -8.23 95.02
CA PRO R 324 8.26 -5.07 95.31
CA LEU R 325 11.99 -5.19 95.84
CA GLU R 326 14.69 -2.59 96.21
CA VAL R 327 18.15 -3.60 95.25
CA GLU R 328 21.41 -1.75 95.29
CA VAL R 329 23.62 -2.45 92.40
CA THR R 330 27.13 -1.36 91.75
CA LEU R 331 27.10 -0.58 88.10
CA ASP R 332 29.37 -2.78 86.11
CA THR R 333 30.55 -1.75 82.72
CA SER R 334 30.71 -3.76 79.60
CA THR R 335 32.87 -2.57 76.81
CA SER R 336 32.54 -4.13 73.42
CA SER R 337 34.61 -3.59 70.38
CA SER R 338 34.45 -4.95 66.92
CA ALA R 339 37.36 -7.17 66.14
CA SER R 340 39.16 -6.66 62.91
CA ALA R 341 42.29 -8.09 61.51
CA GLU R 342 43.24 -4.45 61.23
CA MET R 343 42.85 -3.76 64.89
CA ILE R 344 45.38 -6.38 65.96
CA THR R 345 47.59 -6.01 62.87
CA PRO R 346 47.15 -2.31 62.09
CA ALA R 347 49.61 -1.29 59.46
CA LEU R 348 50.30 -3.40 56.51
CA GLU R 349 49.05 -6.70 57.81
CA GLY R 350 51.65 -8.90 59.36
CA ALA R 351 52.95 -9.26 62.89
CA THR R 352 50.47 -8.99 65.70
CA LEU R 353 50.39 -5.68 67.46
CA SER R 354 49.82 -4.53 71.01
CA ASP R 355 49.07 -1.03 72.05
CA GLY R 356 48.72 1.08 75.15
CA GLN R 357 49.79 1.15 78.74
CA LEU R 358 46.17 0.19 78.51
CA LYS R 359 45.54 2.57 81.27
CA ASP R 360 47.26 5.37 79.44
CA GLY R 361 47.34 5.83 75.74
CA GLY R 362 50.27 3.86 74.47
CA LYS R 363 53.17 5.61 72.86
CA GLY R 364 52.37 3.77 69.69
CA ILE R 365 51.77 0.32 68.37
CA LYS R 366 54.19 -2.40 69.31
CA ILE R 367 54.71 -5.21 66.82
CA ASP R 368 54.63 -8.35 68.87
CA GLU R 369 56.01 -10.77 66.37
CA VAL R 370 56.26 -11.14 62.71
CA VAL R 371 54.30 -14.10 61.49
CA LYS R 372 56.10 -12.45 58.69
CA GLY R 373 53.85 -14.09 56.09
CA SER R 374 51.85 -10.98 55.13
CA PRO R 375 52.97 -8.04 53.19
CA ALA R 376 53.76 -5.69 56.05
CA ALA R 377 56.82 -7.80 56.47
CA GLN R 378 57.51 -7.42 52.79
CA ALA R 379 57.60 -3.67 53.13
CA GLY R 380 59.98 -3.24 55.57
CA LEU R 381 58.39 -4.27 58.71
CA GLN R 382 59.93 -6.58 61.24
CA LYS R 383 59.14 -7.26 64.86
CA ASP R 384 60.07 -5.07 67.78
CA ASP R 385 59.35 -1.94 65.90
CA VAL R 386 57.14 0.62 67.53
CA ILE R 387 54.89 2.61 65.36
CA ILE R 388 55.33 5.97 66.89
CA GLY R 389 53.02 7.61 64.46
CA VAL R 390 51.65 7.85 60.97
CA ASN R 391 51.50 11.09 59.09
CA ARG R 392 53.55 12.25 62.04
CA ASP R 393 50.71 11.18 64.26
CA ARG R 394 51.87 9.31 67.31
CA VAL R 395 49.24 6.77 68.20
CA ASN R 396 48.24 6.26 71.77
CA SER R 397 45.98 3.21 72.00
CA ILE R 398 43.55 0.68 70.41
CA ALA R 399 40.19 2.42 70.62
CA GLU R 400 42.42 5.12 69.38
CA MET R 401 43.61 2.66 66.82
CA ARG R 402 40.08 2.75 65.57
CA LYS R 403 40.17 6.54 65.75
CA VAL R 404 43.25 6.73 63.59
CA LEU R 405 41.54 4.33 61.24
CA ALA R 406 38.70 6.73 60.76
CA ALA R 407 40.78 9.15 58.65
CA LYS R 408 41.81 6.83 55.75
CA PRO R 409 44.57 8.73 53.98
CA ALA R 410 45.57 8.04 50.39
CA ILE R 411 48.98 6.92 51.52
CA ILE R 412 50.02 5.72 54.91
CA ALA R 413 53.49 6.55 56.05
CA LEU R 414 54.42 4.71 59.19
CA GLN R 415 56.98 6.27 61.43
CA ILE R 416 58.41 3.47 63.46
CA VAL R 417 61.59 3.21 65.39
CA ARG R 418 63.64 0.13 65.20
CA GLY R 419 66.77 -0.07 67.21
CA ASN R 420 68.28 3.30 67.59
CA GLU R 421 66.70 4.11 64.34
CA SER R 422 63.90 6.05 62.75
CA ILE R 423 62.43 4.72 59.62
CA TYR R 424 59.35 5.14 57.57
CA LEU R 425 57.35 2.29 56.11
CA LEU R 426 55.10 3.22 53.24
CA MET R 427 51.84 1.62 52.29
CA PRO S 11 -96.26 -21.04 -29.87
CA LEU S 12 -93.43 -21.13 -32.24
CA PRO S 13 -90.69 -23.44 -32.65
CA SER S 14 -87.40 -22.54 -31.17
CA LEU S 15 -85.22 -20.38 -33.39
CA ALA S 16 -84.99 -23.18 -35.92
CA PRO S 17 -87.69 -22.06 -38.23
CA MET S 18 -85.87 -18.81 -38.07
CA LEU S 19 -82.60 -20.42 -38.87
CA GLU S 20 -83.74 -22.51 -41.75
CA LYS S 21 -84.65 -19.65 -44.04
CA VAL S 22 -81.58 -17.53 -43.13
CA LEU S 23 -79.06 -20.25 -42.61
CA PRO S 24 -77.96 -21.01 -46.15
CA ALA S 25 -76.45 -17.66 -45.88
CA VAL S 26 -73.84 -19.84 -43.86
CA VAL S 27 -71.08 -22.49 -44.46
CA SER S 28 -67.87 -23.29 -42.61
CA VAL S 29 -64.73 -21.54 -43.66
CA ARG S 30 -61.56 -23.40 -42.98
CA VAL S 31 -58.27 -21.68 -43.29
CA GLU S 32 -54.81 -22.97 -42.77
CA GLY S 33 -52.80 -20.38 -40.95
CA THR S 34 -51.30 -20.14 -37.53
CA ALA S 35 -54.26 -21.27 -35.45
CA GLY S 63 -57.85 -20.31 -35.94
CA LEU S 64 -61.25 -20.96 -37.64
CA GLY S 65 -64.23 -18.98 -39.18
CA SER S 66 -67.48 -19.05 -41.33
CA GLY S 67 -68.93 -17.83 -44.69
CA VAL S 68 -71.98 -17.60 -47.01
CA ILE S 69 -72.69 -19.19 -50.33
CA ILE S 70 -73.76 -16.28 -52.45
CA ASN S 71 -73.90 -18.10 -55.72
CA ALA S 72 -74.21 -21.83 -56.05
CA SER S 73 -73.24 -22.08 -59.68
CA LYS S 74 -70.27 -19.81 -59.34
CA GLY S 75 -69.39 -21.13 -55.94
CA TYR S 76 -68.89 -17.66 -54.54
CA VAL S 77 -68.66 -17.52 -50.78
CA LEU S 78 -68.79 -14.27 -48.88
CA THR S 79 -66.79 -13.98 -45.70
CA ASN S 80 -65.05 -11.38 -43.57
CA ASN S 81 -61.66 -10.13 -44.68
CA HIS S 82 -60.26 -10.69 -41.25
CA VAL S 83 -61.18 -14.31 -41.64
CA ILE S 84 -59.25 -14.58 -44.92
CA ASN S 85 -56.25 -12.41 -44.17
CA GLN S 86 -53.93 -14.93 -42.50
CA ALA S 87 -55.08 -17.80 -44.69
CA GLN S 88 -52.31 -19.83 -46.18
CA LYS S 89 -54.92 -22.09 -47.69
CA ILE S 90 -58.68 -22.12 -47.61
CA SER S 91 -61.27 -24.85 -47.57
CA ILE S 92 -65.02 -24.71 -47.23
CA GLN S 93 -67.12 -27.31 -45.49
CA LEU S 94 -70.82 -27.78 -45.96
CA ASN S 95 -73.23 -28.79 -43.25
CA ASP S 96 -73.51 -32.11 -45.02
CA GLY S 97 -69.84 -32.67 -44.43
CA ARG S 98 -68.74 -32.23 -48.02
CA GLU S 99 -65.71 -30.03 -48.37
CA PHE S 100 -64.13 -28.06 -51.17
CA ASP S 101 -61.04 -25.95 -51.68
CA ALA S 102 -61.37 -22.23 -52.19
CA LYS S 103 -59.34 -19.35 -53.53
CA LEU S 104 -59.60 -15.73 -52.58
CA ILE S 105 -61.06 -13.67 -55.38
CA GLY S 106 -60.58 -10.40 -53.59
CA SER S 107 -61.40 -8.47 -50.48
CA ASP S 108 -61.88 -5.00 -49.05
CA ASP S 109 -59.94 -4.51 -45.86
CA GLN S 110 -62.10 -1.70 -44.55
CA SER S 111 -65.39 -3.32 -45.40
CA ASP S 112 -64.15 -6.54 -43.87
CA ILE S 113 -65.68 -8.22 -46.85
CA ALA S 114 -63.86 -10.89 -48.80
CA LEU S 115 -65.08 -13.09 -51.60
CA LEU S 116 -63.93 -16.64 -52.07
CA GLN S 117 -64.60 -19.03 -54.88
CA ILE S 118 -64.99 -22.73 -54.43
CA GLN S 119 -63.25 -24.91 -56.91
CA ASN S 120 -65.59 -27.33 -58.55
CA PRO S 121 -68.37 -25.43 -56.97
CA SER S 122 -71.42 -27.43 -56.05
CA LYS S 123 -74.98 -26.43 -55.69
CA LEU S 124 -76.15 -26.62 -52.12
CA THR S 125 -79.36 -25.07 -51.02
CA GLN S 126 -79.02 -21.38 -50.48
CA ILE S 127 -81.57 -19.28 -48.78
CA ALA S 128 -83.25 -15.96 -49.13
CA ILE S 129 -81.68 -14.19 -46.17
CA ALA S 130 -83.86 -11.60 -44.57
CA ASP S 131 -82.99 -8.18 -44.92
CA SER S 132 -81.57 -7.16 -41.64
CA ASP S 133 -84.55 -4.88 -41.75
CA LYS S 134 -86.67 -7.96 -41.18
CA LEU S 135 -85.15 -8.64 -37.79
CA ARG S 136 -86.66 -6.74 -34.93
CA VAL S 137 -84.46 -4.60 -32.78
CA GLY S 138 -84.39 -6.34 -29.45
CA ASP S 139 -85.93 -9.27 -31.25
CA PHE S 140 -84.71 -12.69 -30.30
CA ALA S 141 -81.82 -13.70 -32.43
CA VAL S 142 -79.85 -16.82 -33.03
CA ALA S 143 -76.36 -16.96 -34.34
CA VAL S 144 -75.10 -19.87 -36.33
CA GLY S 145 -71.62 -20.39 -37.56
CA ASN S 146 -68.26 -21.88 -36.79
CA PRO S 147 -65.96 -22.70 -35.34
CA PHE S 148 -66.68 -26.25 -34.44
CA GLY S 149 -67.61 -26.45 -37.09
CA LEU S 150 -68.13 -30.12 -37.78
CA GLY S 151 -71.73 -29.07 -37.56
CA GLN S 152 -72.70 -25.48 -37.13
CA THR S 153 -72.96 -24.19 -33.63
CA ALA S 154 -75.87 -22.06 -32.73
CA THR S 155 -76.17 -19.63 -29.91
CA SER S 156 -79.07 -17.54 -28.77
CA GLY S 157 -79.48 -13.98 -27.62
CA ILE S 158 -81.50 -10.86 -28.27
CA VAL S 159 -80.95 -7.85 -30.45
CA SER S 160 -79.08 -5.50 -28.17
CA ALA S 161 -79.20 -2.49 -30.37
CA LEU S 162 -78.99 -0.99 -33.80
CA GLY S 163 -77.25 2.23 -34.57
CA ARG S 164 -75.31 1.94 -31.41
CA SER S 165 -73.11 4.97 -31.18
CA GLY S 166 -70.31 5.81 -28.82
CA LEU S 167 -68.38 2.60 -28.53
CA ASN S 168 -66.62 3.33 -31.76
CA LEU S 169 -65.17 -0.12 -31.60
CA GLU S 170 -65.12 0.19 -35.34
CA GLY S 171 -64.21 1.47 -37.73
CA LEU S 172 -66.82 -0.27 -39.79
CA GLU S 173 -70.39 0.65 -39.30
CA ASN S 174 -72.56 -2.22 -40.33
CA PHE S 175 -74.73 -2.85 -37.48
CA ILE S 176 -76.95 -5.07 -35.50
CA GLN S 177 -75.69 -5.60 -32.00
CA THR S 178 -76.40 -8.92 -30.36
CA ASP S 179 -75.81 -10.63 -27.05
CA ALA S 180 -75.88 -14.01 -28.77
CA SER S 181 -72.58 -15.71 -28.23
CA ILE S 182 -70.02 -15.06 -30.86
CA ASN S 183 -67.15 -17.44 -31.38
CA ARG S 184 -63.98 -15.93 -32.73
CA GLY S 185 -64.59 -17.28 -36.24
CA ASN S 186 -68.29 -16.76 -35.68
CA ALA S 187 -68.39 -13.92 -38.16
CA GLY S 188 -69.35 -14.97 -41.67
CA GLY S 189 -72.21 -16.88 -40.11
CA ALA S 190 -75.87 -16.01 -39.94
CA LEU S 191 -77.94 -14.17 -37.40
CA LEU S 192 -81.44 -15.45 -37.54
CA ASN S 193 -84.70 -13.92 -36.32
CA LEU S 194 -88.35 -14.76 -35.96
CA ASN S 195 -88.89 -14.09 -39.62
CA GLY S 196 -86.35 -16.77 -40.13
CA GLU S 197 -84.58 -14.93 -42.71
CA LEU S 198 -81.08 -13.76 -41.96
CA ILE S 199 -81.24 -10.80 -39.77
CA GLY S 200 -77.68 -10.26 -40.59
CA ILE S 201 -74.23 -11.60 -41.15
CA ASN S 202 -72.17 -11.70 -38.01
CA THR S 203 -69.19 -9.46 -38.80
CA ALA S 204 -67.28 -8.86 -35.60
CA ILE S 205 -67.19 -8.49 -31.85
CA LEU S 206 -65.75 -6.23 -29.22
CA ALA S 207 -62.44 -7.07 -27.66
CA PRO S 208 -63.08 -9.79 -25.23
CA GLY S 209 -61.51 -7.93 -22.40
CA GLY S 210 -60.09 -11.29 -21.51
CA GLY S 211 -63.58 -12.67 -21.27
CA SER S 212 -66.54 -13.37 -23.43
CA VAL S 213 -67.62 -9.97 -24.59
CA GLY S 214 -71.20 -11.01 -24.84
CA ILE S 215 -71.32 -8.38 -27.53
CA GLY S 216 -71.30 -8.87 -31.26
CA PHE S 217 -72.04 -6.94 -34.40
CA ALA S 218 -73.74 -8.11 -37.57
CA ILE S 219 -73.70 -6.57 -41.02
CA PRO S 220 -76.61 -6.24 -43.34
CA SER S 221 -76.94 -7.94 -46.74
CA ASN S 222 -77.85 -5.21 -49.19
CA MET S 223 -74.60 -3.42 -48.80
CA ALA S 224 -72.71 -6.66 -48.91
CA ARG S 225 -74.49 -7.91 -51.98
CA THR S 226 -73.87 -4.75 -53.92
CA LEU S 227 -70.19 -4.66 -53.12
CA ALA S 228 -69.96 -8.31 -53.92
CA GLN S 229 -71.42 -7.90 -57.34
CA GLN S 230 -69.06 -5.13 -58.29
CA LEU S 231 -66.18 -7.20 -56.97
CA ILE S 232 -67.26 -10.03 -59.22
CA ASP S 233 -67.79 -7.91 -62.29
CA PHE S 234 -65.03 -5.40 -61.87
CA GLY S 235 -62.62 -7.99 -60.66
CA GLU S 236 -61.21 -5.28 -58.49
CA ILE S 237 -62.12 -2.82 -55.80
CA LYS S 238 -65.27 -0.92 -56.69
CA ARG S 239 -65.11 1.46 -53.70
CA GLY S 240 -66.81 4.77 -54.25
CA LEU S 241 -67.37 8.04 -52.46
CA LEU S 242 -70.53 9.84 -51.49
CA GLY S 243 -69.05 13.14 -52.48
CA ILE S 244 -70.00 14.09 -48.97
CA LYS S 245 -67.23 15.05 -46.67
CA GLY S 246 -67.78 15.15 -42.99
CA THR S 247 -66.89 14.20 -39.47
CA GLU S 248 -68.36 12.04 -36.72
CA MET S 249 -71.13 13.50 -34.69
CA SER S 250 -69.64 14.37 -31.35
CA ALA S 251 -71.02 13.47 -27.94
CA ASP S 252 -71.44 17.14 -27.21
CA ILE S 253 -73.77 17.13 -30.16
CA ALA S 254 -75.85 14.45 -28.58
CA LYS S 255 -76.51 16.53 -25.55
CA ALA S 256 -76.69 19.86 -27.29
CA PHE S 257 -79.00 19.11 -30.14
CA ASN S 258 -81.88 17.79 -28.22
CA LEU S 259 -82.64 16.81 -31.77
CA ASP S 260 -84.41 13.61 -32.54
CA VAL S 261 -81.06 12.02 -33.04
CA GLN S 262 -78.09 14.18 -32.36
CA ARG S 263 -75.73 11.58 -33.66
CA GLY S 264 -74.97 11.14 -37.31
CA ALA S 265 -72.44 12.17 -39.85
CA PHE S 266 -71.65 15.86 -39.82
CA VAL S 267 -71.65 17.06 -43.37
CA SER S 268 -68.88 19.09 -44.76
CA GLU S 269 -69.12 20.30 -47.83
CA VAL S 270 -70.84 18.57 -50.50
CA LEU S 271 -68.76 18.20 -53.55
CA PRO S 272 -70.68 19.38 -56.48
CA GLY S 273 -72.22 16.87 -58.80
CA SER S 274 -72.57 14.66 -55.79
CA GLY S 275 -75.92 13.27 -54.85
CA SER S 276 -75.80 15.61 -51.92
CA ALA S 277 -75.09 18.57 -54.11
CA LYS S 278 -77.89 17.73 -56.48
CA ALA S 279 -80.15 17.00 -53.55
CA GLY S 280 -79.52 20.41 -52.16
CA VAL S 281 -78.26 18.89 -49.01
CA LYS S 282 -76.03 21.45 -47.47
CA ALA S 283 -73.05 21.49 -45.24
CA GLY S 284 -74.06 21.59 -41.64
CA ASP S 285 -76.48 18.82 -42.22
CA ILE S 286 -76.42 15.86 -39.88
CA ILE S 287 -77.16 12.60 -41.58
CA THR S 288 -79.08 10.51 -39.10
CA SER S 289 -79.90 7.62 -41.33
CA LEU S 290 -79.09 5.93 -44.59
CA ASN S 291 -81.46 3.45 -46.16
CA GLY S 292 -83.55 3.78 -43.06
CA LYS S 293 -80.93 2.11 -40.97
CA PRO S 294 -79.67 5.03 -39.01
CA LEU S 295 -76.18 6.11 -39.86
CA ASN S 296 -74.61 6.68 -36.52
CA SER S 297 -71.40 7.87 -37.99
CA PHE S 298 -69.92 9.51 -41.01
CA ALA S 299 -67.97 6.32 -41.33
CA GLU S 300 -71.14 4.30 -41.66
CA LEU S 301 -72.50 6.63 -44.26
CA ARG S 302 -69.29 6.44 -46.19
CA SER S 303 -69.32 2.66 -46.15
CA ARG S 304 -72.94 2.33 -47.09
CA ILE S 305 -72.89 4.45 -50.16
CA ALA S 306 -69.43 3.35 -51.23
CA THR S 307 -70.49 -0.26 -51.03
CA THR S 308 -73.12 0.07 -53.70
CA GLU S 309 -72.45 1.05 -57.27
CA PRO S 310 -73.35 4.54 -58.35
CA GLY S 311 -76.70 4.35 -60.11
CA THR S 312 -78.33 3.25 -56.90
CA LYS S 313 -80.62 5.37 -54.83
CA VAL S 314 -80.42 5.76 -51.10
CA LYS S 315 -82.58 7.61 -48.67
CA LEU S 316 -80.70 9.75 -46.28
CA GLY S 317 -82.28 10.70 -43.02
CA LEU S 318 -81.07 14.26 -42.81
CA LEU S 319 -81.34 16.80 -40.04
CA ARG S 320 -81.06 20.47 -40.68
CA ASN S 321 -81.75 23.25 -38.20
CA GLY S 322 -83.17 20.73 -36.02
CA LYS S 323 -85.65 19.97 -38.73
CA PRO S 324 -85.97 16.57 -40.20
CA LEU S 325 -85.44 16.00 -43.89
CA GLU S 326 -85.44 12.97 -46.13
CA VAL S 327 -83.42 13.16 -49.28
CA GLU S 328 -82.97 10.73 -52.11
CA VAL S 329 -79.46 10.52 -53.35
CA THR S 330 -78.05 8.72 -56.31
CA LEU S 331 -74.76 7.56 -54.98
CA ASP S 332 -71.86 8.93 -56.88
CA THR S 333 -68.53 7.24 -56.78
CA SER S 334 -65.15 8.76 -56.36
CA THR S 335 -62.13 6.82 -57.38
CA SER S 336 -58.75 8.00 -56.26
CA SER S 337 -55.35 6.63 -56.78
CA SER S 338 -51.96 7.47 -55.50
CA ALA S 339 -49.73 8.84 -58.17
CA SER S 340 -46.22 7.65 -58.49
CA ALA S 341 -43.59 8.03 -61.11
CA GLU S 342 -43.76 4.28 -61.40
CA MET S 343 -47.43 4.25 -62.26
CA ILE S 344 -47.01 6.44 -65.34
CA THR S 345 -43.50 5.20 -66.17
CA PRO S 346 -43.69 1.57 -65.05
CA ALA S 347 -40.64 -0.24 -66.26
CA LEU S 348 -37.28 1.30 -66.18
CA GLU S 349 -38.26 4.91 -65.92
CA GLY S 350 -38.42 6.75 -69.18
CA ALA S 351 -41.20 7.44 -71.61
CA THR S 352 -44.68 7.95 -70.29
CA LEU S 353 -46.93 4.95 -70.40
CA SER S 354 -50.64 4.43 -70.92
CA ASP S 355 -52.57 1.33 -70.15
CA GLY S 356 -55.94 -0.27 -70.66
CA GLN S 357 -58.93 0.10 -72.90
CA LEU S 358 -59.70 1.62 -69.58
CA LYS S 359 -62.91 -0.25 -69.79
CA ASP S 360 -61.20 -3.56 -70.17
CA GLY S 361 -57.83 -4.47 -68.88
CA GLY S 362 -55.35 -3.33 -71.46
CA LYS S 363 -53.28 -5.85 -73.27
CA GLY S 364 -50.23 -4.30 -71.70
CA ILE S 365 -48.55 -0.98 -71.17
CA LYS S 366 -48.10 1.29 -74.12
CA ILE S 367 -45.17 3.60 -74.03
CA ASP S 368 -46.39 6.98 -75.09
CA GLU S 369 -43.20 8.73 -75.92
CA VAL S 370 -39.63 8.53 -74.92
CA VAL S 371 -38.55 11.60 -73.07
CA LYS S 372 -35.68 9.27 -73.53
CA GLY S 373 -33.68 10.93 -70.74
CA SER S 374 -34.04 8.13 -68.17
CA PRO S 375 -32.44 4.78 -68.14
CA ALA S 376 -35.30 2.78 -69.56
CA ALA S 377 -34.31 4.29 -72.84
CA GLN S 378 -30.74 3.28 -72.12
CA ALA S 379 -31.75 -0.33 -71.88
CA GLY S 380 -33.36 -0.86 -74.88
CA LEU S 381 -36.57 0.87 -74.57
CA GLN S 382 -38.02 3.18 -77.16
CA LYS S 383 -41.48 4.54 -77.85
CA ASP S 384 -44.32 2.56 -79.36
CA ASP S 385 -43.35 -0.55 -77.51
CA VAL S 386 -46.10 -2.42 -75.83
CA ILE S 387 -45.21 -4.24 -72.72
CA ILE S 388 -47.10 -7.41 -73.16
CA GLY S 389 -45.89 -8.85 -69.95
CA VAL S 390 -43.14 -9.31 -67.45
CA ASN S 391 -42.06 -12.68 -66.24
CA ARG S 392 -44.35 -13.78 -69.01
CA ASP S 393 -47.17 -11.97 -67.30
CA ARG S 394 -49.19 -9.88 -69.66
CA VAL S 395 -50.43 -6.80 -67.89
CA ASN S 396 -53.98 -5.66 -68.27
CA SER S 397 -54.34 -2.23 -66.68
CA ILE S 398 -53.16 0.55 -64.26
CA ALA S 399 -54.78 -0.43 -60.99
CA GLU S 400 -53.42 -3.68 -62.19
CA MET S 401 -50.18 -1.86 -62.72
CA ARG S 402 -50.12 -1.48 -58.99
CA LYS S 403 -51.10 -5.11 -58.75
CA VAL S 404 -48.10 -6.23 -60.75
CA LEU S 405 -46.01 -3.90 -58.65
CA ALA S 406 -46.96 -5.79 -55.54
CA ALA S 407 -44.82 -8.84 -56.43
CA LYS S 408 -41.36 -7.19 -56.70
CA PRO S 409 -39.18 -9.80 -58.35
CA ALA S 410 -35.39 -9.76 -58.10
CA ILE S 411 -35.07 -9.27 -61.82
CA ILE S 412 -37.59 -7.77 -64.15
CA ALA S 413 -37.71 -9.05 -67.65
CA LEU S 414 -39.99 -7.02 -69.82
CA GLN S 415 -41.53 -8.69 -72.77
CA ILE S 416 -42.49 -6.00 -75.17
CA VAL S 417 -43.31 -6.09 -78.82
CA ARG S 418 -41.86 -3.52 -81.09
CA GLY S 419 -42.70 -3.61 -84.70
CA ASN S 420 -43.07 -7.17 -85.76
CA GLU S 421 -40.67 -8.02 -83.04
CA SER S 422 -40.56 -9.75 -79.69
CA ILE S 423 -37.97 -8.31 -77.43
CA TYR S 424 -36.93 -8.64 -73.83
CA LEU S 425 -35.74 -5.67 -71.85
CA LEU S 426 -34.07 -6.48 -68.61
CA MET S 427 -33.79 -4.45 -65.48
CA PRO T 11 55.17 -85.78 -4.68
CA LEU T 12 52.72 -84.37 -2.30
CA PRO T 13 49.09 -84.84 -2.39
CA SER T 14 47.21 -81.62 -2.59
CA LEU T 15 46.40 -80.11 0.78
CA ALA T 16 43.96 -82.92 1.51
CA PRO T 17 46.18 -85.10 3.53
CA MET T 18 46.85 -81.93 5.38
CA LEU T 19 43.21 -81.26 5.83
CA GLU T 20 42.14 -84.63 7.02
CA LYS T 21 44.17 -84.67 10.20
CA VAL T 22 43.34 -81.03 11.09
CA LEU T 23 39.85 -80.83 9.73
CA PRO T 24 37.78 -82.33 12.53
CA ALA T 25 38.81 -79.25 14.29
CA VAL T 26 35.84 -77.94 12.08
CA VAL T 27 31.99 -78.15 11.61
CA SER T 28 29.44 -75.73 10.29
CA VAL T 29 27.92 -73.24 12.64
CA ARG T 30 24.49 -72.04 11.68
CA VAL T 31 23.00 -69.10 13.43
CA GLU T 32 19.65 -67.48 13.03
CA GLY T 33 20.14 -63.75 13.11
CA THR T 34 19.78 -61.00 10.61
CA ALA T 35 21.77 -62.50 7.75
CA GLY T 63 25.01 -64.40 7.98
CA LEU T 64 26.85 -67.72 8.50
CA GLY T 65 30.02 -69.14 10.24
CA SER T 66 31.98 -72.28 11.42
CA GLY T 67 33.21 -74.10 14.60
CA VAL T 68 35.18 -77.04 16.12
CA ILE T 69 34.05 -80.12 17.99
CA ILE T 70 36.23 -80.06 21.04
CA ASN T 71 34.49 -82.85 22.89
CA ALA T 72 32.39 -85.46 21.20
CA SER T 73 30.72 -86.80 24.31
CA LYS T 74 29.98 -83.39 25.71
CA GLY T 75 29.18 -81.98 22.34
CA TYR T 76 31.21 -78.88 22.99
CA VAL T 77 31.95 -76.80 19.95
CA LEU T 78 34.42 -73.96 19.97
CA THR T 79 33.75 -70.96 17.81
CA ASN T 80 34.45 -67.25 17.65
CA ASN T 81 32.43 -64.96 19.87
CA HIS T 82 31.73 -62.70 16.96
CA VAL T 83 30.12 -65.63 15.26
CA ILE T 84 27.77 -66.25 18.19
CA ASN T 85 27.04 -62.69 19.28
CA GLN T 86 24.05 -61.90 17.05
CA ALA T 87 22.72 -65.45 17.16
CA GLN T 88 19.03 -65.68 17.89
CA LYS T 89 19.30 -69.44 17.51
CA ILE T 90 22.18 -71.79 16.89
CA SER T 91 22.43 -74.98 14.90
CA ILE T 92 25.43 -77.03 13.91
CA GLN T 93 25.81 -79.16 10.85
CA LEU T 94 28.29 -81.95 10.34
CA ASN T 95 30.07 -82.73 7.12
CA ASP T 96 27.91 -85.79 6.87
CA GLY T 97 24.88 -83.56 6.76
CA ARG T 98 23.52 -84.38 10.18
CA GLU T 99 22.56 -81.34 12.15
CA PHE T 100 21.86 -80.48 15.75
CA ASP T 101 20.69 -77.66 17.99
CA ALA T 102 23.22 -75.75 20.04
CA LYS T 103 23.22 -73.47 23.06
CA LEU T 104 25.77 -70.90 24.09
CA ILE T 105 27.61 -72.06 27.18
CA GLY T 106 29.66 -68.92 27.48
CA SER T 107 32.10 -66.71 25.68
CA ASP T 108 34.85 -64.18 26.15
CA ASP T 109 34.36 -61.11 24.06
CA GLN T 110 38.01 -60.15 24.05
CA SER T 111 39.38 -63.57 23.23
CA ASP T 112 36.72 -63.94 20.56
CA ILE T 113 36.24 -67.40 21.93
CA ALA T 114 32.83 -68.82 22.57
CA LEU T 115 31.78 -72.29 23.56
CA LEU T 116 28.65 -73.96 22.32
CA GLN T 117 27.05 -77.17 23.40
CA ILE T 118 25.23 -79.47 21.07
CA GLN T 119 21.91 -80.78 22.24
CA ASN T 120 21.87 -84.55 22.09
CA PRO T 121 25.51 -84.44 21.27
CA SER T 122 26.80 -87.10 18.92
CA LYS T 123 30.19 -88.55 18.44
CA LEU T 124 31.73 -87.49 15.18
CA THR T 125 35.25 -88.00 13.97
CA GLN T 126 37.24 -85.16 15.54
CA ILE T 127 40.96 -84.87 14.94
CA ALA T 128 44.24 -84.12 16.59
CA ILE T 129 44.83 -80.61 15.19
CA ALA T 130 48.40 -79.63 14.88
CA ASP T 131 49.74 -77.15 17.05
CA SER T 132 49.99 -74.02 15.06
CA ASP T 133 53.62 -74.59 15.78
CA LYS T 134 53.43 -77.46 13.33
CA LEU T 135 52.58 -75.20 10.43
CA ARG T 136 55.47 -73.56 8.70
CA VAL T 137 55.58 -69.81 8.40
CA GLY T 138 55.12 -69.11 4.74
CA ASP T 139 54.14 -72.74 4.48
CA PHE T 140 51.29 -73.56 2.17
CA ALA T 141 48.05 -73.51 4.01
CA VAL T 142 44.51 -74.45 3.27
CA ALA T 143 41.49 -73.03 4.94
CA VAL T 144 38.35 -75.00 5.40
CA GLY T 145 35.11 -73.77 6.81
CA ASN T 146 31.78 -72.21 6.03
CA PRO T 147 29.81 -70.57 4.75
CA PHE T 148 28.69 -72.55 1.77
CA GLY T 149 28.54 -75.03 4.35
CA LEU T 150 26.51 -77.77 2.77
CA GLY T 151 29.94 -79.17 2.34
CA GLN T 152 32.92 -77.33 3.67
CA THR T 153 34.59 -74.99 1.30
CA ALA T 154 38.32 -75.04 1.08
CA THR T 155 40.61 -72.34 -0.10
CA SER T 156 44.33 -72.26 -0.53
CA GLY T 157 47.07 -69.80 0.23
CA ILE T 158 50.38 -69.50 1.97
CA VAL T 159 51.38 -68.41 5.43
CA SER T 160 51.85 -64.68 5.08
CA ALA T 161 53.35 -64.02 8.45
CA LEU T 162 53.40 -64.77 12.12
CA GLY T 163 53.98 -62.18 14.75
CA ARG T 164 52.90 -59.62 12.32
CA SER T 165 53.15 -56.28 14.05
CA GLY T 166 52.05 -52.80 13.12
CA LEU T 167 48.65 -53.37 11.60
CA ASN T 168 47.10 -53.48 15.00
CA LEU T 169 43.92 -54.57 13.36
CA GLU T 170 43.32 -56.23 16.67
CA GLY T 171 42.97 -56.12 19.51
CA LEU T 172 43.44 -59.83 19.85
CA GLU T 173 46.81 -61.24 19.22
CA ASN T 174 46.48 -64.84 18.23
CA PHE T 175 48.26 -65.11 15.06
CA ILE T 176 49.02 -66.82 11.85
CA GLN T 177 48.48 -64.54 8.89
CA THR T 178 47.28 -66.18 5.70
CA ASP T 179 46.43 -65.23 2.15
CA ALA T 180 44.05 -68.17 1.85
CA SER T 181 40.64 -66.81 1.14
CA ILE T 182 38.49 -66.25 4.11
CA ASN T 183 34.75 -66.13 3.91
CA ARG T 184 32.98 -63.95 6.41
CA GLY T 185 31.94 -66.89 8.57
CA ASN T 186 35.19 -68.56 7.67
CA ALA T 187 36.56 -68.21 11.16
CA GLY T 188 35.89 -71.13 13.43
CA GLY T 189 37.21 -73.27 10.62
CA ALA T 190 40.56 -74.95 10.22
CA LEU T 191 43.81 -73.86 8.65
CA LEU T 192 45.62 -76.90 7.45
CA ASN T 193 49.29 -77.36 6.60
CA LEU T 194 51.65 -79.93 5.21
CA ASN T 195 51.72 -81.71 8.53
CA GLY T 196 48.05 -82.08 8.05
CA GLU T 197 47.35 -81.11 11.46
CA LEU T 198 45.44 -77.98 12.17
CA ILE T 199 47.83 -75.11 11.76
CA GLY T 200 45.33 -72.93 13.36
CA ILE T 201 41.77 -71.87 13.79
CA ASN T 202 40.78 -69.07 11.49
CA THR T 203 39.70 -66.31 13.83
CA ALA T 204 39.30 -63.12 11.82
CA ILE T 205 40.26 -60.98 8.88
CA LEU T 206 41.05 -57.39 8.05
CA ALA T 207 38.31 -55.10 6.93
CA PRO T 208 37.55 -55.96 3.40
CA GLY T 209 37.98 -52.45 2.19
CA GLY T 210 35.01 -53.23 0.05
CA GLY T 211 36.92 -56.05 -1.52
CA SER T 212 38.35 -59.37 -0.59
CA VAL T 213 41.03 -58.52 1.90
CA GLY T 214 43.09 -61.49 0.93
CA ILE T 215 44.31 -61.38 4.47
CA GLY T 216 43.23 -63.43 7.42
CA PHE T 217 44.34 -64.34 10.91
CA ALA T 218 44.26 -67.69 12.64
CA ILE T 219 44.55 -68.45 16.33
CA PRO T 220 46.46 -71.26 17.90
CA SER T 221 44.92 -74.16 19.83
CA ASN T 222 46.88 -74.38 23.08
CA MET T 223 45.57 -71.10 24.31
CA ALA T 224 42.11 -71.90 23.11
CA ARG T 225 42.07 -75.31 24.69
CA THR T 226 43.17 -74.07 28.07
CA LEU T 227 40.65 -71.28 28.13
CA ALA T 228 37.99 -73.66 26.98
CA GLN T 229 38.71 -76.05 29.81
CA GLN T 230 38.44 -73.30 32.36
CA LEU T 231 35.15 -72.25 30.84
CA ILE T 232 33.75 -75.73 31.10
CA ASP T 233 35.03 -76.40 34.58
CA PHE T 234 34.58 -72.99 36.08
CA GLY T 235 31.35 -72.39 34.27
CA GLU T 236 32.42 -68.79 34.16
CA ILE T 237 35.12 -66.51 32.89
CA LYS T 238 38.50 -67.79 33.98
CA ARG T 239 40.49 -64.77 32.76
CA GLY T 240 43.72 -64.18 34.60
CA LEU T 241 46.53 -61.71 34.60
CA LEU T 242 50.23 -62.13 34.16
CA GLY T 243 50.95 -59.70 36.92
CA ILE T 244 52.98 -57.96 34.29
CA LYS T 245 51.93 -54.51 33.32
CA GLY T 246 53.16 -52.88 30.21
CA THR T 247 52.52 -51.11 26.95
CA GLU T 248 53.02 -52.08 23.38
CA MET T 249 56.36 -51.74 21.77
CA SER T 250 56.42 -48.58 19.73
CA ALA T 251 57.56 -48.23 16.15
CA ASP T 252 60.34 -45.98 17.33
CA ILE T 253 61.41 -48.97 19.34
CA ALA T 254 61.75 -51.03 16.25
CA LYS T 255 64.08 -48.58 14.65
CA ALA T 256 65.99 -47.66 17.77
CA PHE T 257 66.72 -50.98 19.34
CA ASN T 258 68.33 -52.59 16.40
CA LEU T 259 67.69 -55.46 18.74
CA ASP T 260 66.86 -58.84 17.39
CA VAL T 261 63.26 -57.91 17.64
CA GLN T 262 62.49 -54.47 18.84
CA ARG T 263 58.80 -55.20 19.02
CA GLY T 264 57.21 -56.88 21.98
CA ALA T 265 55.45 -55.97 25.16
CA PHE T 266 57.18 -53.29 27.15
CA VAL T 267 57.19 -54.38 30.74
CA SER T 268 56.10 -52.17 33.50
CA GLU T 269 56.38 -53.17 36.64
CA VAL T 270 56.04 -56.61 37.62
CA LEU T 271 53.67 -57.10 40.44
CA PRO T 272 55.27 -59.08 43.12
CA GLY T 273 54.39 -62.72 43.46
CA SER T 274 53.94 -62.65 39.74
CA GLY T 275 55.76 -65.10 37.58
CA SER T 276 57.82 -62.20 36.34
CA ALA T 277 58.59 -61.11 39.85
CA LYS T 278 59.70 -64.59 40.82
CA ALA T 279 61.58 -64.92 37.57
CA GLY T 280 63.49 -61.79 38.23
CA VAL T 281 62.04 -60.33 35.11
CA LYS T 282 62.38 -56.63 35.54
CA ALA T 283 60.63 -53.58 34.34
CA GLY T 284 62.17 -52.36 31.16
CA ASP T 285 62.14 -55.80 29.73
CA ILE T 286 60.75 -56.27 26.27
CA ILE T 287 58.94 -59.53 25.89
CA THR T 288 59.58 -60.73 22.37
CA SER T 289 57.96 -64.10 22.63
CA LEU T 290 55.55 -66.23 24.61
CA ASN T 291 55.56 -69.99 24.21
CA GLY T 292 58.01 -69.49 21.40
CA LYS T 293 55.37 -67.80 19.33
CA PRO T 294 56.61 -64.30 19.38
CA LEU T 295 54.49 -61.88 21.30
CA ASN T 296 54.33 -58.87 19.13
CA SER T 297 52.37 -56.89 21.60
CA PHE T 298 51.66 -56.61 25.27
CA ALA T 299 48.12 -57.40 24.29
CA GLU T 300 49.18 -60.74 22.92
CA LEU T 301 51.17 -61.50 26.02
CA ARG T 302 48.20 -60.63 28.17
CA SER T 303 45.90 -62.87 26.22
CA ARG T 304 48.27 -65.80 26.16
CA ILE T 305 48.92 -65.84 29.88
CA ALA T 306 45.34 -65.09 30.82
CA THR T 307 43.99 -67.77 28.58
CA THR T 308 45.56 -70.65 30.41
CA GLU T 309 45.04 -71.52 34.04
CA PRO T 310 47.67 -70.62 36.49
CA GLY T 311 50.24 -73.16 37.55
CA THR T 312 50.93 -73.50 33.87
CA LYS T 313 54.38 -72.78 32.63
CA VAL T 314 55.19 -70.50 29.76
CA LYS T 315 58.47 -69.47 28.25
CA LEU T 316 58.93 -65.81 27.69
CA GLY T 317 61.31 -64.61 25.08
CA LEU T 318 62.69 -61.66 26.97
CA LEU T 319 64.99 -58.87 25.90
CA ARG T 320 66.89 -56.92 28.43
CA ASN T 321 69.70 -54.50 27.69
CA GLY T 322 69.66 -55.69 24.24
CA LYS T 323 70.49 -59.05 25.72
CA PRO T 324 68.34 -61.99 24.96
CA LEU T 325 66.86 -63.95 27.85
CA GLU T 326 64.52 -66.84 28.22
CA VAL T 327 62.44 -67.01 31.35
CA GLU T 328 60.11 -69.65 32.61
CA VAL T 329 57.07 -68.25 34.27
CA THR T 330 54.26 -69.93 36.06
CA LEU T 331 51.26 -67.95 35.06
CA ASP T 332 49.57 -66.34 37.96
CA THR T 333 46.07 -65.13 37.64
CA SER T 334 44.55 -61.89 38.72
CA THR T 335 40.87 -61.73 39.29
CA SER T 336 39.36 -58.36 39.79
CA SER T 337 35.82 -57.37 40.46
CA SER T 338 34.05 -54.09 40.48
CA ALA T 339 32.52 -53.20 43.77
CA SER T 340 28.95 -52.09 43.98
CA ALA T 341 26.63 -51.49 46.87
CA GLU T 342 24.39 -53.98 45.16
CA MET T 343 27.05 -56.63 45.09
CA ILE T 344 27.45 -56.72 48.87
CA THR T 345 23.82 -55.82 49.63
CA PRO T 346 22.01 -57.54 46.75
CA ALA T 347 18.31 -57.49 47.38
CA LEU T 348 16.60 -54.53 48.78
CA GLU T 349 19.58 -52.75 50.22
CA GLY T 350 20.17 -53.40 53.85
CA ALA T 351 22.28 -55.88 55.73
CA THR T 352 25.56 -56.93 54.20
CA LEU T 353 25.55 -60.19 52.34
CA SER T 354 28.05 -62.96 51.78
CA ASP T 355 27.84 -65.64 49.17
CA GLY T 356 29.47 -68.84 48.08
CA GLN T 357 31.49 -71.67 49.49
CA LEU T 358 33.66 -69.46 47.38
CA LYS T 359 35.08 -72.51 45.83
CA ASP T 360 31.67 -73.78 44.95
CA GLY T 361 28.73 -71.67 44.04
CA GLY T 362 27.00 -70.83 47.26
CA LYS T 363 23.54 -72.07 47.94
CA GLY T 364 22.38 -68.49 47.96
CA ILE T 365 23.08 -65.16 49.55
CA LYS T 366 23.62 -65.08 53.27
CA ILE T 367 22.67 -61.87 54.97
CA ASP T 368 25.40 -61.09 57.42
CA GLU T 369 23.78 -58.52 59.58
CA VAL T 370 21.09 -55.98 59.32
CA VAL T 371 22.42 -52.49 59.58
CA LYS T 372 18.70 -52.48 59.31
CA GLY T 373 18.64 -48.82 58.25
CA SER T 374 17.77 -49.41 54.57
CA PRO T 375 14.57 -50.54 53.10
CA ALA T 376 15.32 -54.21 52.77
CA ALA T 377 14.66 -54.31 56.49
CA GLN T 378 11.53 -52.39 55.90
CA ALA T 379 10.26 -55.19 53.73
CA GLY T 380 10.64 -57.97 55.65
CA LEU T 381 14.25 -58.77 55.63
CA GLN T 382 16.23 -59.52 58.74
CA LYS T 383 19.61 -61.09 59.32
CA ASP T 384 20.42 -64.78 59.00
CA ASP T 385 18.11 -65.20 56.09
CA VAL T 386 19.48 -67.07 53.15
CA ILE T 387 18.28 -66.00 49.80
CA ILE T 388 17.82 -69.32 48.16
CA GLY T 389 16.61 -67.83 44.96
CA VAL T 390 14.63 -65.20 43.18
CA ASN T 391 12.02 -66.06 40.63
CA ARG T 392 12.69 -69.53 41.90
CA ASP T 393 16.29 -69.15 40.91
CA ARG T 394 18.73 -70.31 43.51
CA VAL T 395 21.78 -68.12 43.49
CA ASN T 396 25.11 -69.77 43.74
CA SER T 397 27.76 -67.04 44.08
CA ILE T 398 28.97 -63.41 43.70
CA ALA T 399 30.20 -63.27 40.13
CA GLU T 400 26.97 -65.07 39.79
CA MET T 401 25.47 -62.28 41.80
CA ARG T 402 26.46 -60.11 38.91
CA LYS T 403 24.98 -62.67 36.58
CA VAL T 404 21.59 -62.71 38.21
CA LEU T 405 21.79 -58.94 38.16
CA ALA T 406 21.98 -59.03 34.41
CA ALA T 407 18.36 -60.13 33.93
CA LYS T 408 16.54 -57.27 35.73
CA PRO T 409 12.97 -58.46 36.07
CA ALA T 410 10.00 -56.15 36.58
CA ILE T 411 9.45 -57.49 40.06
CA ILE T 412 11.88 -59.26 42.27
CA ALA T 413 10.53 -61.94 44.51
CA LEU T 414 13.09 -63.18 46.89
CA GLN T 415 12.75 -66.65 48.22
CA ILE T 416 14.64 -66.80 51.43
CA VAL T 417 14.52 -69.23 54.24
CA ARG T 418 14.47 -67.95 57.75
CA GLY T 419 14.41 -70.44 60.52
CA ASN T 420 12.39 -73.39 59.44
CA GLU T 421 10.51 -71.09 57.21
CA SER T 422 9.90 -70.37 53.53
CA ILE T 423 9.50 -66.72 52.94
CA TYR T 424 8.98 -64.42 50.05
CA LEU T 425 10.17 -60.84 50.15
CA LEU T 426 9.03 -58.66 47.34
CA MET T 427 10.61 -55.64 45.81
CA PRO U 11 39.97 69.94 -63.27
CA LEU U 12 39.30 66.33 -63.70
CA PRO U 13 36.12 64.71 -64.51
CA SER U 14 34.64 62.48 -61.90
CA LEU U 15 35.85 58.88 -62.08
CA ALA U 16 34.20 58.41 -65.40
CA PRO U 17 37.13 59.04 -67.61
CA MET U 18 38.85 56.61 -65.38
CA LEU U 19 36.07 54.15 -65.68
CA GLU U 20 35.75 54.20 -69.41
CA LYS U 21 39.23 52.92 -70.16
CA VAL U 22 39.13 50.22 -67.42
CA LEU U 23 35.48 49.32 -67.48
CA PRO U 24 35.19 46.87 -70.35
CA ALA U 25 37.16 44.74 -68.03
CA VAL U 26 33.51 44.37 -66.59
CA VAL U 27 30.13 42.70 -67.45
CA SER U 28 27.35 41.30 -65.28
CA VAL U 29 27.51 37.70 -64.23
CA ARG U 30 24.21 36.10 -63.46
CA VAL U 31 24.04 32.71 -61.94
CA GLU U 32 21.16 30.57 -60.96
CA GLY U 33 21.81 29.20 -57.53
CA THR U 34 20.33 29.60 -54.13
CA ALA U 35 20.25 33.38 -53.93
CA GLY U 63 22.96 35.72 -55.09
CA LEU U 64 24.59 37.79 -57.89
CA GLY U 65 28.12 38.79 -59.19
CA SER U 66 30.23 40.30 -62.08
CA GLY U 67 32.94 39.40 -64.69
CA VAL U 68 35.30 40.58 -67.48
CA ILE U 69 35.22 39.96 -71.17
CA ILE U 70 38.71 38.79 -71.90
CA ASN U 71 38.16 37.82 -75.49
CA ALA U 72 35.37 39.13 -77.64
CA SER U 73 35.67 36.56 -80.38
CA LYS U 74 35.96 33.65 -78.02
CA GLY U 75 33.48 35.09 -75.61
CA TYR U 76 35.69 34.29 -72.66
CA VAL U 77 34.72 35.99 -69.45
CA LEU U 78 36.92 35.99 -66.39
CA THR U 79 35.32 35.93 -62.99
CA ASN U 80 35.99 34.82 -59.44
CA ASN U 81 35.64 31.14 -58.66
CA HIS U 82 33.54 31.93 -55.65
CA VAL U 83 31.12 33.61 -57.97
CA ILE U 84 30.78 30.51 -60.14
CA ASN U 85 30.97 27.74 -57.56
CA GLN U 86 27.29 27.51 -56.57
CA ALA U 87 26.00 28.31 -60.05
CA GLN U 88 23.56 25.82 -61.42
CA LYS U 89 23.27 27.96 -64.53
CA ILE U 90 25.16 31.01 -65.73
CA SER U 91 24.12 33.97 -67.83
CA ILE U 92 26.00 37.11 -68.74
CA GLN U 93 24.45 40.48 -69.27
CA LEU U 94 26.06 43.35 -71.11
CA ASN U 95 25.70 46.99 -70.20
CA ASP U 96 23.57 47.34 -73.29
CA GLY U 97 21.12 44.86 -71.84
CA ARG U 98 21.85 42.02 -74.18
CA GLU U 99 22.34 38.77 -72.39
CA PHE U 100 23.82 35.42 -73.23
CA ASP U 101 24.24 32.00 -71.69
CA ALA U 102 27.60 30.89 -70.42
CA LYS U 103 29.34 27.68 -69.51
CA LEU U 104 32.16 27.20 -67.06
CA ILE U 105 35.35 26.36 -68.88
CA GLY U 106 37.34 25.82 -65.74
CA SER U 107 38.47 27.44 -62.55
CA ASP U 108 41.16 27.42 -59.91
CA ASP U 109 39.77 27.35 -56.41
CA GLN U 110 42.78 28.87 -54.73
CA SER U 111 43.29 31.59 -57.29
CA ASP U 112 39.61 32.39 -57.12
CA ILE U 113 39.73 32.67 -60.85
CA ALA U 114 37.28 31.01 -63.12
CA LEU U 115 36.77 31.29 -66.84
CA LEU U 116 33.41 31.25 -68.54
CA GLN U 117 32.59 31.18 -72.18
CA ILE U 118 29.57 32.83 -73.67
CA GLN U 119 27.62 30.84 -76.15
CA ASN U 120 27.20 32.66 -79.42
CA PRO U 121 29.73 35.10 -78.16
CA SER U 122 29.35 38.66 -79.34
CA LYS U 123 31.85 41.38 -79.75
CA LEU U 124 31.36 44.21 -77.31
CA THR U 125 33.97 46.84 -76.76
CA GLN U 126 36.86 45.62 -74.66
CA ILE U 127 39.10 47.62 -72.50
CA ALA U 128 42.83 48.02 -72.12
CA ILE U 129 42.77 47.72 -68.35
CA ALA U 130 45.52 49.43 -66.53
CA ASP U 131 47.92 47.42 -64.89
CA SER U 132 47.15 47.69 -61.26
CA ASP U 133 50.51 49.31 -61.13
CA LYS U 134 48.96 52.23 -62.96
CA LEU U 135 46.70 52.94 -60.00
CA ARG U 136 48.21 54.99 -57.25
CA VAL U 137 48.27 53.69 -53.73
CA GLY U 138 45.88 55.87 -51.83
CA ASP U 139 44.77 57.11 -55.22
CA PHE U 140 41.10 57.70 -55.67
CA ALA U 141 39.44 54.63 -56.99
CA VAL U 142 36.03 53.77 -58.28
CA ALA U 143 34.53 50.35 -58.30
CA VAL U 144 32.06 49.23 -60.88
CA GLY U 145 30.22 45.97 -60.99
CA ASN U 146 27.13 44.10 -59.99
CA PRO U 147 24.86 43.29 -58.44
CA PHE U 148 22.16 45.61 -59.57
CA GLY U 149 23.10 44.89 -62.17
CA LEU U 150 20.62 46.14 -64.68
CA GLY U 151 23.18 48.81 -65.19
CA GLN U 152 26.48 48.68 -63.43
CA THR U 153 26.71 50.23 -60.04
CA ALA U 154 29.61 52.47 -59.29
CA THR U 155 31.03 53.24 -55.89
CA SER U 156 33.88 55.49 -54.90
CA GLY U 157 36.68 55.31 -52.39
CA ILE U 158 40.43 55.61 -52.09
CA VAL U 159 43.21 53.09 -52.24
CA SER U 160 43.55 51.99 -48.66
CA ALA U 161 46.71 50.01 -49.04
CA LEU U 162 48.74 47.64 -51.08
CA GLY U 163 50.73 44.83 -49.62
CA ARG U 164 48.68 44.99 -46.54
CA SER U 165 50.00 42.35 -44.23
CA GLY U 166 48.67 41.03 -40.95
CA LEU U 167 44.98 40.65 -41.60
CA ASN U 168 45.60 37.38 -43.30
CA LEU U 169 42.01 37.38 -44.38
CA GLU U 170 43.26 35.35 -47.27
CA GLY U 171 44.52 33.01 -48.30
CA LEU U 172 44.98 34.58 -51.68
CA GLU U 173 47.33 37.41 -52.00
CA ASN U 174 46.43 39.55 -54.92
CA PHE U 175 46.05 42.91 -53.61
CA ILE U 176 44.91 46.43 -53.72
CA GLN U 177 42.83 47.38 -50.74
CA THR U 178 40.06 49.85 -51.21
CA ASP U 179 37.42 51.60 -49.13
CA ALA U 180 35.17 51.83 -52.17
CA SER U 181 31.96 50.03 -51.46
CA ILE U 182 31.93 46.42 -52.42
CA ASN U 183 28.69 44.60 -53.05
CA ARG U 184 28.73 40.90 -52.41
CA GLY U 185 28.89 40.04 -56.12
CA ASN U 186 31.00 43.13 -56.61
CA ALA U 187 34.06 41.08 -57.36
CA GLY U 188 34.65 40.36 -61.00
CA GLY U 189 34.09 44.04 -61.57
CA ALA U 190 36.58 46.80 -62.24
CA LEU U 191 38.48 49.15 -59.97
CA LEU U 192 39.15 52.30 -61.84
CA ASN U 193 41.73 55.04 -61.14
CA LEU U 194 42.80 58.42 -62.43
CA ASN U 195 44.55 56.73 -65.20
CA GLY U 196 41.28 55.36 -66.49
CA GLU U 197 42.73 52.06 -66.91
CA LEU U 198 41.58 49.20 -64.69
CA ILE U 199 43.47 49.47 -61.44
CA GLY U 200 42.40 46.06 -60.59
CA ILE U 201 39.73 43.46 -60.60
CA ASN U 202 37.75 43.41 -57.40
CA THR U 203 38.23 39.92 -56.02
CA ALA U 204 37.00 39.83 -52.44
CA ILE U 205 36.20 41.57 -49.20
CA LEU U 206 36.59 41.05 -45.48
CA ALA U 207 33.81 39.48 -43.52
CA PRO U 208 31.22 42.08 -43.05
CA GLY U 209 31.13 41.68 -39.32
CA GLY U 210 27.43 42.05 -39.81
CA GLY U 211 28.01 45.40 -41.41
CA SER U 212 29.56 46.91 -44.45
CA VAL U 213 33.19 46.08 -44.11
CA GLY U 214 34.18 49.15 -46.00
CA ILE U 215 37.15 47.10 -47.01
CA GLY U 216 37.77 45.27 -50.24
CA PHE U 217 40.58 43.64 -52.15
CA ALA U 218 41.31 43.74 -55.85
CA ILE U 219 43.59 41.52 -57.89
CA PRO U 220 45.91 42.56 -60.62
CA SER U 221 45.60 41.62 -64.30
CA ASN U 222 48.98 40.26 -65.30
CA MET U 223 48.69 37.27 -63.10
CA ALA U 224 45.13 36.74 -64.12
CA ARG U 225 45.82 37.02 -67.80
CA THR U 226 48.66 34.56 -67.77
CA LEU U 227 46.71 32.02 -65.80
CA ALA U 228 43.77 32.53 -68.08
CA GLN U 229 45.84 31.84 -71.15
CA GLN U 230 47.15 28.61 -69.78
CA LEU U 231 43.63 27.61 -68.89
CA ILE U 232 42.42 28.25 -72.40
CA ASP U 233 45.34 26.61 -74.11
CA PHE U 234 45.91 23.75 -71.76
CA GLY U 235 42.26 23.25 -71.15
CA GLU U 236 43.23 22.23 -67.66
CA ILE U 237 44.94 23.53 -64.59
CA LYS U 238 48.30 25.05 -65.40
CA ARG U 239 49.38 25.64 -61.77
CA GLY U 240 53.11 25.68 -61.21
CA LEU U 241 55.57 26.03 -58.39
CA LEU U 242 58.36 28.50 -57.83
CA GLY U 243 60.63 25.81 -56.55
CA ILE U 244 60.95 28.10 -53.59
CA LYS U 245 59.78 26.74 -50.30
CA GLY U 246 59.12 28.99 -47.39
CA THR U 247 56.95 30.33 -44.64
CA GLU U 248 55.11 33.54 -43.85
CA MET U 249 57.10 36.35 -42.45
CA SER U 250 56.22 36.55 -38.79
CA ALA U 251 55.16 39.63 -36.85
CA ASP U 252 58.23 39.22 -34.73
CA ILE U 253 60.09 39.63 -37.98
CA ALA U 254 58.53 42.97 -38.59
CA LYS U 255 59.65 44.33 -35.29
CA ALA U 256 63.02 42.60 -35.28
CA PHE U 257 64.35 43.28 -38.73
CA ASN U 258 64.07 46.97 -38.69
CA LEU U 259 64.56 46.12 -42.33
CA ASP U 260 62.98 48.15 -45.02
CA VAL U 261 60.20 45.67 -45.02
CA GLN U 262 60.42 42.93 -42.53
CA ARG U 263 57.43 41.18 -43.99
CA GLY U 264 57.69 38.89 -46.96
CA ALA U 265 58.04 35.24 -47.75
CA PHE U 266 60.72 33.50 -45.74
CA VAL U 267 62.66 31.39 -48.14
CA SER U 268 63.44 27.83 -47.43
CA GLU U 269 65.34 26.09 -49.48
CA VAL U 270 65.44 26.65 -53.05
CA LEU U 271 64.99 23.55 -55.03
CA PRO U 272 67.72 23.27 -57.52
CA GLY U 273 66.99 24.11 -61.11
CA SER U 274 64.54 26.57 -59.70
CA GLY U 275 64.72 30.16 -60.72
CA SER U 276 65.87 30.93 -57.22
CA ALA U 277 68.53 28.27 -57.45
CA LYS U 278 69.81 29.66 -60.73
CA ALA U 279 69.54 33.16 -59.38
CA GLY U 280 71.66 32.30 -56.44
CA VAL U 281 68.79 33.25 -54.24
CA LYS U 282 69.52 31.54 -50.99
CA ALA U 283 67.56 30.18 -48.13
CA GLY U 284 67.15 32.78 -45.48
CA ASP U 285 66.15 35.32 -48.01
CA ILE U 286 63.04 37.37 -47.38
CA ILE U 287 61.11 38.04 -50.54
CA THR U 288 59.67 41.50 -50.11
CA SER U 289 58.28 41.89 -53.58
CA LEU U 290 57.34 40.11 -56.75
CA ASN U 291 56.92 42.06 -59.97
CA GLY U 292 57.47 45.18 -57.93
CA LYS U 293 54.21 44.63 -56.17
CA PRO U 294 55.43 43.68 -52.78
CA LEU U 295 54.81 40.12 -51.79
CA ASN U 296 53.61 40.35 -48.27
CA SER U 297 53.43 36.65 -47.87
CA PHE U 298 54.93 33.45 -49.11
CA ALA U 299 51.42 32.66 -50.21
CA GLU U 300 51.36 35.67 -52.48
CA LEU U 301 54.69 34.75 -53.95
CA ARG U 302 53.50 31.26 -54.62
CA SER U 303 50.38 32.43 -56.37
CA ARG U 304 52.16 35.00 -58.47
CA ILE U 305 54.74 32.62 -59.86
CA ALA U 306 52.35 29.73 -60.23
CA THR U 307 49.87 31.84 -62.07
CA THR U 308 52.06 32.53 -65.05
CA GLU U 309 53.58 29.91 -67.28
CA PRO U 310 57.19 29.10 -66.92
CA GLY U 311 59.77 30.80 -69.07
CA THR U 312 58.34 34.06 -67.92
CA LYS U 313 60.49 36.46 -66.00
CA VAL U 314 59.64 37.98 -62.68
CA LYS U 315 61.56 40.36 -60.48
CA LEU U 316 61.84 39.40 -56.88
CA GLY U 317 62.42 42.08 -54.34
CA LEU U 318 64.74 40.13 -52.12
CA LEU U 319 66.24 40.97 -48.75
CA ARG U 320 69.41 39.35 -47.59
CA ASN U 321 71.32 40.28 -44.48
CA GLY U 322 69.27 43.27 -44.22
CA LYS U 323 70.50 44.23 -47.63
CA PRO U 324 68.28 44.74 -50.57
CA LEU U 325 68.58 42.59 -53.67
CA GLU U 326 66.71 42.43 -56.93
CA VAL U 327 66.73 39.14 -58.71
CA GLU U 328 65.28 38.09 -62.00
CA VAL U 329 63.79 34.65 -62.00
CA THR U 330 62.41 32.56 -64.79
CA LEU U 331 59.47 30.91 -63.21
CA ASP U 332 59.74 27.18 -63.21
CA THR U 333 56.72 25.04 -62.71
CA SER U 334 56.15 22.04 -60.56
CA THR U 335 53.39 19.66 -61.43
CA SER U 336 52.18 16.94 -59.14
CA SER U 337 49.63 14.24 -59.52
CA SER U 338 48.09 11.81 -57.13
CA ALA U 339 48.66 8.23 -57.99
CA SER U 340 46.00 5.60 -57.73
CA ALA U 341 45.62 2.10 -58.99
CA GLU U 342 42.68 3.40 -60.95
CA MET U 343 44.75 5.97 -62.77
CA ILE U 344 47.12 3.41 -64.24
CA THR U 345 44.57 0.60 -64.54
CA PRO U 346 41.36 2.54 -65.24
CA ALA U 347 38.65 0.15 -66.26
CA LEU U 348 38.16 -3.12 -64.60
CA GLU U 349 41.51 -3.44 -62.95
CA GLY U 350 44.00 -5.46 -64.89
CA ALA U 351 46.65 -4.58 -67.43
CA THR U 352 48.47 -1.33 -67.04
CA LEU U 353 47.24 1.51 -69.16
CA SER U 354 48.84 4.47 -70.87
CA ASP U 355 47.06 7.48 -72.20
CA GLY U 356 47.65 10.54 -74.28
CA GLN U 357 49.98 11.76 -76.94
CA LEU U 358 50.81 13.40 -73.67
CA LYS U 359 51.00 16.59 -75.55
CA ASP U 360 47.57 16.07 -77.01
CA GLY U 361 44.72 14.41 -75.30
CA GLY U 362 45.03 10.79 -76.19
CA LYS U 363 42.43 9.13 -78.29
CA GLY U 364 41.69 6.87 -75.38
CA ILE U 365 43.38 4.56 -72.95
CA LYS U 366 45.83 2.05 -74.30
CA ILE U 367 46.18 -1.12 -72.34
CA ASP U 368 49.86 -1.82 -72.11
CA GLU U 369 49.87 -5.40 -71.05
CA VAL U 370 47.64 -7.77 -69.27
CA VAL U 371 49.09 -8.85 -65.97
CA LYS U 372 45.86 -10.57 -66.65
CA GLY U 373 45.42 -11.53 -63.00
CA SER U 374 42.61 -9.07 -62.18
CA PRO U 375 39.09 -9.22 -63.30
CA ALA U 376 39.29 -6.82 -66.19
CA ALA U 377 40.93 -9.64 -68.03
CA GLN U 378 38.14 -11.88 -66.83
CA ALA U 379 35.58 -9.71 -68.55
CA GLY U 380 36.79 -9.60 -71.74
CA LEU U 381 39.71 -7.39 -71.66
CA GLN U 382 43.05 -8.22 -73.19
CA LYS U 383 46.08 -6.17 -74.08
CA ASP U 384 46.37 -3.89 -77.07
CA ASP U 385 42.82 -2.74 -76.74
CA VAL U 386 42.22 0.96 -76.85
CA ILE U 387 39.42 2.28 -74.77
CA ILE U 388 37.98 4.77 -77.12
CA GLY U 389 35.26 5.74 -74.78
CA VAL U 390 32.82 4.81 -72.09
CA ASN U 391 29.17 5.64 -72.35
CA ARG U 392 30.24 6.68 -75.81
CA ASP U 393 32.67 9.08 -74.27
CA ARG U 394 36.04 8.99 -75.95
CA VAL U 395 38.72 9.67 -73.38
CA ASN U 396 41.57 11.96 -74.17
CA SER U 397 44.12 11.86 -71.34
CA ILE U 398 45.16 10.99 -67.74
CA ALA U 399 44.32 14.19 -65.90
CA GLU U 400 41.29 13.64 -68.01
CA MET U 401 41.33 10.10 -66.69
CA ARG U 402 40.57 11.72 -63.38
CA LYS U 403 37.98 13.85 -65.10
CA VAL U 404 36.03 10.91 -66.43
CA LEU U 405 36.36 9.31 -63.03
CA ALA U 406 34.49 12.13 -61.48
CA ALA U 407 31.14 11.06 -62.99
CA LYS U 408 30.83 7.49 -61.58
CA PRO U 409 27.97 5.96 -63.55
CA ALA U 410 25.90 3.00 -62.35
CA ILE U 411 27.18 0.83 -65.15
CA ILE U 412 30.36 1.26 -67.06
CA ALA U 413 30.31 0.19 -70.65
CA LEU U 414 33.73 0.33 -72.18
CA GLN U 415 33.94 0.81 -75.88
CA ILE U 416 37.30 -0.37 -76.97
CA VAL U 417 38.59 -1.37 -80.32
CA ARG U 418 40.53 -4.52 -80.59
CA GLY U 419 41.95 -5.44 -83.92
CA ASN U 420 39.62 -4.31 -86.60
CA GLU U 421 36.91 -4.69 -84.11
CA SER U 422 34.57 -2.80 -81.84
CA ILE U 423 33.49 -4.38 -78.68
CA TYR U 424 31.91 -3.45 -75.41
CA LEU U 425 33.20 -4.57 -72.04
CA LEU U 426 30.70 -4.26 -69.28
CA MET U 427 31.48 -3.59 -65.66
CA PRO V 11 0.10 34.56 96.87
CA LEU V 12 -1.66 31.49 95.81
CA PRO V 13 -0.30 28.26 94.90
CA SER V 14 -0.10 27.46 91.28
CA LEU V 15 -3.24 25.97 89.81
CA ALA V 16 -2.90 22.90 92.01
CA PRO V 17 -5.21 23.92 94.74
CA MET V 18 -7.55 24.58 91.94
CA LEU V 19 -7.00 21.21 90.43
CA GLU V 20 -7.41 19.20 93.55
CA LYS V 21 -11.03 20.05 94.21
CA VAL V 22 -12.05 19.81 90.53
CA LEU V 23 -9.82 17.00 89.41
CA PRO V 24 -11.68 13.91 90.54
CA ALA V 25 -14.02 14.96 87.87
CA VAL V 26 -11.15 13.22 85.79
CA VAL V 27 -9.70 9.71 84.98
CA SER V 28 -8.00 8.32 81.90
CA VAL V 29 -10.13 6.69 79.27
CA ARG V 30 -8.42 4.12 77.17
CA VAL V 31 -10.04 2.80 74.09
CA GLU V 32 -8.90 0.21 71.67
CA GLY V 33 -9.63 1.39 68.20
CA THR V 34 -7.57 2.46 65.29
CA ALA V 35 -5.19 4.88 67.03
CA GLY V 63 -6.07 7.38 69.70
CA LEU V 64 -6.60 8.22 73.41
CA GLY V 65 -8.98 10.29 75.69
CA SER V 66 -10.27 11.09 79.29
CA GLY V 67 -13.37 10.80 81.54
CA VAL V 68 -15.00 11.53 84.95
CA ILE V 69 -15.97 9.25 87.80
CA ILE V 70 -19.54 10.31 88.41
CA ASN V 71 -20.42 7.55 90.83
CA ALA V 72 -17.87 5.56 92.73
CA SER V 73 -20.17 2.79 93.80
CA LYS V 74 -21.74 2.39 90.41
CA GLY V 75 -18.49 2.98 88.63
CA TYR V 76 -20.12 5.32 86.17
CA VAL V 77 -17.71 7.40 84.14
CA LEU V 78 -18.83 10.30 82.03
CA THR V 79 -17.00 11.02 78.85
CA ASN V 80 -17.50 12.48 75.40
CA ASN V 81 -19.32 10.44 72.79
CA HIS V 82 -16.64 11.20 70.28
CA VAL V 83 -14.22 9.56 72.65
CA ILE V 84 -16.32 6.38 72.79
CA ASN V 85 -17.52 6.14 69.21
CA GLN V 86 -14.59 4.29 67.61
CA ALA V 87 -13.98 2.17 70.70
CA GLN V 88 -13.58 -1.50 70.05
CA LYS V 89 -12.85 -1.96 73.74
CA ILE V 90 -12.67 0.39 76.66
CA SER V 91 -10.52 0.55 79.73
CA ILE V 92 -10.17 3.17 82.41
CA GLN V 93 -7.03 4.01 84.30
CA LEU V 94 -6.87 5.82 87.58
CA ASN V 95 -4.17 8.25 88.56
CA ASP V 96 -2.93 5.64 90.98
CA GLY V 97 -2.28 3.35 88.06
CA ARG V 98 -5.02 0.87 88.72
CA GLU V 99 -7.03 0.07 85.65
CA PHE V 100 -10.40 -1.45 84.94
CA ASP V 101 -12.55 -2.61 82.05
CA ALA V 102 -15.50 -0.50 81.00
CA LYS V 103 -18.64 -0.98 78.97
CA LEU V 104 -20.63 1.66 77.16
CA ILE V 105 -23.95 2.18 78.91
CA GLY V 106 -25.22 4.62 76.34
CA SER V 107 -24.51 7.93 74.73
CA ASP V 108 -26.09 10.88 73.00
CA ASP V 109 -24.36 11.73 69.78
CA GLN V 110 -25.41 15.33 69.70
CA SER V 111 -24.67 16.09 73.34
CA ASP V 112 -21.33 14.39 72.91
CA ILE V 113 -22.07 12.77 76.21
CA ALA V 114 -21.44 9.10 76.78
CA LEU V 115 -21.70 7.09 79.95
CA LEU V 116 -19.41 4.21 80.73
CA GLN V 117 -19.55 1.73 83.54
CA ILE V 118 -16.50 0.22 85.10
CA GLN V 119 -16.66 -3.44 85.77
CA ASN V 120 -15.89 -4.27 89.34
CA PRO V 121 -16.11 -0.61 90.02
CA SER V 122 -13.93 0.69 92.79
CA LYS V 123 -14.17 3.69 94.98
CA LEU V 124 -11.62 6.36 94.23
CA THR V 125 -11.88 9.83 95.61
CA GLN V 126 -14.26 11.93 93.61
CA ILE V 127 -14.56 15.64 93.94
CA ALA V 128 -17.21 18.28 94.04
CA ILE V 129 -16.47 19.94 90.72
CA ALA V 130 -17.29 23.57 90.63
CA ASP V 131 -20.06 24.71 88.71
CA SER V 132 -18.67 26.24 85.61
CA ASP V 133 -20.31 29.26 87.09
CA LYS V 134 -17.58 29.24 89.70
CA LEU V 135 -14.88 29.76 87.11
CA ARG V 136 -14.30 33.36 86.13
CA VAL V 137 -14.47 34.35 82.51
CA GLY V 138 -10.95 35.24 81.57
CA ASP V 139 -9.95 33.60 84.83
CA PHE V 140 -6.84 31.51 84.77
CA ALA V 141 -7.65 27.95 84.04
CA VAL V 142 -5.80 24.71 84.02
CA ALA V 143 -6.72 21.71 81.99
CA VAL V 144 -5.99 18.24 83.15
CA GLY V 145 -6.56 15.06 81.27
CA ASN V 146 -5.10 12.57 78.86
CA PRO V 147 -3.58 11.51 76.69
CA PHE V 148 -0.34 10.54 78.31
CA GLY V 149 -1.94 9.53 80.34
CA LEU V 150 0.20 7.41 82.57
CA GLY V 151 -0.21 10.37 84.83
CA GLN V 152 -2.51 13.22 84.02
CA THR V 153 -1.09 15.98 81.91
CA ALA V 154 -1.81 19.51 82.98
CA THR V 155 -1.79 22.58 80.81
CA SER V 156 -2.44 26.18 81.64
CA GLY V 157 -4.27 29.03 79.98
CA ILE V 158 -6.93 31.63 80.58
CA VAL V 159 -10.64 31.69 79.99
CA SER V 160 -10.92 33.06 76.49
CA ALA V 161 -14.62 33.60 76.49
CA LEU V 162 -18.04 32.29 77.29
CA GLY V 163 -21.02 32.58 75.06
CA ARG V 164 -18.66 32.88 72.16
CA SER V 165 -20.91 33.30 69.16
CA GLY V 166 -20.14 33.33 65.45
CA LEU V 167 -17.61 30.54 65.11
CA ASN V 168 -20.36 28.01 65.01
CA LEU V 169 -17.74 25.34 65.20
CA GLU V 170 -20.50 23.37 66.82
CA GLY V 171 -23.10 22.19 66.81
CA LEU V 172 -23.08 21.72 70.53
CA GLU V 173 -23.29 24.72 72.68
CA ASN V 174 -21.86 24.05 76.06
CA PHE V 175 -19.27 26.53 76.56
CA ILE V 176 -16.25 27.90 78.21
CA GLN V 177 -13.54 28.76 75.75
CA THR V 178 -9.99 28.31 76.86
CA ASP V 179 -6.47 28.89 75.55
CA ALA V 180 -5.13 26.09 77.75
CA SER V 181 -3.68 23.44 75.55
CA ILE V 182 -6.00 20.68 74.60
CA ASN V 183 -4.71 17.30 73.60
CA ARG V 184 -6.86 15.36 71.18
CA GLY V 185 -8.22 13.09 73.89
CA ASN V 186 -8.09 16.02 76.28
CA ALA V 187 -11.86 16.22 76.41
CA GLY V 188 -13.40 14.30 79.27
CA GLY V 189 -10.84 15.92 81.51
CA ALA V 190 -11.20 18.78 83.93
CA LEU V 191 -10.81 22.51 83.58
CA LEU V 192 -9.77 23.90 86.88
CA ASN V 193 -9.96 27.48 88.16
CA LEU V 194 -8.98 29.61 91.11
CA ASN V 195 -11.85 28.22 92.98
CA GLY V 196 -10.43 24.74 92.76
CA GLU V 197 -13.62 23.34 91.68
CA LEU V 198 -14.08 22.07 88.15
CA ILE V 199 -14.71 25.03 85.92
CA GLY V 200 -15.86 22.68 83.31
CA ILE V 201 -15.29 19.49 81.47
CA ASN V 202 -13.25 19.89 78.37
CA THR V 203 -15.48 18.71 75.55
CA ALA V 204 -13.91 19.72 72.26
CA ILE V 205 -11.63 21.94 70.25
CA LEU V 206 -11.56 23.74 66.94
CA ALA V 207 -10.01 22.10 63.96
CA PRO V 208 -6.34 22.33 64.39
CA GLY V 209 -5.83 23.94 61.06
CA GLY V 210 -2.81 21.72 60.89
CA GLY V 211 -1.50 23.28 64.05
CA SER V 212 -2.34 23.57 67.68
CA VAL V 213 -5.59 25.44 67.67
CA GLY V 214 -4.88 26.98 71.02
CA ILE V 215 -8.61 27.01 71.36
CA GLY V 216 -10.80 24.63 73.31
CA PHE V 217 -14.31 24.39 74.63
CA ALA V 218 -15.52 23.05 77.95
CA ILE V 219 -18.99 21.97 78.99
CA PRO V 220 -20.69 22.66 82.25
CA SER V 221 -21.71 20.00 84.78
CA ASN V 222 -25.32 20.75 85.62
CA MET V 223 -26.51 19.86 82.19
CA ALA V 224 -24.27 16.85 82.09
CA ARG V 225 -25.33 15.61 85.47
CA THR V 226 -29.00 15.78 84.73
CA LEU V 227 -28.65 14.06 81.39
CA ALA V 228 -26.53 11.42 83.01
CA GLN V 229 -29.13 10.68 85.62
CA GLN V 230 -31.79 10.21 83.00
CA LEU V 231 -29.52 7.85 81.16
CA ILE V 232 -28.97 5.80 84.22
CA ASP V 233 -32.55 5.62 85.30
CA PHE V 234 -34.25 5.49 81.95
CA GLY V 235 -31.66 3.22 80.49
CA GLU V 236 -32.32 4.99 77.25
CA ILE V 237 -32.20 8.40 75.69
CA LYS V 238 -34.09 10.90 77.83
CA ARG V 239 -33.81 13.81 75.38
CA GLY V 240 -36.59 16.33 75.62
CA LEU V 241 -37.76 19.47 73.91
CA LEU V 242 -38.32 22.94 75.24
CA GLY V 243 -41.47 23.24 73.27
CA ILE V 244 -39.76 26.30 71.89
CA LYS V 245 -39.09 26.33 68.18
CA GLY V 246 -36.67 28.79 66.74
CA THR V 247 -33.59 29.64 64.73
CA GLU V 248 -30.12 31.01 65.28
CA MET V 249 -29.75 34.67 65.89
CA SER V 250 -28.29 36.11 62.73
CA ALA V 251 -25.26 38.35 62.45
CA ASP V 252 -27.50 40.98 60.99
CA ILE V 253 -29.45 41.03 64.18
CA ALA V 254 -26.27 41.59 66.14
CA LYS V 255 -25.64 44.78 64.28
CA ALA V 256 -29.29 45.74 64.00
CA PHE V 257 -30.59 45.23 67.48
CA ASN V 258 -28.13 47.36 69.26
CA LEU V 259 -29.73 45.34 72.00
CA ASP V 260 -27.80 44.33 75.03
CA VAL V 261 -27.09 41.10 73.29
CA GLN V 262 -28.44 40.77 69.84
CA ARG V 263 -27.42 37.14 69.64
CA GLY V 264 -29.53 34.37 71.08
CA ALA V 265 -32.12 31.90 69.98
CA PHE V 266 -34.89 33.51 68.02
CA VAL V 267 -38.13 32.03 69.17
CA SER V 268 -40.75 30.75 67.04
CA GLU V 269 -43.61 29.69 68.29
CA VAL V 270 -44.04 28.32 71.57
CA LEU V 271 -45.94 25.12 71.63
CA PRO V 272 -48.70 25.39 74.07
CA GLY V 273 -48.30 23.74 77.42
CA SER V 274 -44.65 24.44 77.04
CA GLY V 275 -42.80 26.34 79.69
CA SER V 276 -42.59 29.22 77.27
CA ALA V 277 -46.30 29.05 76.65
CA LYS V 278 -47.08 29.09 80.34
CA ALA V 279 -44.51 31.78 80.89
CA GLY V 280 -46.12 33.97 78.33
CA VAL V 281 -42.93 33.94 76.40
CA LYS V 282 -43.93 34.79 72.89
CA ALA V 283 -42.67 34.24 69.43
CA GLY V 284 -40.25 36.92 68.40
CA ASP V 285 -38.45 36.63 71.66
CA ILE V 286 -34.72 36.38 71.57
CA ILE V 287 -33.39 34.19 74.31
CA THR V 288 -30.08 35.64 75.39
CA SER V 289 -29.42 33.33 78.28
CA LEU V 290 -30.35 30.12 79.96
CA ASN V 291 -29.44 29.39 83.53
CA GLY V 292 -27.55 32.64 83.48
CA LYS V 293 -25.03 31.27 81.08
CA PRO V 294 -25.94 33.10 78.00
CA LEU V 295 -27.45 31.01 75.27
CA ASN V 296 -25.72 32.21 72.18
CA SER V 297 -27.71 29.97 69.95
CA PHE V 298 -31.03 28.26 69.71
CA ALA V 299 -28.96 25.13 69.56
CA GLU V 300 -27.56 25.81 72.99
CA LEU V 301 -30.96 26.53 74.39
CA ARG V 302 -32.25 23.30 72.93
CA SER V 303 -29.47 21.26 74.43
CA ARG V 304 -29.71 22.95 77.80
CA ILE V 305 -33.39 22.28 78.30
CA ALA V 306 -33.35 18.86 76.70
CA THR V 307 -30.52 17.71 78.88
CA THR V 308 -32.40 18.04 82.11
CA GLU V 309 -35.52 16.14 82.96
CA PRO V 310 -38.76 18.00 83.02
CA GLY V 311 -40.09 19.57 86.16
CA THR V 312 -36.76 21.29 86.39
CA LYS V 313 -36.65 25.02 86.43
CA VAL V 314 -34.48 27.20 84.26
CA LYS V 315 -34.24 30.91 83.94
CA LEU V 316 -34.25 32.26 80.48
CA GLY V 317 -32.70 35.57 79.74
CA LEU V 318 -35.28 36.84 77.31
CA LEU V 319 -35.33 39.92 75.12
CA ARG V 320 -38.54 41.26 73.69
CA ASN V 321 -38.91 44.63 72.04
CA GLY V 322 -35.49 45.40 73.00
CA LYS V 323 -36.70 45.02 76.54
CA PRO V 324 -35.05 42.62 78.84
CA LEU V 325 -37.08 39.92 80.51
CA GLU V 326 -36.29 37.10 82.88
CA VAL V 327 -38.59 34.11 82.72
CA GLU V 328 -38.64 30.98 84.75
CA VAL V 329 -39.62 27.93 82.82
CA THR V 330 -40.28 24.40 83.89
CA LEU V 331 -38.70 22.37 81.18
CA ASP V 332 -41.15 20.23 79.31
CA THR V 333 -39.95 17.41 77.17
CA SER V 334 -41.08 16.24 73.84
CA THR V 335 -40.40 12.80 72.67
CA SER V 336 -40.60 11.84 69.04
CA SER V 337 -40.39 8.53 67.35
CA SER V 338 -40.55 7.42 63.80
CA ALA V 339 -43.53 5.34 62.98
CA SER V 340 -43.13 2.26 60.91
CA ALA V 341 -45.34 -0.64 60.08
CA GLU V 342 -42.70 -2.76 61.70
CA MET V 343 -42.91 -0.94 64.97
CA ILE V 344 -46.61 -1.67 65.47
CA THR V 345 -46.52 -5.03 63.67
CA PRO V 346 -43.03 -6.25 64.57
CA ALA V 347 -42.67 -9.83 63.53
CA LEU V 348 -44.04 -11.16 60.36
CA GLU V 349 -46.51 -8.45 59.53
CA GLY V 350 -50.00 -9.14 60.69
CA ALA V 351 -51.90 -8.35 63.83
CA THR V 352 -51.14 -5.12 65.57
CA LEU V 353 -48.84 -5.33 68.54
CA SER V 354 -48.55 -3.55 71.87
CA ASP V 355 -45.55 -3.54 74.11
CA GLY V 356 -44.43 -2.52 77.56
CA GLN V 357 -45.96 -1.74 80.89
CA LEU V 358 -44.84 1.44 79.28
CA LYS V 359 -43.41 2.28 82.60
CA ASP V 360 -41.20 -0.72 82.63
CA GLY V 361 -39.94 -2.61 79.69
CA GLY V 362 -42.67 -4.99 78.69
CA LYS V 363 -42.19 -8.68 78.99
CA GLY V 364 -42.47 -8.90 75.25
CA ILE V 365 -44.75 -7.90 72.44
CA LYS V 366 -48.38 -8.70 72.78
CA ILE V 367 -50.30 -9.21 69.59
CA ASP V 368 -53.48 -7.22 69.80
CA GLU V 369 -55.49 -8.83 67.10
CA VAL V 370 -54.74 -10.49 63.86
CA VAL V 371 -56.63 -9.13 61.07
CA LYS V 372 -55.21 -12.18 59.60
CA GLY V 373 -54.34 -10.46 56.47
CA SER V 374 -50.63 -10.61 56.48
CA PRO V 375 -48.26 -13.44 56.35
CA ALA V 376 -47.51 -13.49 60.05
CA ALA V 377 -50.84 -15.28 60.22
CA GLN V 378 -49.78 -17.58 57.49
CA ALA V 379 -46.87 -18.71 59.60
CA GLY V 380 -48.35 -19.63 62.51
CA LEU V 381 -49.15 -16.49 64.30
CA GLN V 382 -52.50 -15.79 65.87
CA LYS V 383 -53.74 -13.23 68.35
CA ASP V 384 -53.05 -13.22 72.08
CA ASP V 385 -49.59 -14.54 71.60
CA VAL V 386 -46.83 -12.85 73.51
CA ILE V 387 -43.51 -12.58 71.83
CA ILE V 388 -41.34 -13.36 74.75
CA GLY V 389 -38.20 -13.16 72.75
CA VAL V 390 -36.40 -13.73 69.51
CA ASN V 391 -33.13 -15.55 69.34
CA ARG V 392 -33.98 -16.24 72.94
CA ASP V 393 -34.04 -12.53 73.54
CA ARG V 394 -36.99 -11.37 75.57
CA VAL V 395 -38.10 -8.01 74.34
CA ASN V 396 -38.97 -5.39 76.87
CA SER V 397 -40.47 -2.40 75.04
CA ILE V 398 -41.03 -0.27 71.85
CA ALA V 399 -38.01 2.00 71.78
CA GLU V 400 -36.48 -1.29 72.59
CA MET V 401 -38.44 -2.64 69.68
CA ARG V 402 -36.30 -0.35 67.62
CA LYS V 403 -33.25 -1.62 69.46
CA VAL V 404 -34.02 -5.22 68.67
CA LEU V 405 -34.59 -4.14 65.12
CA ALA V 406 -31.09 -2.85 64.85
CA ALA V 407 -29.52 -6.32 64.77
CA LYS V 408 -31.23 -7.82 61.67
CA PRO V 409 -30.46 -11.52 61.90
CA ALA V 410 -30.46 -13.86 58.92
CA ILE V 411 -33.42 -15.69 60.32
CA ILE V 412 -35.81 -14.60 62.96
CA ALA V 413 -37.11 -17.17 65.35
CA LEU V 414 -39.90 -15.85 67.46
CA GLN V 415 -40.42 -17.40 70.83
CA ILE V 416 -43.96 -16.70 71.78
CA VAL V 417 -46.25 -18.22 74.30
CA ARG V 418 -49.73 -19.13 73.28
CA GLY V 419 -52.01 -20.51 75.89
CA ASN V 420 -50.05 -22.67 78.19
CA GLU V 421 -47.71 -23.19 75.39
CA SER V 422 -44.29 -22.32 74.02
CA ILE V 423 -43.93 -22.18 70.30
CA TYR V 424 -41.47 -20.83 67.80
CA LEU V 425 -42.50 -18.94 64.69
CA LEU V 426 -39.93 -18.73 61.96
CA MET V 427 -39.46 -15.95 59.51
CA PRO W 11 -97.53 -19.89 -27.33
CA LEU W 12 -95.77 -17.15 -25.62
CA PRO W 13 -94.20 -14.24 -27.18
CA SER W 14 -90.56 -13.87 -26.47
CA LEU W 15 -89.79 -12.04 -23.24
CA ALA W 16 -91.11 -8.80 -24.69
CA PRO W 17 -94.54 -8.92 -23.28
CA MET W 18 -92.74 -9.59 -20.11
CA LEU W 19 -90.53 -6.62 -20.62
CA GLU W 20 -93.15 -4.12 -21.50
CA LYS W 21 -95.00 -4.17 -18.19
CA VAL W 22 -91.76 -4.20 -16.13
CA LEU W 23 -89.57 -2.10 -18.33
CA PRO W 24 -90.56 1.41 -17.37
CA ALA W 25 -88.93 0.50 -14.18
CA VAL W 26 -85.78 1.36 -16.40
CA VAL W 27 -83.97 4.33 -18.04
CA SER W 28 -80.32 4.90 -18.85
CA VAL W 29 -78.14 6.56 -16.28
CA ARG W 30 -75.19 8.44 -17.61
CA VAL W 31 -72.51 9.61 -15.31
CA GLU W 32 -69.39 11.53 -16.01
CA GLY W 33 -66.58 10.08 -14.01
CA THR W 34 -63.48 8.13 -14.81
CA ALA W 35 -64.90 5.67 -17.31
CA GLY W 63 -68.13 3.77 -16.99
CA LEU W 64 -71.93 3.61 -17.50
CA GLY W 65 -75.14 2.35 -15.70
CA SER W 66 -79.03 2.37 -15.54
CA GLY W 67 -82.01 3.51 -13.36
CA VAL W 68 -85.81 3.61 -12.81
CA ILE W 69 -88.31 6.41 -13.11
CA ILE W 70 -90.12 6.19 -9.81
CA ASN W 71 -92.13 9.34 -10.18
CA ALA W 72 -92.80 11.04 -13.46
CA SER W 73 -93.95 14.33 -12.03
CA LYS W 74 -91.13 14.60 -9.57
CA GLY W 75 -88.65 13.11 -11.95
CA TYR W 76 -87.25 10.82 -9.31
CA VAL W 77 -85.04 8.05 -10.61
CA LEU W 78 -83.93 5.17 -8.47
CA THR W 79 -80.53 3.67 -9.10
CA ASN W 80 -77.73 1.84 -7.29
CA ASN W 81 -75.46 3.86 -5.07
CA HIS W 82 -72.44 2.28 -6.64
CA VAL W 83 -73.65 3.68 -9.90
CA ILE W 84 -73.79 7.23 -8.50
CA ASN W 85 -70.75 7.21 -6.24
CA GLN W 86 -68.02 8.32 -8.65
CA ALA W 87 -70.35 10.53 -10.65
CA GLN W 88 -68.93 13.94 -11.38
CA LYS W 89 -72.09 14.73 -13.31
CA ILE W 90 -75.29 12.83 -13.92
CA SER W 91 -77.52 12.65 -16.97
CA ILE W 92 -80.43 10.41 -17.77
CA GLN W 93 -81.49 9.23 -21.17
CA LEU W 94 -84.89 7.93 -22.10
CA ASN W 95 -85.52 5.14 -24.56
CA ASP W 96 -86.92 7.76 -26.87
CA GLY W 97 -83.55 9.44 -26.90
CA ARG W 98 -84.47 12.47 -24.87
CA GLU W 99 -81.97 13.28 -22.17
CA PHE W 100 -82.04 15.31 -19.00
CA ASP W 101 -79.62 16.30 -16.29
CA ALA W 102 -79.95 14.87 -12.82
CA LYS W 103 -78.81 15.66 -9.32
CA LEU W 104 -78.27 13.22 -6.51
CA ILE W 105 -80.93 13.64 -3.83
CA GLY W 106 -79.41 11.13 -1.47
CA SER W 107 -78.22 7.58 -1.16
CA ASP W 108 -77.73 4.74 1.26
CA ASP W 109 -74.36 3.12 0.82
CA GLN W 110 -75.32 -0.16 2.41
CA SER W 111 -78.60 -0.51 0.60
CA ASP W 112 -76.89 0.45 -2.63
CA ILE W 113 -79.90 2.60 -3.25
CA ALA W 114 -79.53 6.12 -4.56
CA LEU W 115 -82.19 8.55 -5.60
CA LEU W 116 -81.71 11.02 -8.38
CA GLN W 117 -83.91 13.83 -9.53
CA ILE W 118 -84.26 14.90 -13.11
CA GLN W 119 -84.20 18.60 -13.72
CA ASN W 120 -87.21 19.70 -15.68
CA PRO W 121 -88.60 16.28 -15.17
CA SER W 122 -90.79 14.92 -17.93
CA LYS W 123 -93.52 12.42 -17.88
CA LEU W 124 -92.61 9.23 -19.66
CA THR W 125 -94.64 6.12 -19.33
CA GLN W 126 -93.82 4.26 -16.17
CA ILE W 127 -94.91 0.78 -15.45
CA ALA W 128 -96.31 -1.29 -12.67
CA ILE W 129 -93.26 -3.45 -11.95
CA ALA W 130 -94.08 -6.88 -10.72
CA ASP W 131 -93.30 -7.71 -7.34
CA SER W 132 -90.27 -9.87 -7.46
CA ASP W 133 -92.69 -12.30 -5.95
CA LYS W 134 -94.37 -12.50 -9.31
CA LEU W 135 -91.28 -13.88 -11.01
CA ARG W 136 -90.87 -17.59 -10.71
CA VAL W 137 -87.72 -18.99 -9.22
CA GLY W 138 -85.96 -20.67 -12.08
CA ASP W 139 -88.43 -18.86 -14.29
CA PHE W 140 -87.11 -17.44 -17.51
CA ALA W 141 -85.97 -13.92 -17.01
CA VAL W 142 -84.80 -11.12 -19.20
CA ALA W 143 -82.60 -8.30 -18.14
CA VAL W 144 -82.79 -4.91 -19.71
CA GLY W 145 -80.58 -1.98 -19.01
CA ASN W 146 -77.45 -0.15 -19.99
CA PRO W 147 -74.79 0.30 -20.93
CA PHE W 148 -75.19 0.67 -24.64
CA GLY W 149 -77.33 2.41 -23.87
CA LEU W 150 -78.47 4.22 -26.95
CA GLY W 151 -81.28 1.77 -26.80
CA GLN W 152 -81.56 -0.61 -23.93
CA THR W 153 -79.84 -3.93 -24.25
CA ALA W 154 -81.69 -7.00 -23.29
CA THR W 155 -80.25 -10.30 -22.26
CA SER W 156 -81.90 -13.53 -21.38
CA GLY W 157 -81.39 -16.17 -18.74
CA ILE W 158 -83.21 -18.09 -16.07
CA VAL W 159 -83.72 -17.51 -12.39
CA SER W 160 -80.76 -19.27 -10.85
CA ALA W 161 -81.85 -19.02 -7.28
CA LEU W 162 -83.45 -17.02 -4.56
CA GLY W 163 -82.26 -16.97 -1.02
CA ARG W 164 -78.96 -18.22 -2.11
CA SER W 165 -76.80 -18.63 0.94
CA GLY W 166 -73.12 -19.23 1.36
CA LEU W 167 -71.54 -17.07 -1.30
CA ASN W 168 -71.77 -14.09 0.93
CA LEU W 169 -70.72 -11.95 -1.95
CA GLU W 170 -72.65 -9.29 -0.16
CA GLY W 171 -73.16 -7.66 2.14
CA LEU W 172 -76.56 -6.69 0.88
CA GLU W 173 -79.20 -9.29 0.78
CA ASN W 174 -81.78 -8.41 -1.76
CA PHE W 175 -82.01 -11.28 -3.96
CA ILE W 176 -82.92 -12.98 -7.11
CA GLN W 177 -80.00 -14.65 -8.78
CA THR W 178 -79.95 -14.80 -12.52
CA ASP W 179 -77.80 -16.19 -15.30
CA ALA W 180 -78.99 -13.45 -17.66
CA SER W 181 -76.00 -11.47 -18.71
CA ILE W 182 -75.23 -8.46 -16.63
CA ASN W 183 -73.29 -5.56 -18.03
CA ARG W 184 -71.26 -3.60 -15.52
CA GLY W 185 -73.77 -0.74 -15.43
CA ASN W 186 -76.50 -3.28 -15.89
CA ALA W 187 -77.81 -2.77 -12.40
CA GLY W 188 -80.53 -0.17 -12.09
CA GLY W 189 -82.22 -1.95 -14.97
CA ALA W 190 -85.13 -4.32 -14.94
CA LEU W 191 -85.41 -8.07 -14.72
CA LEU W 192 -88.50 -9.18 -16.49
CA ASN W 193 -90.46 -12.41 -16.20
CA LEU W 194 -93.35 -14.22 -17.75
CA ASN W 195 -95.76 -12.07 -15.81
CA GLY W 196 -94.13 -9.19 -17.54
CA GLU W 197 -93.87 -7.18 -14.54
CA LEU W 198 -90.45 -6.46 -13.13
CA ILE W 199 -89.22 -9.47 -11.40
CA GLY W 200 -86.65 -7.28 -9.88
CA ILE W 201 -84.16 -4.55 -10.28
CA ASN W 202 -80.70 -5.73 -11.16
CA THR W 203 -78.47 -4.59 -8.33
CA ALA W 204 -75.12 -6.30 -8.61
CA ILE W 205 -73.00 -9.18 -9.79
CA LEU W 206 -70.21 -11.39 -8.57
CA ALA W 207 -66.65 -10.48 -9.33
CA PRO W 208 -66.05 -11.36 -12.88
CA GLY W 209 -63.09 -13.51 -12.09
CA GLY W 210 -61.66 -11.97 -15.20
CA GLY W 211 -64.55 -13.30 -17.20
CA SER W 212 -68.26 -12.95 -17.47
CA VAL W 213 -69.51 -14.10 -14.15
CA GLY W 214 -72.74 -15.27 -15.66
CA ILE W 215 -74.13 -14.53 -12.24
CA GLY W 216 -76.14 -11.54 -11.16
CA PHE W 217 -78.34 -10.42 -8.31
CA ALA W 218 -81.54 -8.41 -8.42
CA ILE W 219 -83.34 -6.61 -5.64
CA PRO W 220 -87.02 -6.47 -5.00
CA SER W 221 -89.16 -3.33 -5.28
CA ASN W 222 -91.18 -3.22 -2.08
CA MET W 223 -88.16 -2.62 0.00
CA ALA W 224 -86.80 -0.14 -2.47
CA ARG W 225 -90.02 1.77 -2.76
CA THR W 226 -90.38 2.14 0.96
CA LEU W 227 -86.87 3.41 1.47
CA ALA W 228 -87.31 5.71 -1.44
CA GLN W 229 -90.36 7.30 0.05
CA GLN W 230 -88.64 7.86 3.35
CA LEU W 231 -85.73 9.44 1.53
CA ILE W 232 -87.98 11.83 -0.30
CA ASP W 233 -90.10 12.74 2.67
CA PHE W 234 -87.45 12.68 5.34
CA GLY W 235 -84.85 14.26 3.13
CA GLU W 236 -82.41 12.18 5.08
CA ILE W 237 -81.51 8.63 5.88
CA LYS W 238 -84.54 6.83 7.24
CA ARG W 239 -82.65 3.66 8.26
CA GLY W 240 -84.31 1.78 11.08
CA LEU W 241 -83.70 -1.27 13.16
CA LEU W 242 -85.77 -4.35 13.74
CA GLY W 243 -84.92 -4.32 17.38
CA ILE W 244 -83.73 -7.80 16.62
CA LYS W 245 -80.12 -8.50 17.22
CA GLY W 246 -78.47 -11.53 15.78
CA THR W 247 -75.81 -13.25 13.75
CA GLU W 248 -75.57 -15.13 10.47
CA MET W 249 -76.74 -18.67 10.40
CA SER W 250 -73.64 -20.81 10.33
CA ALA W 251 -72.86 -23.58 7.88
CA ASP W 252 -72.71 -25.90 10.83
CA ILE W 253 -76.28 -25.13 11.58
CA ALA W 254 -77.25 -26.01 8.06
CA LYS W 255 -75.98 -29.51 8.52
CA ALA W 256 -77.00 -29.78 12.16
CA PHE W 257 -80.53 -28.52 12.14
CA ASN W 258 -81.84 -30.79 9.49
CA LEU W 259 -84.52 -28.18 9.85
CA ASP W 260 -86.54 -27.14 6.90
CA VAL W 261 -84.09 -24.38 6.38
CA GLN W 262 -81.20 -24.28 8.73
CA ARG W 263 -80.03 -20.98 7.36
CA GLY W 264 -81.46 -17.68 8.47
CA ALA W 265 -80.74 -14.94 10.91
CA PHE W 266 -80.00 -16.25 14.35
CA VAL W 267 -81.80 -14.07 16.81
CA SER W 268 -80.24 -12.50 19.76
CA GLU W 269 -82.12 -10.84 21.93
CA VAL W 270 -85.09 -9.02 21.04
CA LEU W 271 -85.12 -5.54 22.36
CA PRO W 272 -88.29 -4.89 24.16
CA GLY W 273 -90.95 -2.87 22.44
CA SER W 274 -89.62 -4.38 19.29
CA GLY W 275 -91.95 -6.14 16.95
CA SER W 276 -90.13 -9.27 17.96
CA ALA W 277 -90.68 -8.54 21.60
CA LYS W 278 -94.36 -7.93 21.14
CA ALA W 279 -94.62 -10.92 18.87
CA GLY W 280 -93.16 -13.09 21.54
CA VAL W 281 -90.44 -14.09 19.21
CA LYS W 282 -87.61 -15.17 21.38
CA ALA W 283 -83.90 -15.29 21.21
CA GLY W 284 -82.74 -18.50 19.70
CA ASP W 285 -85.17 -18.11 16.91
CA ILE W 286 -83.89 -18.57 13.42
CA ILE W 287 -85.60 -16.30 10.97
CA THR W 288 -85.95 -18.21 7.74
CA SER W 289 -87.95 -15.64 5.85
CA LEU W 290 -89.17 -12.08 5.77
CA ASN W 291 -92.14 -11.12 3.64
CA GLY W 292 -92.13 -14.66 2.37
CA LYS W 293 -88.86 -14.15 0.59
CA PRO W 294 -86.62 -16.19 2.72
CA LEU W 295 -84.04 -14.29 4.66
CA ASN W 296 -80.90 -16.19 4.27
CA SER W 297 -78.99 -13.94 6.54
CA PHE W 298 -79.40 -11.66 9.49
CA ALA W 299 -78.05 -9.03 7.17
CA GLU W 300 -80.94 -9.50 4.82
CA LEU W 301 -83.40 -9.32 7.65
CA ARG W 302 -81.87 -6.14 8.90
CA SER W 303 -82.03 -4.54 5.50
CA ARG W 304 -85.59 -5.59 4.83
CA ILE W 305 -87.02 -4.20 8.04
CA ALA W 306 -84.83 -1.12 8.09
CA THR W 307 -85.79 -0.33 4.56
CA THR W 308 -89.43 0.26 5.26
CA GLU W 309 -90.80 2.80 7.65
CA PRO W 310 -92.13 1.61 10.91
CA GLY W 311 -95.80 0.85 11.35
CA THR W 312 -95.47 -1.42 8.38
CA LYS W 313 -96.11 -5.08 8.80
CA VAL W 314 -93.89 -7.94 7.79
CA LYS W 315 -94.23 -11.64 8.16
CA LEU W 316 -91.26 -13.42 9.50
CA GLY W 317 -90.74 -17.03 8.73
CA LEU W 318 -89.47 -18.12 12.11
CA LEU W 319 -88.06 -21.42 13.28
CA ARG W 320 -87.96 -22.30 16.93
CA ASN W 321 -87.22 -25.74 18.29
CA GLY W 322 -87.18 -27.02 14.90
CA LYS W 323 -90.77 -25.98 14.70
CA PRO W 324 -92.01 -23.57 12.15
CA LEU W 325 -93.64 -20.33 13.16
CA GLU W 326 -95.02 -17.37 11.28
CA VAL W 327 -95.05 -14.09 13.09
CA GLU W 328 -96.37 -10.72 12.09
CA VAL W 329 -94.21 -7.85 13.16
CA THR W 330 -94.73 -4.16 12.93
CA LEU W 331 -91.33 -2.87 12.11
CA ASP W 332 -89.96 -0.57 14.69
CA THR W 333 -87.11 1.72 13.89
CA SER W 334 -84.02 2.50 15.83
CA THR W 335 -81.91 5.47 15.14
CA SER W 336 -78.46 5.64 16.59
CA SER W 337 -76.06 8.47 16.59
CA SER W 338 -72.59 9.07 17.87
CA ALA W 339 -72.23 11.57 20.61
CA SER W 340 -69.67 14.29 20.32
CA ALA W 341 -68.91 17.33 22.35
CA GLU W 342 -69.34 19.14 19.09
CA MET W 343 -72.78 17.77 18.48
CA ILE W 344 -74.18 19.30 21.67
CA THR W 345 -71.89 22.35 21.69
CA PRO W 346 -71.48 22.94 17.95
CA ALA W 347 -69.78 26.24 17.39
CA LEU W 348 -66.94 27.38 19.48
CA GLU W 349 -67.43 25.13 22.44
CA GLY W 350 -69.37 26.64 25.26
CA ALA W 351 -73.02 26.64 26.18
CA THR W 352 -75.03 23.56 25.38
CA LEU W 353 -77.08 23.67 22.25
CA SER W 354 -80.41 22.25 21.20
CA ASP W 355 -81.68 21.97 17.68
CA GLY W 356 -84.79 21.17 15.75
CA GLN W 357 -88.50 21.10 16.22
CA LEU W 358 -87.16 17.59 16.13
CA LYS W 359 -89.94 16.73 13.82
CA ASP W 360 -89.04 19.57 11.53
CA GLY W 361 -85.57 20.74 10.85
CA GLY W 362 -84.89 23.41 13.38
CA LYS W 363 -84.40 26.93 12.24
CA GLY W 364 -80.91 26.73 13.64
CA ILE W 365 -79.07 25.86 16.80
CA LYS W 366 -80.32 27.33 20.02
CA ILE W 367 -77.79 27.83 22.72
CA ASP W 368 -79.32 26.58 25.91
CA GLU W 369 -77.11 28.21 28.43
CA VAL W 370 -73.61 29.43 28.67
CA VAL W 371 -71.52 27.39 31.04
CA LYS W 372 -69.59 30.28 29.70
CA GLY W 373 -66.28 28.65 30.64
CA SER W 374 -65.19 27.71 27.10
CA PRO W 375 -64.01 29.92 24.38
CA ALA W 376 -67.26 30.31 22.50
CA ALA W 377 -68.15 32.72 25.28
CA GLN W 378 -64.85 34.38 24.82
CA ALA W 379 -65.80 35.20 21.27
CA GLY W 380 -68.81 36.71 21.58
CA LEU W 381 -71.26 34.02 22.25
CA GLN W 382 -73.84 34.21 25.00
CA LYS W 383 -76.97 32.21 25.62
CA ASP W 384 -80.30 32.65 23.91
CA ASP W 385 -78.58 33.13 20.62
CA VAL W 386 -79.86 31.17 17.68
CA ILE W 387 -77.37 30.19 15.12
CA ILE W 388 -79.30 30.74 12.00
CA GLY W 389 -76.53 29.70 9.75
CA VAL W 390 -72.87 29.51 9.06
CA ASN W 391 -71.40 30.60 5.78
CA ARG W 392 -74.91 31.84 5.23
CA ASP W 393 -76.17 28.34 5.73
CA ARG W 394 -79.17 28.16 7.99
CA VAL W 395 -79.00 24.92 9.93
CA ASN W 396 -82.07 22.85 10.39
CA SER W 397 -81.30 20.03 12.82
CA ILE W 398 -78.82 17.66 14.62
CA ALA W 399 -78.32 14.88 12.11
CA GLU W 400 -78.04 17.91 10.00
CA MET W 401 -75.62 19.19 12.55
CA ARG W 402 -73.48 16.29 11.51
CA LYS W 403 -74.16 17.18 7.91
CA VAL W 404 -72.90 20.71 8.26
CA LEU W 405 -69.96 19.28 10.15
CA ALA W 406 -68.97 17.31 7.10
CA ALA W 407 -67.85 20.39 5.14
CA LYS W 408 -65.09 21.69 7.48
CA PRO W 409 -64.37 25.20 6.20
CA ALA W 410 -61.15 27.06 6.90
CA ILE W 411 -63.02 29.70 8.83
CA ILE W 412 -66.37 29.43 10.46
CA ALA W 413 -68.52 32.49 10.51
CA LEU W 414 -71.57 32.02 12.58
CA GLN W 415 -74.64 34.01 11.77
CA ILE W 416 -76.57 34.18 14.95
CA VAL W 417 -79.44 36.38 15.99
CA ARG W 418 -79.45 37.77 19.44
CA GLY W 419 -82.28 39.96 20.45
CA ASN W 420 -83.45 41.98 17.54
CA GLU W 421 -79.98 41.65 16.29
CA SER W 422 -77.83 39.95 13.67
CA ILE W 423 -74.25 39.28 14.54
CA TYR W 424 -71.49 37.15 13.24
CA LEU W 425 -69.20 35.19 15.51
CA LEU W 426 -65.97 34.11 13.98
CA MET W 427 -63.91 31.09 14.75
CA PRO X 11 56.95 -84.09 -6.38
CA LEU X 12 58.37 -80.73 -5.84
CA PRO X 13 58.34 -78.69 -2.86
CA SER X 14 55.86 -75.90 -2.81
CA LEU X 15 57.06 -72.70 -4.40
CA ALA X 16 59.76 -72.31 -1.78
CA PRO X 17 62.59 -73.77 -3.70
CA MET X 18 61.45 -71.40 -6.33
CA LEU X 19 61.46 -68.52 -3.98
CA GLU X 20 64.80 -69.01 -2.43
CA LYS X 21 66.86 -68.51 -5.57
CA VAL X 22 64.76 -65.55 -6.80
CA LEU X 23 63.91 -63.98 -3.50
CA PRO X 24 67.03 -61.98 -2.69
CA ALA X 25 65.82 -59.94 -5.53
CA VAL X 26 63.49 -58.68 -2.61
CA VAL X 27 63.61 -56.57 0.64
CA SER X 28 61.01 -54.42 2.36
CA VAL X 29 60.80 -50.77 1.44
CA ARG X 30 59.48 -48.52 4.12
CA VAL X 31 58.56 -44.99 3.30
CA GLU X 32 57.28 -42.24 5.47
CA GLY X 33 54.53 -40.48 3.63
CA THR X 34 50.84 -40.14 4.09
CA ALA X 35 49.93 -43.79 4.49
CA GLY X 63 51.31 -46.71 2.56
CA LEU X 64 54.00 -49.42 2.17
CA GLY X 65 56.05 -51.20 -0.60
CA SER X 66 59.08 -53.49 -1.48
CA GLY X 67 62.48 -53.47 -3.31
CA VAL X 68 65.58 -55.44 -4.46
CA ILE X 69 69.14 -55.41 -3.28
CA ILE X 70 71.05 -55.02 -6.49
CA ASN X 71 74.45 -54.46 -4.99
CA ALA X 72 75.36 -55.49 -1.50
CA SER X 73 78.54 -53.48 -1.23
CA LYS X 74 77.01 -50.33 -2.63
CA GLY X 75 73.73 -50.95 -0.92
CA TYR X 76 71.75 -50.16 -4.03
CA VAL X 77 68.13 -51.17 -3.89
CA LEU X 78 65.90 -51.14 -6.93
CA THR X 79 62.26 -50.30 -6.52
CA ASN X 80 59.36 -48.79 -8.42
CA ASN X 81 59.24 -45.04 -8.81
CA HIS X 82 55.66 -45.01 -7.70
CA VAL X 83 56.83 -46.54 -4.48
CA ILE X 84 59.37 -43.74 -3.91
CA ASN X 85 57.43 -40.75 -5.19
CA GLN X 86 55.53 -39.73 -2.03
CA ALA X 87 58.36 -40.74 0.27
CA GLN X 88 59.23 -38.15 2.82
CA LYS X 89 61.75 -40.58 4.25
CA ILE X 90 62.86 -44.06 3.27
CA SER X 91 63.93 -47.06 5.27
CA ILE X 92 64.73 -50.59 4.20
CA GLN X 93 64.07 -53.69 6.24
CA LEU X 94 65.74 -57.03 5.70
CA ASN X 95 64.05 -60.37 6.18
CA ASP X 96 66.28 -60.86 9.16
CA GLY X 97 64.73 -57.80 10.71
CA ARG X 98 67.69 -55.49 10.36
CA GLU X 99 66.79 -52.09 9.01
CA PHE X 100 68.66 -49.22 7.43
CA ASP X 101 68.02 -45.73 6.10
CA ALA X 102 67.89 -45.10 2.41
CA LYS X 103 68.20 -42.12 0.14
CA LEU X 104 66.86 -41.82 -3.36
CA ILE X 105 69.65 -41.81 -5.90
CA GLY X 106 67.39 -41.20 -8.84
CA SER X 107 64.42 -42.51 -10.70
CA ASP X 108 62.73 -42.62 -14.09
CA ASP X 109 59.06 -41.83 -13.87
CA GLN X 110 58.12 -43.55 -17.08
CA SER X 111 60.11 -46.69 -16.41
CA ASP X 112 58.73 -46.76 -12.89
CA ILE X 113 62.24 -47.59 -11.84
CA ALA X 114 63.86 -45.89 -8.90
CA LEU X 115 67.19 -46.57 -7.29
CA LEU X 116 67.79 -46.20 -3.58
CA GLN X 117 70.99 -46.41 -1.65
CA ILE X 118 71.22 -47.78 1.83
CA GLN X 119 73.21 -45.80 4.30
CA ASN X 120 75.91 -47.92 5.85
CA PRO X 121 75.03 -50.59 3.40
CA SER X 122 75.39 -54.14 4.58
CA LYS X 123 76.02 -57.38 2.83
CA LEU X 124 72.98 -59.56 2.72
CA THR X 125 72.63 -62.59 0.57
CA GLN X 126 71.48 -61.63 -2.88
CA ILE X 127 70.34 -64.06 -5.44
CA ALA X 128 70.70 -64.69 -9.11
CA ILE X 129 67.13 -63.96 -10.16
CA ALA X 130 65.95 -65.82 -13.17
CA ASP X 131 65.52 -64.08 -16.23
CA SER X 132 61.84 -63.68 -16.63
CA ASP X 133 62.55 -65.86 -19.61
CA LYS X 134 63.10 -68.71 -17.22
CA LEU X 135 59.56 -68.52 -15.88
CA ARG X 136 57.03 -70.45 -17.93
CA VAL X 137 54.11 -68.63 -19.48
CA GLY X 138 51.15 -70.22 -17.60
CA ASP X 139 53.71 -71.55 -15.15
CA PHE X 140 52.86 -71.44 -11.48
CA ALA X 141 54.22 -68.38 -9.86
CA VAL X 142 54.60 -67.06 -6.40
CA ALA X 143 54.82 -63.46 -5.44
CA VAL X 144 56.73 -62.31 -2.43
CA GLY X 145 56.94 -58.83 -1.10
CA ASN X 146 55.45 -56.31 1.26
CA PRO X 147 53.49 -54.89 2.79
CA PHE X 148 53.45 -56.87 5.99
CA GLY X 149 56.24 -56.71 5.81
CA LEU X 150 57.62 -57.84 9.10
CA GLY X 151 58.31 -60.98 7.19
CA GLN X 152 57.60 -61.13 3.53
CA THR X 153 54.18 -62.21 2.47
CA ALA X 154 53.86 -64.79 -0.22
CA THR X 155 50.97 -65.33 -2.54
CA SER X 156 50.45 -67.87 -5.24
CA GLY X 157 48.98 -67.84 -8.70
CA ILE X 158 49.75 -68.79 -12.24
CA VAL X 159 51.14 -66.70 -14.96
CA SER X 160 48.17 -65.41 -16.83
CA ALA X 161 49.83 -63.94 -19.84
CA LEU X 162 52.86 -62.42 -21.43
CA GLY X 163 52.71 -59.85 -24.13
CA ARG X 164 49.18 -59.23 -23.28
CA SER X 165 47.90 -56.52 -25.52
CA GLY X 166 44.68 -54.54 -25.54
CA LEU X 167 44.24 -53.56 -21.92
CA ASN X 168 46.68 -50.75 -22.33
CA LEU X 169 46.58 -50.21 -18.64
CA GLU X 170 50.05 -48.90 -19.13
CA GLY X 171 51.87 -47.03 -20.31
CA LEU X 172 54.83 -49.13 -19.35
CA GLU X 173 55.30 -52.35 -21.13
CA ASN X 174 57.34 -54.71 -19.08
CA PHE X 175 55.34 -57.72 -18.71
CA ILE X 176 54.38 -60.94 -17.16
CA GLN X 177 50.78 -60.98 -16.02
CA THR X 178 49.93 -62.96 -12.95
CA ASP X 179 46.88 -63.90 -10.95
CA ALA X 180 49.00 -64.15 -7.81
CA SER X 181 47.70 -61.65 -5.34
CA ILE X 182 49.36 -58.31 -5.39
CA ASN X 183 49.32 -56.05 -2.39
CA ARG X 184 49.47 -52.34 -3.07
CA GLY X 185 53.15 -52.12 -2.15
CA ASN X 186 53.64 -55.57 -3.61
CA ALA X 187 55.61 -54.19 -6.51
CA GLY X 188 59.35 -54.17 -5.96
CA GLY X 189 59.00 -57.75 -4.79
CA ALA X 190 59.81 -60.99 -6.54
CA LEU X 191 57.79 -63.31 -8.73
CA LEU X 192 59.15 -66.76 -8.37
CA ASN X 193 58.73 -69.78 -10.62
CA LEU X 194 59.61 -73.44 -10.76
CA ASN X 195 63.14 -72.60 -11.77
CA GLY X 196 63.26 -70.75 -8.54
CA GLU X 197 64.86 -67.89 -10.08
CA LEU X 198 63.10 -64.58 -10.15
CA ILE X 199 60.53 -64.76 -12.89
CA GLY X 200 60.16 -61.11 -12.62
CA ILE X 201 59.84 -58.12 -10.41
CA ASN X 202 56.29 -57.20 -9.63
CA THR X 203 55.82 -53.70 -10.99
CA ALA X 204 52.15 -52.85 -10.98
CA ILE X 205 48.54 -53.93 -11.08
CA LEU X 206 45.30 -52.96 -12.74
CA ALA X 207 43.07 -50.57 -10.90
CA PRO X 208 41.31 -52.67 -8.45
CA GLY X 209 37.70 -52.15 -9.63
CA GLY X 210 36.87 -51.65 -5.99
CA GLY X 211 37.98 -55.12 -5.41
CA SER X 212 41.11 -57.13 -5.72
CA VAL X 213 41.93 -57.01 -9.39
CA GLY X 214 43.48 -60.42 -9.24
CA ILE X 215 45.68 -59.12 -12.00
CA GLY X 216 49.26 -57.96 -11.72
CA PHE X 217 52.19 -57.18 -13.95
CA ALA X 218 55.84 -57.97 -13.44
CA ILE X 219 58.86 -56.52 -15.20
CA PRO X 220 61.90 -58.36 -16.35
CA SER X 221 65.41 -57.86 -14.97
CA ASN X 222 67.64 -57.37 -17.98
CA MET X 223 66.09 -54.08 -18.84
CA ALA X 224 66.05 -53.03 -15.25
CA ARG X 225 69.63 -53.99 -14.67
CA THR X 226 70.94 -52.09 -17.64
CA LEU X 227 68.98 -48.98 -16.77
CA ALA X 228 70.18 -49.25 -13.23
CA GLN X 229 73.79 -49.39 -14.28
CA GLN X 230 73.44 -46.30 -16.38
CA LEU X 231 71.84 -44.55 -13.47
CA ILE X 232 74.65 -45.44 -11.13
CA ASP X 233 77.43 -44.66 -13.53
CA PHE X 234 75.91 -41.68 -15.23
CA GLY X 235 74.40 -40.38 -12.06
CA GLU X 236 71.63 -39.07 -14.23
CA ILE X 237 68.97 -40.15 -16.66
CA LYS X 238 70.46 -42.41 -19.32
CA ARG X 239 67.27 -42.61 -21.43
CA GLY X 240 67.87 -43.33 -25.08
CA LEU X 241 65.94 -43.74 -28.27
CA LEU X 242 65.80 -46.55 -30.76
CA GLY X 243 65.80 -44.19 -33.66
CA ILE X 244 62.65 -46.03 -34.57
CA LYS X 245 59.53 -43.99 -34.71
CA GLY X 246 56.16 -45.61 -34.74
CA THR X 247 52.69 -46.08 -33.36
CA GLU X 248 50.84 -48.82 -31.57
CA MET X 249 49.47 -51.67 -33.52
CA SER X 250 45.77 -51.13 -33.87
CA ALA X 251 43.02 -53.64 -33.11
CA ASP X 252 42.04 -53.50 -36.74
CA ILE X 253 45.55 -54.73 -37.35
CA ALA X 254 44.93 -57.75 -35.25
CA LYS X 255 42.00 -58.93 -37.23
CA ALA X 256 43.28 -57.78 -40.59
CA PHE X 257 46.76 -59.17 -40.63
CA ASN X 258 45.92 -62.70 -39.82
CA LEU X 259 49.65 -62.53 -39.33
CA ASP X 260 51.31 -64.60 -36.71
CA VAL X 261 50.99 -61.68 -34.40
CA GLN X 262 49.20 -58.71 -35.73
CA ARG X 263 50.09 -56.63 -32.75
CA GLY X 264 53.40 -54.92 -32.28
CA ALA X 265 54.92 -51.55 -32.80
CA PHE X 266 54.26 -50.19 -36.22
CA VAL X 267 57.43 -48.64 -37.49
CA SER X 268 57.68 -45.23 -38.89
CA GLU X 269 60.52 -44.22 -40.25
CA VAL X 270 63.77 -45.38 -39.17
CA LEU X 271 66.13 -42.61 -38.51
CA PRO X 272 69.26 -43.18 -40.43
CA GLY X 273 71.99 -43.69 -37.85
CA SER X 274 69.65 -46.07 -36.10
CA GLY X 275 70.06 -49.75 -35.61
CA SER X 276 66.94 -50.20 -37.67
CA ALA X 277 68.45 -48.13 -40.41
CA LYS X 278 71.61 -50.19 -40.35
CA ALA X 279 69.62 -53.37 -40.14
CA GLY X 280 67.64 -52.49 -43.19
CA VAL X 281 64.55 -52.57 -41.10
CA LYS X 282 62.06 -50.55 -43.03
CA ALA X 283 59.07 -48.48 -42.24
CA GLY X 284 55.92 -50.51 -42.38
CA ASP X 285 57.57 -53.12 -40.28
CA ILE X 286 55.64 -54.41 -37.34
CA ILE X 287 57.89 -55.25 -34.46
CA THR X 288 56.42 -58.30 -32.82
CA SER X 289 59.19 -58.96 -30.36
CA LEU X 290 62.17 -57.45 -28.62
CA ASN X 291 64.76 -59.76 -27.09
CA GLY X 292 62.37 -62.61 -27.67
CA LYS X 293 59.83 -61.19 -25.30
CA PRO X 294 57.21 -60.04 -27.67
CA LEU X 295 56.79 -56.31 -27.89
CA ASN X 296 53.09 -55.81 -27.85
CA SER X 297 53.39 -52.12 -28.31
CA PHE X 298 55.65 -49.46 -29.67
CA ALA X 299 55.76 -48.23 -26.13
CA GLU X 300 57.28 -51.48 -24.98
CA LEU X 301 59.82 -51.37 -27.74
CA ARG X 302 60.80 -47.86 -26.88
CA SER X 303 61.22 -48.72 -23.22
CA ARG X 304 63.25 -51.83 -23.89
CA ILE X 305 65.76 -50.20 -26.17
CA ALA X 306 65.96 -47.00 -24.19
CA THR X 307 66.54 -48.85 -20.99
CA THR X 308 69.84 -50.34 -21.98
CA GLU X 309 72.86 -48.36 -23.02
CA PRO X 310 73.79 -48.25 -26.62
CA GLY X 311 76.23 -50.67 -28.11
CA THR X 312 74.06 -53.39 -26.72
CA LYS X 313 72.48 -55.86 -29.07
CA VAL X 314 68.83 -56.73 -29.16
CA LYS X 315 66.90 -59.01 -31.46
CA LEU X 316 63.76 -57.66 -32.89
CA GLY X 317 61.03 -59.97 -33.96
CA LEU X 318 60.03 -58.17 -37.10
CA LEU X 319 57.15 -58.75 -39.48
CA ARG X 320 57.23 -57.43 -43.01
CA ASN X 321 54.57 -58.38 -45.62
CA GLY X 322 53.39 -60.99 -43.44
CA LYS X 323 56.81 -62.48 -43.49
CA PRO X 324 58.68 -63.05 -40.33
CA LEU X 325 62.11 -61.54 -39.88
CA GLU X 326 64.58 -61.39 -37.05
CA VAL X 327 67.02 -58.57 -36.97
CA GLU X 328 69.88 -57.69 -34.67
CA VAL X 329 70.06 -54.11 -33.71
CA THR X 330 72.67 -52.26 -31.76
CA LEU X 331 70.64 -49.88 -29.74
CA ASP X 332 71.37 -46.29 -30.53
CA THR X 333 70.50 -43.62 -28.08
CA SER X 334 68.91 -40.29 -28.70
CA THR X 335 69.33 -37.62 -26.11
CA SER X 336 67.60 -34.34 -26.39
CA SER X 337 67.62 -31.29 -24.24
CA SER X 338 65.44 -28.26 -23.99
CA ALA X 339 67.16 -25.03 -24.78
CA SER X 340 66.72 -21.97 -22.68
CA ALA X 341 68.56 -18.70 -22.53
CA GLU X 342 69.33 -19.62 -18.97
CA MET X 343 70.98 -22.85 -19.90
CA ILE X 344 73.61 -21.17 -22.09
CA THR X 345 73.80 -17.97 -20.02
CA PRO X 346 73.13 -19.30 -16.52
CA ALA X 347 73.80 -16.58 -14.04
CA LEU X 348 72.79 -13.07 -14.61
CA GLU X 349 72.34 -13.18 -18.33
CA GLY X 350 75.32 -12.06 -20.31
CA ALA X 351 78.28 -13.89 -21.76
CA THR X 352 77.66 -17.33 -23.12
CA LEU X 353 78.76 -20.14 -20.94
CA SER X 354 80.05 -23.64 -21.40
CA ASP X 355 80.17 -26.38 -18.85
CA GLY X 356 81.59 -29.79 -18.28
CA GLN X 357 84.48 -31.90 -19.39
CA LEU X 358 81.32 -33.14 -20.97
CA LYS X 359 82.44 -36.54 -20.03
CA ASP X 360 82.88 -35.58 -16.43
CA GLY X 361 80.87 -33.05 -14.58
CA GLY X 362 82.57 -29.76 -15.17
CA LYS X 363 84.18 -27.95 -12.33
CA GLY X 364 81.71 -25.17 -12.90
CA ILE X 365 80.42 -22.89 -15.59
CA LYS X 366 82.95 -21.18 -17.79
CA ILE X 367 81.84 -17.95 -19.31
CA ASP X 368 82.96 -17.97 -22.88
CA GLU X 369 82.73 -14.35 -23.76
CA VAL X 370 80.97 -11.29 -22.60
CA VAL X 371 78.56 -10.01 -25.20
CA LYS X 372 78.63 -7.78 -22.19
CA GLY X 373 75.30 -6.17 -23.11
CA SER X 374 73.18 -7.86 -20.43
CA PRO X 375 73.21 -7.15 -16.79
CA ALA X 376 75.43 -9.99 -15.67
CA ALA X 377 78.24 -7.92 -17.03
CA GLN X 378 76.83 -4.98 -15.14
CA ALA X 379 77.19 -6.83 -11.88
CA GLY X 380 80.50 -7.73 -11.90
CA LEU X 381 80.78 -10.38 -14.40
CA GLN X 382 83.37 -10.50 -17.13
CA LYS X 383 84.65 -13.29 -19.34
CA ASP X 384 87.02 -16.02 -18.29
CA ASP X 385 85.38 -16.34 -14.95
CA VAL X 386 84.57 -19.81 -13.78
CA ILE X 387 81.52 -20.18 -11.69
CA ILE X 388 82.72 -22.65 -9.19
CA GLY X 389 79.53 -22.68 -7.26
CA VAL X 390 76.53 -20.85 -6.00
CA ASN X 391 75.44 -21.00 -2.42
CA ARG X 392 78.76 -22.74 -2.06
CA ASP X 393 77.57 -25.30 -4.53
CA ARG X 394 80.16 -26.17 -7.13
CA VAL X 395 78.38 -26.94 -10.38
CA ASN X 396 79.46 -29.87 -12.42
CA SER X 397 77.63 -29.78 -15.76
CA ILE X 398 74.67 -28.65 -17.95
CA ALA X 399 72.01 -31.25 -17.30
CA GLU X 400 73.25 -30.44 -13.88
CA MET X 401 72.79 -26.84 -14.82
CA ARG X 402 69.14 -27.71 -15.02
CA LYS X 403 69.45 -29.47 -11.70
CA VAL X 404 70.82 -26.47 -9.90
CA LEU X 405 68.12 -24.45 -11.60
CA ALA X 406 65.47 -26.53 -9.91
CA ALA X 407 66.14 -25.02 -6.46
CA LYS X 408 65.50 -21.29 -7.16
CA PRO X 409 66.82 -19.52 -4.10
CA ALA X 410 65.74 -16.02 -3.08
CA ILE X 411 69.21 -14.69 -3.72
CA ILE X 412 71.85 -16.15 -5.89
CA ALA X 413 75.40 -15.66 -4.82
CA LEU X 414 77.82 -16.76 -7.45
CA GLN X 415 81.22 -17.88 -6.40
CA ILE X 416 83.49 -17.49 -9.33
CA VAL X 417 87.21 -17.33 -9.65
CA ARG X 418 88.77 -14.74 -11.84
CA GLY X 419 92.47 -14.64 -12.10
CA ASN X 420 93.98 -15.60 -8.82
CA GLU X 421 90.86 -14.27 -7.29
CA SER X 422 87.77 -15.43 -5.45
CA ILE X 423 84.83 -13.25 -6.05
CA TYR X 424 81.16 -13.31 -5.34
CA LEU X 425 78.63 -11.88 -7.75
CA LEU X 426 75.20 -11.37 -6.38
CA MET X 427 71.92 -11.43 -8.17
#